data_3ZBI
#
_entry.id   3ZBI
#
_cell.length_a   1.000
_cell.length_b   1.000
_cell.length_c   1.000
_cell.angle_alpha   90.00
_cell.angle_beta   90.00
_cell.angle_gamma   90.00
#
_symmetry.space_group_name_H-M   'P 1'
#
loop_
_entity.id
_entity.type
_entity.pdbx_description
1 polymer 'TRAF PROTEIN'
2 polymer 'TRAO PROTEIN'
3 polymer 'TRAN PROTEIN'
#
loop_
_entity_poly.entity_id
_entity_poly.type
_entity_poly.pdbx_seq_one_letter_code
_entity_poly.pdbx_strand_id
1 'polypeptide(L)'
;ETSEGSSALAKNLTPARLKASRAGVMANPSLTVPKGKMIPCGTGTELDTTVPGQVSCRVSQDVYSADGLVRLIDKGSWVD
GQITGGIKDGQARVFVLWERIRNDQDGTIVNIDSAGTNSLGSAGIPGQVDAHMWERLRGAIMISLFSDTLTALVNQTQSN
NIQYNSTENSGGQLASEALRSYMSIPPTLYDQQGDAVSIFVARDLDFSGVYTLADN
;
A,D,G,J,M,P,S,V,Y,b,e,h,k,n
2 'polypeptide(L)'
;AADKKRITQKLKQTAFAGAKNYQYVMSEQPEMRSIQPVHVWDNYRFTRFEFPANAELPQVYMISASGKETLPNSHVVGEN
RNIIEVETVAKEWRIRLGDKVVGVRNNNFAPGRGAVATGTASPDVRRVQI
;
B,E,H,K,N,Q,T,W,Z,c,f,i,l,o
3 'polypeptide(L)' MRSLLLMGVLLISACSSGHKPPPEPDWSNTVPVNKTIPVDTQGGRNES C,F,I,L,O,R,U,X,a,d,g,j,m,p
#
# COMPACT_ATOMS: atom_id res chain seq x y z
N GLU A 1 4.21 -1.13 -35.01
CA GLU A 1 3.13 -1.19 -34.00
C GLU A 1 2.02 -2.01 -34.56
N THR A 2 2.40 -2.91 -35.49
CA THR A 2 1.54 -3.92 -36.01
C THR A 2 1.32 -4.89 -34.91
N SER A 3 0.79 -6.08 -35.22
CA SER A 3 0.70 -7.00 -34.12
C SER A 3 2.07 -7.52 -33.88
N GLU A 4 2.29 -8.11 -32.69
CA GLU A 4 3.58 -8.61 -32.28
C GLU A 4 3.60 -10.05 -32.64
N GLY A 5 2.58 -10.78 -32.13
CA GLY A 5 2.47 -12.18 -32.37
C GLY A 5 1.96 -12.33 -33.76
N SER A 6 1.68 -11.19 -34.42
CA SER A 6 1.52 -11.25 -35.84
C SER A 6 2.89 -11.54 -36.36
N SER A 7 3.85 -10.73 -35.89
CA SER A 7 5.20 -10.83 -36.32
C SER A 7 5.69 -12.24 -36.11
N ALA A 8 5.59 -12.75 -34.87
CA ALA A 8 6.25 -13.96 -34.48
C ALA A 8 5.87 -15.07 -35.42
N LEU A 9 4.55 -15.33 -35.57
CA LEU A 9 4.05 -16.34 -36.45
C LEU A 9 4.71 -16.17 -37.77
N ALA A 10 4.59 -14.93 -38.32
CA ALA A 10 5.15 -14.55 -39.58
C ALA A 10 6.59 -14.98 -39.65
N LYS A 11 7.26 -15.05 -38.49
CA LYS A 11 8.67 -15.28 -38.45
C LYS A 11 8.89 -16.71 -38.76
N ASN A 12 7.98 -17.54 -38.25
CA ASN A 12 8.17 -18.96 -38.20
C ASN A 12 7.40 -19.61 -39.32
N LEU A 13 6.79 -18.84 -40.25
CA LEU A 13 6.09 -19.49 -41.33
C LEU A 13 7.07 -19.92 -42.38
N THR A 14 7.81 -18.97 -42.96
CA THR A 14 8.79 -19.35 -43.94
C THR A 14 10.05 -19.67 -43.14
N PRO A 15 10.46 -20.93 -42.96
CA PRO A 15 11.22 -21.25 -41.79
C PRO A 15 12.58 -21.67 -42.26
N ALA A 16 13.62 -20.89 -41.94
CA ALA A 16 13.46 -19.71 -41.15
C ALA A 16 13.80 -18.62 -42.09
N ARG A 17 13.57 -17.34 -41.78
CA ARG A 17 14.37 -16.46 -42.58
C ARG A 17 15.38 -15.88 -41.65
N LEU A 18 15.83 -16.73 -40.71
CA LEU A 18 17.19 -16.85 -40.27
C LEU A 18 18.11 -16.26 -41.33
N LYS A 19 19.19 -15.56 -40.90
CA LYS A 19 20.12 -14.86 -41.76
C LYS A 19 21.13 -15.82 -42.32
N ALA A 20 21.45 -15.71 -43.63
CA ALA A 20 22.37 -16.59 -44.30
C ALA A 20 23.64 -16.69 -43.51
N SER A 21 24.25 -17.89 -43.56
CA SER A 21 25.42 -18.20 -42.81
C SER A 21 26.59 -18.18 -43.76
N ARG A 22 27.69 -17.48 -43.39
CA ARG A 22 28.80 -17.36 -44.30
C ARG A 22 29.52 -18.65 -44.25
N ALA A 23 29.38 -19.47 -45.31
CA ALA A 23 30.04 -20.73 -45.26
C ALA A 23 31.44 -20.51 -45.72
N GLY A 24 32.30 -20.00 -44.82
CA GLY A 24 33.60 -19.53 -45.21
C GLY A 24 34.62 -20.43 -44.62
N VAL A 25 35.78 -20.54 -45.29
CA VAL A 25 36.67 -21.58 -44.91
C VAL A 25 37.61 -21.09 -43.87
N MET A 26 37.69 -21.90 -42.80
CA MET A 26 38.86 -21.84 -41.97
C MET A 26 39.98 -22.10 -42.89
N ALA A 27 40.93 -21.16 -42.94
CA ALA A 27 42.06 -21.28 -43.80
C ALA A 27 42.72 -22.59 -43.51
N ASN A 28 43.50 -22.67 -42.41
CA ASN A 28 44.22 -23.88 -42.17
C ASN A 28 43.75 -24.52 -40.90
N PRO A 29 44.03 -25.80 -40.90
CA PRO A 29 43.91 -26.67 -39.77
C PRO A 29 45.05 -26.34 -38.87
N SER A 30 46.15 -25.82 -39.44
CA SER A 30 47.23 -25.48 -38.58
C SER A 30 47.08 -24.04 -38.32
N LEU A 31 45.95 -23.46 -38.79
CA LEU A 31 45.50 -22.14 -38.43
C LEU A 31 44.47 -22.34 -37.39
N THR A 32 43.78 -23.49 -37.43
CA THR A 32 42.74 -23.59 -36.45
C THR A 32 42.54 -25.01 -36.07
N VAL A 33 42.52 -25.26 -34.76
CA VAL A 33 42.10 -26.54 -34.23
C VAL A 33 40.68 -26.35 -33.86
N PRO A 34 39.77 -27.01 -34.53
CA PRO A 34 38.37 -26.82 -34.32
C PRO A 34 38.01 -27.55 -33.07
N LYS A 35 36.94 -27.10 -32.39
CA LYS A 35 36.34 -27.91 -31.37
C LYS A 35 35.55 -28.94 -32.08
N GLY A 36 34.52 -29.46 -31.39
CA GLY A 36 33.91 -30.68 -31.83
C GLY A 36 34.89 -31.72 -31.48
N LYS A 37 35.82 -31.32 -30.60
CA LYS A 37 36.97 -32.06 -30.24
C LYS A 37 36.73 -32.50 -28.85
N MET A 38 37.53 -33.47 -28.39
CA MET A 38 37.51 -33.81 -27.02
C MET A 38 38.90 -33.54 -26.56
N ILE A 39 39.06 -32.99 -25.35
CA ILE A 39 40.38 -32.91 -24.82
C ILE A 39 40.44 -34.01 -23.80
N PRO A 40 40.95 -35.13 -24.22
CA PRO A 40 40.78 -36.37 -23.50
C PRO A 40 41.74 -36.39 -22.36
N CYS A 41 41.44 -35.71 -21.24
CA CYS A 41 42.49 -35.56 -20.28
C CYS A 41 42.44 -36.70 -19.30
N GLY A 42 43.02 -36.46 -18.11
CA GLY A 42 43.08 -37.49 -17.11
C GLY A 42 43.15 -36.80 -15.79
N THR A 43 42.11 -37.03 -14.96
CA THR A 43 42.02 -36.25 -13.76
C THR A 43 42.91 -36.85 -12.73
N GLY A 44 43.52 -35.96 -11.92
CA GLY A 44 44.54 -36.39 -11.03
C GLY A 44 44.26 -35.85 -9.67
N THR A 45 42.97 -35.59 -9.36
CA THR A 45 42.69 -35.33 -7.98
C THR A 45 41.39 -35.98 -7.67
N GLU A 46 41.10 -36.07 -6.36
CA GLU A 46 39.79 -36.48 -5.96
C GLU A 46 38.92 -35.31 -6.31
N LEU A 47 37.60 -35.55 -6.46
CA LEU A 47 36.71 -34.52 -6.87
C LEU A 47 35.49 -34.63 -6.02
N ASP A 48 34.95 -33.48 -5.61
CA ASP A 48 33.87 -33.51 -4.68
C ASP A 48 33.20 -32.19 -4.78
N THR A 49 32.10 -32.12 -5.54
CA THR A 49 31.48 -30.84 -5.69
C THR A 49 30.68 -30.60 -4.46
N THR A 50 30.79 -31.54 -3.50
CA THR A 50 30.76 -31.28 -2.09
C THR A 50 31.34 -29.91 -1.89
N VAL A 51 32.66 -29.76 -2.14
CA VAL A 51 33.22 -28.48 -1.86
C VAL A 51 33.62 -27.82 -3.12
N PRO A 52 33.13 -26.62 -3.33
CA PRO A 52 33.47 -25.82 -4.47
C PRO A 52 34.95 -25.70 -4.54
N GLY A 53 35.50 -25.28 -5.69
CA GLY A 53 36.92 -25.32 -5.73
C GLY A 53 37.31 -26.33 -6.75
N GLN A 54 38.63 -26.53 -6.88
CA GLN A 54 39.21 -26.85 -8.14
C GLN A 54 39.45 -28.31 -8.25
N VAL A 55 39.39 -28.81 -9.49
CA VAL A 55 39.90 -30.12 -9.83
C VAL A 55 41.07 -29.86 -10.72
N SER A 56 41.87 -30.91 -11.02
CA SER A 56 42.93 -30.71 -11.98
C SER A 56 43.03 -31.95 -12.80
N CYS A 57 43.20 -31.77 -14.13
CA CYS A 57 43.51 -32.85 -15.01
C CYS A 57 44.73 -32.44 -15.78
N ARG A 58 45.29 -33.40 -16.54
CA ARG A 58 46.32 -33.11 -17.48
C ARG A 58 45.96 -33.89 -18.71
N VAL A 59 46.48 -33.48 -19.89
CA VAL A 59 45.98 -34.12 -21.08
C VAL A 59 46.34 -35.55 -21.02
N SER A 60 45.62 -36.38 -21.79
CA SER A 60 46.08 -37.72 -21.95
C SER A 60 46.79 -37.76 -23.27
N GLN A 61 46.16 -38.35 -24.30
CA GLN A 61 46.76 -38.41 -25.60
C GLN A 61 46.73 -37.04 -26.20
N ASP A 62 46.91 -36.96 -27.54
CA ASP A 62 47.19 -35.70 -28.18
C ASP A 62 45.91 -35.07 -28.66
N VAL A 63 45.97 -33.74 -28.87
CA VAL A 63 44.91 -33.01 -29.51
C VAL A 63 45.42 -32.69 -30.89
N TYR A 64 44.51 -32.49 -31.86
CA TYR A 64 44.91 -32.37 -33.23
C TYR A 64 44.32 -31.12 -33.83
N SER A 65 44.19 -31.09 -35.17
CA SER A 65 43.82 -29.89 -35.87
C SER A 65 42.50 -30.11 -36.57
N ALA A 66 42.26 -29.31 -37.64
CA ALA A 66 40.98 -29.34 -38.29
C ALA A 66 40.95 -30.55 -39.15
N ASP A 67 41.75 -30.55 -40.22
CA ASP A 67 41.88 -31.71 -41.05
C ASP A 67 42.22 -32.85 -40.15
N GLY A 68 43.14 -32.60 -39.19
CA GLY A 68 43.48 -33.59 -38.21
C GLY A 68 44.77 -34.17 -38.64
N LEU A 69 45.52 -33.42 -39.48
CA LEU A 69 46.72 -33.94 -40.05
C LEU A 69 47.89 -33.50 -39.23
N VAL A 70 47.77 -32.40 -38.46
CA VAL A 70 48.92 -32.05 -37.66
C VAL A 70 48.61 -32.29 -36.22
N ARG A 71 49.66 -32.58 -35.42
CA ARG A 71 49.51 -32.81 -34.02
C ARG A 71 50.12 -31.62 -33.36
N LEU A 72 49.27 -30.66 -32.94
CA LEU A 72 49.84 -29.49 -32.37
C LEU A 72 49.75 -29.61 -30.89
N ILE A 73 48.53 -29.67 -30.36
CA ILE A 73 48.44 -29.78 -28.94
C ILE A 73 48.87 -31.18 -28.59
N ASP A 74 49.90 -31.28 -27.72
CA ASP A 74 50.41 -32.59 -27.36
C ASP A 74 50.07 -32.85 -25.93
N LYS A 75 50.57 -33.97 -25.39
CA LYS A 75 50.18 -34.43 -24.09
C LYS A 75 50.86 -33.57 -23.07
N GLY A 76 50.71 -33.99 -21.81
CA GLY A 76 51.36 -33.33 -20.71
C GLY A 76 50.94 -31.89 -20.74
N SER A 77 49.69 -31.61 -21.14
CA SER A 77 49.22 -30.27 -20.99
C SER A 77 48.30 -30.29 -19.83
N TRP A 78 48.80 -29.81 -18.67
CA TRP A 78 48.03 -29.82 -17.46
C TRP A 78 46.95 -28.80 -17.58
N VAL A 79 45.72 -29.18 -17.15
CA VAL A 79 44.60 -28.25 -17.13
C VAL A 79 44.19 -28.10 -15.69
N ASP A 80 43.55 -26.95 -15.35
CA ASP A 80 43.02 -26.78 -14.03
C ASP A 80 41.69 -26.13 -14.18
N GLY A 81 40.81 -26.25 -13.16
CA GLY A 81 39.46 -25.79 -13.35
C GLY A 81 38.83 -25.52 -12.02
N GLN A 82 37.51 -25.78 -11.92
CA GLN A 82 36.79 -25.38 -10.75
C GLN A 82 35.36 -25.88 -10.87
N ILE A 83 34.77 -26.31 -9.72
CA ILE A 83 33.39 -26.68 -9.58
C ILE A 83 32.79 -25.66 -8.67
N THR A 84 32.00 -24.70 -9.22
CA THR A 84 31.58 -23.55 -8.47
C THR A 84 30.88 -23.99 -7.23
N GLY A 85 30.18 -25.14 -7.27
CA GLY A 85 29.54 -25.54 -6.04
C GLY A 85 28.52 -26.58 -6.33
N GLY A 86 28.02 -27.20 -5.24
CA GLY A 86 27.41 -28.49 -5.24
C GLY A 86 26.34 -28.61 -6.28
N ILE A 87 26.20 -29.85 -6.81
CA ILE A 87 25.21 -30.23 -7.76
C ILE A 87 23.87 -29.97 -7.17
N LYS A 88 22.82 -30.36 -7.90
CA LYS A 88 21.51 -30.29 -7.32
C LYS A 88 21.17 -31.65 -6.82
N ASP A 89 19.85 -31.95 -6.80
CA ASP A 89 19.31 -33.07 -6.08
C ASP A 89 19.39 -34.26 -6.96
N GLY A 90 20.26 -35.22 -6.57
CA GLY A 90 20.36 -36.48 -7.26
C GLY A 90 20.83 -36.18 -8.64
N GLN A 91 21.51 -35.04 -8.85
CA GLN A 91 21.93 -34.75 -10.19
C GLN A 91 22.97 -35.76 -10.55
N ALA A 92 22.89 -36.25 -11.81
CA ALA A 92 23.63 -37.37 -12.27
C ALA A 92 25.07 -37.18 -11.92
N ARG A 93 25.53 -35.92 -11.97
CA ARG A 93 26.93 -35.72 -12.05
C ARG A 93 27.17 -34.26 -11.85
N VAL A 94 28.37 -33.93 -11.36
CA VAL A 94 28.72 -32.55 -11.28
C VAL A 94 29.01 -32.07 -12.66
N PHE A 95 29.15 -30.75 -12.76
CA PHE A 95 29.51 -29.97 -13.90
C PHE A 95 30.91 -29.52 -13.59
N VAL A 96 31.73 -29.24 -14.62
CA VAL A 96 33.11 -28.97 -14.38
C VAL A 96 33.54 -27.90 -15.30
N LEU A 97 34.40 -27.00 -14.80
CA LEU A 97 34.78 -25.94 -15.66
C LEU A 97 36.27 -26.00 -15.77
N TRP A 98 36.77 -26.59 -16.87
CA TRP A 98 38.19 -26.56 -17.06
C TRP A 98 38.52 -25.21 -17.57
N GLU A 99 39.38 -24.49 -16.85
CA GLU A 99 39.74 -23.21 -17.31
C GLU A 99 41.01 -23.37 -18.06
N ARG A 100 42.16 -23.15 -17.38
CA ARG A 100 43.27 -22.98 -18.25
C ARG A 100 43.91 -24.30 -18.51
N ILE A 101 44.16 -24.58 -19.80
CA ILE A 101 44.94 -25.71 -20.22
C ILE A 101 46.32 -25.21 -20.46
N ARG A 102 47.29 -25.63 -19.62
CA ARG A 102 48.65 -25.22 -19.81
C ARG A 102 49.41 -26.41 -20.28
N ASN A 103 50.54 -26.16 -20.97
CA ASN A 103 51.39 -27.18 -21.53
C ASN A 103 52.59 -27.26 -20.64
N ASP A 104 53.43 -28.30 -20.81
CA ASP A 104 54.37 -28.67 -19.78
C ASP A 104 55.71 -28.09 -20.10
N GLN A 105 56.41 -28.73 -21.06
CA GLN A 105 57.76 -28.38 -21.38
C GLN A 105 57.73 -27.03 -22.01
N ASP A 106 57.05 -26.96 -23.16
CA ASP A 106 56.90 -25.79 -23.96
C ASP A 106 56.46 -24.65 -23.12
N GLY A 107 55.14 -24.52 -22.97
CA GLY A 107 54.50 -23.43 -22.33
C GLY A 107 53.05 -23.66 -22.56
N THR A 108 52.51 -23.05 -23.63
CA THR A 108 51.23 -23.37 -24.20
C THR A 108 50.21 -23.42 -23.11
N ILE A 109 49.95 -22.26 -22.50
CA ILE A 109 48.81 -22.07 -21.66
C ILE A 109 47.70 -21.68 -22.58
N VAL A 110 46.49 -21.62 -22.03
CA VAL A 110 45.43 -21.08 -22.83
C VAL A 110 44.20 -21.14 -21.99
N ASN A 111 43.60 -19.98 -21.73
CA ASN A 111 42.42 -19.99 -20.92
C ASN A 111 41.34 -20.55 -21.81
N ILE A 112 40.91 -21.81 -21.56
CA ILE A 112 40.05 -22.43 -22.54
C ILE A 112 38.60 -22.22 -22.17
N ASP A 113 38.28 -22.24 -20.86
CA ASP A 113 36.99 -21.83 -20.42
C ASP A 113 35.95 -22.74 -21.00
N SER A 114 36.20 -24.06 -20.96
CA SER A 114 35.26 -25.00 -21.49
C SER A 114 34.78 -25.85 -20.37
N ALA A 115 33.67 -26.58 -20.60
CA ALA A 115 33.30 -27.50 -19.56
C ALA A 115 34.00 -28.78 -19.86
N GLY A 116 34.06 -29.68 -18.86
CA GLY A 116 34.60 -30.98 -19.08
C GLY A 116 33.43 -31.82 -19.47
N THR A 117 33.66 -33.10 -19.82
CA THR A 117 32.54 -33.91 -20.21
C THR A 117 32.80 -35.26 -19.65
N ASN A 118 32.39 -36.32 -20.37
CA ASN A 118 32.56 -37.64 -19.83
C ASN A 118 33.32 -38.43 -20.83
N SER A 119 33.64 -39.69 -20.48
CA SER A 119 34.22 -40.57 -21.43
C SER A 119 33.26 -40.59 -22.57
N LEU A 120 31.96 -40.78 -22.23
CA LEU A 120 30.87 -40.84 -23.15
C LEU A 120 30.84 -39.56 -23.91
N GLY A 121 31.24 -38.45 -23.26
CA GLY A 121 31.32 -37.20 -23.96
C GLY A 121 30.32 -36.27 -23.38
N SER A 122 29.37 -36.80 -22.56
CA SER A 122 28.32 -35.95 -22.10
C SER A 122 28.88 -35.00 -21.08
N ALA A 123 28.29 -33.80 -20.99
CA ALA A 123 28.95 -32.69 -20.39
C ALA A 123 28.92 -32.84 -18.91
N GLY A 124 30.11 -32.69 -18.29
CA GLY A 124 30.20 -32.69 -16.86
C GLY A 124 30.71 -34.02 -16.45
N ILE A 125 31.72 -34.06 -15.57
CA ILE A 125 32.20 -35.36 -15.21
C ILE A 125 31.44 -35.83 -14.03
N PRO A 126 31.05 -37.04 -14.18
CA PRO A 126 29.99 -37.62 -13.39
C PRO A 126 30.51 -37.91 -12.03
N GLY A 127 29.65 -38.47 -11.14
CA GLY A 127 30.14 -38.86 -9.85
C GLY A 127 29.06 -39.57 -9.10
N GLN A 128 29.07 -39.41 -7.75
CA GLN A 128 28.17 -40.11 -6.88
C GLN A 128 27.49 -39.10 -6.02
N VAL A 129 26.36 -39.51 -5.40
CA VAL A 129 25.55 -38.53 -4.76
C VAL A 129 25.64 -38.72 -3.27
N ASP A 130 26.07 -37.65 -2.58
CA ASP A 130 25.79 -37.59 -1.18
C ASP A 130 24.55 -36.78 -1.14
N ALA A 131 23.45 -37.40 -0.67
CA ALA A 131 22.18 -36.76 -0.67
C ALA A 131 22.22 -35.82 0.48
N HIS A 132 22.72 -36.31 1.63
CA HIS A 132 22.74 -35.52 2.82
C HIS A 132 21.33 -35.39 3.28
N MET A 133 20.48 -36.36 2.92
CA MET A 133 19.11 -36.25 3.28
C MET A 133 19.04 -36.19 4.77
N TRP A 134 20.09 -36.70 5.43
CA TRP A 134 20.14 -36.74 6.87
C TRP A 134 20.03 -35.34 7.40
N GLU A 135 21.05 -34.51 7.15
CA GLU A 135 21.13 -33.25 7.82
C GLU A 135 19.90 -32.45 7.51
N ARG A 136 19.33 -32.63 6.31
CA ARG A 136 18.17 -31.88 5.93
C ARG A 136 16.99 -32.40 6.66
N LEU A 137 17.05 -33.65 7.13
CA LEU A 137 15.89 -34.25 7.71
C LEU A 137 15.96 -34.18 9.21
N ARG A 138 17.17 -34.23 9.80
CA ARG A 138 17.29 -34.39 11.22
C ARG A 138 16.56 -33.29 11.93
N GLY A 139 16.28 -32.18 11.23
CA GLY A 139 15.68 -31.04 11.86
C GLY A 139 14.34 -31.44 12.39
N ALA A 140 13.33 -31.49 11.51
CA ALA A 140 11.99 -31.67 11.96
C ALA A 140 11.89 -33.01 12.63
N ILE A 141 12.90 -33.86 12.45
CA ILE A 141 12.74 -35.19 12.94
C ILE A 141 13.05 -35.23 14.41
N MET A 142 13.88 -34.32 14.92
CA MET A 142 14.00 -34.37 16.34
C MET A 142 12.76 -33.74 16.89
N ILE A 143 12.52 -32.47 16.51
CA ILE A 143 11.41 -31.68 16.96
C ILE A 143 10.15 -32.49 16.92
N SER A 144 9.91 -33.22 15.81
CA SER A 144 8.61 -33.77 15.61
C SER A 144 8.42 -34.95 16.50
N LEU A 145 9.52 -35.60 16.90
CA LEU A 145 9.41 -36.70 17.81
C LEU A 145 8.94 -36.15 19.11
N PHE A 146 9.08 -34.82 19.30
CA PHE A 146 8.67 -34.27 20.55
C PHE A 146 7.20 -34.03 20.48
N SER A 147 6.74 -33.41 19.37
CA SER A 147 5.34 -33.19 19.23
C SER A 147 4.66 -34.52 19.25
N ASP A 148 5.39 -35.57 18.83
CA ASP A 148 4.89 -36.93 18.87
C ASP A 148 4.79 -37.34 20.31
N THR A 149 5.76 -36.93 21.13
CA THR A 149 5.79 -37.40 22.49
C THR A 149 4.85 -36.60 23.32
N LEU A 150 4.10 -35.67 22.71
CA LEU A 150 3.10 -35.03 23.50
C LEU A 150 2.13 -36.11 23.88
N THR A 151 2.08 -37.18 23.06
CA THR A 151 1.11 -38.21 23.29
C THR A 151 1.73 -39.31 24.13
N ALA A 152 2.77 -40.00 23.61
CA ALA A 152 3.40 -41.03 24.37
C ALA A 152 4.19 -40.38 25.50
N LEU A 153 4.85 -41.14 26.26
N GLN A 173 3.05 -24.75 10.52
CA GLN A 173 3.82 -25.17 9.33
C GLN A 173 5.16 -25.69 9.76
N LEU A 174 5.31 -27.02 9.80
CA LEU A 174 6.55 -27.60 10.20
C LEU A 174 6.91 -28.57 9.12
N ALA A 175 5.88 -29.20 8.51
CA ALA A 175 6.11 -30.03 7.39
C ALA A 175 6.41 -29.14 6.24
N SER A 176 5.54 -28.15 6.00
CA SER A 176 5.76 -27.20 4.95
C SER A 176 7.04 -26.50 5.25
N GLU A 177 7.24 -26.03 6.49
CA GLU A 177 8.44 -25.31 6.82
C GLU A 177 9.62 -26.22 6.70
N ALA A 178 9.41 -27.53 6.91
CA ALA A 178 10.53 -28.45 6.90
C ALA A 178 10.99 -28.63 5.50
N LEU A 179 10.11 -28.35 4.53
CA LEU A 179 10.45 -28.52 3.15
C LEU A 179 11.25 -27.32 2.73
N ARG A 180 10.89 -26.14 3.25
CA ARG A 180 11.64 -24.95 2.98
C ARG A 180 12.99 -25.11 3.61
N SER A 181 13.07 -25.82 4.74
CA SER A 181 14.38 -26.12 5.24
C SER A 181 15.08 -26.92 4.20
N TYR A 182 14.56 -28.13 3.91
CA TYR A 182 15.18 -29.16 3.14
C TYR A 182 15.85 -28.60 1.92
N MET A 183 15.11 -27.89 1.03
CA MET A 183 15.71 -27.58 -0.23
C MET A 183 16.92 -26.70 -0.04
N SER A 184 16.97 -25.97 1.10
CA SER A 184 18.01 -25.02 1.37
C SER A 184 19.34 -25.64 1.09
N ILE A 185 19.67 -26.74 1.80
CA ILE A 185 21.01 -27.24 1.66
C ILE A 185 21.08 -28.11 0.44
N PRO A 186 22.06 -27.82 -0.37
CA PRO A 186 22.41 -28.67 -1.47
C PRO A 186 22.84 -30.00 -0.96
N PRO A 187 22.85 -30.95 -1.86
CA PRO A 187 23.45 -32.25 -1.71
C PRO A 187 24.95 -32.13 -1.75
N THR A 188 25.64 -33.11 -2.37
CA THR A 188 26.98 -32.94 -2.86
C THR A 188 27.21 -34.00 -3.88
N LEU A 189 28.43 -34.01 -4.49
CA LEU A 189 28.77 -35.09 -5.37
C LEU A 189 30.06 -35.69 -4.90
N TYR A 190 30.97 -35.99 -5.85
CA TYR A 190 32.08 -36.89 -5.70
C TYR A 190 32.34 -37.38 -7.10
N ASP A 191 33.61 -37.54 -7.52
CA ASP A 191 34.01 -38.34 -8.68
C ASP A 191 35.41 -38.76 -8.35
N GLN A 192 35.82 -39.99 -8.76
CA GLN A 192 37.00 -40.49 -8.12
C GLN A 192 38.18 -39.86 -8.79
N GLN A 193 39.40 -40.25 -8.34
CA GLN A 193 40.58 -39.65 -8.88
C GLN A 193 41.05 -40.54 -9.97
N GLY A 194 41.84 -39.95 -10.88
CA GLY A 194 42.21 -40.66 -12.07
C GLY A 194 40.95 -41.14 -12.70
N ASP A 195 40.13 -40.21 -13.23
CA ASP A 195 39.04 -40.63 -14.05
C ASP A 195 39.41 -40.30 -15.45
N ALA A 196 39.10 -41.18 -16.40
CA ALA A 196 39.36 -40.82 -17.76
C ALA A 196 38.37 -39.78 -18.08
N VAL A 197 38.82 -38.65 -18.65
CA VAL A 197 37.79 -37.72 -19.00
C VAL A 197 38.23 -36.96 -20.20
N SER A 198 37.40 -35.98 -20.59
CA SER A 198 37.66 -35.26 -21.79
C SER A 198 37.15 -33.87 -21.60
N ILE A 199 37.48 -32.95 -22.53
CA ILE A 199 36.91 -31.63 -22.47
C ILE A 199 36.23 -31.41 -23.76
N PHE A 200 34.98 -30.90 -23.71
CA PHE A 200 34.45 -30.31 -24.90
C PHE A 200 35.03 -28.93 -24.96
N VAL A 201 36.31 -28.80 -25.37
CA VAL A 201 36.85 -27.49 -25.56
C VAL A 201 35.97 -26.84 -26.56
N ALA A 202 35.16 -25.86 -26.10
CA ALA A 202 34.14 -25.33 -26.94
C ALA A 202 34.71 -24.19 -27.71
N ARG A 203 35.83 -24.42 -28.42
CA ARG A 203 36.32 -23.35 -29.26
C ARG A 203 37.45 -23.80 -30.12
N ASP A 204 38.31 -22.82 -30.49
CA ASP A 204 39.32 -22.99 -31.50
C ASP A 204 40.60 -22.51 -30.98
N LEU A 205 41.63 -23.31 -31.21
CA LEU A 205 42.94 -23.00 -30.77
C LEU A 205 43.73 -22.69 -32.00
N ASP A 206 44.55 -21.63 -31.93
CA ASP A 206 45.50 -21.43 -32.97
C ASP A 206 46.79 -21.93 -32.44
N PHE A 207 47.39 -22.91 -33.14
CA PHE A 207 48.81 -23.01 -32.98
C PHE A 207 49.37 -22.74 -34.34
N SER A 208 48.86 -21.73 -35.06
CA SER A 208 49.53 -21.40 -36.29
C SER A 208 50.47 -20.30 -36.00
N GLY A 209 50.96 -20.21 -34.76
CA GLY A 209 51.97 -19.25 -34.45
C GLY A 209 53.00 -19.96 -33.63
N VAL A 210 52.86 -21.31 -33.51
CA VAL A 210 53.94 -22.23 -33.16
C VAL A 210 53.99 -23.07 -34.43
N TYR A 211 54.31 -24.39 -34.36
CA TYR A 211 54.11 -25.43 -35.36
C TYR A 211 53.95 -24.96 -36.77
N THR A 212 54.83 -25.41 -37.70
CA THR A 212 54.59 -25.26 -39.12
C THR A 212 55.33 -26.40 -39.80
N LEU A 213 55.82 -26.31 -41.07
CA LEU A 213 56.28 -27.59 -41.56
C LEU A 213 57.74 -27.79 -41.29
N ALA A 214 58.25 -29.05 -41.45
CA ALA A 214 58.18 -29.74 -42.71
C ALA A 214 58.97 -31.07 -42.70
N ASP A 215 59.80 -31.33 -43.75
CA ASP A 215 60.35 -32.66 -43.93
C ASP A 215 61.78 -32.71 -43.43
N ASN A 216 62.53 -33.83 -43.69
CA ASN A 216 62.00 -35.12 -43.33
C ASN A 216 62.14 -35.28 -41.81
N ALA B 1 58.72 -21.55 -46.93
CA ALA B 1 58.25 -20.70 -48.06
C ALA B 1 56.91 -21.16 -48.51
N ALA B 2 56.34 -20.48 -49.52
CA ALA B 2 55.04 -20.85 -49.99
C ALA B 2 55.17 -22.18 -50.66
N ASP B 3 56.26 -22.38 -51.42
CA ASP B 3 56.39 -23.58 -52.19
C ASP B 3 57.08 -24.62 -51.37
N LYS B 4 57.80 -24.19 -50.32
CA LYS B 4 58.48 -25.08 -49.43
C LYS B 4 57.44 -25.84 -48.68
N LYS B 5 56.37 -25.13 -48.25
CA LYS B 5 55.36 -25.74 -47.44
C LYS B 5 54.74 -26.84 -48.25
N ARG B 6 54.29 -26.45 -49.45
CA ARG B 6 53.43 -27.24 -50.29
C ARG B 6 53.98 -28.63 -50.39
N ILE B 7 55.11 -28.78 -51.09
CA ILE B 7 55.87 -29.99 -51.26
C ILE B 7 55.80 -30.79 -49.99
N THR B 8 56.03 -30.14 -48.84
CA THR B 8 56.09 -30.85 -47.59
C THR B 8 54.76 -31.42 -47.27
N GLN B 9 53.69 -30.60 -47.39
CA GLN B 9 52.38 -30.98 -46.97
C GLN B 9 51.97 -32.23 -47.70
N LYS B 10 52.31 -32.33 -49.00
CA LYS B 10 52.00 -33.54 -49.71
C LYS B 10 52.71 -34.66 -49.03
N LEU B 11 53.96 -34.41 -48.62
CA LEU B 11 54.76 -35.42 -48.00
C LEU B 11 54.00 -35.93 -46.82
N LYS B 12 53.13 -35.08 -46.24
CA LYS B 12 52.55 -35.31 -44.95
C LYS B 12 51.29 -36.10 -45.11
N GLN B 13 50.65 -35.98 -46.29
CA GLN B 13 49.46 -36.73 -46.54
C GLN B 13 49.83 -38.17 -46.44
N THR B 14 51.00 -38.55 -46.98
CA THR B 14 51.23 -39.95 -47.07
C THR B 14 52.09 -40.39 -45.93
N ALA B 15 51.47 -40.97 -44.89
CA ALA B 15 52.30 -41.41 -43.80
C ALA B 15 51.55 -42.49 -43.12
N PHE B 16 50.47 -42.95 -43.74
CA PHE B 16 49.77 -44.10 -43.27
C PHE B 16 50.64 -45.28 -43.57
N ALA B 17 51.76 -45.39 -42.83
CA ALA B 17 52.80 -46.30 -43.19
C ALA B 17 53.34 -46.90 -41.94
N GLY B 18 54.67 -47.13 -41.92
CA GLY B 18 55.23 -47.96 -40.91
C GLY B 18 54.84 -49.36 -41.27
N ALA B 19 55.12 -50.32 -40.38
CA ALA B 19 54.70 -51.66 -40.65
C ALA B 19 53.31 -51.80 -40.13
N LYS B 20 52.35 -52.00 -41.06
CA LYS B 20 51.01 -52.08 -40.60
C LYS B 20 50.80 -53.37 -39.92
N ASN B 21 49.62 -53.44 -39.27
CA ASN B 21 48.99 -54.60 -38.75
C ASN B 21 48.05 -54.93 -39.85
N TYR B 22 48.04 -56.15 -40.40
CA TYR B 22 47.18 -56.25 -41.54
C TYR B 22 45.83 -56.72 -41.07
N GLN B 23 45.81 -57.62 -40.07
CA GLN B 23 44.57 -58.23 -39.70
C GLN B 23 43.83 -57.33 -38.77
N TYR B 24 42.66 -56.85 -39.22
CA TYR B 24 41.64 -56.47 -38.30
C TYR B 24 40.62 -57.57 -38.39
N VAL B 25 40.08 -58.02 -37.25
CA VAL B 25 38.94 -58.89 -37.32
C VAL B 25 37.78 -58.03 -36.95
N MET B 26 36.57 -58.39 -37.39
CA MET B 26 35.44 -57.61 -37.02
C MET B 26 34.49 -58.52 -36.31
N SER B 27 33.27 -58.05 -36.06
CA SER B 27 32.23 -58.90 -35.57
C SER B 27 31.66 -59.55 -36.79
N GLU B 28 30.35 -59.81 -36.78
CA GLU B 28 29.66 -60.19 -37.98
C GLU B 28 28.24 -60.36 -37.60
N GLN B 29 27.38 -59.44 -38.04
CA GLN B 29 25.99 -59.67 -37.90
C GLN B 29 25.38 -59.45 -39.24
N PRO B 30 24.27 -60.06 -39.48
CA PRO B 30 23.69 -60.06 -40.78
C PRO B 30 23.31 -58.66 -41.12
N GLU B 31 23.18 -57.78 -40.10
CA GLU B 31 22.82 -56.43 -40.34
C GLU B 31 24.09 -55.67 -40.52
N MET B 32 25.08 -55.94 -39.64
CA MET B 32 26.35 -55.30 -39.73
C MET B 32 26.86 -55.52 -41.11
N ARG B 33 27.28 -56.78 -41.42
CA ARG B 33 27.94 -57.28 -42.60
C ARG B 33 27.72 -56.36 -43.77
N SER B 34 26.44 -56.07 -44.04
CA SER B 34 26.00 -55.25 -45.13
C SER B 34 26.85 -54.02 -45.20
N ILE B 35 26.66 -53.10 -44.25
CA ILE B 35 27.25 -51.80 -44.41
C ILE B 35 28.64 -51.82 -43.84
N GLN B 36 29.40 -52.89 -44.14
CA GLN B 36 30.73 -52.96 -43.61
C GLN B 36 31.63 -52.14 -44.47
N PRO B 37 32.83 -52.01 -43.97
CA PRO B 37 33.89 -51.27 -44.59
C PRO B 37 34.35 -51.87 -45.88
N VAL B 38 35.36 -51.23 -46.51
CA VAL B 38 36.15 -51.87 -47.52
C VAL B 38 37.35 -52.38 -46.80
N HIS B 39 38.35 -51.50 -46.60
CA HIS B 39 39.55 -51.90 -45.91
C HIS B 39 39.64 -51.13 -44.63
N VAL B 40 40.12 -51.81 -43.56
CA VAL B 40 40.33 -51.17 -42.30
C VAL B 40 41.69 -51.57 -41.85
N TRP B 41 42.59 -50.60 -41.60
CA TRP B 41 43.87 -51.07 -41.18
C TRP B 41 44.50 -50.10 -40.24
N ASP B 42 45.67 -50.46 -39.70
CA ASP B 42 46.32 -49.57 -38.78
C ASP B 42 47.79 -49.80 -38.88
N ASN B 43 48.57 -48.82 -38.39
CA ASN B 43 49.97 -48.98 -38.12
C ASN B 43 50.14 -48.55 -36.71
N TYR B 44 49.20 -47.69 -36.29
CA TYR B 44 49.27 -47.02 -35.03
C TYR B 44 47.88 -47.13 -34.46
N ARG B 45 47.44 -46.03 -33.81
CA ARG B 45 46.07 -45.85 -33.43
C ARG B 45 45.50 -45.05 -34.54
N PHE B 46 46.41 -44.36 -35.27
CA PHE B 46 46.05 -43.70 -36.49
C PHE B 46 45.55 -44.76 -37.40
N THR B 47 44.22 -44.95 -37.41
CA THR B 47 43.64 -46.12 -38.02
C THR B 47 42.76 -45.66 -39.14
N ARG B 48 42.77 -46.38 -40.27
CA ARG B 48 41.89 -45.97 -41.32
C ARG B 48 40.86 -47.03 -41.54
N PHE B 49 39.61 -46.56 -41.78
CA PHE B 49 38.48 -47.40 -42.07
C PHE B 49 37.92 -46.87 -43.36
N GLU B 50 38.25 -47.49 -44.51
CA GLU B 50 37.74 -46.96 -45.74
C GLU B 50 36.33 -47.41 -45.89
N PHE B 51 35.56 -46.64 -46.71
CA PHE B 51 34.18 -46.98 -46.92
C PHE B 51 33.94 -46.95 -48.39
N PRO B 52 32.98 -47.74 -48.76
CA PRO B 52 32.46 -47.73 -50.10
C PRO B 52 31.48 -46.60 -50.20
N ALA B 53 31.12 -46.23 -51.43
CA ALA B 53 30.12 -45.25 -51.66
C ALA B 53 28.91 -45.64 -50.85
N ASN B 54 28.42 -46.86 -51.14
CA ASN B 54 27.17 -47.35 -50.67
C ASN B 54 27.44 -48.12 -49.42
N ALA B 55 28.08 -47.49 -48.42
CA ALA B 55 28.13 -48.09 -47.13
C ALA B 55 27.93 -46.98 -46.14
N GLU B 56 27.04 -47.17 -45.15
CA GLU B 56 26.56 -46.05 -44.41
C GLU B 56 27.67 -45.42 -43.66
N LEU B 57 27.35 -44.37 -42.89
CA LEU B 57 28.35 -43.82 -42.03
C LEU B 57 27.96 -44.13 -40.63
N PRO B 58 28.62 -45.16 -40.18
CA PRO B 58 28.62 -45.56 -38.81
C PRO B 58 29.05 -44.42 -37.95
N GLN B 59 29.00 -44.61 -36.62
CA GLN B 59 29.79 -43.78 -35.75
C GLN B 59 30.57 -44.74 -34.91
N VAL B 60 31.90 -44.57 -34.86
CA VAL B 60 32.71 -45.55 -34.21
C VAL B 60 33.32 -44.93 -33.02
N TYR B 61 33.73 -45.74 -32.04
CA TYR B 61 34.36 -45.23 -30.86
C TYR B 61 35.49 -46.15 -30.53
N MET B 62 36.28 -45.80 -29.49
CA MET B 62 37.43 -46.58 -29.14
C MET B 62 37.14 -47.21 -27.82
N ILE B 63 37.79 -48.36 -27.54
CA ILE B 63 37.72 -48.93 -26.23
C ILE B 63 39.04 -48.69 -25.59
N SER B 64 39.10 -47.73 -24.66
CA SER B 64 40.35 -47.49 -24.03
C SER B 64 40.63 -48.69 -23.19
N ALA B 65 41.83 -48.72 -22.60
CA ALA B 65 42.26 -49.84 -21.81
C ALA B 65 41.37 -49.94 -20.62
N SER B 66 40.65 -48.86 -20.29
CA SER B 66 39.81 -48.94 -19.14
C SER B 66 38.79 -49.98 -19.42
N GLY B 67 38.51 -50.24 -20.71
CA GLY B 67 37.60 -51.28 -21.06
C GLY B 67 36.25 -50.66 -21.27
N LYS B 68 35.96 -49.61 -20.47
CA LYS B 68 34.79 -48.82 -20.66
C LYS B 68 34.98 -48.12 -21.96
N GLU B 69 33.92 -47.48 -22.49
CA GLU B 69 34.06 -46.97 -23.82
C GLU B 69 34.51 -45.55 -23.73
N THR B 70 34.82 -44.97 -24.89
CA THR B 70 35.21 -43.59 -24.95
C THR B 70 34.88 -43.17 -26.34
N LEU B 71 34.92 -41.86 -26.63
CA LEU B 71 34.77 -41.52 -28.01
C LEU B 71 36.07 -40.94 -28.47
N PRO B 72 36.44 -41.38 -29.64
CA PRO B 72 37.70 -41.06 -30.23
C PRO B 72 37.55 -39.70 -30.81
N ASN B 73 38.67 -38.99 -31.01
CA ASN B 73 38.62 -37.81 -31.83
C ASN B 73 38.96 -38.26 -33.19
N SER B 74 37.97 -38.26 -34.08
CA SER B 74 38.26 -38.84 -35.35
C SER B 74 38.10 -37.81 -36.39
N HIS B 75 38.38 -38.22 -37.64
CA HIS B 75 38.11 -37.41 -38.77
C HIS B 75 38.02 -38.38 -39.89
N VAL B 76 37.46 -37.96 -41.03
CA VAL B 76 37.58 -38.86 -42.13
C VAL B 76 38.50 -38.19 -43.08
N VAL B 77 39.15 -38.96 -43.97
CA VAL B 77 40.02 -38.29 -44.88
C VAL B 77 40.02 -39.06 -46.14
N GLY B 78 40.60 -38.46 -47.20
CA GLY B 78 40.73 -39.22 -48.41
C GLY B 78 40.17 -38.38 -49.51
N GLU B 79 40.73 -38.59 -50.72
CA GLU B 79 40.08 -38.16 -51.91
C GLU B 79 38.79 -38.91 -51.91
N ASN B 80 38.90 -40.23 -51.73
CA ASN B 80 37.80 -41.08 -51.43
C ASN B 80 37.07 -40.40 -50.32
N ARG B 81 37.81 -39.98 -49.26
CA ARG B 81 37.25 -39.15 -48.24
C ARG B 81 36.37 -39.99 -47.36
N ASN B 82 36.15 -41.24 -47.79
CA ASN B 82 35.26 -42.13 -47.12
C ASN B 82 35.90 -42.60 -45.85
N ILE B 83 37.22 -42.83 -45.90
CA ILE B 83 37.87 -43.45 -44.79
C ILE B 83 37.80 -42.54 -43.60
N ILE B 84 37.81 -43.14 -42.39
CA ILE B 84 37.78 -42.38 -41.17
C ILE B 84 39.10 -42.63 -40.50
N GLU B 85 39.94 -41.58 -40.37
CA GLU B 85 41.18 -41.72 -39.67
C GLU B 85 40.91 -41.29 -38.26
N VAL B 86 41.25 -42.16 -37.30
CA VAL B 86 40.96 -41.87 -35.92
C VAL B 86 42.28 -41.69 -35.24
N GLU B 87 42.38 -40.76 -34.27
CA GLU B 87 43.67 -40.52 -33.69
C GLU B 87 43.58 -40.66 -32.20
N THR B 88 43.19 -41.87 -31.72
CA THR B 88 43.15 -42.19 -30.31
C THR B 88 43.47 -43.66 -30.15
N VAL B 89 44.14 -44.00 -29.03
CA VAL B 89 44.51 -45.35 -28.68
C VAL B 89 43.27 -46.21 -28.55
N ALA B 90 43.41 -47.52 -28.85
CA ALA B 90 42.44 -48.51 -28.49
C ALA B 90 42.66 -49.71 -29.37
N LYS B 91 42.47 -50.92 -28.81
CA LYS B 91 42.61 -52.09 -29.62
C LYS B 91 41.32 -52.21 -30.38
N GLU B 92 40.22 -52.46 -29.64
CA GLU B 92 38.96 -52.65 -30.27
C GLU B 92 38.46 -51.33 -30.76
N TRP B 93 37.26 -51.38 -31.34
CA TRP B 93 36.59 -50.20 -31.77
C TRP B 93 35.17 -50.57 -31.90
N ARG B 94 34.25 -49.74 -31.39
CA ARG B 94 32.90 -50.05 -31.68
C ARG B 94 32.55 -49.30 -32.92
N ILE B 95 31.35 -49.55 -33.46
CA ILE B 95 31.00 -48.92 -34.70
C ILE B 95 29.51 -48.85 -34.75
N ARG B 96 28.92 -48.20 -33.72
CA ARG B 96 27.52 -48.10 -33.49
C ARG B 96 26.92 -47.32 -34.62
N LEU B 97 25.58 -47.21 -34.60
CA LEU B 97 24.86 -46.43 -35.57
C LEU B 97 23.40 -46.72 -35.38
N GLY B 98 22.81 -46.19 -34.29
CA GLY B 98 21.45 -46.53 -33.98
C GLY B 98 21.48 -47.89 -33.38
N ASP B 99 20.49 -48.72 -33.72
CA ASP B 99 20.37 -50.07 -33.24
C ASP B 99 21.69 -50.75 -33.40
N LYS B 100 22.06 -50.90 -34.68
CA LYS B 100 23.19 -51.65 -35.13
C LYS B 100 24.40 -51.30 -34.31
N VAL B 101 25.36 -52.25 -34.17
CA VAL B 101 26.58 -51.95 -33.45
C VAL B 101 27.66 -52.98 -33.75
N VAL B 102 28.59 -52.65 -34.69
CA VAL B 102 29.69 -53.50 -35.06
C VAL B 102 30.75 -53.33 -34.01
N GLY B 103 32.00 -53.77 -34.29
CA GLY B 103 33.01 -53.53 -33.31
C GLY B 103 34.28 -54.17 -33.76
N VAL B 104 34.89 -53.62 -34.83
CA VAL B 104 36.11 -54.17 -35.35
C VAL B 104 37.08 -54.24 -34.24
N ARG B 105 37.87 -55.33 -34.26
CA ARG B 105 38.88 -55.49 -33.31
C ARG B 105 40.16 -55.21 -34.03
N ASN B 106 41.07 -54.46 -33.40
CA ASN B 106 42.36 -54.35 -34.00
C ASN B 106 43.11 -55.51 -33.44
N ASN B 107 44.20 -55.96 -34.10
CA ASN B 107 44.82 -57.10 -33.50
C ASN B 107 46.30 -56.98 -33.63
N ASN B 108 46.92 -56.21 -32.72
CA ASN B 108 48.34 -56.30 -32.62
C ASN B 108 48.71 -55.93 -31.23
N PHE B 109 49.85 -56.45 -30.77
CA PHE B 109 50.44 -56.02 -29.54
C PHE B 109 51.88 -56.27 -29.70
N ALA B 110 52.66 -55.20 -29.99
CA ALA B 110 54.06 -55.27 -29.72
C ALA B 110 54.21 -54.55 -28.43
N PRO B 111 54.17 -55.22 -27.32
CA PRO B 111 53.88 -54.50 -26.13
C PRO B 111 55.16 -53.91 -25.65
N GLY B 112 55.11 -52.86 -24.82
CA GLY B 112 56.28 -52.41 -24.13
C GLY B 112 57.18 -51.71 -25.09
N ARG B 113 56.85 -51.71 -26.40
CA ARG B 113 57.68 -50.99 -27.32
C ARG B 113 56.77 -50.29 -28.27
N GLY B 114 57.28 -49.24 -28.94
CA GLY B 114 56.56 -48.59 -29.98
C GLY B 114 56.86 -47.14 -29.91
N ALA B 115 56.94 -46.61 -28.67
CA ALA B 115 57.01 -45.19 -28.46
C ALA B 115 58.25 -44.69 -29.11
N VAL B 116 58.14 -43.51 -29.74
CA VAL B 116 59.28 -42.75 -30.12
C VAL B 116 58.86 -41.32 -30.00
N ALA B 117 59.41 -40.43 -30.84
CA ALA B 117 58.91 -39.10 -30.84
C ALA B 117 58.67 -38.74 -32.27
N THR B 118 57.40 -38.78 -32.69
CA THR B 118 57.03 -38.43 -34.02
C THR B 118 57.55 -37.07 -34.27
N GLY B 119 57.00 -36.06 -33.56
CA GLY B 119 57.58 -34.76 -33.67
C GLY B 119 56.64 -33.93 -34.47
N THR B 120 55.58 -34.58 -34.98
CA THR B 120 54.38 -33.90 -35.33
C THR B 120 53.32 -34.87 -34.99
N ALA B 121 52.19 -34.78 -35.69
CA ALA B 121 51.27 -35.88 -35.77
C ALA B 121 51.99 -36.94 -36.53
N SER B 122 52.00 -36.79 -37.87
CA SER B 122 52.62 -37.75 -38.74
C SER B 122 54.06 -37.36 -38.85
N PRO B 123 54.92 -38.34 -38.98
CA PRO B 123 56.33 -38.16 -38.79
C PRO B 123 56.96 -37.52 -39.96
N ASP B 124 56.19 -37.31 -41.04
CA ASP B 124 56.69 -36.81 -42.28
C ASP B 124 57.16 -35.46 -41.99
N VAL B 125 56.27 -34.68 -41.34
CA VAL B 125 56.54 -33.32 -41.25
C VAL B 125 56.91 -33.09 -39.83
N ARG B 126 57.06 -31.84 -39.40
CA ARG B 126 57.80 -31.68 -38.19
C ARG B 126 57.43 -30.36 -37.60
N ARG B 127 57.93 -30.10 -36.39
CA ARG B 127 57.57 -28.93 -35.70
C ARG B 127 58.79 -28.19 -35.39
N VAL B 128 58.88 -26.95 -35.91
CA VAL B 128 60.10 -26.24 -35.81
C VAL B 128 59.83 -24.86 -35.25
N GLN B 129 59.22 -24.81 -34.05
CA GLN B 129 58.58 -23.72 -33.32
C GLN B 129 58.81 -22.30 -33.84
N ILE B 130 57.75 -21.43 -33.77
CA ILE B 130 57.80 -20.10 -34.34
C ILE B 130 57.70 -19.00 -33.28
N CYS C 15 16.74 -48.47 -5.20
CA CYS C 15 17.26 -47.10 -5.32
C CYS C 15 17.20 -46.66 -6.76
N SER C 16 18.31 -46.09 -7.25
CA SER C 16 18.29 -45.62 -8.60
C SER C 16 18.67 -46.75 -9.49
N SER C 17 18.78 -46.44 -10.79
CA SER C 17 19.23 -47.40 -11.75
C SER C 17 20.57 -46.92 -12.19
N GLY C 18 21.26 -47.68 -13.04
CA GLY C 18 22.55 -47.23 -13.50
C GLY C 18 22.41 -47.04 -14.96
N HIS C 19 23.52 -47.17 -15.70
CA HIS C 19 23.50 -47.13 -17.13
C HIS C 19 23.35 -48.55 -17.55
N LYS C 20 22.88 -48.81 -18.79
CA LYS C 20 22.81 -50.18 -19.19
C LYS C 20 24.07 -50.49 -19.92
N PRO C 21 24.70 -51.58 -19.60
CA PRO C 21 25.95 -51.91 -20.23
C PRO C 21 25.68 -52.04 -21.69
N PRO C 22 26.73 -51.90 -22.45
CA PRO C 22 26.59 -51.48 -23.81
C PRO C 22 26.10 -52.63 -24.63
N PRO C 23 25.47 -52.36 -25.74
CA PRO C 23 25.11 -53.36 -26.69
C PRO C 23 26.38 -54.02 -27.12
N GLU C 24 26.45 -55.36 -27.03
CA GLU C 24 27.73 -55.98 -27.20
C GLU C 24 27.71 -56.75 -28.47
N PRO C 25 28.72 -56.51 -29.25
CA PRO C 25 28.77 -57.04 -30.58
C PRO C 25 29.02 -58.51 -30.57
N ASP C 26 28.82 -59.17 -31.73
CA ASP C 26 29.07 -60.57 -31.88
C ASP C 26 30.48 -60.82 -31.49
N TRP C 27 30.70 -61.72 -30.51
CA TRP C 27 32.01 -62.12 -30.09
C TRP C 27 32.19 -63.50 -30.61
N SER C 28 31.05 -64.21 -30.72
CA SER C 28 31.06 -65.55 -31.17
C SER C 28 31.51 -65.53 -32.60
N ASN C 29 30.62 -65.15 -33.53
CA ASN C 29 31.03 -65.19 -34.91
C ASN C 29 32.14 -64.22 -35.10
N THR C 30 33.22 -64.63 -35.80
CA THR C 30 34.21 -63.62 -36.05
C THR C 30 34.90 -63.89 -37.34
N VAL C 31 34.58 -63.02 -38.34
CA VAL C 31 35.10 -63.05 -39.66
C VAL C 31 36.00 -61.87 -39.79
N PRO C 32 37.02 -62.00 -40.60
CA PRO C 32 37.97 -60.95 -40.82
C PRO C 32 37.32 -59.76 -41.44
N VAL C 33 37.91 -58.55 -41.23
CA VAL C 33 37.39 -57.34 -41.78
C VAL C 33 37.74 -57.32 -43.23
N ASN C 34 39.02 -56.99 -43.49
CA ASN C 34 39.51 -56.57 -44.77
C ASN C 34 39.05 -57.50 -45.84
N LYS C 35 38.97 -56.96 -47.08
CA LYS C 35 38.55 -57.66 -48.24
C LYS C 35 39.75 -57.90 -49.07
N THR C 36 39.97 -57.05 -50.09
CA THR C 36 41.26 -57.04 -50.73
C THR C 36 42.21 -56.44 -49.75
N ILE C 37 43.42 -56.10 -50.24
CA ILE C 37 44.39 -55.57 -49.34
C ILE C 37 44.50 -54.11 -49.59
N PRO C 38 44.69 -53.43 -48.50
CA PRO C 38 44.49 -52.01 -48.44
C PRO C 38 45.56 -51.31 -49.20
N VAL C 39 45.21 -50.18 -49.84
CA VAL C 39 46.24 -49.33 -50.35
C VAL C 39 46.04 -48.02 -49.68
N ASP C 40 46.92 -47.04 -49.95
CA ASP C 40 46.64 -45.76 -49.41
C ASP C 40 45.76 -45.06 -50.37
N THR C 41 44.73 -44.36 -49.85
CA THR C 41 43.96 -43.57 -50.74
C THR C 41 44.69 -42.27 -50.80
N GLN C 42 44.30 -41.37 -49.88
CA GLN C 42 45.03 -40.19 -49.58
C GLN C 42 46.51 -40.60 -49.49
N GLY C 43 47.30 -40.27 -50.42
N GLU D 1 -7.31 6.57 -33.88
CA GLU D 1 -8.00 6.44 -32.58
C GLU D 1 -9.38 5.96 -32.84
N THR D 2 -9.53 5.26 -33.98
CA THR D 2 -10.72 4.55 -34.34
C THR D 2 -10.80 3.39 -33.41
N SER D 3 -11.64 2.39 -33.71
CA SER D 3 -11.60 1.27 -32.82
C SER D 3 -10.37 0.50 -33.18
N GLU D 4 -9.93 -0.37 -32.26
CA GLU D 4 -8.72 -1.15 -32.43
C GLU D 4 -9.15 -2.45 -33.01
N GLY D 5 -10.09 -3.11 -32.30
CA GLY D 5 -10.57 -4.39 -32.73
C GLY D 5 -11.51 -4.12 -33.85
N SER D 6 -11.72 -2.83 -34.17
CA SER D 6 -12.32 -2.53 -35.42
C SER D 6 -11.29 -2.89 -36.44
N SER D 7 -10.08 -2.37 -36.21
CA SER D 7 -8.98 -2.58 -37.09
C SER D 7 -8.80 -4.05 -37.32
N ALA D 8 -8.61 -4.82 -36.23
CA ALA D 8 -8.15 -6.18 -36.31
C ALA D 8 -9.04 -6.96 -37.22
N LEU D 9 -10.36 -6.96 -36.94
CA LEU D 9 -11.33 -7.65 -37.75
C LEU D 9 -11.10 -7.27 -39.17
N ALA D 10 -11.09 -5.95 -39.42
CA ALA D 10 -10.89 -5.36 -40.71
C ALA D 10 -9.68 -5.98 -41.36
N LYS D 11 -8.72 -6.42 -40.54
CA LYS D 11 -7.46 -6.87 -41.04
C LYS D 11 -7.67 -8.20 -41.65
N ASN D 12 -8.54 -8.98 -41.00
CA ASN D 12 -8.66 -10.37 -41.26
C ASN D 12 -9.87 -10.62 -42.13
N LEU D 13 -10.56 -9.57 -42.65
CA LEU D 13 -11.68 -9.83 -43.49
C LEU D 13 -11.20 -10.15 -44.89
N THR D 14 -10.49 -9.21 -45.52
CA THR D 14 -9.97 -9.49 -46.82
C THR D 14 -8.64 -10.18 -46.60
N PRO D 15 -8.48 -11.50 -46.79
CA PRO D 15 -7.48 -12.20 -46.04
C PRO D 15 -6.47 -12.69 -47.02
N ALA D 16 -5.23 -12.18 -46.96
CA ALA D 16 -4.88 -11.21 -45.97
C ALA D 16 -4.61 -9.99 -46.77
N ARG D 17 -4.44 -8.81 -46.19
CA ARG D 17 -3.75 -7.89 -47.06
C ARG D 17 -2.39 -7.72 -46.45
N LEU D 18 -1.87 -8.83 -45.89
CA LEU D 18 -0.51 -9.25 -45.99
C LEU D 18 0.14 -8.58 -47.19
N LYS D 19 1.43 -8.17 -47.05
CA LYS D 19 2.16 -7.44 -48.06
C LYS D 19 2.71 -8.38 -49.10
N ALA D 20 2.62 -8.01 -50.39
CA ALA D 20 3.07 -8.84 -51.48
C ALA D 20 4.47 -9.32 -51.22
N SER D 21 4.73 -10.55 -51.69
CA SER D 21 5.99 -11.21 -51.46
C SER D 21 6.77 -11.14 -52.75
N ARG D 22 8.05 -10.73 -52.69
CA ARG D 22 8.82 -10.57 -53.89
C ARG D 22 9.22 -11.93 -54.32
N ALA D 23 8.57 -12.44 -55.38
CA ALA D 23 8.92 -13.77 -55.79
C ALA D 23 10.11 -13.65 -56.66
N GLY D 24 11.30 -13.51 -56.05
CA GLY D 24 12.48 -13.17 -56.78
C GLY D 24 13.40 -14.34 -56.76
N VAL D 25 14.24 -14.46 -57.81
CA VAL D 25 14.95 -15.68 -57.94
C VAL D 25 16.25 -15.60 -57.24
N MET D 26 16.48 -16.64 -56.42
CA MET D 26 17.82 -16.96 -56.06
C MET D 26 18.52 -17.17 -57.35
N ALA D 27 19.60 -16.40 -57.57
CA ALA D 27 20.34 -16.49 -58.78
C ALA D 27 20.74 -17.91 -58.97
N ASN D 28 21.79 -18.36 -58.24
CA ASN D 28 22.26 -19.70 -58.48
C ASN D 28 22.08 -20.53 -57.26
N PRO D 29 22.05 -21.80 -57.57
CA PRO D 29 22.09 -22.90 -56.65
C PRO D 29 23.50 -22.96 -56.17
N SER D 30 24.46 -22.50 -56.99
CA SER D 30 25.80 -22.55 -56.51
C SER D 30 26.07 -21.20 -55.99
N LEU D 31 25.01 -20.36 -55.92
CA LEU D 31 25.01 -19.12 -55.20
C LEU D 31 24.33 -19.39 -53.92
N THR D 32 23.42 -20.37 -53.90
CA THR D 32 22.75 -20.54 -52.65
C THR D 32 22.36 -21.96 -52.48
N VAL D 33 22.70 -22.52 -51.30
CA VAL D 33 22.19 -23.80 -50.89
C VAL D 33 21.02 -23.49 -50.02
N PRO D 34 19.83 -23.83 -50.43
CA PRO D 34 18.65 -23.48 -49.70
C PRO D 34 18.55 -24.42 -48.54
N LYS D 35 17.87 -23.98 -47.46
CA LYS D 35 17.46 -24.91 -46.47
C LYS D 35 16.27 -25.61 -47.01
N GLY D 36 15.41 -26.11 -46.10
CA GLY D 36 14.44 -27.09 -46.50
C GLY D 36 15.23 -28.32 -46.71
N LYS D 37 16.45 -28.28 -46.15
CA LYS D 37 17.45 -29.26 -46.35
C LYS D 37 17.57 -29.97 -45.06
N MET D 38 18.23 -31.14 -45.09
CA MET D 38 18.56 -31.78 -43.87
C MET D 38 20.05 -31.85 -43.90
N ILE D 39 20.70 -31.63 -42.74
CA ILE D 39 22.11 -31.88 -42.71
C ILE D 39 22.22 -33.19 -41.99
N PRO D 40 22.31 -34.25 -42.75
CA PRO D 40 22.11 -35.58 -42.23
C PRO D 40 23.34 -36.01 -41.53
N CYS D 41 23.57 -35.58 -40.28
CA CYS D 41 24.88 -35.83 -39.74
C CYS D 41 24.87 -37.14 -39.02
N GLY D 42 25.83 -37.29 -38.08
CA GLY D 42 25.97 -38.51 -37.36
C GLY D 42 26.60 -38.18 -36.05
N THR D 43 25.85 -38.44 -34.96
CA THR D 43 26.32 -37.95 -33.69
C THR D 43 27.33 -38.92 -33.17
N GLY D 44 28.35 -38.35 -32.48
CA GLY D 44 29.48 -39.14 -32.10
C GLY D 44 29.74 -38.89 -30.65
N THR D 45 28.72 -38.52 -29.86
CA THR D 45 28.96 -38.55 -28.46
C THR D 45 27.71 -39.05 -27.82
N GLU D 46 27.83 -39.41 -26.53
CA GLU D 46 26.65 -39.68 -25.77
C GLU D 46 26.00 -38.35 -25.59
N LEU D 47 24.69 -38.34 -25.29
CA LEU D 47 23.96 -37.12 -25.18
C LEU D 47 23.08 -37.24 -23.99
N ASP D 48 22.96 -36.15 -23.22
CA ASP D 48 22.25 -36.24 -22.00
C ASP D 48 21.91 -34.85 -21.63
N THR D 49 20.67 -34.43 -21.92
CA THR D 49 20.33 -33.07 -21.63
C THR D 49 20.04 -33.00 -20.16
N THR D 50 20.23 -34.16 -19.49
CA THR D 50 20.69 -34.23 -18.13
C THR D 50 21.60 -33.06 -17.92
N VAL D 51 22.77 -33.06 -18.59
CA VAL D 51 23.67 -31.98 -18.30
C VAL D 51 23.79 -31.11 -19.50
N PRO D 52 23.55 -29.84 -19.31
CA PRO D 52 23.68 -28.85 -20.34
C PRO D 52 25.06 -28.95 -20.91
N GLY D 53 25.30 -28.35 -22.09
CA GLY D 53 26.58 -28.60 -22.64
C GLY D 53 26.39 -29.38 -23.88
N GLN D 54 27.54 -29.75 -24.50
CA GLN D 54 27.60 -29.85 -25.92
C GLN D 54 27.46 -31.26 -26.35
N VAL D 55 26.90 -31.44 -27.57
CA VAL D 55 26.97 -32.68 -28.27
C VAL D 55 27.84 -32.41 -29.48
N SER D 56 28.24 -33.46 -30.21
CA SER D 56 28.97 -33.21 -31.42
C SER D 56 28.52 -34.22 -32.44
N CYS D 57 28.30 -33.75 -33.68
CA CYS D 57 28.07 -34.63 -34.79
C CYS D 57 29.04 -34.24 -35.85
N ARG D 58 29.11 -35.07 -36.91
CA ARG D 58 29.83 -34.73 -38.10
C ARG D 58 28.95 -35.13 -39.23
N VAL D 59 29.15 -34.54 -40.43
CA VAL D 59 28.17 -34.79 -41.46
C VAL D 59 28.20 -36.23 -41.77
N SER D 60 27.10 -36.74 -42.37
CA SER D 60 27.17 -38.05 -42.91
C SER D 60 27.42 -37.89 -44.38
N GLN D 61 26.38 -38.12 -45.21
CA GLN D 61 26.52 -37.96 -46.62
C GLN D 61 26.60 -36.49 -46.93
N ASP D 62 26.37 -36.13 -48.22
CA ASP D 62 26.71 -34.80 -48.68
C ASP D 62 25.52 -33.90 -48.57
N VAL D 63 25.82 -32.58 -48.56
CA VAL D 63 24.81 -31.57 -48.65
C VAL D 63 24.91 -31.01 -50.04
N TYR D 64 23.80 -30.44 -50.58
CA TYR D 64 23.78 -30.06 -51.96
C TYR D 64 23.33 -28.63 -52.08
N SER D 65 22.78 -28.26 -53.26
CA SER D 65 22.50 -26.89 -53.58
C SER D 65 21.02 -26.73 -53.80
N ALA D 66 20.64 -25.68 -54.56
CA ALA D 66 19.25 -25.35 -54.71
C ALA D 66 18.68 -26.31 -55.69
N ASP D 67 19.09 -26.18 -56.97
CA ASP D 67 18.68 -27.11 -57.97
C ASP D 67 19.03 -28.48 -57.46
N GLY D 68 20.23 -28.59 -56.84
CA GLY D 68 20.62 -29.83 -56.24
C GLY D 68 21.56 -30.49 -57.20
N LEU D 69 22.15 -29.69 -58.10
CA LEU D 69 22.96 -30.23 -59.14
C LEU D 69 24.40 -30.18 -58.72
N VAL D 70 24.77 -29.29 -57.78
CA VAL D 70 26.16 -29.32 -57.40
C VAL D 70 26.27 -29.85 -56.01
N ARG D 71 27.42 -30.48 -55.69
CA ARG D 71 27.68 -31.00 -54.38
C ARG D 71 28.71 -30.11 -53.79
N LEU D 72 28.28 -29.17 -52.94
CA LEU D 72 29.25 -28.26 -52.41
C LEU D 72 29.60 -28.72 -51.05
N ILE D 73 28.61 -28.71 -50.14
CA ILE D 73 28.95 -29.14 -48.82
C ILE D 73 29.16 -30.63 -48.88
N ASP D 74 30.35 -31.10 -48.46
CA ASP D 74 30.63 -32.51 -48.54
C ASP D 74 30.72 -33.05 -47.15
N LYS D 75 31.09 -34.33 -47.02
CA LYS D 75 31.04 -35.02 -45.76
C LYS D 75 32.17 -34.54 -44.92
N GLY D 76 32.34 -35.22 -43.78
CA GLY D 76 33.42 -34.94 -42.88
C GLY D 76 33.36 -33.50 -42.52
N SER D 77 32.14 -32.95 -42.40
CA SER D 77 32.06 -31.62 -41.87
C SER D 77 31.56 -31.76 -40.46
N TRP D 78 32.50 -31.66 -39.51
CA TRP D 78 32.17 -31.84 -38.12
C TRP D 78 31.35 -30.67 -37.67
N VAL D 79 30.26 -30.94 -36.91
CA VAL D 79 29.45 -29.89 -36.34
C VAL D 79 29.56 -30.02 -34.83
N ASP D 80 29.33 -28.90 -34.11
CA ASP D 80 29.30 -28.97 -32.67
C ASP D 80 28.16 -28.10 -32.23
N GLY D 81 27.65 -28.33 -31.01
CA GLY D 81 26.45 -27.64 -30.63
C GLY D 81 26.34 -27.59 -29.13
N GLN D 82 25.09 -27.66 -28.62
CA GLN D 82 24.88 -27.45 -27.22
C GLN D 82 23.41 -27.68 -26.91
N ILE D 83 23.13 -28.27 -25.72
CA ILE D 83 21.82 -28.46 -25.16
C ILE D 83 21.78 -27.59 -23.94
N THR D 84 21.09 -26.42 -24.01
CA THR D 84 21.20 -25.43 -22.96
C THR D 84 20.84 -26.04 -21.65
N GLY D 85 19.92 -27.02 -21.64
CA GLY D 85 19.63 -27.61 -20.37
C GLY D 85 18.36 -28.38 -20.44
N GLY D 86 18.11 -29.15 -19.36
CA GLY D 86 17.24 -30.30 -19.38
C GLY D 86 15.91 -30.00 -19.98
N ILE D 87 15.33 -31.04 -20.61
CA ILE D 87 14.04 -31.03 -21.21
C ILE D 87 13.05 -30.72 -20.15
N LYS D 88 11.75 -30.74 -20.51
CA LYS D 88 10.75 -30.62 -19.50
C LYS D 88 10.27 -31.99 -19.16
N ASP D 89 9.00 -32.08 -18.73
CA ASP D 89 8.48 -33.24 -18.06
C ASP D 89 8.01 -34.20 -19.11
N GLY D 90 8.72 -35.33 -19.22
CA GLY D 90 8.32 -36.39 -20.10
C GLY D 90 8.38 -35.85 -21.49
N GLN D 91 9.21 -34.82 -21.73
CA GLN D 91 9.24 -34.29 -23.06
C GLN D 91 9.85 -35.33 -23.93
N ALA D 92 9.27 -35.48 -25.13
CA ALA D 92 9.57 -36.56 -26.02
C ALA D 92 11.04 -36.69 -26.18
N ARG D 93 11.73 -35.54 -26.16
CA ARG D 93 13.04 -35.54 -26.70
C ARG D 93 13.66 -34.23 -26.35
N VAL D 94 15.00 -34.20 -26.26
CA VAL D 94 15.67 -32.96 -26.08
C VAL D 94 15.60 -32.22 -27.37
N PHE D 95 16.00 -30.94 -27.29
CA PHE D 95 16.15 -29.99 -28.33
C PHE D 95 17.64 -29.85 -28.47
N VAL D 96 18.13 -29.45 -29.65
CA VAL D 96 19.54 -29.46 -29.87
C VAL D 96 19.90 -28.28 -30.69
N LEU D 97 21.05 -27.68 -30.38
CA LEU D 97 21.37 -26.51 -31.12
C LEU D 97 22.70 -26.77 -31.75
N TRP D 98 22.68 -27.15 -33.05
CA TRP D 98 23.95 -27.30 -33.72
C TRP D 98 24.38 -25.93 -34.08
N GLU D 99 25.57 -25.55 -33.58
CA GLU D 99 26.05 -24.26 -33.92
C GLU D 99 26.95 -24.43 -35.08
N ARG D 100 28.26 -24.56 -34.84
CA ARG D 100 29.06 -24.36 -36.00
C ARG D 100 29.27 -25.66 -36.68
N ILE D 101 29.03 -25.66 -38.01
CA ILE D 101 29.37 -26.77 -38.86
C ILE D 101 30.69 -26.44 -39.48
N ARG D 102 31.74 -27.19 -39.13
CA ARG D 102 33.03 -26.96 -39.71
C ARG D 102 33.32 -28.11 -40.61
N ASN D 103 34.19 -27.88 -41.62
CA ASN D 103 34.57 -28.85 -42.60
C ASN D 103 35.95 -29.33 -42.21
N ASP D 104 36.44 -30.41 -42.84
CA ASP D 104 37.54 -31.15 -42.30
C ASP D 104 38.82 -30.74 -42.96
N GLN D 105 39.01 -31.23 -44.21
CA GLN D 105 40.24 -31.03 -44.93
C GLN D 105 40.32 -29.58 -45.25
N ASP D 106 39.35 -29.13 -46.06
CA ASP D 106 39.21 -27.79 -46.54
C ASP D 106 39.33 -26.83 -45.42
N GLY D 107 38.19 -26.54 -44.79
CA GLY D 107 38.05 -25.54 -43.78
C GLY D 107 36.58 -25.49 -43.53
N THR D 108 35.89 -24.57 -44.23
CA THR D 108 34.47 -24.55 -44.34
C THR D 108 33.85 -24.70 -42.99
N ILE D 109 34.06 -23.69 -42.14
CA ILE D 109 33.32 -23.53 -40.94
C ILE D 109 32.09 -22.77 -41.33
N VAL D 110 31.15 -22.65 -40.38
CA VAL D 110 30.04 -21.79 -40.65
C VAL D 110 29.16 -21.85 -39.45
N ASN D 111 28.94 -20.70 -38.80
CA ASN D 111 28.11 -20.73 -37.65
C ASN D 111 26.72 -20.89 -38.16
N ILE D 112 26.11 -22.10 -38.01
CA ILE D 112 24.86 -22.32 -38.71
C ILE D 112 23.70 -21.99 -37.82
N ASP D 113 23.82 -22.28 -36.51
CA ASP D 113 22.83 -21.77 -35.58
C ASP D 113 21.51 -22.36 -35.90
N SER D 114 21.45 -23.68 -36.18
CA SER D 114 20.19 -24.30 -36.50
C SER D 114 19.91 -25.31 -35.44
N ALA D 115 18.65 -25.78 -35.38
CA ALA D 115 18.43 -26.85 -34.46
C ALA D 115 18.69 -28.11 -35.20
N GLY D 116 18.86 -29.22 -34.45
CA GLY D 116 18.99 -30.50 -35.06
C GLY D 116 17.61 -31.04 -35.15
N THR D 117 17.42 -32.22 -35.77
CA THR D 117 16.09 -32.73 -35.88
C THR D 117 16.19 -34.20 -35.69
N ASN D 118 15.35 -34.97 -36.38
CA ASN D 118 15.38 -36.40 -36.17
C ASN D 118 15.59 -37.04 -37.50
N SER D 119 15.71 -38.38 -37.50
CA SER D 119 15.75 -39.09 -38.73
C SER D 119 14.50 -38.68 -39.44
N LEU D 120 13.37 -38.76 -38.70
CA LEU D 120 12.06 -38.43 -39.18
C LEU D 120 12.09 -37.01 -39.64
N GLY D 121 12.91 -36.16 -38.99
CA GLY D 121 13.04 -34.81 -39.45
C GLY D 121 12.51 -33.90 -38.41
N SER D 122 11.77 -34.46 -37.42
CA SER D 122 11.14 -33.59 -36.47
C SER D 122 12.20 -33.01 -35.57
N ALA D 123 11.94 -31.78 -35.07
CA ALA D 123 12.99 -30.97 -34.56
C ALA D 123 13.40 -31.46 -33.22
N GLY D 124 14.72 -31.65 -33.04
CA GLY D 124 15.24 -31.99 -31.76
C GLY D 124 15.54 -33.45 -31.80
N ILE D 125 16.75 -33.85 -31.34
CA ILE D 125 17.01 -35.25 -31.41
C ILE D 125 16.58 -35.87 -30.13
N PRO D 126 15.90 -36.95 -30.34
CA PRO D 126 15.03 -37.52 -29.34
C PRO D 126 15.86 -38.20 -28.33
N GLY D 127 15.23 -38.82 -27.29
CA GLY D 127 15.99 -39.57 -26.35
C GLY D 127 15.08 -40.26 -25.39
N GLN D 128 15.54 -40.43 -24.14
CA GLN D 128 14.82 -41.17 -23.13
C GLN D 128 14.69 -40.30 -21.92
N VAL D 129 13.75 -40.66 -21.03
CA VAL D 129 13.42 -39.76 -19.99
C VAL D 129 13.93 -40.30 -18.68
N ASP D 130 14.78 -39.51 -18.02
CA ASP D 130 14.97 -39.74 -16.63
C ASP D 130 14.02 -38.78 -16.00
N ALA D 131 13.02 -39.32 -15.29
CA ALA D 131 11.99 -38.51 -14.73
C ALA D 131 12.59 -37.89 -13.53
N HIS D 132 13.31 -38.71 -12.74
CA HIS D 132 13.87 -38.24 -11.50
C HIS D 132 12.74 -38.00 -10.56
N MET D 133 11.63 -38.72 -10.77
CA MET D 133 10.50 -38.48 -9.92
C MET D 133 10.92 -38.77 -8.52
N TRP D 134 11.98 -39.58 -8.37
CA TRP D 134 12.47 -39.96 -7.07
C TRP D 134 12.85 -38.74 -6.31
N GLU D 135 13.90 -38.03 -6.76
CA GLU D 135 14.46 -36.99 -5.95
C GLU D 135 13.41 -35.96 -5.66
N ARG D 136 12.47 -35.77 -6.60
CA ARG D 136 11.45 -34.78 -6.41
C ARG D 136 10.47 -35.26 -5.41
N LEU D 137 10.39 -36.60 -5.22
CA LEU D 137 9.36 -37.12 -4.37
C LEU D 137 9.91 -37.42 -3.01
N ARG D 138 11.20 -37.80 -2.91
CA ARG D 138 11.73 -38.32 -1.67
C ARG D 138 11.52 -37.32 -0.57
N GLY D 139 11.29 -36.03 -0.92
CA GLY D 139 11.19 -34.99 0.06
C GLY D 139 10.03 -35.30 0.96
N ALA D 140 8.81 -34.98 0.50
CA ALA D 140 7.67 -35.06 1.36
C ALA D 140 7.49 -36.48 1.78
N ILE D 141 8.17 -37.41 1.11
CA ILE D 141 7.89 -38.78 1.40
C ILE D 141 8.62 -39.22 2.63
N MET D 142 9.76 -38.60 2.95
CA MET D 142 10.30 -38.99 4.21
C MET D 142 9.46 -38.33 5.26
N ILE D 143 9.41 -36.99 5.22
CA ILE D 143 8.70 -36.17 6.16
C ILE D 143 7.34 -36.73 6.42
N SER D 144 6.62 -37.14 5.36
CA SER D 144 5.22 -37.41 5.54
C SER D 144 5.06 -38.73 6.23
N LEU D 145 6.06 -39.62 6.10
CA LEU D 145 5.99 -40.88 6.78
C LEU D 145 6.08 -40.58 8.25
N PHE D 146 6.58 -39.38 8.59
CA PHE D 146 6.72 -39.09 9.98
C PHE D 146 5.39 -38.60 10.48
N SER D 147 4.75 -37.68 9.72
CA SER D 147 3.46 -37.22 10.13
C SER D 147 2.56 -38.40 10.16
N ASP D 148 2.85 -39.42 9.33
CA ASP D 148 2.11 -40.65 9.32
C ASP D 148 2.36 -41.37 10.60
N THR D 149 3.62 -41.33 11.09
CA THR D 149 3.96 -42.10 12.24
C THR D 149 3.54 -41.39 13.49
N LEU D 150 2.86 -40.23 13.34
CA LEU D 150 2.32 -39.65 14.54
C LEU D 150 1.30 -40.63 15.04
N THR D 151 0.76 -41.46 14.13
CA THR D 151 -0.30 -42.34 14.50
C THR D 151 0.29 -43.70 14.86
N ALA D 152 0.93 -44.39 13.90
CA ALA D 152 1.52 -45.67 14.19
C ALA D 152 2.74 -45.42 15.07
N LEU D 153 3.42 -46.44 15.41
N GLN D 173 0.53 -26.70 4.37
CA GLN D 173 0.78 -26.94 2.93
C GLN D 173 2.03 -27.75 2.77
N LEU D 174 1.89 -29.06 2.53
CA LEU D 174 3.03 -29.90 2.35
C LEU D 174 2.80 -30.63 1.07
N ALA D 175 1.52 -30.93 0.77
CA ALA D 175 1.19 -31.50 -0.50
C ALA D 175 1.31 -30.42 -1.51
N SER D 176 0.65 -29.27 -1.24
CA SER D 176 0.74 -28.15 -2.13
C SER D 176 2.18 -27.75 -2.19
N GLU D 177 2.85 -27.62 -1.03
CA GLU D 177 4.22 -27.18 -1.03
C GLU D 177 5.07 -28.22 -1.72
N ALA D 178 4.65 -29.50 -1.68
CA ALA D 178 5.47 -30.54 -2.23
C ALA D 178 5.42 -30.45 -3.71
N LEU D 179 4.36 -29.82 -4.25
CA LEU D 179 4.21 -29.72 -5.67
C LEU D 179 5.09 -28.59 -6.14
N ARG D 180 5.18 -27.51 -5.32
CA ARG D 180 6.06 -26.43 -5.63
C ARG D 180 7.47 -26.94 -5.55
N SER D 181 7.73 -27.90 -4.66
CA SER D 181 9.03 -28.50 -4.72
C SER D 181 9.18 -29.13 -6.06
N TYR D 182 8.33 -30.14 -6.35
CA TYR D 182 8.43 -31.05 -7.46
C TYR D 182 8.79 -30.32 -8.72
N MET D 183 8.00 -29.32 -9.15
CA MET D 183 8.23 -28.82 -10.48
C MET D 183 9.58 -28.20 -10.58
N SER D 184 10.16 -27.78 -9.43
CA SER D 184 11.42 -27.09 -9.38
C SER D 184 12.42 -27.83 -10.21
N ILE D 185 12.70 -29.10 -9.86
CA ILE D 185 13.79 -29.75 -10.54
C ILE D 185 13.27 -30.30 -11.84
N PRO D 186 13.98 -29.99 -12.89
CA PRO D 186 13.77 -30.59 -14.17
C PRO D 186 14.03 -32.06 -14.08
N PRO D 187 13.55 -32.76 -15.06
CA PRO D 187 13.86 -34.14 -15.36
C PRO D 187 15.25 -34.23 -15.91
N THR D 188 15.47 -35.14 -16.90
CA THR D 188 16.60 -35.06 -17.79
C THR D 188 16.25 -35.87 -19.00
N LEU D 189 17.18 -35.92 -19.98
CA LEU D 189 16.98 -36.81 -21.09
C LEU D 189 18.18 -37.69 -21.22
N TYR D 190 18.66 -37.89 -22.47
CA TYR D 190 19.52 -38.96 -22.88
C TYR D 190 19.22 -39.14 -24.34
N ASP D 191 20.22 -39.39 -25.21
CA ASP D 191 20.05 -39.94 -26.54
C ASP D 191 21.35 -40.64 -26.81
N GLN D 192 21.32 -41.78 -27.54
CA GLN D 192 22.49 -42.59 -27.45
C GLN D 192 23.52 -42.02 -28.38
N GLN D 193 24.69 -42.67 -28.46
CA GLN D 193 25.74 -42.16 -29.28
C GLN D 193 25.65 -42.82 -30.59
N GLY D 194 26.22 -42.17 -31.62
CA GLY D 194 26.03 -42.62 -32.96
C GLY D 194 24.55 -42.73 -33.18
N ASP D 195 23.86 -41.59 -33.21
CA ASP D 195 22.49 -41.64 -33.66
C ASP D 195 22.47 -41.04 -35.01
N ALA D 196 21.69 -41.62 -35.93
CA ALA D 196 21.59 -40.99 -37.22
C ALA D 196 20.81 -39.76 -36.98
N VAL D 197 21.29 -38.61 -37.47
CA VAL D 197 20.45 -37.47 -37.27
C VAL D 197 20.65 -36.53 -38.40
N SER D 198 19.99 -35.37 -38.29
CA SER D 198 20.01 -34.44 -39.38
C SER D 198 19.91 -33.08 -38.78
N ILE D 199 20.14 -32.02 -39.59
CA ILE D 199 19.92 -30.68 -39.11
C ILE D 199 18.94 -30.05 -40.02
N PHE D 200 17.92 -29.40 -39.45
CA PHE D 200 17.19 -28.46 -40.24
C PHE D 200 18.01 -27.21 -40.27
N VAL D 201 19.10 -27.19 -41.09
CA VAL D 201 19.83 -25.96 -41.22
C VAL D 201 18.85 -24.97 -41.72
N ALA D 202 18.47 -24.02 -40.84
CA ALA D 202 17.38 -23.14 -41.16
C ALA D 202 17.93 -21.95 -41.88
N ARG D 203 18.69 -22.18 -42.98
CA ARG D 203 19.13 -21.04 -43.73
C ARG D 203 19.79 -21.44 -45.00
N ASP D 204 20.69 -20.54 -45.47
CA ASP D 204 21.27 -20.61 -46.79
C ASP D 204 22.73 -20.48 -46.67
N LEU D 205 23.42 -21.35 -47.40
CA LEU D 205 24.83 -21.36 -47.40
C LEU D 205 25.25 -20.89 -48.75
N ASP D 206 26.27 -20.01 -48.80
CA ASP D 206 26.86 -19.72 -50.05
C ASP D 206 28.11 -20.52 -50.11
N PHE D 207 28.23 -21.39 -51.13
CA PHE D 207 29.56 -21.75 -51.51
C PHE D 207 29.71 -21.25 -52.91
N SER D 208 29.24 -20.02 -53.22
CA SER D 208 29.56 -19.53 -54.54
C SER D 208 30.76 -18.68 -54.41
N GLY D 209 31.62 -18.96 -53.42
CA GLY D 209 32.86 -18.28 -53.33
C GLY D 209 33.91 -19.32 -53.06
N VAL D 210 33.52 -20.61 -53.13
CA VAL D 210 34.41 -21.74 -53.35
C VAL D 210 33.87 -22.26 -54.68
N TYR D 211 33.89 -23.59 -54.96
CA TYR D 211 33.17 -24.31 -55.98
C TYR D 211 32.68 -23.51 -57.15
N THR D 212 33.10 -23.85 -58.38
CA THR D 212 32.47 -23.34 -59.58
C THR D 212 32.68 -24.38 -60.66
N LEU D 213 32.75 -24.07 -61.99
CA LEU D 213 32.73 -25.25 -62.83
C LEU D 213 34.13 -25.73 -63.12
N ALA D 214 34.27 -26.98 -63.66
CA ALA D 214 33.66 -27.33 -64.92
C ALA D 214 34.08 -28.73 -65.42
N ASP D 215 34.47 -28.86 -66.72
CA ASP D 215 34.61 -30.17 -67.30
C ASP D 215 36.08 -30.56 -67.36
N ASN D 216 36.44 -31.70 -68.05
CA ASN D 216 35.78 -32.93 -67.75
C ASN D 216 36.33 -33.46 -66.44
N ALA E 1 34.68 -18.56 -67.59
CA ALA E 1 34.08 -17.40 -68.30
C ALA E 1 32.60 -17.53 -68.33
N ALA E 2 31.91 -16.55 -68.95
CA ALA E 2 30.47 -16.59 -68.98
C ALA E 2 30.09 -17.73 -69.87
N ASP E 3 30.81 -17.91 -70.99
CA ASP E 3 30.43 -18.91 -71.95
C ASP E 3 31.08 -20.19 -71.61
N LYS E 4 32.17 -20.14 -70.83
CA LYS E 4 32.88 -21.31 -70.41
C LYS E 4 31.98 -22.06 -69.48
N LYS E 5 31.28 -21.32 -68.59
CA LYS E 5 30.47 -21.95 -67.59
C LYS E 5 29.40 -22.70 -68.31
N ARG E 6 28.69 -21.98 -69.18
CA ARG E 6 27.47 -22.41 -69.79
C ARG E 6 27.62 -23.80 -70.30
N ILE E 7 28.42 -23.95 -71.38
CA ILE E 7 28.79 -25.19 -72.00
C ILE E 7 28.94 -26.25 -70.95
N THR E 8 29.66 -25.93 -69.86
CA THR E 8 29.96 -26.92 -68.86
C THR E 8 28.69 -27.33 -68.19
N GLN E 9 27.86 -26.36 -67.78
CA GLN E 9 26.69 -26.62 -67.00
C GLN E 9 25.80 -27.58 -67.74
N LYS E 10 25.69 -27.42 -69.07
CA LYS E 10 24.90 -28.36 -69.81
C LYS E 10 25.53 -29.71 -69.64
N LEU E 11 26.86 -29.77 -69.66
CA LEU E 11 27.57 -31.00 -69.54
C LEU E 11 27.12 -31.65 -68.28
N LYS E 12 26.69 -30.84 -67.30
CA LYS E 12 26.50 -31.28 -65.94
C LYS E 12 25.11 -31.80 -65.77
N GLN E 13 24.18 -31.32 -66.61
CA GLN E 13 22.84 -31.79 -66.56
C GLN E 13 22.88 -33.26 -66.84
N THR E 14 23.71 -33.66 -67.82
CA THR E 14 23.58 -35.03 -68.22
C THR E 14 24.63 -35.85 -67.55
N ALA E 15 24.26 -36.56 -66.46
CA ALA E 15 25.26 -37.36 -65.84
C ALA E 15 24.54 -38.44 -65.12
N PHE E 16 23.23 -38.57 -65.40
CA PHE E 16 22.48 -39.68 -64.91
C PHE E 16 22.93 -40.87 -65.70
N ALA E 17 24.16 -41.33 -65.44
CA ALA E 17 24.81 -42.27 -66.29
C ALA E 17 25.57 -43.24 -65.43
N GLY E 18 26.75 -43.66 -65.93
CA GLY E 18 27.39 -44.79 -65.34
C GLY E 18 26.60 -45.98 -65.77
N ALA E 19 26.93 -47.15 -65.21
CA ALA E 19 26.15 -48.31 -65.53
C ALA E 19 25.00 -48.36 -64.60
N LYS E 20 23.78 -48.19 -65.14
CA LYS E 20 22.66 -48.16 -64.27
C LYS E 20 22.39 -49.53 -63.78
N ASN E 21 21.50 -49.57 -62.78
CA ASN E 21 20.82 -50.71 -62.28
C ASN E 21 19.52 -50.62 -63.02
N TYR E 22 19.07 -51.66 -63.73
CA TYR E 22 17.90 -51.35 -64.48
C TYR E 22 16.70 -51.71 -63.66
N GLN E 23 16.79 -52.80 -62.88
CA GLN E 23 15.62 -53.28 -62.21
C GLN E 23 15.44 -52.53 -60.94
N TYR E 24 14.32 -51.79 -60.86
CA TYR E 24 13.75 -51.48 -59.58
C TYR E 24 12.54 -52.36 -59.50
N VAL E 25 12.30 -52.98 -58.34
CA VAL E 25 11.03 -53.62 -58.14
C VAL E 25 10.27 -52.71 -57.25
N MET E 26 8.93 -52.76 -57.30
CA MET E 26 8.18 -51.93 -56.41
C MET E 26 7.32 -52.82 -55.58
N SER E 27 6.36 -52.23 -54.84
CA SER E 27 5.38 -53.02 -54.17
C SER E 27 4.33 -53.26 -55.20
N GLU E 28 3.04 -53.31 -54.77
CA GLU E 28 1.96 -53.28 -55.71
C GLU E 28 0.73 -53.32 -54.88
N GLN E 29 0.01 -52.19 -54.82
CA GLN E 29 -1.29 -52.24 -54.23
C GLN E 29 -2.22 -51.62 -55.22
N PRO E 30 -3.46 -51.97 -55.15
CA PRO E 30 -4.40 -51.58 -56.15
C PRO E 30 -4.53 -50.10 -56.08
N GLU E 31 -4.14 -49.48 -54.95
CA GLU E 31 -4.25 -48.06 -54.80
C GLU E 31 -2.96 -47.49 -55.29
N MET E 32 -1.84 -48.11 -54.88
CA MET E 32 -0.55 -47.67 -55.30
C MET E 32 -0.55 -47.63 -56.80
N ARG E 33 -0.54 -48.83 -57.43
CA ARG E 33 -0.41 -49.12 -58.84
C ARG E 33 -0.77 -47.93 -59.68
N SER E 34 -1.98 -47.40 -59.42
CA SER E 34 -2.54 -46.29 -60.13
C SER E 34 -1.50 -45.23 -60.29
N ILE E 35 -1.18 -44.53 -59.19
CA ILE E 35 -0.39 -43.34 -59.32
C ILE E 35 1.06 -43.71 -59.30
N GLN E 36 1.44 -44.78 -60.02
CA GLN E 36 2.81 -45.18 -60.02
C GLN E 36 3.56 -44.33 -60.99
N PRO E 37 4.85 -44.50 -60.92
CA PRO E 37 5.80 -43.81 -61.75
C PRO E 37 5.69 -44.15 -63.20
N VAL E 38 6.57 -43.54 -64.03
CA VAL E 38 6.84 -44.04 -65.34
C VAL E 38 8.06 -44.88 -65.19
N HIS E 39 9.25 -44.23 -65.20
CA HIS E 39 10.47 -44.97 -65.06
C HIS E 39 11.13 -44.55 -63.79
N VAL E 40 11.75 -45.52 -63.09
CA VAL E 40 12.48 -45.24 -61.90
C VAL E 40 13.79 -45.94 -62.03
N TRP E 41 14.91 -45.21 -61.96
CA TRP E 41 16.12 -45.95 -62.10
C TRP E 41 17.21 -45.34 -61.30
N ASP E 42 18.39 -46.00 -61.27
CA ASP E 42 19.47 -45.47 -60.50
C ASP E 42 20.75 -45.89 -61.15
N ASN E 43 21.84 -45.18 -60.80
CA ASN E 43 23.18 -45.62 -61.09
C ASN E 43 23.87 -45.56 -59.78
N TYR E 44 23.33 -44.69 -58.90
CA TYR E 44 23.93 -44.36 -57.66
C TYR E 44 22.83 -44.39 -56.66
N ARG E 45 22.86 -43.42 -55.72
CA ARG E 45 21.75 -43.12 -54.85
C ARG E 45 21.06 -42.00 -55.54
N PHE E 46 21.82 -41.32 -56.42
CA PHE E 46 21.27 -40.35 -57.30
C PHE E 46 20.27 -41.06 -58.14
N THR E 47 19.00 -41.04 -57.71
CA THR E 47 18.02 -41.93 -58.27
C THR E 47 16.96 -41.08 -58.91
N ARG E 48 16.45 -41.51 -60.07
CA ARG E 48 15.40 -40.73 -60.66
C ARG E 48 14.15 -41.53 -60.67
N PHE E 49 13.03 -40.84 -60.38
CA PHE E 49 11.70 -41.40 -60.39
C PHE E 49 10.90 -40.50 -61.28
N GLU E 50 10.70 -40.87 -62.57
CA GLU E 50 9.96 -39.99 -63.43
C GLU E 50 8.52 -40.17 -63.14
N PHE E 51 7.73 -39.12 -63.49
CA PHE E 51 6.32 -39.19 -63.26
C PHE E 51 5.63 -38.77 -64.53
N PRO E 52 4.46 -39.30 -64.66
CA PRO E 52 3.56 -38.88 -65.70
C PRO E 52 2.88 -37.63 -65.26
N ALA E 53 2.24 -36.92 -66.20
CA ALA E 53 1.46 -35.77 -65.89
C ALA E 53 0.52 -36.16 -64.79
N ASN E 54 -0.30 -37.18 -65.08
CA ASN E 54 -1.42 -37.58 -64.30
C ASN E 54 -0.96 -38.65 -63.38
N ALA E 55 0.10 -38.38 -62.58
CA ALA E 55 0.41 -39.27 -61.50
C ALA E 55 0.79 -38.40 -60.33
N GLU E 56 0.23 -38.69 -59.14
CA GLU E 56 0.27 -37.72 -58.10
C GLU E 56 1.67 -37.46 -57.70
N LEU E 57 1.85 -36.59 -56.69
CA LEU E 57 3.16 -36.42 -56.16
C LEU E 57 3.17 -36.99 -54.79
N PRO E 58 3.69 -38.18 -54.79
CA PRO E 58 4.03 -38.89 -53.59
C PRO E 58 4.95 -38.07 -52.75
N GLN E 59 5.28 -38.56 -51.55
CA GLN E 59 6.47 -38.09 -50.88
C GLN E 59 7.23 -39.34 -50.56
N VAL E 60 8.52 -39.38 -50.95
CA VAL E 60 9.24 -40.61 -50.81
C VAL E 60 10.32 -40.38 -49.82
N TYR E 61 10.83 -41.46 -49.19
CA TYR E 61 11.89 -41.35 -48.24
C TYR E 61 12.83 -42.48 -48.51
N MET E 62 13.96 -42.51 -47.77
CA MET E 62 14.96 -43.52 -47.98
C MET E 62 14.96 -44.39 -46.77
N ILE E 63 15.38 -45.66 -46.94
CA ILE E 63 15.60 -46.50 -45.81
C ILE E 63 17.08 -46.64 -45.65
N SER E 64 17.64 -45.94 -44.65
CA SER E 64 19.05 -46.06 -44.47
C SER E 64 19.29 -47.45 -44.01
N ALA E 65 20.58 -47.80 -43.88
CA ALA E 65 20.97 -49.12 -43.51
C ALA E 65 20.49 -49.37 -42.12
N SER E 66 20.18 -48.29 -41.37
CA SER E 66 19.75 -48.52 -40.02
C SER E 66 18.48 -49.29 -40.10
N GLY E 67 17.76 -49.18 -41.23
CA GLY E 67 16.57 -49.96 -41.42
C GLY E 67 15.41 -49.12 -41.03
N LYS E 68 15.63 -48.26 -40.01
CA LYS E 68 14.66 -47.28 -39.63
C LYS E 68 14.60 -46.32 -40.78
N GLU E 69 13.59 -45.42 -40.79
CA GLU E 69 13.42 -44.63 -41.96
C GLU E 69 14.19 -43.36 -41.79
N THR E 70 14.24 -42.58 -42.88
CA THR E 70 14.88 -41.30 -42.83
C THR E 70 14.24 -40.52 -43.93
N LEU E 71 14.49 -39.20 -43.98
CA LEU E 71 14.00 -38.52 -45.14
C LEU E 71 15.17 -38.05 -45.92
N PRO E 72 15.05 -38.26 -47.20
CA PRO E 72 16.10 -38.00 -48.14
C PRO E 72 16.10 -36.54 -48.39
N ASN E 73 17.23 -35.98 -48.84
CA ASN E 73 17.19 -34.65 -49.37
C ASN E 73 16.98 -34.82 -50.83
N SER E 74 15.78 -34.45 -51.30
CA SER E 74 15.53 -34.75 -52.67
C SER E 74 15.29 -33.49 -53.39
N HIS E 75 15.06 -33.63 -54.71
CA HIS E 75 14.63 -32.53 -55.51
C HIS E 75 13.98 -33.19 -56.67
N VAL E 76 13.21 -32.43 -57.46
CA VAL E 76 12.78 -33.06 -58.66
C VAL E 76 13.47 -32.33 -59.75
N VAL E 77 13.62 -32.95 -60.93
CA VAL E 77 14.30 -32.23 -61.95
C VAL E 77 13.72 -32.67 -63.25
N GLY E 78 14.06 -31.93 -64.33
CA GLY E 78 13.63 -32.38 -65.60
C GLY E 78 12.97 -31.24 -66.29
N GLU E 79 13.06 -31.24 -67.63
CA GLU E 79 12.18 -30.45 -68.42
C GLU E 79 10.82 -30.97 -68.09
N ASN E 80 10.69 -32.30 -68.19
CA ASN E 80 9.57 -33.01 -67.68
C ASN E 80 9.39 -32.51 -66.28
N ARG E 81 10.50 -32.47 -65.50
CA ARG E 81 10.48 -31.83 -64.21
C ARG E 81 9.76 -32.71 -63.25
N ASN E 82 9.15 -33.78 -63.77
CA ASN E 82 8.33 -34.65 -62.99
C ASN E 82 9.22 -35.50 -62.14
N ILE E 83 10.37 -35.91 -62.68
CA ILE E 83 11.18 -36.87 -62.00
C ILE E 83 11.68 -36.27 -60.73
N ILE E 84 11.93 -37.13 -59.72
CA ILE E 84 12.47 -36.69 -58.46
C ILE E 84 13.83 -37.28 -58.35
N GLU E 85 14.89 -36.44 -58.35
CA GLU E 85 16.22 -36.93 -58.16
C GLU E 85 16.50 -36.81 -56.70
N VAL E 86 16.92 -37.92 -56.08
CA VAL E 86 17.16 -37.94 -54.66
C VAL E 86 18.63 -38.12 -54.48
N GLU E 87 19.23 -37.48 -53.46
CA GLU E 87 20.65 -37.59 -53.34
C GLU E 87 21.00 -38.05 -51.96
N THR E 88 20.53 -39.27 -51.58
CA THR E 88 20.85 -39.91 -50.33
C THR E 88 20.87 -41.40 -50.55
N VAL E 89 21.76 -42.10 -49.81
CA VAL E 89 21.91 -43.54 -49.84
C VAL E 89 20.62 -44.20 -49.44
N ALA E 90 20.35 -45.40 -49.99
CA ALA E 90 19.35 -46.30 -49.48
C ALA E 90 19.01 -47.27 -50.58
N LYS E 91 18.75 -48.54 -50.20
CA LYS E 91 18.34 -49.48 -51.20
C LYS E 91 16.89 -49.23 -51.46
N GLU E 92 16.05 -49.47 -50.43
CA GLU E 92 14.65 -49.31 -50.61
C GLU E 92 14.33 -47.85 -50.65
N TRP E 93 13.03 -47.57 -50.77
CA TRP E 93 12.54 -46.23 -50.72
C TRP E 93 11.09 -46.34 -50.41
N ARG E 94 10.60 -45.52 -49.48
CA ARG E 94 9.19 -45.54 -49.32
C ARG E 94 8.66 -44.48 -50.20
N ILE E 95 7.32 -44.41 -50.32
CA ILE E 95 6.75 -43.45 -51.23
C ILE E 95 5.38 -43.15 -50.73
N ARG E 96 5.31 -42.68 -49.47
CA ARG E 96 4.11 -42.43 -48.74
C ARG E 96 3.38 -41.31 -49.43
N LEU E 97 2.17 -41.00 -48.92
CA LEU E 97 1.38 -39.92 -49.44
C LEU E 97 0.03 -40.02 -48.79
N GLY E 98 -0.06 -39.68 -47.49
CA GLY E 98 -1.30 -39.86 -46.79
C GLY E 98 -1.38 -41.32 -46.47
N ASP E 99 -2.59 -41.89 -46.58
CA ASP E 99 -2.85 -43.27 -46.32
C ASP E 99 -1.84 -44.09 -47.05
N LYS E 100 -1.93 -43.99 -48.39
CA LYS E 100 -1.20 -44.77 -49.33
C LYS E 100 0.25 -44.82 -48.95
N VAL E 101 0.98 -45.92 -49.32
CA VAL E 101 2.39 -45.98 -49.03
C VAL E 101 3.06 -47.06 -49.87
N VAL E 102 3.68 -46.66 -51.01
CA VAL E 102 4.41 -47.56 -51.87
C VAL E 102 5.75 -47.81 -51.26
N GLY E 103 6.72 -48.36 -52.03
CA GLY E 103 8.01 -48.52 -51.45
C GLY E 103 8.90 -49.23 -52.42
N VAL E 104 9.24 -48.53 -53.52
CA VAL E 104 10.08 -49.12 -54.53
C VAL E 104 11.31 -49.60 -53.87
N ARG E 105 11.78 -50.76 -54.35
CA ARG E 105 12.99 -51.30 -53.84
C ARG E 105 14.00 -51.05 -54.91
N ASN E 106 15.20 -50.62 -54.54
CA ASN E 106 16.24 -50.58 -55.52
C ASN E 106 16.84 -51.93 -55.47
N ASN E 107 17.55 -52.38 -56.54
CA ASN E 107 18.04 -53.71 -56.40
C ASN E 107 19.39 -53.78 -57.03
N ASN E 108 20.43 -53.36 -56.27
CA ASN E 108 21.75 -53.69 -56.70
C ASN E 108 22.61 -53.72 -55.49
N PHE E 109 23.68 -54.51 -55.56
CA PHE E 109 24.70 -54.48 -54.56
C PHE E 109 25.94 -54.90 -55.25
N ALA E 110 26.80 -53.92 -55.62
CA ALA E 110 28.16 -54.27 -55.88
C ALA E 110 28.87 -53.91 -54.62
N PRO E 111 29.03 -54.81 -53.70
CA PRO E 111 29.29 -54.35 -52.37
C PRO E 111 30.77 -54.10 -52.29
N GLY E 112 31.21 -53.28 -51.32
CA GLY E 112 32.60 -53.19 -51.02
C GLY E 112 33.30 -52.44 -52.11
N ARG E 113 32.58 -52.08 -53.19
CA ARG E 113 33.22 -51.29 -54.21
C ARG E 113 32.24 -50.26 -54.65
N GLY E 114 32.74 -49.17 -55.26
CA GLY E 114 31.89 -48.18 -55.85
C GLY E 114 32.51 -46.85 -55.65
N ALA E 115 33.09 -46.65 -54.45
CA ALA E 115 33.55 -45.36 -54.03
C ALA E 115 34.60 -44.91 -54.98
N VAL E 116 34.58 -43.61 -55.32
CA VAL E 116 35.68 -42.96 -55.95
C VAL E 116 35.65 -41.56 -55.45
N ALA E 117 36.10 -40.59 -56.26
CA ALA E 117 35.93 -39.23 -55.86
C ALA E 117 35.34 -38.52 -57.03
N THR E 118 34.02 -38.26 -56.96
CA THR E 118 33.35 -37.55 -58.00
C THR E 118 34.07 -36.27 -58.17
N GLY E 119 34.00 -35.39 -57.16
CA GLY E 119 34.79 -34.20 -57.24
C GLY E 119 33.86 -33.06 -57.51
N THR E 120 32.58 -33.41 -57.70
CA THR E 120 31.52 -32.49 -57.49
C THR E 120 30.43 -33.34 -56.97
N ALA E 121 29.18 -32.91 -57.20
CA ALA E 121 28.06 -33.81 -57.14
C ALA E 121 28.25 -34.75 -58.27
N SER E 122 27.87 -34.30 -59.48
CA SER E 122 27.96 -35.10 -60.66
C SER E 122 29.35 -34.93 -61.21
N PRO E 123 29.87 -35.97 -61.81
CA PRO E 123 31.28 -36.06 -62.09
C PRO E 123 31.63 -35.26 -63.28
N ASP E 124 30.63 -34.68 -63.96
CA ASP E 124 30.82 -33.98 -65.20
C ASP E 124 31.65 -32.83 -64.86
N VAL E 125 31.19 -32.10 -63.83
CA VAL E 125 31.79 -30.85 -63.60
C VAL E 125 32.63 -31.03 -62.39
N ARG E 126 33.19 -29.96 -61.83
CA ARG E 126 34.28 -30.20 -60.94
C ARG E 126 34.41 -29.02 -60.06
N ARG E 127 35.32 -29.14 -59.08
CA ARG E 127 35.46 -28.13 -58.11
C ARG E 127 36.85 -27.67 -58.13
N VAL E 128 37.05 -26.37 -58.42
CA VAL E 128 38.37 -25.90 -58.65
C VAL E 128 38.61 -24.67 -57.80
N GLN E 129 38.43 -24.82 -56.47
CA GLN E 129 38.31 -23.85 -55.39
C GLN E 129 38.68 -22.40 -55.70
N ILE E 130 37.93 -21.42 -55.12
CA ILE E 130 38.08 -20.01 -55.43
C ILE E 130 38.58 -19.19 -54.24
N CYS F 15 2.93 -47.83 -18.98
CA CYS F 15 3.67 -46.56 -19.04
C CYS F 15 3.27 -45.80 -20.27
N SER F 16 4.26 -45.30 -21.02
CA SER F 16 3.93 -44.52 -22.16
C SER F 16 3.75 -45.46 -23.31
N SER F 17 3.50 -44.88 -24.50
CA SER F 17 3.41 -45.63 -25.71
C SER F 17 4.61 -45.27 -26.50
N GLY F 18 4.82 -45.91 -27.65
CA GLY F 18 5.96 -45.56 -28.45
C GLY F 18 5.42 -45.01 -29.71
N HIS F 19 6.18 -45.14 -30.81
CA HIS F 19 5.72 -44.75 -32.11
C HIS F 19 5.15 -46.00 -32.69
N LYS F 20 4.26 -45.88 -33.69
CA LYS F 20 3.77 -47.10 -34.28
C LYS F 20 4.63 -47.40 -35.45
N PRO F 21 5.06 -48.62 -35.57
CA PRO F 21 5.94 -48.97 -36.64
C PRO F 21 5.21 -48.72 -37.92
N PRO F 22 5.97 -48.56 -38.96
CA PRO F 22 5.51 -47.81 -40.09
C PRO F 22 4.55 -48.65 -40.87
N PRO F 23 3.67 -48.03 -41.62
CA PRO F 23 2.83 -48.71 -42.54
C PRO F 23 3.71 -49.43 -43.50
N GLU F 24 3.51 -50.75 -43.67
CA GLU F 24 4.49 -51.50 -44.37
C GLU F 24 3.91 -51.94 -45.67
N PRO F 25 4.64 -51.67 -46.71
CA PRO F 25 4.16 -51.88 -48.04
C PRO F 25 4.07 -53.33 -48.37
N ASP F 26 3.37 -53.65 -49.48
CA ASP F 26 3.23 -55.00 -49.94
C ASP F 26 4.61 -55.55 -50.13
N TRP F 27 4.91 -56.68 -49.45
CA TRP F 27 6.16 -57.37 -49.61
C TRP F 27 5.85 -58.59 -50.37
N SER F 28 4.61 -59.07 -50.19
CA SER F 28 4.17 -60.26 -50.84
C SER F 28 4.14 -59.96 -52.31
N ASN F 29 3.12 -59.24 -52.79
CA ASN F 29 3.05 -59.02 -54.21
C ASN F 29 4.24 -58.21 -54.60
N THR F 30 4.93 -58.60 -55.69
CA THR F 30 6.00 -57.74 -56.12
C THR F 30 6.16 -57.79 -57.60
N VAL F 31 5.76 -56.67 -58.24
CA VAL F 31 5.80 -56.46 -59.66
C VAL F 31 6.87 -55.44 -59.89
N PRO F 32 7.53 -55.53 -61.01
CA PRO F 32 8.57 -54.62 -61.38
C PRO F 32 8.04 -53.22 -61.52
N VAL F 33 8.93 -52.21 -61.33
CA VAL F 33 8.55 -50.83 -61.44
C VAL F 33 8.42 -50.52 -62.88
N ASN F 34 9.59 -50.34 -63.53
CA ASN F 34 9.74 -49.71 -64.81
C ASN F 34 8.78 -50.28 -65.78
N LYS F 35 8.44 -49.45 -66.79
CA LYS F 35 7.52 -49.79 -67.84
C LYS F 35 8.32 -50.00 -69.07
N THR F 36 8.40 -48.98 -69.94
CA THR F 36 9.39 -49.01 -70.98
C THR F 36 10.70 -48.82 -70.32
N ILE F 37 11.75 -48.57 -71.14
CA ILE F 37 13.04 -48.42 -70.56
C ILE F 37 13.39 -46.98 -70.58
N PRO F 38 14.06 -46.61 -69.53
CA PRO F 38 14.22 -45.23 -69.16
C PRO F 38 15.12 -44.54 -70.11
N VAL F 39 14.86 -43.26 -70.39
CA VAL F 39 15.83 -42.47 -71.07
C VAL F 39 16.16 -41.34 -70.16
N ASP F 40 17.10 -40.48 -70.56
CA ASP F 40 17.31 -39.33 -69.73
C ASP F 40 16.34 -38.30 -70.20
N THR F 41 15.72 -37.60 -69.24
CA THR F 41 14.91 -36.51 -69.65
C THR F 41 15.85 -35.36 -69.73
N GLN F 42 15.98 -34.65 -68.60
CA GLN F 42 17.02 -33.71 -68.38
C GLN F 42 18.32 -34.35 -68.88
N GLY F 43 18.83 -33.93 -69.96
N GLU G 1 -15.86 15.46 -27.46
CA GLU G 1 -16.12 15.14 -26.04
C GLU G 1 -17.58 14.95 -25.87
N THR G 2 -18.23 14.57 -26.99
CA THR G 2 -19.60 14.16 -27.02
C THR G 2 -19.65 12.84 -26.34
N SER G 3 -20.75 12.08 -26.49
CA SER G 3 -20.68 10.79 -25.87
C SER G 3 -19.83 9.94 -26.77
N GLU G 4 -19.32 8.82 -26.23
CA GLU G 4 -18.44 7.92 -26.94
C GLU G 4 -19.31 6.89 -27.55
N GLY G 5 -20.10 6.22 -26.69
CA GLY G 5 -20.98 5.18 -27.12
C GLY G 5 -22.13 5.84 -27.78
N SER G 6 -22.13 7.19 -27.77
CA SER G 6 -23.01 7.87 -28.66
C SER G 6 -22.46 7.60 -30.02
N SER G 7 -21.15 7.86 -30.15
CA SER G 7 -20.47 7.71 -31.39
C SER G 7 -20.69 6.32 -31.92
N ALA G 8 -20.35 5.29 -31.11
CA ALA G 8 -20.26 3.94 -31.58
C ALA G 8 -21.54 3.55 -32.23
N LEU G 9 -22.68 3.67 -31.51
CA LEU G 9 -23.97 3.35 -32.03
C LEU G 9 -24.12 4.02 -33.34
N ALA G 10 -23.89 5.35 -33.36
CA ALA G 10 -23.98 6.19 -34.52
C ALA G 10 -23.21 5.56 -35.64
N LYS G 11 -22.17 4.80 -35.31
CA LYS G 11 -21.24 4.29 -36.29
C LYS G 11 -21.94 3.19 -37.00
N ASN G 12 -22.71 2.42 -36.23
CA ASN G 12 -23.23 1.17 -36.67
C ASN G 12 -24.67 1.32 -37.09
N LEU G 13 -25.22 2.56 -37.13
CA LEU G 13 -26.59 2.68 -37.56
C LEU G 13 -26.65 2.64 -39.06
N THR G 14 -25.98 3.57 -39.74
CA THR G 14 -25.98 3.54 -41.18
C THR G 14 -24.82 2.62 -41.55
N PRO G 15 -25.04 1.37 -42.00
CA PRO G 15 -24.04 0.37 -41.79
C PRO G 15 -23.53 -0.03 -43.13
N ALA G 16 -22.24 0.25 -43.43
CA ALA G 16 -21.40 0.90 -42.48
C ALA G 16 -21.12 2.22 -43.10
N ARG G 17 -20.51 3.19 -42.42
CA ARG G 17 -19.94 4.16 -43.31
C ARG G 17 -18.46 3.98 -43.20
N LEU G 18 -18.06 2.71 -43.06
CA LEU G 18 -16.93 2.11 -43.71
C LEU G 18 -16.56 2.95 -44.92
N LYS G 19 -15.22 3.10 -45.17
CA LYS G 19 -14.69 3.94 -46.24
C LYS G 19 -14.73 3.18 -47.55
N ALA G 20 -15.13 3.87 -48.64
CA ALA G 20 -15.25 3.26 -49.94
C ALA G 20 -13.99 2.53 -50.29
N SER G 21 -14.16 1.41 -51.02
CA SER G 21 -13.08 0.53 -51.37
C SER G 21 -12.75 0.79 -52.81
N ARG G 22 -11.45 0.97 -53.13
CA ARG G 22 -11.08 1.29 -54.49
C ARG G 22 -11.16 0.03 -55.26
N ALA G 23 -12.19 -0.12 -56.09
CA ALA G 23 -12.30 -1.34 -56.81
C ALA G 23 -11.44 -1.21 -58.02
N GLY G 24 -10.13 -1.40 -57.85
CA GLY G 24 -9.19 -1.08 -58.89
C GLY G 24 -8.59 -2.35 -59.39
N VAL G 25 -8.18 -2.34 -60.67
CA VAL G 25 -7.84 -3.59 -61.26
C VAL G 25 -6.40 -3.88 -61.05
N MET G 26 -6.17 -5.11 -60.56
CA MET G 26 -4.89 -5.70 -60.75
C MET G 26 -4.70 -5.71 -62.23
N ALA G 27 -3.60 -5.09 -62.68
CA ALA G 27 -3.31 -5.00 -64.06
C ALA G 27 -3.31 -6.38 -64.62
N ASN G 28 -2.23 -7.14 -64.41
CA ASN G 28 -2.17 -8.44 -65.02
C ASN G 28 -2.14 -9.51 -63.98
N PRO G 29 -2.56 -10.64 -64.47
CA PRO G 29 -2.46 -11.92 -63.83
C PRO G 29 -1.02 -12.32 -63.89
N SER G 30 -0.31 -11.83 -64.91
CA SER G 30 1.07 -12.19 -64.95
C SER G 30 1.79 -11.06 -64.33
N LEU G 31 1.02 -10.10 -63.75
CA LEU G 31 1.52 -9.08 -62.88
C LEU G 31 1.24 -9.55 -61.50
N THR G 32 0.18 -10.36 -61.34
CA THR G 32 -0.08 -10.71 -59.97
C THR G 32 -0.71 -12.06 -59.92
N VAL G 33 -0.15 -12.92 -59.05
CA VAL G 33 -0.78 -14.16 -58.71
C VAL G 33 -1.51 -13.90 -57.45
N PRO G 34 -2.82 -13.94 -57.46
CA PRO G 34 -3.61 -13.60 -56.32
C PRO G 34 -3.56 -14.75 -55.38
N LYS G 35 -3.74 -14.50 -54.07
CA LYS G 35 -4.01 -15.56 -53.16
C LYS G 35 -5.44 -15.92 -53.36
N GLY G 36 -6.05 -16.48 -52.31
CA GLY G 36 -7.30 -17.17 -52.50
C GLY G 36 -6.91 -18.43 -53.17
N LYS G 37 -5.60 -18.71 -53.09
CA LYS G 37 -4.97 -19.76 -53.80
C LYS G 37 -4.61 -20.76 -52.78
N MET G 38 -4.27 -21.97 -53.23
CA MET G 38 -3.74 -22.93 -52.34
C MET G 38 -2.38 -23.22 -52.90
N ILE G 39 -1.37 -23.38 -52.04
CA ILE G 39 -0.12 -23.85 -52.54
C ILE G 39 -0.08 -25.29 -52.14
N PRO G 40 -0.46 -26.14 -53.05
CA PRO G 40 -0.80 -27.51 -52.74
C PRO G 40 0.46 -28.28 -52.60
N CYS G 41 1.15 -28.20 -51.46
CA CYS G 41 2.47 -28.76 -51.46
C CYS G 41 2.40 -30.19 -51.02
N GLY G 42 3.55 -30.71 -50.53
CA GLY G 42 3.63 -32.07 -50.13
C GLY G 42 4.69 -32.15 -49.07
N THR G 43 4.29 -32.55 -47.86
CA THR G 43 5.22 -32.46 -46.77
C THR G 43 6.10 -33.67 -46.82
N GLY G 44 7.38 -33.43 -46.43
CA GLY G 44 8.36 -34.45 -46.62
C GLY G 44 9.13 -34.60 -45.35
N THR G 45 8.51 -34.28 -44.19
CA THR G 45 9.16 -34.68 -42.99
C THR G 45 8.09 -35.12 -42.05
N GLU G 46 8.52 -35.78 -40.96
CA GLU G 46 7.61 -36.05 -39.90
C GLU G 46 7.37 -34.71 -39.27
N LEU G 47 6.25 -34.57 -38.54
CA LEU G 47 5.89 -33.31 -37.97
C LEU G 47 5.42 -33.58 -36.58
N ASP G 48 5.79 -32.69 -35.65
CA ASP G 48 5.50 -32.96 -34.29
C ASP G 48 5.61 -31.66 -33.58
N THR G 49 4.48 -31.00 -33.34
CA THR G 49 4.57 -29.72 -32.73
C THR G 49 4.76 -29.95 -31.26
N THR G 50 4.89 -31.25 -30.91
CA THR G 50 5.73 -31.72 -29.83
C THR G 50 6.90 -30.78 -29.77
N VAL G 51 7.77 -30.80 -30.79
CA VAL G 51 8.92 -29.97 -30.66
C VAL G 51 8.86 -28.87 -31.66
N PRO G 52 8.98 -27.66 -31.18
CA PRO G 52 9.01 -26.49 -32.00
C PRO G 52 10.07 -26.65 -33.02
N GLY G 53 10.06 -25.84 -34.10
CA GLY G 53 11.02 -26.14 -35.10
C GLY G 53 10.29 -26.58 -36.31
N GLN G 54 11.05 -26.95 -37.35
CA GLN G 54 10.65 -26.72 -38.69
C GLN G 54 10.07 -27.95 -39.28
N VAL G 55 9.13 -27.75 -40.23
CA VAL G 55 8.71 -28.79 -41.12
C VAL G 55 9.18 -28.37 -42.48
N SER G 56 9.09 -29.27 -43.49
CA SER G 56 9.44 -28.85 -44.81
C SER G 56 8.49 -29.52 -45.75
N CYS G 57 8.00 -28.73 -46.74
CA CYS G 57 7.24 -29.28 -47.83
C CYS G 57 7.89 -28.80 -49.09
N ARG G 58 7.44 -29.35 -50.22
CA ARG G 58 7.82 -28.86 -51.51
C ARG G 58 6.55 -28.84 -52.31
N VAL G 59 6.49 -28.02 -53.38
CA VAL G 59 5.22 -27.86 -54.02
C VAL G 59 4.81 -29.18 -54.58
N SER G 60 3.51 -29.35 -54.82
CA SER G 60 3.10 -30.50 -55.58
C SER G 60 2.90 -30.03 -56.98
N GLN G 61 1.63 -29.89 -57.41
CA GLN G 61 1.36 -29.42 -58.74
C GLN G 61 1.66 -27.95 -58.80
N ASP G 62 1.14 -27.27 -59.83
CA ASP G 62 1.60 -25.94 -60.16
C ASP G 62 0.75 -24.92 -59.49
N VAL G 63 1.32 -23.70 -59.35
CA VAL G 63 0.58 -22.55 -58.91
C VAL G 63 0.37 -21.70 -60.12
N TYR G 64 -0.69 -20.85 -60.13
CA TYR G 64 -1.06 -20.17 -61.33
C TYR G 64 -1.19 -18.69 -61.04
N SER G 65 -1.97 -17.98 -61.87
CA SER G 65 -2.03 -16.54 -61.82
C SER G 65 -3.43 -16.11 -61.48
N ALA G 66 -3.78 -14.86 -61.86
CA ALA G 66 -5.03 -14.30 -61.45
C ALA G 66 -6.08 -14.89 -62.32
N ASP G 67 -6.08 -14.52 -63.61
CA ASP G 67 -6.98 -15.12 -64.55
C ASP G 67 -6.80 -16.61 -64.44
N GLY G 68 -5.53 -17.05 -64.32
CA GLY G 68 -5.25 -18.45 -64.12
C GLY G 68 -4.85 -18.99 -65.43
N LEU G 69 -4.40 -18.09 -66.33
CA LEU G 69 -4.09 -18.50 -67.67
C LEU G 69 -2.63 -18.77 -67.79
N VAL G 70 -1.78 -18.20 -66.90
CA VAL G 70 -0.40 -18.53 -67.04
C VAL G 70 0.03 -19.39 -65.90
N ARG G 71 1.04 -20.24 -66.12
CA ARG G 71 1.57 -21.09 -65.10
C ARG G 71 2.91 -20.53 -64.77
N LEU G 72 2.99 -19.77 -63.67
CA LEU G 72 4.25 -19.17 -63.37
C LEU G 72 4.90 -19.99 -62.32
N ILE G 73 4.28 -20.04 -61.13
CA ILE G 73 4.91 -20.82 -60.11
C ILE G 73 4.74 -22.27 -60.49
N ASP G 74 5.86 -22.99 -60.61
CA ASP G 74 5.79 -24.38 -61.02
C ASP G 74 6.17 -25.23 -59.86
N LYS G 75 6.27 -26.55 -60.09
CA LYS G 75 6.46 -27.50 -59.04
C LYS G 75 7.88 -27.42 -58.58
N GLY G 76 8.23 -28.36 -57.71
CA GLY G 76 9.58 -28.48 -57.22
C GLY G 76 9.96 -27.17 -56.61
N SER G 77 9.00 -26.48 -55.98
CA SER G 77 9.38 -25.33 -55.23
C SER G 77 9.33 -25.71 -53.79
N TRP G 78 10.52 -25.99 -53.23
CA TRP G 78 10.61 -26.45 -51.87
C TRP G 78 10.25 -25.30 -50.97
N VAL G 79 9.43 -25.57 -49.92
CA VAL G 79 9.10 -24.58 -48.93
C VAL G 79 9.64 -25.07 -47.61
N ASP G 80 9.90 -24.14 -46.67
CA ASP G 80 10.31 -24.54 -45.35
C ASP G 80 9.60 -23.63 -44.40
N GLY G 81 9.45 -24.06 -43.13
CA GLY G 81 8.61 -23.30 -42.24
C GLY G 81 8.99 -23.60 -40.81
N GLN G 82 7.99 -23.60 -39.92
CA GLN G 82 8.27 -23.69 -38.52
C GLN G 82 6.98 -23.76 -37.75
N ILE G 83 6.95 -24.57 -36.65
CA ILE G 83 5.87 -24.68 -35.72
C ILE G 83 6.40 -24.13 -34.43
N THR G 84 6.01 -22.89 -34.05
CA THR G 84 6.66 -22.20 -32.96
C THR G 84 6.61 -23.04 -31.73
N GLY G 85 5.54 -23.85 -31.56
CA GLY G 85 5.54 -24.66 -30.38
C GLY G 85 4.18 -25.19 -30.13
N GLY G 86 4.10 -26.15 -29.18
CA GLY G 86 3.04 -27.11 -29.08
C GLY G 86 1.68 -26.48 -29.12
N ILE G 87 0.73 -27.24 -29.68
CA ILE G 87 -0.66 -26.89 -29.77
C ILE G 87 -1.17 -26.69 -28.39
N LYS G 88 -2.48 -26.43 -28.27
CA LYS G 88 -3.06 -26.40 -26.97
C LYS G 88 -3.70 -27.72 -26.72
N ASP G 89 -4.76 -27.72 -25.89
CA ASP G 89 -5.30 -28.90 -25.29
C ASP G 89 -6.27 -29.50 -26.25
N GLY G 90 -5.91 -30.67 -26.80
CA GLY G 90 -6.80 -31.42 -27.65
C GLY G 90 -7.06 -30.58 -28.86
N GLN G 91 -6.13 -29.65 -29.18
CA GLN G 91 -6.39 -28.84 -30.33
C GLN G 91 -6.34 -29.72 -31.53
N ALA G 92 -7.27 -29.50 -32.46
CA ALA G 92 -7.53 -30.37 -33.56
C ALA G 92 -6.25 -30.67 -34.24
N ARG G 93 -5.35 -29.68 -34.28
CA ARG G 93 -4.30 -29.76 -35.24
C ARG G 93 -3.33 -28.68 -34.91
N VAL G 94 -2.06 -28.89 -35.30
CA VAL G 94 -1.11 -27.84 -35.15
C VAL G 94 -1.41 -26.81 -36.19
N PHE G 95 -0.73 -25.67 -36.04
CA PHE G 95 -0.70 -24.53 -36.89
C PHE G 95 0.66 -24.58 -37.51
N VAL G 96 0.83 -24.00 -38.71
CA VAL G 96 2.07 -24.18 -39.42
C VAL G 96 2.41 -22.90 -40.09
N LEU G 97 3.70 -22.57 -40.10
CA LEU G 97 4.03 -21.33 -40.71
C LEU G 97 5.00 -21.63 -41.80
N TRP G 98 4.49 -21.68 -43.05
CA TRP G 98 5.41 -21.87 -44.14
C TRP G 98 6.01 -20.53 -44.38
N GLU G 99 7.35 -20.47 -44.29
CA GLU G 99 7.98 -19.22 -44.55
C GLU G 99 8.40 -19.25 -45.97
N ARG G 100 9.67 -19.63 -46.22
CA ARG G 100 10.09 -19.30 -47.54
C ARG G 100 9.77 -20.41 -48.47
N ILE G 101 9.14 -20.06 -49.60
CA ILE G 101 8.94 -20.97 -50.69
C ILE G 101 10.02 -20.71 -51.68
N ARG G 102 10.94 -21.67 -51.85
CA ARG G 102 12.01 -21.52 -52.79
C ARG G 102 11.73 -22.45 -53.93
N ASN G 103 12.28 -22.12 -55.12
CA ASN G 103 12.11 -22.88 -56.32
C ASN G 103 13.38 -23.64 -56.54
N ASP G 104 13.40 -24.61 -57.48
CA ASP G 104 14.42 -25.62 -57.49
C ASP G 104 15.48 -25.26 -58.48
N GLN G 105 15.16 -25.45 -59.77
CA GLN G 105 16.11 -25.28 -60.83
C GLN G 105 16.41 -23.83 -60.92
N ASP G 106 15.36 -23.06 -61.24
CA ASP G 106 15.39 -21.64 -61.41
C ASP G 106 16.07 -21.00 -60.26
N GLY G 107 15.28 -20.70 -59.22
CA GLY G 107 15.68 -19.96 -58.07
C GLY G 107 14.42 -19.74 -57.31
N THR G 108 13.77 -18.59 -57.55
CA THR G 108 12.42 -18.32 -57.15
C THR G 108 12.24 -18.69 -55.72
N ILE G 109 12.93 -17.96 -54.84
CA ILE G 109 12.66 -17.97 -53.44
C ILE G 109 11.58 -16.97 -53.23
N VAL G 110 11.03 -16.93 -52.01
CA VAL G 110 10.12 -15.87 -51.73
C VAL G 110 9.67 -16.08 -50.32
N ASN G 111 9.93 -15.10 -49.45
CA ASN G 111 9.52 -15.28 -48.10
C ASN G 111 8.03 -15.09 -48.12
N ILE G 112 7.24 -16.18 -47.95
CA ILE G 112 5.83 -16.05 -48.20
C ILE G 112 5.11 -15.76 -46.92
N ASP G 113 5.55 -16.36 -45.80
CA ASP G 113 5.06 -15.96 -44.51
C ASP G 113 3.59 -16.23 -44.43
N SER G 114 3.16 -17.42 -44.90
CA SER G 114 1.77 -17.75 -44.85
C SER G 114 1.60 -18.93 -43.96
N ALA G 115 0.35 -19.20 -43.54
CA ALA G 115 0.20 -20.41 -42.79
C ALA G 115 -0.08 -21.49 -43.78
N GLY G 116 0.06 -22.76 -43.34
CA GLY G 116 -0.30 -23.86 -44.18
C GLY G 116 -1.72 -24.15 -43.86
N THR G 117 -2.35 -25.10 -44.56
CA THR G 117 -3.73 -25.36 -44.28
C THR G 117 -3.91 -26.82 -44.38
N ASN G 118 -5.08 -27.28 -44.86
CA ASN G 118 -5.30 -28.69 -44.92
C ASN G 118 -5.66 -29.03 -46.33
N SER G 119 -5.85 -30.33 -46.60
CA SER G 119 -6.36 -30.73 -47.87
C SER G 119 -7.64 -29.98 -48.01
N LEU G 120 -8.47 -30.06 -46.95
CA LEU G 120 -9.76 -29.42 -46.87
C LEU G 120 -9.56 -27.95 -47.05
N GLY G 121 -8.41 -27.42 -46.61
CA GLY G 121 -8.13 -26.03 -46.84
C GLY G 121 -8.09 -25.33 -45.54
N SER G 122 -8.57 -25.99 -44.47
CA SER G 122 -8.68 -25.28 -43.22
C SER G 122 -7.29 -25.10 -42.66
N ALA G 123 -7.10 -24.00 -41.91
CA ALA G 123 -5.78 -23.51 -41.67
C ALA G 123 -5.10 -24.35 -40.66
N GLY G 124 -3.87 -24.78 -41.00
CA GLY G 124 -3.06 -25.50 -40.07
C GLY G 124 -3.12 -26.93 -40.45
N ILE G 125 -1.96 -27.61 -40.53
CA ILE G 125 -2.05 -28.98 -40.92
C ILE G 125 -2.19 -29.81 -39.70
N PRO G 126 -3.13 -30.68 -39.83
CA PRO G 126 -3.74 -31.34 -38.71
C PRO G 126 -2.81 -32.36 -38.18
N GLY G 127 -3.21 -33.10 -37.12
CA GLY G 127 -2.39 -34.16 -36.65
C GLY G 127 -3.09 -34.91 -35.56
N GLN G 128 -2.30 -35.44 -34.59
CA GLN G 128 -2.82 -36.28 -33.55
C GLN G 128 -2.37 -35.71 -32.24
N VAL G 129 -3.03 -36.13 -31.16
CA VAL G 129 -2.81 -35.46 -29.92
C VAL G 129 -2.06 -36.37 -29.00
N ASP G 130 -0.88 -35.90 -28.54
CA ASP G 130 -0.32 -36.47 -27.37
C ASP G 130 -0.78 -35.56 -26.30
N ALA G 131 -1.62 -36.09 -25.38
CA ALA G 131 -2.20 -35.29 -24.36
C ALA G 131 -1.13 -35.07 -23.37
N HIS G 132 -0.41 -36.15 -23.03
CA HIS G 132 0.61 -36.08 -22.02
C HIS G 132 -0.10 -35.90 -20.71
N MET G 133 -1.35 -36.38 -20.63
CA MET G 133 -2.07 -36.17 -19.42
C MET G 133 -1.31 -36.84 -18.32
N TRP G 134 -0.46 -37.82 -18.69
CA TRP G 134 0.30 -38.57 -17.74
C TRP G 134 1.17 -37.63 -16.96
N GLU G 135 2.16 -37.01 -17.62
CA GLU G 135 3.16 -36.30 -16.91
C GLU G 135 2.51 -35.21 -16.10
N ARG G 136 1.40 -34.66 -16.58
CA ARG G 136 0.74 -33.60 -15.88
C ARG G 136 0.03 -34.15 -14.70
N LEU G 137 -0.27 -35.46 -14.73
CA LEU G 137 -1.08 -36.01 -13.67
C LEU G 137 -0.21 -36.71 -12.67
N ARG G 138 0.92 -37.29 -13.09
CA ARG G 138 1.68 -38.16 -12.22
C ARG G 138 2.05 -37.42 -10.97
N GLY G 139 2.02 -36.08 -11.00
CA GLY G 139 2.47 -35.30 -9.87
C GLY G 139 1.61 -35.63 -8.69
N ALA G 140 0.42 -35.02 -8.62
CA ALA G 140 -0.39 -35.13 -7.46
C ALA G 140 -0.74 -36.57 -7.25
N ILE G 141 -0.53 -37.41 -8.26
CA ILE G 141 -1.01 -38.74 -8.13
C ILE G 141 -0.05 -39.57 -7.33
N MET G 142 1.24 -39.22 -7.32
CA MET G 142 2.05 -39.99 -6.43
C MET G 142 1.75 -39.47 -5.05
N ILE G 143 1.99 -38.16 -4.84
CA ILE G 143 1.81 -37.49 -3.59
C ILE G 143 0.51 -37.89 -2.96
N SER G 144 -0.57 -37.92 -3.75
CA SER G 144 -1.87 -38.00 -3.15
C SER G 144 -2.10 -39.40 -2.68
N LEU G 145 -1.41 -40.39 -3.29
CA LEU G 145 -1.55 -41.74 -2.87
C LEU G 145 -0.94 -41.82 -1.50
N PHE G 146 -0.10 -40.82 -1.16
CA PHE G 146 0.52 -40.89 0.13
C PHE G 146 -0.44 -40.34 1.13
N SER G 147 -1.05 -39.18 0.83
CA SER G 147 -2.02 -38.63 1.73
C SER G 147 -3.11 -39.63 1.88
N ASP G 148 -3.32 -40.46 0.84
CA ASP G 148 -4.29 -41.53 0.88
C ASP G 148 -3.81 -42.56 1.85
N THR G 149 -2.50 -42.83 1.86
CA THR G 149 -1.99 -43.90 2.67
C THR G 149 -1.83 -43.44 4.08
N LEU G 150 -2.25 -42.19 4.39
CA LEU G 150 -2.24 -41.84 5.77
C LEU G 150 -3.24 -42.75 6.43
N THR G 151 -4.22 -43.23 5.64
CA THR G 151 -5.26 -44.02 6.21
C THR G 151 -4.92 -45.49 6.10
N ALA G 152 -4.79 -46.02 4.87
CA ALA G 152 -4.43 -47.41 4.72
C ALA G 152 -2.97 -47.57 5.13
N LEU G 153 -2.48 -48.72 5.04
N GLN G 173 -4.15 -26.73 -0.73
CA GLN G 173 -4.42 -26.66 -2.18
C GLN G 173 -3.51 -27.58 -2.92
N LEU G 174 -4.01 -28.76 -3.31
CA LEU G 174 -3.19 -29.71 -4.02
C LEU G 174 -3.98 -30.06 -5.24
N ALA G 175 -5.32 -30.09 -5.12
CA ALA G 175 -6.15 -30.28 -6.27
C ALA G 175 -6.10 -29.02 -7.05
N SER G 176 -6.38 -27.89 -6.38
CA SER G 176 -6.31 -26.62 -7.03
C SER G 176 -4.92 -26.43 -7.52
N GLU G 177 -3.91 -26.69 -6.67
CA GLU G 177 -2.55 -26.48 -7.09
C GLU G 177 -2.20 -27.44 -8.20
N ALA G 178 -2.87 -28.61 -8.23
CA ALA G 178 -2.53 -29.60 -9.21
C ALA G 178 -3.01 -29.16 -10.53
N LEU G 179 -4.02 -28.27 -10.55
CA LEU G 179 -4.56 -27.81 -11.78
C LEU G 179 -3.64 -26.75 -12.33
N ARG G 180 -3.07 -25.93 -11.43
CA ARG G 180 -2.11 -24.95 -11.84
C ARG G 180 -0.91 -25.66 -12.35
N SER G 181 -0.60 -26.84 -11.79
CA SER G 181 0.45 -27.61 -12.40
C SER G 181 0.02 -27.92 -13.80
N TYR G 182 -1.09 -28.69 -13.93
CA TYR G 182 -1.54 -29.31 -15.14
C TYR G 182 -1.43 -28.37 -16.30
N MET G 183 -2.08 -27.18 -16.25
CA MET G 183 -2.17 -26.42 -17.47
C MET G 183 -0.80 -26.01 -17.93
N SER G 184 0.18 -25.97 -17.00
CA SER G 184 1.51 -25.52 -17.29
C SER G 184 2.01 -26.18 -18.53
N ILE G 185 2.09 -27.53 -18.53
CA ILE G 185 2.73 -28.15 -19.65
C ILE G 185 1.73 -28.30 -20.76
N PRO G 186 2.13 -27.86 -21.91
CA PRO G 186 1.39 -28.10 -23.13
C PRO G 186 1.33 -29.56 -23.39
N PRO G 187 0.42 -29.93 -24.24
CA PRO G 187 0.30 -31.22 -24.86
C PRO G 187 1.39 -31.40 -25.87
N THR G 188 1.09 -32.08 -27.01
CA THR G 188 1.87 -31.96 -28.21
C THR G 188 0.98 -32.40 -29.34
N LEU G 189 1.52 -32.36 -30.59
CA LEU G 189 0.79 -32.91 -31.69
C LEU G 189 1.67 -33.92 -32.38
N TYR G 190 1.67 -33.88 -33.74
CA TYR G 190 2.10 -34.95 -34.60
C TYR G 190 1.32 -34.72 -35.87
N ASP G 191 1.92 -34.91 -37.07
CA ASP G 191 1.22 -35.09 -38.32
C ASP G 191 2.17 -35.90 -39.15
N GLN G 192 1.67 -36.82 -40.00
CA GLN G 192 2.59 -37.80 -40.48
C GLN G 192 3.39 -37.18 -41.58
N GLN G 193 4.28 -37.97 -42.20
CA GLN G 193 5.12 -37.45 -43.22
C GLN G 193 4.47 -37.76 -44.52
N GLY G 194 4.83 -36.98 -45.55
CA GLY G 194 4.13 -37.07 -46.79
C GLY G 194 2.68 -36.90 -46.50
N ASP G 195 2.27 -35.68 -46.08
CA ASP G 195 0.87 -35.41 -46.02
C ASP G 195 0.56 -34.51 -47.16
N ALA G 196 -0.58 -34.73 -47.83
CA ALA G 196 -0.93 -33.81 -48.86
C ALA G 196 -1.30 -32.56 -48.15
N VAL G 197 -0.74 -31.42 -48.58
CA VAL G 197 -1.21 -30.25 -47.92
C VAL G 197 -1.16 -29.11 -48.86
N SER G 198 -1.48 -27.92 -48.33
CA SER G 198 -1.58 -26.77 -49.17
C SER G 198 -1.19 -25.58 -48.36
N ILE G 199 -0.99 -24.42 -49.01
CA ILE G 199 -0.75 -23.22 -48.25
C ILE G 199 -1.79 -22.24 -48.63
N PHE G 200 -2.40 -21.59 -47.64
CA PHE G 200 -3.12 -20.39 -47.95
C PHE G 200 -2.08 -19.31 -48.06
N VAL G 201 -1.33 -19.27 -49.18
CA VAL G 201 -0.43 -18.17 -49.35
C VAL G 201 -1.26 -16.95 -49.30
N ALA G 202 -1.13 -16.19 -48.20
CA ALA G 202 -2.02 -15.11 -47.95
C ALA G 202 -1.48 -13.88 -48.61
N ARG G 203 -1.18 -13.95 -49.92
CA ARG G 203 -0.75 -12.75 -50.57
C ARG G 203 -0.62 -12.93 -52.04
N ASP G 204 0.26 -12.10 -52.64
CA ASP G 204 0.37 -11.94 -54.07
C ASP G 204 1.78 -12.06 -54.45
N LEU G 205 2.00 -12.84 -55.52
CA LEU G 205 3.29 -13.06 -56.02
C LEU G 205 3.37 -12.35 -57.33
N ASP G 206 4.49 -11.66 -57.58
CA ASP G 206 4.71 -11.17 -58.90
C ASP G 206 5.66 -12.11 -59.53
N PHE G 207 5.26 -12.73 -60.66
CA PHE G 207 6.29 -13.18 -61.53
C PHE G 207 6.10 -12.40 -62.78
N SER G 208 5.85 -11.07 -62.70
CA SER G 208 5.84 -10.34 -63.94
C SER G 208 7.18 -9.74 -64.10
N GLY G 209 8.21 -10.37 -63.55
CA GLY G 209 9.55 -9.93 -63.78
C GLY G 209 10.36 -11.15 -64.09
N VAL G 210 9.69 -12.32 -64.23
CA VAL G 210 10.19 -13.48 -64.94
C VAL G 210 9.17 -13.58 -66.05
N TYR G 211 8.80 -14.80 -66.55
CA TYR G 211 7.64 -15.13 -67.36
C TYR G 211 7.00 -14.02 -68.12
N THR G 212 6.93 -14.11 -69.47
CA THR G 212 6.09 -13.24 -70.26
C THR G 212 5.71 -14.02 -71.51
N LEU G 213 5.44 -13.42 -72.70
CA LEU G 213 4.89 -14.35 -73.67
C LEU G 213 5.98 -14.95 -74.51
N ALA G 214 5.66 -16.04 -75.27
CA ALA G 214 4.62 -15.99 -76.26
C ALA G 214 4.55 -17.28 -77.12
N ASP G 215 4.46 -17.15 -78.47
CA ASP G 215 4.12 -18.30 -79.28
C ASP G 215 5.37 -18.88 -79.93
N ASN G 216 5.23 -19.86 -80.88
CA ASN G 216 4.44 -21.02 -80.58
C ASN G 216 5.24 -21.92 -79.66
N ALA H 1 6.71 -7.09 -77.58
CA ALA H 1 6.19 -5.72 -77.84
C ALA H 1 4.79 -5.62 -77.35
N ALA H 2 4.17 -4.42 -77.51
CA ALA H 2 2.83 -4.23 -77.05
C ALA H 2 1.94 -5.06 -77.93
N ASP H 3 2.22 -5.08 -79.24
CA ASP H 3 1.34 -5.74 -80.16
C ASP H 3 1.76 -7.15 -80.30
N LYS H 4 3.03 -7.46 -79.95
CA LYS H 4 3.54 -8.79 -80.02
C LYS H 4 2.84 -9.59 -78.97
N LYS H 5 2.64 -8.99 -77.79
CA LYS H 5 2.06 -9.70 -76.68
C LYS H 5 0.67 -10.09 -77.10
N ARG H 6 -0.09 -9.08 -77.52
CA ARG H 6 -1.50 -9.16 -77.72
C ARG H 6 -1.84 -10.40 -78.49
N ILE H 7 -1.47 -10.41 -79.78
CA ILE H 7 -1.60 -11.50 -80.70
C ILE H 7 -1.37 -12.79 -79.96
N THR H 8 -0.29 -12.85 -79.16
CA THR H 8 0.06 -14.08 -78.52
C THR H 8 -0.98 -14.45 -77.52
N GLN H 9 -1.41 -13.49 -76.69
CA GLN H 9 -2.30 -13.74 -75.61
C GLN H 9 -3.55 -14.36 -76.13
N LYS H 10 -4.05 -13.86 -77.29
CA LYS H 10 -5.22 -14.48 -77.87
C LYS H 10 -4.90 -15.90 -78.14
N LEU H 11 -3.68 -16.15 -78.64
CA LEU H 11 -3.27 -17.48 -79.00
C LEU H 11 -3.43 -18.33 -77.79
N LYS H 12 -3.34 -17.72 -76.60
CA LYS H 12 -3.19 -18.44 -75.35
C LYS H 12 -4.53 -18.76 -74.81
N GLN H 13 -5.55 -17.95 -75.16
CA GLN H 13 -6.88 -18.22 -74.72
C GLN H 13 -7.26 -19.56 -75.25
N THR H 14 -6.90 -19.85 -76.51
CA THR H 14 -7.45 -21.03 -77.06
C THR H 14 -6.45 -22.15 -76.96
N ALA H 15 -6.61 -23.03 -75.95
CA ALA H 15 -5.67 -24.10 -75.86
C ALA H 15 -6.36 -25.20 -75.14
N PHE H 16 -7.67 -25.06 -74.96
CA PHE H 16 -8.47 -26.12 -74.43
C PHE H 16 -8.58 -27.14 -75.51
N ALA H 17 -7.44 -27.83 -75.79
CA ALA H 17 -7.33 -28.64 -76.97
C ALA H 17 -6.58 -29.88 -76.60
N GLY H 18 -5.74 -30.35 -77.55
CA GLY H 18 -5.22 -31.67 -77.43
C GLY H 18 -6.35 -32.59 -77.75
N ALA H 19 -6.14 -33.90 -77.55
CA ALA H 19 -7.21 -34.81 -77.77
C ALA H 19 -8.00 -34.91 -76.51
N LYS H 20 -9.25 -34.42 -76.56
CA LYS H 20 -10.01 -34.43 -75.35
C LYS H 20 -10.42 -35.82 -75.04
N ASN H 21 -10.93 -35.96 -73.81
CA ASN H 21 -11.67 -37.06 -73.30
C ASN H 21 -13.07 -36.61 -73.51
N TYR H 22 -13.93 -37.37 -74.17
CA TYR H 22 -15.18 -36.71 -74.41
C TYR H 22 -16.12 -37.07 -73.29
N GLN H 23 -16.04 -38.31 -72.79
CA GLN H 23 -17.01 -38.76 -71.85
C GLN H 23 -16.62 -38.30 -70.48
N TYR H 24 -17.46 -37.44 -69.88
CA TYR H 24 -17.51 -37.36 -68.46
C TYR H 24 -18.81 -38.03 -68.10
N VAL H 25 -18.80 -38.87 -67.05
CA VAL H 25 -20.06 -39.34 -66.54
C VAL H 25 -20.28 -38.56 -65.29
N MET H 26 -21.54 -38.39 -64.87
CA MET H 26 -21.76 -37.68 -63.64
C MET H 26 -22.50 -38.61 -62.74
N SER H 27 -23.02 -38.07 -61.61
CA SER H 27 -23.90 -38.83 -60.79
C SER H 27 -25.25 -38.66 -61.41
N GLU H 28 -26.30 -38.61 -60.57
CA GLU H 28 -27.59 -38.20 -61.04
C GLU H 28 -28.48 -38.25 -59.85
N GLN H 29 -28.88 -37.07 -59.35
CA GLN H 29 -29.89 -37.05 -58.35
C GLN H 29 -30.92 -36.08 -58.83
N PRO H 30 -32.12 -36.25 -58.38
CA PRO H 30 -33.21 -35.49 -58.90
C PRO H 30 -32.98 -34.06 -58.53
N GLU H 31 -32.13 -33.79 -57.54
CA GLU H 31 -31.86 -32.46 -57.13
C GLU H 31 -30.69 -31.99 -57.93
N MET H 32 -29.67 -32.85 -58.05
CA MET H 32 -28.52 -32.53 -58.83
C MET H 32 -28.98 -32.13 -60.19
N ARG H 33 -29.44 -33.14 -60.98
CA ARG H 33 -29.83 -33.10 -62.38
C ARG H 33 -30.15 -31.71 -62.82
N SER H 34 -31.07 -31.07 -62.06
CA SER H 34 -31.55 -29.75 -62.32
C SER H 34 -30.41 -28.85 -62.65
N ILE H 35 -29.60 -28.50 -61.64
CA ILE H 35 -28.65 -27.44 -61.84
C ILE H 35 -27.39 -28.02 -62.39
N GLN H 36 -27.51 -28.94 -63.37
CA GLN H 36 -26.33 -29.53 -63.93
C GLN H 36 -25.75 -28.60 -64.93
N PRO H 37 -24.58 -28.98 -65.35
CA PRO H 37 -23.81 -28.27 -66.34
C PRO H 37 -24.44 -28.23 -67.69
N VAL H 38 -23.74 -27.59 -68.65
CA VAL H 38 -24.02 -27.79 -70.04
C VAL H 38 -23.03 -28.83 -70.49
N HIS H 39 -21.79 -28.39 -70.80
CA HIS H 39 -20.78 -29.31 -71.22
C HIS H 39 -19.69 -29.31 -70.22
N VAL H 40 -19.11 -30.51 -69.96
CA VAL H 40 -18.00 -30.63 -69.08
C VAL H 40 -17.00 -31.47 -69.78
N TRP H 41 -15.77 -30.96 -69.98
CA TRP H 41 -14.87 -31.83 -70.67
C TRP H 41 -13.47 -31.60 -70.21
N ASP H 42 -12.53 -32.42 -70.71
CA ASP H 42 -11.16 -32.26 -70.29
C ASP H 42 -10.29 -32.70 -71.42
N ASN H 43 -9.01 -32.27 -71.37
CA ASN H 43 -7.97 -32.82 -72.18
C ASN H 43 -6.90 -33.20 -71.20
N TYR H 44 -6.93 -32.49 -70.06
CA TYR H 44 -5.91 -32.55 -69.07
C TYR H 44 -6.64 -32.64 -67.76
N ARG H 45 -6.09 -31.94 -66.74
CA ARG H 45 -6.77 -31.69 -65.50
C ARG H 45 -7.37 -30.35 -65.70
N PHE H 46 -6.80 -29.60 -66.66
CA PHE H 46 -7.36 -28.37 -67.11
C PHE H 46 -8.70 -28.71 -67.66
N THR H 47 -9.73 -28.60 -66.81
CA THR H 47 -11.01 -29.16 -67.12
C THR H 47 -12.00 -28.04 -67.19
N ARG H 48 -12.94 -28.09 -68.16
CA ARG H 48 -13.91 -27.05 -68.20
C ARG H 48 -15.26 -27.62 -67.90
N PHE H 49 -16.05 -26.85 -67.13
CA PHE H 49 -17.39 -27.18 -66.75
C PHE H 49 -18.21 -25.99 -67.13
N GLU H 50 -18.88 -26.00 -68.31
CA GLU H 50 -19.63 -24.84 -68.69
C GLU H 50 -20.91 -24.86 -67.95
N PHE H 51 -21.52 -23.65 -67.81
CA PHE H 51 -22.76 -23.55 -67.11
C PHE H 51 -23.69 -22.75 -67.96
N PRO H 52 -24.94 -23.04 -67.77
CA PRO H 52 -26.00 -22.26 -68.34
C PRO H 52 -26.20 -21.06 -67.47
N ALA H 53 -26.93 -20.06 -68.00
CA ALA H 53 -27.29 -18.91 -67.23
C ALA H 53 -27.90 -19.40 -65.96
N ASN H 54 -28.98 -20.18 -66.11
CA ASN H 54 -29.86 -20.57 -65.07
C ASN H 54 -29.38 -21.90 -64.56
N ALA H 55 -28.10 -21.99 -64.16
CA ALA H 55 -27.67 -23.15 -63.43
C ALA H 55 -26.77 -22.65 -62.34
N GLU H 56 -26.98 -23.12 -61.10
CA GLU H 56 -26.40 -22.44 -59.98
C GLU H 56 -24.92 -22.51 -60.07
N LEU H 57 -24.24 -21.93 -59.06
CA LEU H 57 -22.82 -22.10 -59.00
C LEU H 57 -22.52 -22.97 -57.84
N PRO H 58 -22.31 -24.19 -58.22
CA PRO H 58 -21.78 -25.21 -57.36
C PRO H 58 -20.48 -24.76 -56.78
N GLN H 59 -19.91 -25.58 -55.88
CA GLN H 59 -18.51 -25.46 -55.60
C GLN H 59 -17.98 -26.85 -55.78
N VAL H 60 -16.92 -27.00 -56.59
CA VAL H 60 -16.49 -28.32 -56.94
C VAL H 60 -15.13 -28.51 -56.37
N TYR H 61 -14.71 -29.76 -56.16
CA TYR H 61 -13.41 -30.05 -55.64
C TYR H 61 -12.88 -31.21 -56.40
N MET H 62 -11.61 -31.59 -56.12
CA MET H 62 -10.99 -32.66 -56.85
C MET H 62 -10.80 -33.78 -55.89
N ILE H 63 -10.75 -35.02 -56.41
CA ILE H 63 -10.38 -36.13 -55.59
C ILE H 63 -9.00 -36.53 -55.99
N SER H 64 -8.01 -36.19 -55.14
CA SER H 64 -6.68 -36.56 -55.50
C SER H 64 -6.63 -38.04 -55.40
N ALA H 65 -5.48 -38.61 -55.80
CA ALA H 65 -5.30 -40.02 -55.82
C ALA H 65 -5.36 -40.51 -54.41
N SER H 66 -5.17 -39.62 -53.44
CA SER H 66 -5.20 -40.08 -52.08
C SER H 66 -6.57 -40.61 -51.83
N GLY H 67 -7.57 -40.13 -52.61
CA GLY H 67 -8.89 -40.65 -52.49
C GLY H 67 -9.65 -39.75 -51.57
N LYS H 68 -8.95 -39.20 -50.56
CA LYS H 68 -9.49 -38.20 -49.71
C LYS H 68 -9.70 -37.00 -50.58
N GLU H 69 -10.42 -35.99 -50.08
CA GLU H 69 -10.77 -34.92 -50.96
C GLU H 69 -9.73 -33.86 -50.86
N THR H 70 -9.84 -32.86 -51.75
CA THR H 70 -8.95 -31.74 -51.71
C THR H 70 -9.70 -30.63 -52.35
N LEU H 71 -9.20 -29.39 -52.27
CA LEU H 71 -9.86 -28.40 -53.05
C LEU H 71 -8.91 -27.94 -54.10
N PRO H 72 -9.47 -27.82 -55.28
CA PRO H 72 -8.74 -27.51 -56.46
C PRO H 72 -8.49 -26.04 -56.43
N ASN H 73 -7.47 -25.57 -57.16
CA ASN H 73 -7.36 -24.17 -57.40
C ASN H 73 -8.05 -23.95 -58.70
N SER H 74 -9.22 -23.29 -58.65
CA SER H 74 -9.95 -23.22 -59.87
C SER H 74 -10.12 -21.81 -60.23
N HIS H 75 -10.77 -21.60 -61.39
CA HIS H 75 -11.16 -20.29 -61.79
C HIS H 75 -12.27 -20.55 -62.74
N VAL H 76 -13.07 -19.51 -63.06
CA VAL H 76 -13.99 -19.75 -64.11
C VAL H 76 -13.51 -18.91 -65.24
N VAL H 77 -13.89 -19.24 -66.49
CA VAL H 77 -13.42 -18.42 -67.55
C VAL H 77 -14.45 -18.43 -68.60
N GLY H 78 -14.32 -17.53 -69.59
CA GLY H 78 -15.21 -17.60 -70.70
C GLY H 78 -15.79 -16.24 -70.90
N GLU H 79 -16.11 -15.94 -72.16
CA GLU H 79 -17.00 -14.85 -72.45
C GLU H 79 -18.26 -15.21 -71.75
N ASN H 80 -18.72 -16.44 -72.02
CA ASN H 80 -19.75 -17.08 -71.27
C ASN H 80 -19.36 -16.91 -69.83
N ARG H 81 -18.09 -17.23 -69.51
CA ARG H 81 -17.55 -16.91 -68.21
C ARG H 81 -18.11 -17.88 -67.21
N ASN H 82 -19.09 -18.68 -67.66
CA ASN H 82 -19.80 -19.57 -66.81
C ASN H 82 -18.90 -20.73 -66.48
N ILE H 83 -18.10 -21.18 -67.46
CA ILE H 83 -17.36 -22.38 -67.27
C ILE H 83 -16.36 -22.18 -66.17
N ILE H 84 -16.01 -23.28 -65.49
CA ILE H 84 -15.02 -23.25 -64.44
C ILE H 84 -13.86 -24.05 -64.93
N GLU H 85 -12.70 -23.40 -65.15
CA GLU H 85 -11.51 -24.13 -65.54
C GLU H 85 -10.77 -24.39 -64.27
N VAL H 86 -10.43 -25.68 -64.04
CA VAL H 86 -9.78 -26.06 -62.81
C VAL H 86 -8.41 -26.51 -63.20
N GLU H 87 -7.40 -26.23 -62.37
CA GLU H 87 -6.07 -26.57 -62.79
C GLU H 87 -5.42 -27.40 -61.71
N THR H 88 -6.02 -28.59 -61.41
CA THR H 88 -5.47 -29.54 -60.47
C THR H 88 -5.86 -30.92 -60.94
N VAL H 89 -4.96 -31.91 -60.70
CA VAL H 89 -5.16 -33.31 -61.03
C VAL H 89 -6.37 -33.84 -60.31
N ALA H 90 -7.06 -34.82 -60.93
CA ALA H 90 -8.03 -35.64 -60.26
C ALA H 90 -8.90 -36.27 -61.31
N LYS H 91 -9.32 -37.53 -61.09
CA LYS H 91 -10.22 -38.14 -62.03
C LYS H 91 -11.57 -37.61 -61.71
N GLU H 92 -12.08 -37.96 -60.51
CA GLU H 92 -13.39 -37.54 -60.14
C GLU H 92 -13.37 -36.09 -59.83
N TRP H 93 -14.55 -35.59 -59.42
CA TRP H 93 -14.68 -34.25 -58.99
C TRP H 93 -15.94 -34.21 -58.21
N ARG H 94 -15.92 -33.56 -57.03
CA ARG H 94 -17.18 -33.40 -56.39
C ARG H 94 -17.71 -32.09 -56.83
N ILE H 95 -18.96 -31.79 -56.46
CA ILE H 95 -19.55 -30.57 -56.93
C ILE H 95 -20.60 -30.19 -55.94
N ARG H 96 -20.16 -30.02 -54.67
CA ARG H 96 -20.99 -29.76 -53.53
C ARG H 96 -21.63 -28.42 -53.72
N LEU H 97 -22.51 -28.06 -52.77
CA LEU H 97 -23.16 -26.78 -52.78
C LEU H 97 -24.22 -26.82 -51.73
N GLY H 98 -23.82 -26.79 -50.44
CA GLY H 98 -24.79 -26.94 -49.39
C GLY H 98 -25.10 -28.40 -49.33
N ASP H 99 -26.38 -28.73 -49.09
CA ASP H 99 -26.85 -30.08 -48.99
C ASP H 99 -26.33 -30.85 -50.17
N LYS H 100 -26.80 -30.42 -51.34
CA LYS H 100 -26.60 -31.06 -52.60
C LYS H 100 -25.15 -31.42 -52.78
N VAL H 101 -24.85 -32.49 -53.55
CA VAL H 101 -23.46 -32.85 -53.80
C VAL H 101 -23.35 -33.79 -54.99
N VAL H 102 -23.04 -33.23 -56.19
CA VAL H 102 -22.84 -34.00 -57.40
C VAL H 102 -21.47 -34.58 -57.35
N GLY H 103 -20.95 -35.07 -58.49
CA GLY H 103 -19.61 -35.57 -58.45
C GLY H 103 -19.25 -36.15 -59.77
N VAL H 104 -19.12 -35.28 -60.79
CA VAL H 104 -18.79 -35.73 -62.11
C VAL H 104 -17.56 -36.54 -62.02
N ARG H 105 -17.54 -37.61 -62.82
CA ARG H 105 -16.38 -38.43 -62.89
C ARG H 105 -15.73 -38.09 -64.18
N ASN H 106 -14.39 -37.96 -64.18
CA ASN H 106 -13.75 -37.84 -65.45
C ASN H 106 -13.48 -39.25 -65.85
N ASN H 107 -13.27 -39.53 -67.15
CA ASN H 107 -13.06 -40.92 -67.43
C ASN H 107 -12.03 -41.04 -68.49
N ASN H 108 -10.75 -40.98 -68.10
CA ASN H 108 -9.73 -41.39 -69.02
C ASN H 108 -8.56 -41.84 -68.20
N PHE H 109 -7.78 -42.75 -68.78
CA PHE H 109 -6.51 -43.11 -68.21
C PHE H 109 -5.68 -43.54 -69.37
N ALA H 110 -4.78 -42.65 -69.84
CA ALA H 110 -3.69 -43.13 -70.61
C ALA H 110 -2.55 -43.19 -69.65
N PRO H 111 -2.32 -44.30 -69.01
CA PRO H 111 -1.56 -44.21 -67.81
C PRO H 111 -0.13 -44.21 -68.21
N GLY H 112 0.77 -43.73 -67.33
CA GLY H 112 2.18 -43.93 -67.54
C GLY H 112 2.64 -43.05 -68.66
N ARG H 113 1.72 -42.34 -69.34
CA ARG H 113 2.18 -41.44 -70.36
C ARG H 113 1.37 -40.20 -70.24
N GLY H 114 1.88 -39.09 -70.80
CA GLY H 114 1.13 -37.87 -70.88
C GLY H 114 2.07 -36.74 -70.68
N ALA H 115 3.02 -36.92 -69.75
CA ALA H 115 3.87 -35.84 -69.31
C ALA H 115 4.64 -35.35 -70.47
N VAL H 116 4.81 -34.02 -70.55
CA VAL H 116 5.77 -33.42 -71.41
C VAL H 116 6.21 -32.19 -70.70
N ALA H 117 6.60 -31.14 -71.44
CA ALA H 117 6.88 -29.90 -70.77
C ALA H 117 6.12 -28.85 -71.53
N THR H 118 4.98 -28.42 -70.95
CA THR H 118 4.20 -27.38 -71.54
C THR H 118 5.10 -26.22 -71.74
N GLY H 119 5.55 -25.61 -70.64
CA GLY H 119 6.52 -24.57 -70.79
C GLY H 119 5.83 -23.28 -70.51
N THR H 120 4.52 -23.36 -70.29
CA THR H 120 3.81 -22.37 -69.56
C THR H 120 2.77 -23.14 -68.85
N ALA H 121 1.65 -22.49 -68.55
CA ALA H 121 0.44 -23.19 -68.25
C ALA H 121 0.04 -23.86 -69.52
N SER H 122 -0.58 -23.07 -70.42
CA SER H 122 -1.05 -23.57 -71.67
C SER H 122 0.09 -23.49 -72.63
N PRO H 123 0.16 -24.43 -73.54
CA PRO H 123 1.35 -24.66 -74.33
C PRO H 123 1.48 -23.67 -75.41
N ASP H 124 0.48 -22.80 -75.58
CA ASP H 124 0.42 -21.86 -76.67
C ASP H 124 1.56 -20.97 -76.45
N VAL H 125 1.62 -20.45 -75.22
CA VAL H 125 2.52 -19.40 -75.01
C VAL H 125 3.64 -19.98 -74.21
N ARG H 126 4.56 -19.17 -73.71
CA ARG H 126 5.78 -19.77 -73.33
C ARG H 126 6.46 -18.89 -72.36
N ARG H 127 7.58 -19.36 -71.79
CA ARG H 127 8.23 -18.64 -70.78
C ARG H 127 9.62 -18.42 -71.21
N VAL H 128 10.00 -17.13 -71.33
CA VAL H 128 11.26 -16.83 -71.92
C VAL H 128 12.01 -15.88 -71.02
N GLN H 129 12.23 -16.31 -69.76
CA GLN H 129 12.68 -15.62 -68.55
C GLN H 129 13.25 -14.22 -68.73
N ILE H 130 12.95 -13.29 -67.75
CA ILE H 130 13.32 -11.90 -67.86
C ILE H 130 14.33 -11.47 -66.79
N CYS I 15 -14.00 -41.83 -26.66
CA CYS I 15 -13.05 -40.71 -26.77
C CYS I 15 -13.62 -39.63 -27.62
N SER I 16 -12.82 -39.13 -28.58
CA SER I 16 -13.32 -38.05 -29.39
C SER I 16 -14.06 -38.65 -30.54
N SER I 17 -14.52 -37.78 -31.44
CA SER I 17 -15.15 -38.20 -32.64
C SER I 17 -14.21 -37.85 -33.74
N GLY I 18 -14.53 -38.22 -34.99
CA GLY I 18 -13.64 -37.88 -36.06
C GLY I 18 -14.42 -36.96 -36.93
N HIS I 19 -14.08 -36.94 -38.23
CA HIS I 19 -14.82 -36.19 -39.21
C HIS I 19 -15.81 -37.16 -39.74
N LYS I 20 -16.92 -36.67 -40.34
CA LYS I 20 -17.83 -37.62 -40.91
C LYS I 20 -17.48 -37.77 -42.34
N PRO I 21 -17.38 -38.98 -42.81
CA PRO I 21 -16.99 -39.20 -44.18
C PRO I 21 -18.00 -38.54 -45.04
N PRO I 22 -17.59 -38.26 -46.25
CA PRO I 22 -18.20 -37.21 -47.00
C PRO I 22 -19.52 -37.67 -47.51
N PRO I 23 -20.42 -36.77 -47.80
CA PRO I 23 -21.65 -37.07 -48.46
C PRO I 23 -21.29 -37.68 -49.77
N GLU I 24 -21.82 -38.87 -50.08
CA GLU I 24 -21.31 -39.57 -51.21
C GLU I 24 -22.36 -39.59 -52.27
N PRO I 25 -21.94 -39.20 -53.44
CA PRO I 25 -22.85 -39.01 -54.53
C PRO I 25 -23.37 -40.31 -55.05
N ASP I 26 -24.43 -40.25 -55.87
CA ASP I 26 -25.00 -41.41 -56.47
C ASP I 26 -23.91 -42.11 -57.23
N TRP I 27 -23.68 -43.40 -56.91
CA TRP I 27 -22.73 -44.21 -57.61
C TRP I 27 -23.53 -45.16 -58.42
N SER I 28 -24.73 -45.47 -57.90
CA SER I 28 -25.60 -46.38 -58.54
C SER I 28 -26.01 -45.75 -59.83
N ASN I 29 -26.96 -44.78 -59.79
CA ASN I 29 -27.41 -44.22 -61.03
C ASN I 29 -26.25 -43.54 -61.67
N THR I 30 -26.05 -43.76 -62.98
CA THR I 30 -25.00 -42.99 -63.60
C THR I 30 -25.32 -42.72 -65.03
N VAL I 31 -25.65 -41.43 -65.29
CA VAL I 31 -25.99 -40.91 -66.57
C VAL I 31 -24.86 -40.03 -66.99
N PRO I 32 -24.61 -39.96 -68.28
CA PRO I 32 -23.56 -39.15 -68.82
C PRO I 32 -23.78 -37.70 -68.52
N VAL I 33 -22.68 -36.91 -68.49
CA VAL I 33 -22.75 -35.50 -68.21
C VAL I 33 -23.25 -34.84 -69.45
N ASN I 34 -22.33 -34.69 -70.42
CA ASN I 34 -22.44 -33.81 -71.55
C ASN I 34 -23.78 -33.97 -72.20
N LYS I 35 -24.21 -32.89 -72.87
CA LYS I 35 -25.46 -32.82 -73.57
C LYS I 35 -25.16 -32.86 -75.02
N THR I 36 -25.13 -31.68 -75.67
CA THR I 36 -24.55 -31.62 -76.98
C THR I 36 -23.08 -31.80 -76.80
N ILE I 37 -22.32 -31.52 -77.88
CA ILE I 37 -20.92 -31.71 -77.78
C ILE I 37 -20.28 -30.38 -77.68
N PRO I 38 -19.24 -30.38 -76.89
CA PRO I 38 -18.67 -29.16 -76.36
C PRO I 38 -17.98 -28.42 -77.45
N VAL I 39 -18.02 -27.08 -77.38
CA VAL I 39 -17.15 -26.32 -78.22
C VAL I 39 -16.32 -25.50 -77.30
N ASP I 40 -15.37 -24.72 -77.86
CA ASP I 40 -14.67 -23.85 -76.98
C ASP I 40 -15.47 -22.60 -76.88
N THR I 41 -15.58 -22.06 -75.66
CA THR I 41 -16.22 -20.79 -75.56
C THR I 41 -15.11 -19.82 -75.78
N GLN I 42 -14.48 -19.43 -74.67
CA GLN I 42 -13.25 -18.73 -74.67
C GLN I 42 -12.35 -19.42 -75.70
N GLY I 43 -12.12 -18.84 -76.80
N GLU J 1 -19.74 23.78 -17.01
CA GLU J 1 -19.60 23.17 -15.67
C GLU J 1 -20.95 23.18 -15.03
N THR J 2 -21.98 23.18 -15.90
CA THR J 2 -23.34 23.00 -15.51
C THR J 2 -23.48 21.58 -15.10
N SER J 3 -24.70 21.06 -14.98
CA SER J 3 -24.74 19.66 -14.66
C SER J 3 -24.43 18.93 -15.92
N GLU J 4 -24.05 17.65 -15.79
CA GLU J 4 -23.66 16.82 -16.92
C GLU J 4 -24.88 16.11 -17.34
N GLY J 5 -25.50 15.38 -16.39
CA GLY J 5 -26.67 14.63 -16.65
C GLY J 5 -27.79 15.59 -16.73
N SER J 6 -27.49 16.88 -16.50
CA SER J 6 -28.43 17.88 -16.90
C SER J 6 -28.39 17.86 -18.38
N SER J 7 -27.17 17.94 -18.92
CA SER J 7 -26.96 17.98 -20.33
C SER J 7 -27.65 16.81 -20.97
N ALA J 8 -27.31 15.58 -20.52
CA ALA J 8 -27.67 14.38 -21.21
C ALA J 8 -29.16 14.35 -21.44
N LEU J 9 -29.95 14.48 -20.35
CA LEU J 9 -31.38 14.50 -20.42
C LEU J 9 -31.78 15.47 -21.47
N ALA J 10 -31.27 16.72 -21.33
CA ALA J 10 -31.52 17.81 -22.23
C ALA J 10 -31.31 17.35 -23.64
N LYS J 11 -30.41 16.38 -23.83
CA LYS J 11 -29.99 15.98 -25.15
C LYS J 11 -31.10 15.21 -25.74
N ASN J 12 -31.74 14.40 -24.89
CA ASN J 12 -32.63 13.39 -25.33
C ASN J 12 -34.05 13.85 -25.17
N LEU J 13 -34.30 15.13 -24.81
CA LEU J 13 -35.68 15.57 -24.70
C LEU J 13 -36.21 15.89 -26.07
N THR J 14 -35.59 16.84 -26.77
CA THR J 14 -36.04 17.15 -28.09
C THR J 14 -35.30 16.17 -29.01
N PRO J 15 -35.93 15.13 -29.55
CA PRO J 15 -35.16 13.96 -29.89
C PRO J 15 -35.19 13.81 -31.37
N ALA J 16 -34.05 13.96 -32.05
CA ALA J 16 -32.82 14.23 -31.36
C ALA J 16 -32.46 15.59 -31.81
N ARG J 17 -31.47 16.28 -31.23
CA ARG J 17 -30.99 17.32 -32.08
C ARG J 17 -29.64 16.90 -32.54
N LEU J 18 -29.52 15.59 -32.77
CA LEU J 18 -28.81 15.00 -33.86
C LEU J 18 -28.65 16.02 -34.97
N LYS J 19 -27.47 16.03 -35.65
CA LYS J 19 -27.13 17.00 -36.67
C LYS J 19 -27.74 16.60 -37.99
N ALA J 20 -28.30 17.57 -38.74
CA ALA J 20 -28.95 17.32 -40.00
C ALA J 20 -28.05 16.50 -40.88
N SER J 21 -28.69 15.62 -41.69
CA SER J 21 -28.00 14.70 -42.54
C SER J 21 -28.09 15.24 -43.95
N ARG J 22 -26.95 15.29 -44.67
CA ARG J 22 -26.96 15.86 -45.98
C ARG J 22 -27.55 14.84 -46.88
N ALA J 23 -28.81 15.07 -47.31
CA ALA J 23 -29.41 14.08 -48.14
C ALA J 23 -28.97 14.36 -49.53
N GLY J 24 -27.74 13.93 -49.87
CA GLY J 24 -27.13 14.35 -51.10
C GLY J 24 -27.02 13.16 -52.00
N VAL J 25 -27.04 13.40 -53.32
CA VAL J 25 -27.19 12.29 -54.19
C VAL J 25 -25.85 11.74 -54.56
N MET J 26 -25.77 10.41 -54.41
CA MET J 26 -24.78 9.68 -55.14
C MET J 26 -25.07 10.01 -56.56
N ALA J 27 -24.05 10.54 -57.25
CA ALA J 27 -24.20 10.91 -58.61
C ALA J 27 -24.69 9.72 -59.36
N ASN J 28 -23.80 8.77 -59.68
CA ASN J 28 -24.23 7.66 -60.48
C ASN J 28 -24.11 6.38 -59.72
N PRO J 29 -24.90 5.48 -60.21
CA PRO J 29 -24.91 4.08 -59.87
C PRO J 29 -23.68 3.50 -60.50
N SER J 30 -23.23 4.10 -61.61
CA SER J 30 -22.05 3.56 -62.19
C SER J 30 -20.94 4.37 -61.69
N LEU J 31 -21.26 5.28 -60.72
CA LEU J 31 -20.29 5.97 -59.92
C LEU J 31 -20.23 5.24 -58.64
N THR J 32 -21.33 4.59 -58.25
CA THR J 32 -21.23 3.97 -56.96
C THR J 32 -22.09 2.75 -56.93
N VAL J 33 -21.51 1.64 -56.47
CA VAL J 33 -22.26 0.46 -56.15
C VAL J 33 -22.47 0.53 -54.68
N PRO J 34 -23.70 0.69 -54.24
CA PRO J 34 -23.98 0.87 -52.85
C PRO J 34 -23.90 -0.47 -52.20
N LYS J 35 -23.62 -0.50 -50.89
CA LYS J 35 -23.82 -1.70 -50.14
C LYS J 35 -25.28 -1.78 -49.88
N GLY J 36 -25.65 -2.47 -48.79
CA GLY J 36 -27.01 -2.90 -48.65
C GLY J 36 -27.15 -4.00 -49.62
N LYS J 37 -25.98 -4.49 -50.05
CA LYS J 37 -25.85 -5.42 -51.11
C LYS J 37 -25.42 -6.69 -50.46
N MET J 38 -25.52 -7.79 -51.21
CA MET J 38 -24.96 -9.01 -50.75
C MET J 38 -23.96 -9.35 -51.79
N ILE J 39 -22.79 -9.87 -51.37
CA ILE J 39 -21.90 -10.40 -52.36
C ILE J 39 -22.06 -11.88 -52.26
N PRO J 40 -22.89 -12.42 -53.10
CA PRO J 40 -23.41 -13.75 -52.93
C PRO J 40 -22.38 -14.72 -53.37
N CYS J 41 -21.36 -15.02 -52.56
CA CYS J 41 -20.27 -15.76 -53.12
C CYS J 41 -20.52 -17.23 -52.94
N GLY J 42 -19.42 -18.01 -52.98
CA GLY J 42 -19.53 -19.43 -52.87
C GLY J 42 -18.24 -19.93 -52.29
N THR J 43 -18.32 -20.54 -51.10
CA THR J 43 -17.10 -20.84 -50.41
C THR J 43 -16.58 -22.12 -50.97
N GLY J 44 -15.22 -22.19 -51.04
CA GLY J 44 -14.60 -23.28 -51.73
C GLY J 44 -13.54 -23.84 -50.85
N THR J 45 -13.67 -23.70 -49.52
CA THR J 45 -12.79 -24.47 -48.71
C THR J 45 -13.57 -24.96 -47.54
N GLU J 46 -12.99 -25.92 -46.81
CA GLU J 46 -13.56 -26.29 -45.55
C GLU J 46 -13.28 -25.11 -44.65
N LEU J 47 -14.05 -24.98 -43.56
CA LEU J 47 -13.92 -23.85 -42.70
C LEU J 47 -13.99 -24.36 -41.30
N ASP J 48 -13.14 -23.80 -40.43
CA ASP J 48 -13.05 -24.33 -39.11
C ASP J 48 -12.44 -23.27 -38.29
N THR J 49 -13.26 -22.51 -37.55
CA THR J 49 -12.70 -21.44 -36.79
C THR J 49 -12.11 -22.05 -35.56
N THR J 50 -12.17 -23.40 -35.50
CA THR J 50 -11.18 -24.22 -34.89
C THR J 50 -9.86 -23.52 -35.07
N VAL J 51 -9.39 -23.43 -36.33
CA VAL J 51 -8.09 -22.85 -36.48
C VAL J 51 -8.22 -21.54 -37.18
N PRO J 52 -7.68 -20.51 -36.58
CA PRO J 52 -7.65 -19.20 -37.14
C PRO J 52 -7.03 -19.28 -38.49
N GLY J 53 -7.19 -18.25 -39.33
CA GLY J 53 -6.68 -18.45 -40.64
C GLY J 53 -7.84 -18.46 -41.58
N GLN J 54 -7.53 -18.69 -42.86
CA GLN J 54 -8.27 -18.10 -43.92
C GLN J 54 -9.27 -19.04 -44.46
N VAL J 55 -10.39 -18.48 -44.98
CA VAL J 55 -11.30 -19.19 -45.81
C VAL J 55 -11.19 -18.55 -47.17
N SER J 56 -11.78 -19.16 -48.21
CA SER J 56 -11.79 -18.49 -49.49
C SER J 56 -13.11 -18.76 -50.13
N CYS J 57 -13.69 -17.71 -50.73
CA CYS J 57 -14.85 -17.86 -51.56
C CYS J 57 -14.54 -17.20 -52.86
N ARG J 58 -15.44 -17.39 -53.84
CA ARG J 58 -15.38 -16.66 -55.07
C ARG J 58 -16.79 -16.26 -55.36
N VAL J 59 -17.00 -15.21 -56.18
CA VAL J 59 -18.34 -14.71 -56.30
C VAL J 59 -19.18 -15.78 -56.88
N SER J 60 -20.50 -15.69 -56.69
CA SER J 60 -21.36 -16.55 -57.43
C SER J 60 -21.88 -15.73 -58.57
N GLN J 61 -23.16 -15.30 -58.50
CA GLN J 61 -23.73 -14.50 -59.54
C GLN J 61 -23.14 -13.12 -59.45
N ASP J 62 -23.78 -12.14 -60.10
CA ASP J 62 -23.16 -10.86 -60.33
C ASP J 62 -23.50 -9.91 -59.24
N VAL J 63 -22.67 -8.86 -59.11
CA VAL J 63 -22.95 -7.75 -58.24
C VAL J 63 -23.33 -6.61 -59.14
N TYR J 64 -24.12 -5.64 -58.64
CA TYR J 64 -24.69 -4.63 -59.49
C TYR J 64 -24.38 -3.27 -58.92
N SER J 65 -25.21 -2.27 -59.29
CA SER J 65 -24.92 -0.89 -58.98
C SER J 65 -26.00 -0.35 -58.09
N ALA J 66 -26.17 1.00 -58.10
CA ALA J 66 -27.07 1.63 -57.19
C ALA J 66 -28.44 1.43 -57.72
N ASP J 67 -28.76 2.09 -58.85
CA ASP J 67 -30.02 1.88 -59.50
C ASP J 67 -30.16 0.40 -59.71
N GLY J 68 -29.04 -0.25 -60.13
CA GLY J 68 -29.04 -1.68 -60.27
C GLY J 68 -29.20 -1.95 -61.72
N LEU J 69 -28.86 -0.95 -62.56
CA LEU J 69 -29.09 -1.06 -63.96
C LEU J 69 -27.83 -1.52 -64.63
N VAL J 70 -26.65 -1.31 -64.02
CA VAL J 70 -25.49 -1.81 -64.70
C VAL J 70 -24.93 -2.97 -63.93
N ARG J 71 -24.25 -3.89 -64.64
CA ARG J 71 -23.64 -5.03 -64.04
C ARG J 71 -22.18 -4.78 -64.11
N LEU J 72 -21.59 -4.32 -63.00
CA LEU J 72 -20.20 -4.01 -63.07
C LEU J 72 -19.45 -5.14 -62.47
N ILE J 73 -19.67 -5.38 -61.16
CA ILE J 73 -18.94 -6.47 -60.58
C ILE J 73 -19.54 -7.73 -61.12
N ASP J 74 -18.71 -8.58 -61.75
CA ASP J 74 -19.21 -9.80 -62.33
C ASP J 74 -18.70 -10.95 -61.56
N LYS J 75 -18.97 -12.18 -62.03
CA LYS J 75 -18.67 -13.37 -61.29
C LYS J 75 -17.21 -13.62 -61.36
N GLY J 76 -16.81 -14.79 -60.83
CA GLY J 76 -15.46 -15.22 -60.88
C GLY J 76 -14.62 -14.16 -60.23
N SER J 77 -15.15 -13.50 -59.20
CA SER J 77 -14.30 -12.64 -58.45
C SER J 77 -13.98 -13.34 -57.17
N TRP J 78 -12.78 -13.92 -57.11
CA TRP J 78 -12.37 -14.69 -55.97
C TRP J 78 -12.15 -13.75 -54.82
N VAL J 79 -12.65 -14.14 -53.62
CA VAL J 79 -12.43 -13.37 -52.42
C VAL J 79 -11.63 -14.24 -51.49
N ASP J 80 -10.88 -13.60 -50.55
CA ASP J 80 -10.18 -14.37 -49.55
C ASP J 80 -10.34 -13.61 -48.26
N GLY J 81 -10.17 -14.31 -47.12
CA GLY J 81 -10.49 -13.66 -45.87
C GLY J 81 -9.77 -14.34 -44.75
N GLN J 82 -10.41 -14.39 -43.57
CA GLN J 82 -9.73 -14.86 -42.41
C GLN J 82 -10.71 -14.91 -41.25
N ILE J 83 -10.57 -15.95 -40.38
CA ILE J 83 -11.30 -16.10 -39.14
C ILE J 83 -10.28 -15.96 -38.06
N THR J 84 -10.24 -14.81 -37.36
CA THR J 84 -9.15 -14.50 -36.47
C THR J 84 -9.00 -15.60 -35.46
N GLY J 85 -10.12 -16.24 -35.06
CA GLY J 85 -9.93 -17.30 -34.12
C GLY J 85 -11.23 -17.66 -33.49
N GLY J 86 -11.22 -18.79 -32.75
CA GLY J 86 -12.38 -19.58 -32.47
C GLY J 86 -13.50 -18.76 -31.91
N ILE J 87 -14.73 -19.21 -32.21
CA ILE J 87 -15.96 -18.63 -31.74
C ILE J 87 -15.95 -18.69 -30.26
N LYS J 88 -17.08 -18.27 -29.65
CA LYS J 88 -17.20 -18.46 -28.24
C LYS J 88 -18.00 -19.68 -28.01
N ASP J 89 -18.73 -19.71 -26.87
CA ASP J 89 -19.30 -20.91 -26.34
C ASP J 89 -20.63 -21.11 -26.97
N GLY J 90 -20.74 -22.16 -27.81
CA GLY J 90 -21.98 -22.54 -28.40
C GLY J 90 -22.41 -21.41 -29.28
N GLN J 91 -21.45 -20.58 -29.75
CA GLN J 91 -21.87 -19.49 -30.57
C GLN J 91 -22.39 -20.07 -31.84
N ALA J 92 -23.50 -19.48 -32.33
CA ALA J 92 -24.27 -20.02 -33.40
C ALA J 92 -23.37 -20.35 -34.54
N ARG J 93 -22.33 -19.52 -34.72
CA ARG J 93 -21.68 -19.53 -35.98
C ARG J 93 -20.44 -18.72 -35.84
N VAL J 94 -19.44 -19.02 -36.67
CA VAL J 94 -18.28 -18.19 -36.70
C VAL J 94 -18.65 -16.92 -37.38
N PHE J 95 -17.71 -15.96 -37.28
CA PHE J 95 -17.69 -14.67 -37.87
C PHE J 95 -16.64 -14.78 -38.94
N VAL J 96 -16.73 -13.97 -40.00
CA VAL J 96 -15.85 -14.16 -41.12
C VAL J 96 -15.46 -12.83 -41.64
N LEU J 97 -14.19 -12.71 -42.05
CA LEU J 97 -13.80 -11.42 -42.51
C LEU J 97 -13.31 -11.61 -43.91
N TRP J 98 -14.19 -11.28 -44.89
CA TRP J 98 -13.71 -11.34 -46.25
C TRP J 98 -12.94 -10.09 -46.46
N GLU J 99 -11.66 -10.26 -46.84
CA GLU J 99 -10.89 -9.10 -47.08
C GLU J 99 -10.94 -8.85 -48.54
N ARG J 100 -9.93 -9.36 -49.28
CA ARG J 100 -9.89 -8.78 -50.58
C ARG J 100 -10.73 -9.58 -51.52
N ILE J 101 -11.58 -8.88 -52.29
CA ILE J 101 -12.31 -9.47 -53.37
C ILE J 101 -11.56 -9.15 -54.61
N ARG J 102 -10.98 -10.17 -55.26
CA ARG J 102 -10.26 -9.96 -56.48
C ARG J 102 -11.08 -10.55 -57.59
N ASN J 103 -10.88 -10.03 -58.82
CA ASN J 103 -11.58 -10.45 -59.99
C ASN J 103 -10.64 -11.32 -60.77
N ASP J 104 -11.13 -12.03 -61.80
CA ASP J 104 -10.43 -13.15 -62.35
C ASP J 104 -9.68 -12.73 -63.58
N GLN J 105 -10.42 -12.57 -64.69
CA GLN J 105 -9.83 -12.30 -65.97
C GLN J 105 -9.25 -10.93 -65.90
N ASP J 106 -10.15 -9.95 -65.69
CA ASP J 106 -9.86 -8.56 -65.62
C ASP J 106 -8.73 -8.32 -64.69
N GLY J 107 -9.08 -8.15 -63.40
CA GLY J 107 -8.17 -7.78 -62.37
C GLY J 107 -9.05 -7.56 -61.18
N THR J 108 -9.47 -6.30 -60.97
CA THR J 108 -10.52 -5.93 -60.08
C THR J 108 -10.32 -6.59 -58.77
N ILE J 109 -9.24 -6.20 -58.07
CA ILE J 109 -9.06 -6.51 -56.69
C ILE J 109 -9.77 -5.43 -55.95
N VAL J 110 -9.88 -5.60 -54.63
CA VAL J 110 -10.40 -4.51 -53.87
C VAL J 110 -10.42 -4.98 -52.45
N ASN J 111 -9.69 -4.28 -51.57
CA ASN J 111 -9.69 -4.70 -50.21
C ASN J 111 -11.02 -4.29 -49.67
N ILE J 112 -11.94 -5.26 -49.43
CA ILE J 112 -13.30 -4.85 -49.14
C ILE J 112 -13.50 -4.77 -47.65
N ASP J 113 -12.87 -5.69 -46.89
CA ASP J 113 -12.83 -5.52 -45.45
C ASP J 113 -14.23 -5.58 -44.91
N SER J 114 -15.03 -6.55 -45.39
CA SER J 114 -16.38 -6.66 -44.92
C SER J 114 -16.52 -7.98 -44.24
N ALA J 115 -17.60 -8.15 -43.45
CA ALA J 115 -17.79 -9.46 -42.92
C ALA J 115 -18.59 -10.22 -43.92
N GLY J 116 -18.61 -11.56 -43.77
CA GLY J 116 -19.45 -12.37 -44.61
C GLY J 116 -20.73 -12.50 -43.86
N THR J 117 -21.74 -13.15 -44.45
CA THR J 117 -22.98 -13.25 -43.74
C THR J 117 -23.51 -14.61 -44.03
N ASN J 118 -24.84 -14.75 -44.13
CA ASN J 118 -25.38 -16.06 -44.35
C ASN J 118 -26.23 -15.99 -45.58
N SER J 119 -26.79 -17.14 -45.98
CA SER J 119 -27.75 -17.14 -47.04
C SER J 119 -28.80 -16.20 -46.58
N LEU J 120 -29.26 -16.39 -45.33
CA LEU J 120 -30.27 -15.61 -44.70
C LEU J 120 -29.83 -14.18 -44.69
N GLY J 121 -28.50 -13.96 -44.59
CA GLY J 121 -28.00 -12.62 -44.67
C GLY J 121 -27.40 -12.25 -43.36
N SER J 122 -27.66 -13.07 -42.32
CA SER J 122 -27.21 -12.67 -41.02
C SER J 122 -25.72 -12.84 -40.97
N ALA J 123 -25.05 -11.99 -40.14
CA ALA J 123 -23.65 -11.77 -40.30
C ALA J 123 -22.89 -12.94 -39.77
N GLY J 124 -21.96 -13.45 -40.59
CA GLY J 124 -21.08 -14.49 -40.13
C GLY J 124 -21.58 -15.76 -40.71
N ILE J 125 -20.69 -16.57 -41.30
CA ILE J 125 -21.20 -17.77 -41.87
C ILE J 125 -21.14 -18.84 -40.84
N PRO J 126 -22.24 -19.50 -40.78
CA PRO J 126 -22.60 -20.30 -39.64
C PRO J 126 -21.80 -21.56 -39.66
N GLY J 127 -22.01 -22.45 -38.66
CA GLY J 127 -21.34 -23.71 -38.70
C GLY J 127 -21.82 -24.58 -37.60
N GLN J 128 -20.91 -25.44 -37.07
CA GLN J 128 -21.25 -26.41 -36.06
C GLN J 128 -20.29 -26.25 -34.93
N VAL J 129 -20.66 -26.80 -33.76
CA VAL J 129 -19.92 -26.48 -32.59
C VAL J 129 -19.14 -27.70 -32.16
N ASP J 130 -17.81 -27.53 -32.08
CA ASP J 130 -17.06 -28.44 -31.29
C ASP J 130 -16.94 -27.75 -30.00
N ALA J 131 -17.55 -28.35 -28.95
CA ALA J 131 -17.59 -27.73 -27.66
C ALA J 131 -16.23 -27.92 -27.08
N HIS J 132 -15.72 -29.15 -27.22
CA HIS J 132 -14.44 -29.48 -26.63
C HIS J 132 -14.64 -29.51 -25.16
N MET J 133 -15.87 -29.80 -24.72
CA MET J 133 -16.12 -29.77 -23.31
C MET J 133 -15.22 -30.80 -22.69
N TRP J 134 -14.78 -31.78 -23.49
CA TRP J 134 -13.95 -32.84 -23.01
C TRP J 134 -12.70 -32.25 -22.45
N GLU J 135 -11.85 -31.65 -23.30
CA GLU J 135 -10.53 -31.29 -22.87
C GLU J 135 -10.63 -30.35 -21.71
N ARG J 136 -11.70 -29.53 -21.67
CA ARG J 136 -11.84 -28.58 -20.61
C ARG J 136 -12.25 -29.28 -19.37
N LEU J 137 -12.84 -30.48 -19.50
CA LEU J 137 -13.37 -31.14 -18.35
C LEU J 137 -12.41 -32.17 -17.85
N ARG J 138 -11.63 -32.81 -18.74
CA ARG J 138 -10.85 -33.96 -18.36
C ARG J 138 -9.95 -33.61 -17.21
N GLY J 139 -9.69 -32.31 -17.00
CA GLY J 139 -8.74 -31.90 -15.99
C GLY J 139 -9.25 -32.36 -14.65
N ALA J 140 -10.19 -31.62 -14.07
CA ALA J 140 -10.59 -31.87 -12.73
C ALA J 140 -11.18 -33.24 -12.65
N ILE J 141 -11.48 -33.84 -13.81
CA ILE J 141 -12.19 -35.08 -13.74
C ILE J 141 -11.25 -36.21 -13.49
N MET J 142 -9.97 -36.08 -13.88
CA MET J 142 -9.12 -37.15 -13.47
C MET J 142 -8.84 -36.93 -12.01
N ILE J 143 -8.26 -35.77 -11.69
CA ILE J 143 -7.88 -35.38 -10.34
C ILE J 143 -8.98 -35.72 -9.38
N SER J 144 -10.24 -35.39 -9.73
CA SER J 144 -11.26 -35.42 -8.73
C SER J 144 -11.65 -36.84 -8.46
N LEU J 145 -11.43 -37.74 -9.43
CA LEU J 145 -11.72 -39.12 -9.22
C LEU J 145 -10.75 -39.61 -8.20
N PHE J 146 -9.64 -38.87 -8.00
CA PHE J 146 -8.68 -39.34 -7.06
C PHE J 146 -9.13 -38.90 -5.70
N SER J 147 -9.53 -37.62 -5.56
CA SER J 147 -10.01 -37.16 -4.29
C SER J 147 -11.19 -37.99 -3.94
N ASP J 148 -11.91 -38.50 -4.97
CA ASP J 148 -13.03 -39.38 -4.77
C ASP J 148 -12.52 -40.68 -4.23
N THR J 149 -11.36 -41.14 -4.72
CA THR J 149 -10.89 -42.44 -4.35
C THR J 149 -10.19 -42.36 -3.02
N LEU J 150 -10.19 -41.18 -2.38
CA LEU J 150 -9.67 -41.16 -1.04
C LEU J 150 -10.60 -42.03 -0.25
N THR J 151 -11.86 -42.17 -0.72
CA THR J 151 -12.83 -42.88 0.05
C THR J 151 -12.87 -44.32 -0.42
N ALA J 152 -13.25 -44.56 -1.69
CA ALA J 152 -13.28 -45.91 -2.20
C ALA J 152 -11.85 -46.39 -2.36
N LEU J 153 -11.68 -47.56 -2.83
N GLN J 173 -10.07 -24.83 -3.78
CA GLN J 173 -10.76 -24.38 -5.01
C GLN J 173 -10.36 -25.23 -6.16
N LEU J 174 -11.21 -26.19 -6.55
CA LEU J 174 -10.89 -27.05 -7.65
C LEU J 174 -12.07 -26.99 -8.56
N ALA J 175 -13.28 -26.83 -7.97
CA ALA J 175 -14.45 -26.62 -8.76
C ALA J 175 -14.37 -25.23 -9.29
N SER J 176 -14.15 -24.26 -8.38
CA SER J 176 -14.01 -22.89 -8.78
C SER J 176 -12.84 -22.82 -9.70
N GLU J 177 -11.70 -23.42 -9.33
CA GLU J 177 -10.52 -23.33 -10.14
C GLU J 177 -10.76 -24.04 -11.44
N ALA J 178 -11.65 -25.06 -11.44
CA ALA J 178 -11.87 -25.82 -12.63
C ALA J 178 -12.63 -25.01 -13.62
N LEU J 179 -13.36 -24.00 -13.11
CA LEU J 179 -14.15 -23.18 -13.98
C LEU J 179 -13.24 -22.17 -14.62
N ARG J 180 -12.24 -21.69 -13.85
CA ARG J 180 -11.26 -20.80 -14.41
C ARG J 180 -10.47 -21.55 -15.43
N SER J 181 -10.27 -22.86 -15.22
CA SER J 181 -9.67 -23.61 -16.28
C SER J 181 -10.58 -23.51 -17.47
N TYR J 182 -11.81 -24.05 -17.34
CA TYR J 182 -12.74 -24.29 -18.40
C TYR J 182 -12.81 -23.12 -19.34
N MET J 183 -13.12 -21.90 -18.86
CA MET J 183 -13.41 -20.87 -19.82
C MET J 183 -12.20 -20.58 -20.66
N SER J 184 -10.99 -20.91 -20.15
CA SER J 184 -9.75 -20.61 -20.80
C SER J 184 -9.83 -21.02 -22.23
N ILE J 185 -10.06 -22.33 -22.48
CA ILE J 185 -9.96 -22.76 -23.85
C ILE J 185 -11.25 -22.49 -24.54
N PRO J 186 -11.15 -21.85 -25.67
CA PRO J 186 -12.27 -21.68 -26.57
C PRO J 186 -12.73 -23.02 -27.03
N PRO J 187 -13.93 -23.03 -27.56
CA PRO J 187 -14.52 -24.11 -28.31
C PRO J 187 -13.86 -24.20 -29.66
N THR J 188 -14.65 -24.53 -30.71
CA THR J 188 -14.28 -24.25 -32.07
C THR J 188 -15.55 -24.27 -32.88
N LEU J 189 -15.43 -24.02 -34.21
CA LEU J 189 -16.57 -24.18 -35.05
C LEU J 189 -16.21 -25.11 -36.17
N TYR J 190 -16.63 -24.75 -37.40
CA TYR J 190 -16.75 -25.63 -38.53
C TYR J 190 -17.81 -25.00 -39.39
N ASP J 191 -17.67 -24.99 -40.74
CA ASP J 191 -18.75 -24.76 -41.68
C ASP J 191 -18.31 -25.49 -42.91
N GLN J 192 -19.25 -26.09 -43.68
CA GLN J 192 -18.77 -27.06 -44.61
C GLN J 192 -18.24 -26.33 -45.80
N GLN J 193 -17.78 -27.08 -46.81
CA GLN J 193 -17.21 -26.46 -47.97
C GLN J 193 -18.28 -26.35 -48.98
N GLY J 194 -18.10 -25.40 -49.92
CA GLY J 194 -19.15 -25.09 -50.83
C GLY J 194 -20.36 -24.77 -50.01
N ASP J 195 -20.33 -23.65 -49.29
CA ASP J 195 -21.55 -23.19 -48.69
C ASP J 195 -21.99 -22.01 -49.47
N ALA J 196 -23.30 -21.88 -49.72
CA ALA J 196 -23.74 -20.70 -50.39
C ALA J 196 -23.58 -19.61 -49.41
N VAL J 197 -22.94 -18.50 -49.79
CA VAL J 197 -22.89 -17.47 -48.81
C VAL J 197 -22.89 -16.15 -49.50
N SER J 198 -22.75 -15.09 -48.69
CA SER J 198 -22.85 -13.77 -49.25
C SER J 198 -21.96 -12.89 -48.43
N ILE J 199 -21.73 -11.65 -48.90
CA ILE J 199 -20.99 -10.71 -48.09
C ILE J 199 -21.86 -9.53 -47.90
N PHE J 200 -21.97 -9.04 -46.66
CA PHE J 200 -22.45 -7.71 -46.50
C PHE J 200 -21.29 -6.81 -46.77
N VAL J 201 -20.94 -6.61 -48.06
CA VAL J 201 -19.90 -5.66 -48.35
C VAL J 201 -20.38 -4.38 -47.80
N ALA J 202 -19.74 -3.92 -46.71
CA ALA J 202 -20.26 -2.80 -45.98
C ALA J 202 -19.68 -1.56 -46.56
N ARG J 203 -19.83 -1.36 -47.88
CA ARG J 203 -19.37 -0.11 -48.43
C ARG J 203 -19.75 0.03 -49.86
N ASP J 204 -18.94 0.84 -50.59
CA ASP J 204 -19.25 1.31 -51.91
C ASP J 204 -18.09 1.07 -52.78
N LEU J 205 -18.40 0.55 -53.96
CA LEU J 205 -17.40 0.26 -54.92
C LEU J 205 -17.58 1.23 -56.03
N ASP J 206 -16.47 1.79 -56.54
CA ASP J 206 -16.57 2.53 -57.75
C ASP J 206 -16.11 1.63 -58.83
N PHE J 207 -16.97 1.37 -59.82
CA PHE J 207 -16.39 0.99 -61.07
C PHE J 207 -16.78 2.06 -62.03
N SER J 208 -16.69 3.35 -61.63
CA SER J 208 -16.91 4.35 -62.64
C SER J 208 -15.60 4.75 -63.17
N GLY J 209 -14.61 3.86 -63.13
CA GLY J 209 -13.35 4.14 -63.73
C GLY J 209 -12.97 2.92 -64.51
N VAL J 210 -13.90 1.93 -64.61
CA VAL J 210 -13.92 0.90 -65.64
C VAL J 210 -15.24 1.23 -66.32
N TYR J 211 -16.01 0.24 -66.85
CA TYR J 211 -17.41 0.28 -67.25
C TYR J 211 -17.97 1.63 -67.53
N THR J 212 -18.49 1.87 -68.76
CA THR J 212 -19.31 3.03 -69.04
C THR J 212 -20.23 2.64 -70.18
N LEU J 213 -20.72 3.54 -71.08
CA LEU J 213 -21.73 2.96 -71.94
C LEU J 213 -21.13 2.41 -73.21
N ALA J 214 -21.92 1.60 -73.97
CA ALA J 214 -23.17 2.04 -74.51
C ALA J 214 -23.79 1.02 -75.49
N ASP J 215 -24.27 1.48 -76.69
CA ASP J 215 -25.09 0.62 -77.51
C ASP J 215 -24.27 0.02 -78.64
N ASN J 216 -24.92 -0.67 -79.64
CA ASN J 216 -25.82 -1.72 -79.28
C ASN J 216 -24.99 -2.94 -78.87
N ALA K 1 -19.65 10.57 -74.95
CA ALA K 1 -19.90 12.02 -74.77
C ALA K 1 -21.03 12.23 -73.80
N ALA K 2 -21.37 13.50 -73.53
CA ALA K 2 -22.42 13.78 -72.60
C ALA K 2 -23.69 13.33 -73.22
N ASP K 3 -23.85 13.58 -74.54
CA ASP K 3 -25.11 13.30 -75.19
C ASP K 3 -25.08 11.91 -75.71
N LYS K 4 -23.88 11.35 -75.88
CA LYS K 4 -23.72 10.01 -76.35
C LYS K 4 -24.22 9.09 -75.28
N LYS K 5 -23.90 9.43 -74.01
CA LYS K 5 -24.25 8.57 -72.91
C LYS K 5 -25.74 8.50 -72.88
N ARG K 6 -26.35 9.69 -72.83
CA ARG K 6 -27.74 9.88 -72.52
C ARG K 6 -28.57 8.92 -73.33
N ILE K 7 -28.64 9.17 -74.64
CA ILE K 7 -29.28 8.35 -75.63
C ILE K 7 -29.14 6.91 -75.26
N THR K 8 -27.91 6.49 -74.92
CA THR K 8 -27.65 5.10 -74.65
C THR K 8 -28.39 4.67 -73.43
N GLN K 9 -28.31 5.47 -72.35
CA GLN K 9 -28.84 5.10 -71.08
C GLN K 9 -30.31 4.84 -71.23
N LYS K 10 -31.01 5.66 -72.03
CA LYS K 10 -32.41 5.39 -72.24
C LYS K 10 -32.52 4.04 -72.87
N LEU K 11 -31.61 3.73 -73.81
CA LEU K 11 -31.64 2.47 -74.50
C LEU K 11 -31.60 1.39 -73.47
N LYS K 12 -31.01 1.68 -72.30
CA LYS K 12 -30.65 0.68 -71.34
C LYS K 12 -31.78 0.44 -70.41
N GLN K 13 -32.65 1.46 -70.24
CA GLN K 13 -33.80 1.31 -69.41
C GLN K 13 -34.62 0.20 -70.00
N THR K 14 -34.73 0.17 -71.33
CA THR K 14 -35.69 -0.76 -71.85
C THR K 14 -34.99 -2.00 -72.30
N ALA K 15 -35.02 -3.06 -71.46
CA ALA K 15 -34.37 -4.25 -71.89
C ALA K 15 -35.02 -5.38 -71.18
N PHE K 16 -36.14 -5.08 -70.52
CA PHE K 16 -36.96 -6.10 -69.93
C PHE K 16 -37.62 -6.81 -71.07
N ALA K 17 -36.82 -7.58 -71.83
CA ALA K 17 -37.26 -8.09 -73.09
C ALA K 17 -36.74 -9.49 -73.25
N GLY K 18 -36.37 -9.84 -74.50
CA GLY K 18 -36.14 -11.21 -74.78
C GLY K 18 -37.49 -11.85 -74.84
N ALA K 19 -37.53 -13.18 -74.96
CA ALA K 19 -38.80 -13.84 -74.94
C ALA K 19 -39.15 -14.11 -73.52
N LYS K 20 -40.21 -13.44 -73.03
CA LYS K 20 -40.53 -13.62 -71.65
C LYS K 20 -41.12 -14.97 -71.46
N ASN K 21 -41.25 -15.31 -70.17
CA ASN K 21 -42.02 -16.38 -69.64
C ASN K 21 -43.27 -15.67 -69.25
N TYR K 22 -44.46 -16.11 -69.70
CA TYR K 22 -45.53 -15.23 -69.35
C TYR K 22 -46.12 -15.69 -68.06
N GLN K 23 -46.18 -17.02 -67.84
CA GLN K 23 -46.88 -17.52 -66.70
C GLN K 23 -45.98 -17.47 -65.50
N TYR K 24 -46.38 -16.65 -64.51
CA TYR K 24 -45.97 -16.91 -63.17
C TYR K 24 -47.20 -17.44 -62.50
N VAL K 25 -47.06 -18.49 -61.68
CA VAL K 25 -48.15 -18.87 -60.84
C VAL K 25 -47.80 -18.38 -59.48
N MET K 26 -48.79 -18.13 -58.62
CA MET K 26 -48.46 -17.71 -57.29
C MET K 26 -49.06 -18.70 -56.36
N SER K 27 -49.07 -18.37 -55.06
CA SER K 27 -49.80 -19.16 -54.11
C SER K 27 -51.19 -18.64 -54.17
N GLU K 28 -51.89 -18.64 -53.02
CA GLU K 28 -53.13 -17.93 -52.93
C GLU K 28 -53.59 -18.12 -51.54
N GLN K 29 -53.54 -17.04 -50.73
CA GLN K 29 -54.16 -17.11 -49.45
C GLN K 29 -55.04 -15.90 -49.36
N PRO K 30 -56.05 -15.99 -48.56
CA PRO K 30 -57.04 -14.97 -48.53
C PRO K 30 -56.40 -13.72 -48.01
N GLU K 31 -55.23 -13.84 -47.36
CA GLU K 31 -54.56 -12.69 -46.84
C GLU K 31 -53.63 -12.23 -47.92
N MET K 32 -52.91 -13.19 -48.53
CA MET K 32 -52.02 -12.87 -49.60
C MET K 32 -52.79 -12.10 -50.63
N ARG K 33 -53.68 -12.80 -51.36
CA ARG K 33 -54.47 -12.38 -52.50
C ARG K 33 -54.60 -10.88 -52.55
N SER K 34 -55.05 -10.31 -51.42
CA SER K 34 -55.29 -8.91 -51.27
C SER K 34 -54.13 -8.15 -51.82
N ILE K 35 -53.00 -8.17 -51.12
CA ILE K 35 -51.94 -7.26 -51.46
C ILE K 35 -51.08 -7.88 -52.50
N GLN K 36 -51.70 -8.50 -53.52
CA GLN K 36 -50.92 -9.12 -54.55
C GLN K 36 -50.49 -8.08 -55.52
N PRO K 37 -49.63 -8.53 -56.39
CA PRO K 37 -49.06 -7.72 -57.44
C PRO K 37 -50.06 -7.27 -58.45
N VAL K 38 -49.58 -6.53 -59.48
CA VAL K 38 -50.32 -6.36 -60.70
C VAL K 38 -49.78 -7.40 -61.62
N HIS K 39 -48.63 -7.09 -62.28
CA HIS K 39 -48.04 -8.04 -63.19
C HIS K 39 -46.71 -8.44 -62.65
N VAL K 40 -46.37 -9.74 -62.82
CA VAL K 40 -45.10 -10.23 -62.41
C VAL K 40 -44.58 -11.03 -63.56
N TRP K 41 -43.40 -10.68 -64.10
CA TRP K 41 -42.97 -11.49 -65.19
C TRP K 41 -41.49 -11.59 -65.22
N ASP K 42 -40.96 -12.40 -66.16
CA ASP K 42 -39.53 -12.55 -66.22
C ASP K 42 -39.17 -12.85 -67.64
N ASN K 43 -37.88 -12.65 -67.98
CA ASN K 43 -37.29 -13.15 -69.19
C ASN K 43 -36.09 -13.90 -68.73
N TYR K 44 -35.60 -13.48 -67.54
CA TYR K 44 -34.37 -13.93 -67.01
C TYR K 44 -34.64 -14.22 -65.56
N ARG K 45 -33.67 -13.87 -64.70
CA ARG K 45 -33.86 -13.82 -63.28
C ARG K 45 -34.17 -12.40 -63.01
N PHE K 46 -33.76 -11.54 -63.98
CA PHE K 46 -34.15 -10.17 -63.98
C PHE K 46 -35.63 -10.16 -64.06
N THR K 47 -36.30 -10.09 -62.90
CA THR K 47 -37.70 -10.36 -62.83
C THR K 47 -38.38 -9.12 -62.36
N ARG K 48 -39.56 -8.80 -62.93
CA ARG K 48 -40.24 -7.64 -62.44
C ARG K 48 -41.51 -8.05 -61.79
N PHE K 49 -41.82 -7.37 -60.66
CA PHE K 49 -43.03 -7.57 -59.91
C PHE K 49 -43.63 -6.21 -59.77
N GLU K 50 -44.62 -5.84 -60.62
CA GLU K 50 -45.18 -4.53 -60.51
C GLU K 50 -46.13 -4.52 -59.36
N PHE K 51 -46.37 -3.30 -58.82
CA PHE K 51 -47.28 -3.18 -57.72
C PHE K 51 -48.23 -2.06 -58.04
N PRO K 52 -49.38 -2.20 -57.47
CA PRO K 52 -50.37 -1.15 -57.48
C PRO K 52 -50.00 -0.18 -56.41
N ALA K 53 -50.62 1.02 -56.46
CA ALA K 53 -50.46 2.00 -55.44
C ALA K 53 -50.73 1.32 -54.13
N ASN K 54 -51.96 0.77 -54.03
CA ASN K 54 -52.52 0.28 -52.82
C ASN K 54 -52.23 -1.18 -52.75
N ALA K 55 -50.93 -1.56 -52.84
CA ALA K 55 -50.57 -2.91 -52.53
C ALA K 55 -49.29 -2.83 -51.76
N GLU K 56 -49.19 -3.54 -50.62
CA GLU K 56 -48.15 -3.24 -49.68
C GLU K 56 -46.83 -3.52 -50.29
N LEU K 57 -45.77 -3.30 -49.51
CA LEU K 57 -44.47 -3.70 -49.98
C LEU K 57 -44.03 -4.86 -49.18
N PRO K 58 -44.23 -5.97 -49.81
CA PRO K 58 -43.70 -7.24 -49.39
C PRO K 58 -42.22 -7.14 -49.22
N GLN K 59 -41.59 -8.23 -48.74
CA GLN K 59 -40.19 -8.39 -48.96
C GLN K 59 -40.07 -9.76 -49.54
N VAL K 60 -39.38 -9.88 -50.70
CA VAL K 60 -39.38 -11.13 -51.39
C VAL K 60 -37.99 -11.65 -51.38
N TYR K 61 -37.82 -12.97 -51.55
CA TYR K 61 -36.52 -13.56 -51.57
C TYR K 61 -36.53 -14.58 -52.66
N MET K 62 -35.37 -15.21 -52.93
CA MET K 62 -35.26 -16.15 -54.00
C MET K 62 -35.04 -17.49 -53.37
N ILE K 63 -35.44 -18.56 -54.08
CA ILE K 63 -35.08 -19.88 -53.65
C ILE K 63 -34.02 -20.38 -54.57
N SER K 64 -32.77 -20.40 -54.08
CA SER K 64 -31.74 -20.87 -54.95
C SER K 64 -31.99 -22.33 -55.12
N ALA K 65 -31.18 -22.95 -55.98
CA ALA K 65 -31.35 -24.33 -56.32
C ALA K 65 -31.07 -25.13 -55.08
N SER K 66 -30.38 -24.53 -54.09
CA SER K 66 -30.10 -25.29 -52.92
C SER K 66 -31.40 -25.65 -52.30
N GLY K 67 -32.45 -24.85 -52.58
CA GLY K 67 -33.76 -25.18 -52.09
C GLY K 67 -33.97 -24.41 -50.82
N LYS K 68 -32.88 -24.24 -50.05
CA LYS K 68 -32.89 -23.39 -48.90
C LYS K 68 -33.09 -22.00 -49.42
N GLU K 69 -33.37 -21.04 -48.53
CA GLU K 69 -33.72 -19.76 -49.05
C GLU K 69 -32.49 -18.92 -49.14
N THR K 70 -32.65 -17.73 -49.74
CA THR K 70 -31.56 -16.81 -49.83
C THR K 70 -32.21 -15.48 -49.97
N LEU K 71 -31.44 -14.39 -49.86
CA LEU K 71 -32.07 -13.14 -50.16
C LEU K 71 -31.42 -12.60 -51.39
N PRO K 72 -32.27 -12.12 -52.25
CA PRO K 72 -31.90 -11.65 -53.55
C PRO K 72 -31.33 -10.29 -53.36
N ASN K 73 -30.51 -9.82 -54.31
CA ASN K 73 -30.18 -8.44 -54.33
C ASN K 73 -31.16 -7.82 -55.24
N SER K 74 -32.08 -7.02 -54.68
CA SER K 74 -33.13 -6.55 -55.52
C SER K 74 -33.07 -5.08 -55.56
N HIS K 75 -33.98 -4.50 -56.35
CA HIS K 75 -34.18 -3.09 -56.36
C HIS K 75 -35.56 -2.94 -56.89
N VAL K 76 -36.15 -1.75 -56.73
CA VAL K 76 -37.39 -1.60 -57.41
C VAL K 76 -37.12 -0.58 -58.46
N VAL K 77 -37.93 -0.56 -59.54
CA VAL K 77 -37.64 0.42 -60.54
C VAL K 77 -38.93 0.81 -61.16
N GLY K 78 -38.91 1.89 -61.95
CA GLY K 78 -40.09 2.22 -62.67
C GLY K 78 -40.38 3.67 -62.41
N GLU K 79 -41.01 4.31 -63.41
CA GLU K 79 -41.67 5.55 -63.17
C GLU K 79 -42.70 5.23 -62.14
N ASN K 80 -43.49 4.18 -62.45
CA ASN K 80 -44.34 3.55 -61.50
C ASN K 80 -43.50 3.32 -60.29
N ARG K 81 -42.30 2.74 -60.49
CA ARG K 81 -41.32 2.66 -59.43
C ARG K 81 -41.75 1.58 -58.48
N ASN K 82 -42.97 1.07 -58.68
CA ASN K 82 -43.55 0.11 -57.81
C ASN K 82 -42.88 -1.22 -58.02
N ILE K 83 -42.55 -1.53 -59.27
CA ILE K 83 -42.08 -2.84 -59.58
C ILE K 83 -40.77 -3.07 -58.89
N ILE K 84 -40.48 -4.35 -58.57
CA ILE K 84 -39.24 -4.70 -57.95
C ILE K 84 -38.49 -5.54 -58.94
N GLU K 85 -37.35 -5.04 -59.44
CA GLU K 85 -36.53 -5.83 -60.34
C GLU K 85 -35.52 -6.50 -59.48
N VAL K 86 -35.43 -7.84 -59.61
CA VAL K 86 -34.53 -8.60 -58.78
C VAL K 86 -33.48 -9.15 -59.69
N GLU K 87 -32.22 -9.23 -59.24
CA GLU K 87 -31.20 -9.67 -60.15
C GLU K 87 -30.45 -10.82 -59.54
N THR K 88 -31.17 -11.94 -59.24
CA THR K 88 -30.59 -13.15 -58.74
C THR K 88 -31.41 -14.31 -59.27
N VAL K 89 -30.73 -15.45 -59.53
CA VAL K 89 -31.32 -16.68 -60.01
C VAL K 89 -32.34 -17.17 -59.01
N ALA K 90 -33.39 -17.87 -59.51
CA ALA K 90 -34.26 -18.67 -58.69
C ALA K 90 -35.54 -18.88 -59.45
N LYS K 91 -36.13 -20.08 -59.31
CA LYS K 91 -37.39 -20.30 -59.97
C LYS K 91 -38.43 -19.66 -59.10
N GLU K 92 -38.60 -20.20 -57.88
CA GLU K 92 -39.60 -19.69 -57.01
C GLU K 92 -39.16 -18.38 -56.48
N TRP K 93 -40.00 -17.82 -55.61
CA TRP K 93 -39.69 -16.61 -54.93
C TRP K 93 -40.60 -16.56 -53.76
N ARG K 94 -40.07 -16.22 -52.58
CA ARG K 94 -41.00 -16.02 -51.51
C ARG K 94 -41.32 -14.58 -51.51
N ILE K 95 -42.30 -14.18 -50.67
CA ILE K 95 -42.72 -12.82 -50.69
C ILE K 95 -43.28 -12.52 -49.34
N ARG K 96 -42.45 -12.73 -48.30
CA ARG K 96 -42.80 -12.63 -46.92
C ARG K 96 -43.15 -11.20 -46.63
N LEU K 97 -43.59 -10.94 -45.39
CA LEU K 97 -43.90 -9.61 -44.95
C LEU K 97 -44.56 -9.74 -43.61
N GLY K 98 -43.78 -10.07 -42.56
CA GLY K 98 -44.37 -10.33 -41.28
C GLY K 98 -44.96 -11.69 -41.36
N ASP K 99 -46.15 -11.86 -40.75
CA ASP K 99 -46.86 -13.11 -40.72
C ASP K 99 -46.92 -13.65 -42.11
N LYS K 100 -47.63 -12.88 -42.97
CA LYS K 100 -47.98 -13.24 -44.30
C LYS K 100 -46.78 -13.76 -45.03
N VAL K 101 -46.98 -14.65 -46.04
CA VAL K 101 -45.87 -15.14 -46.81
C VAL K 101 -46.34 -15.78 -48.11
N VAL K 102 -46.30 -15.01 -49.23
CA VAL K 102 -46.67 -15.48 -50.54
C VAL K 102 -45.53 -16.27 -51.08
N GLY K 103 -45.51 -16.55 -52.39
CA GLY K 103 -44.37 -17.25 -52.91
C GLY K 103 -44.58 -17.54 -54.35
N VAL K 104 -44.58 -16.48 -55.20
CA VAL K 104 -44.79 -16.65 -56.60
C VAL K 104 -43.81 -17.65 -57.10
N ARG K 105 -44.28 -18.48 -58.02
CA ARG K 105 -43.42 -19.43 -58.63
C ARG K 105 -43.15 -18.90 -59.99
N ASN K 106 -41.89 -18.98 -60.44
CA ASN K 106 -41.66 -18.66 -61.81
C ASN K 106 -41.85 -19.96 -62.51
N ASN K 107 -42.13 -19.95 -63.84
CA ASN K 107 -42.33 -21.25 -64.41
C ASN K 107 -41.74 -21.28 -65.77
N ASN K 108 -40.42 -21.50 -65.84
CA ASN K 108 -39.87 -21.84 -67.12
C ASN K 108 -38.64 -22.64 -66.86
N PHE K 109 -38.28 -23.50 -67.83
CA PHE K 109 -37.03 -24.17 -67.82
C PHE K 109 -36.72 -24.44 -69.24
N ALA K 110 -35.84 -23.61 -69.84
CA ALA K 110 -35.18 -24.05 -71.02
C ALA K 110 -33.85 -24.52 -70.54
N PRO K 111 -33.68 -25.77 -70.23
CA PRO K 111 -32.58 -26.09 -69.38
C PRO K 111 -31.38 -26.21 -70.25
N GLY K 112 -30.17 -26.09 -69.68
CA GLY K 112 -28.98 -26.45 -70.40
C GLY K 112 -28.71 -25.42 -71.45
N ARG K 113 -29.60 -24.43 -71.62
CA ARG K 113 -29.31 -23.40 -72.57
C ARG K 113 -29.74 -22.10 -71.96
N GLY K 114 -29.18 -20.99 -72.47
CA GLY K 114 -29.63 -19.69 -72.06
C GLY K 114 -28.44 -18.79 -72.02
N ALA K 115 -27.31 -19.34 -71.53
CA ALA K 115 -26.15 -18.54 -71.24
C ALA K 115 -25.69 -17.90 -72.50
N VAL K 116 -25.26 -16.64 -72.40
CA VAL K 116 -24.52 -16.01 -73.44
C VAL K 116 -23.60 -15.07 -72.72
N ALA K 117 -23.24 -13.94 -73.36
CA ALA K 117 -22.51 -12.95 -72.64
C ALA K 117 -23.19 -11.65 -72.88
N THR K 118 -23.96 -11.20 -71.88
CA THR K 118 -24.64 -9.95 -71.97
C THR K 118 -23.62 -8.91 -72.26
N GLY K 119 -22.72 -8.66 -71.30
CA GLY K 119 -21.64 -7.78 -71.62
C GLY K 119 -21.89 -6.50 -70.90
N THR K 120 -23.06 -6.43 -70.25
CA THR K 120 -23.26 -5.54 -69.16
C THR K 120 -24.17 -6.29 -68.27
N ALA K 121 -24.96 -5.56 -67.47
CA ALA K 121 -26.14 -6.12 -66.89
C ALA K 121 -27.06 -6.40 -68.04
N SER K 122 -27.74 -5.33 -68.51
CA SER K 122 -28.68 -5.45 -69.59
C SER K 122 -27.90 -5.32 -70.85
N PRO K 123 -28.34 -6.01 -71.88
CA PRO K 123 -27.53 -6.23 -73.05
C PRO K 123 -27.52 -5.05 -73.93
N ASP K 124 -28.31 -4.01 -73.59
CA ASP K 124 -28.49 -2.86 -74.40
C ASP K 124 -27.18 -2.21 -74.45
N VAL K 125 -26.62 -2.02 -73.25
CA VAL K 125 -25.48 -1.20 -73.20
C VAL K 125 -24.34 -2.12 -72.97
N ARG K 126 -23.14 -1.60 -72.69
CA ARG K 126 -22.03 -2.47 -72.87
C ARG K 126 -20.90 -1.94 -72.07
N ARG K 127 -19.80 -2.71 -72.02
CA ARG K 127 -18.72 -2.36 -71.19
C ARG K 127 -17.53 -2.26 -72.05
N VAL K 128 -16.92 -1.05 -72.07
CA VAL K 128 -15.88 -0.81 -73.01
C VAL K 128 -14.68 -0.24 -72.29
N GLN K 129 -14.19 -0.98 -71.27
CA GLN K 129 -13.24 -0.67 -70.21
C GLN K 129 -12.45 0.63 -70.33
N ILE K 130 -12.21 1.33 -69.16
CA ILE K 130 -11.59 2.64 -69.15
C ILE K 130 -10.23 2.64 -68.46
N CYS L 15 -30.66 -31.65 -26.73
CA CYS L 15 -29.57 -30.70 -26.97
C CYS L 15 -30.13 -29.37 -27.37
N SER L 16 -29.57 -28.78 -28.45
CA SER L 16 -30.04 -27.49 -28.83
C SER L 16 -31.21 -27.68 -29.73
N SER L 17 -31.72 -26.55 -30.25
CA SER L 17 -32.78 -26.57 -31.21
C SER L 17 -32.18 -26.12 -32.48
N GLY L 18 -32.95 -26.13 -33.58
CA GLY L 18 -32.38 -25.68 -34.82
C GLY L 18 -33.16 -24.48 -35.20
N HIS L 19 -33.26 -24.20 -36.51
CA HIS L 19 -34.08 -23.14 -37.01
C HIS L 19 -35.39 -23.79 -37.32
N LYS L 20 -36.48 -23.01 -37.40
CA LYS L 20 -37.71 -23.64 -37.76
C LYS L 20 -37.86 -23.50 -39.23
N PRO L 21 -38.19 -24.57 -39.90
CA PRO L 21 -38.30 -24.52 -41.33
C PRO L 21 -39.37 -23.52 -41.66
N PRO L 22 -39.30 -23.03 -42.86
CA PRO L 22 -39.86 -21.75 -43.16
C PRO L 22 -41.34 -21.87 -43.25
N PRO L 23 -42.06 -20.80 -43.03
CA PRO L 23 -43.46 -20.75 -43.27
C PRO L 23 -43.68 -21.06 -44.70
N GLU L 24 -44.54 -22.05 -44.99
CA GLU L 24 -44.58 -22.54 -46.33
C GLU L 24 -45.87 -22.15 -46.95
N PRO L 25 -45.77 -21.56 -48.10
CA PRO L 25 -46.91 -20.97 -48.76
C PRO L 25 -47.83 -22.02 -49.26
N ASP L 26 -49.06 -21.61 -49.64
CA ASP L 26 -50.05 -22.49 -50.20
C ASP L 26 -49.42 -23.14 -51.39
N TRP L 27 -49.40 -24.50 -51.40
CA TRP L 27 -48.92 -25.25 -52.52
C TRP L 27 -50.13 -25.84 -53.14
N SER L 28 -51.15 -26.08 -52.29
CA SER L 28 -52.36 -26.68 -52.73
C SER L 28 -53.01 -25.70 -53.67
N ASN L 29 -53.64 -24.64 -53.13
CA ASN L 29 -54.32 -23.73 -54.01
C ASN L 29 -53.30 -23.10 -54.89
N THR L 30 -53.57 -23.04 -56.22
CA THR L 30 -52.62 -22.31 -57.02
C THR L 30 -53.30 -21.67 -58.17
N VAL L 31 -53.40 -20.32 -58.09
CA VAL L 31 -54.00 -19.46 -59.05
C VAL L 31 -52.88 -18.69 -59.68
N PRO L 32 -53.04 -18.35 -60.94
CA PRO L 32 -52.06 -17.61 -61.67
C PRO L 32 -51.84 -16.26 -61.08
N VAL L 33 -50.63 -15.68 -61.29
CA VAL L 33 -50.30 -14.38 -60.78
C VAL L 33 -51.00 -13.38 -61.63
N ASN L 34 -50.42 -13.15 -62.83
CA ASN L 34 -50.68 -12.01 -63.66
C ASN L 34 -52.15 -11.82 -63.82
N LYS L 35 -52.52 -10.55 -64.09
CA LYS L 35 -53.88 -10.12 -64.28
C LYS L 35 -54.05 -9.86 -65.74
N THR L 36 -53.97 -8.58 -66.15
CA THR L 36 -53.83 -8.30 -67.54
C THR L 36 -52.46 -8.73 -67.92
N ILE L 37 -52.03 -8.34 -69.14
CA ILE L 37 -50.75 -8.76 -69.58
C ILE L 37 -49.82 -7.60 -69.48
N PRO L 38 -48.62 -7.95 -69.11
CA PRO L 38 -47.66 -7.00 -68.63
C PRO L 38 -47.19 -6.13 -69.75
N VAL L 39 -46.91 -4.85 -69.44
CA VAL L 39 -46.20 -4.06 -70.39
C VAL L 39 -44.95 -3.62 -69.70
N ASP L 40 -44.09 -2.88 -70.41
CA ASP L 40 -42.96 -2.37 -69.70
C ASP L 40 -43.39 -1.06 -69.11
N THR L 41 -42.99 -0.82 -67.86
CA THR L 41 -43.26 0.47 -67.33
C THR L 41 -42.09 1.29 -67.76
N GLN L 42 -41.07 1.30 -66.88
CA GLN L 42 -39.77 1.78 -67.21
C GLN L 42 -39.43 1.22 -68.59
N GLY L 43 -39.43 2.00 -69.59
N GLU M 1 -18.18 29.87 -4.62
CA GLU M 1 -17.78 28.95 -3.53
C GLU M 1 -18.82 29.02 -2.47
N THR M 2 -20.04 29.38 -2.91
CA THR M 2 -21.22 29.32 -2.09
C THR M 2 -21.52 27.88 -1.91
N SER M 3 -22.74 27.54 -1.45
CA SER M 3 -22.99 26.14 -1.38
C SER M 3 -23.26 25.69 -2.78
N GLU M 4 -23.16 24.37 -3.02
CA GLU M 4 -23.33 23.78 -4.33
C GLU M 4 -24.76 23.38 -4.42
N GLY M 5 -25.19 22.56 -3.44
CA GLY M 5 -26.52 22.07 -3.40
C GLY M 5 -27.37 23.19 -2.91
N SER M 6 -26.73 24.33 -2.59
CA SER M 6 -27.49 25.52 -2.45
C SER M 6 -27.93 25.86 -3.83
N SER M 7 -26.95 25.87 -4.74
CA SER M 7 -27.19 26.21 -6.11
C SER M 7 -28.28 25.34 -6.65
N ALA M 8 -28.11 24.01 -6.56
CA ALA M 8 -28.94 23.08 -7.28
C ALA M 8 -30.38 23.33 -6.97
N LEU M 9 -30.74 23.32 -5.66
CA LEU M 9 -32.08 23.57 -5.22
C LEU M 9 -32.55 24.81 -5.88
N ALA M 10 -31.77 25.90 -5.72
CA ALA M 10 -32.03 27.19 -6.27
C ALA M 10 -32.38 27.06 -7.73
N LYS M 11 -31.83 26.03 -8.38
CA LYS M 11 -31.93 25.90 -9.80
C LYS M 11 -33.32 25.47 -10.10
N ASN M 12 -33.83 24.59 -9.22
CA ASN M 12 -35.02 23.86 -9.49
C ASN M 12 -36.18 24.49 -8.76
N LEU M 13 -36.01 25.67 -8.12
CA LEU M 13 -37.14 26.27 -7.46
C LEU M 13 -37.99 26.98 -8.47
N THR M 14 -37.43 27.97 -9.17
CA THR M 14 -38.19 28.65 -10.18
C THR M 14 -38.01 27.82 -11.44
N PRO M 15 -38.99 27.04 -11.92
CA PRO M 15 -38.65 25.88 -12.69
C PRO M 15 -39.17 26.10 -14.06
N ALA M 16 -38.29 26.22 -15.07
CA ALA M 16 -36.89 26.13 -14.83
C ALA M 16 -36.39 27.49 -15.12
N ARG M 17 -35.14 27.85 -14.83
CA ARG M 17 -34.74 28.99 -15.60
C ARG M 17 -33.72 28.48 -16.57
N LEU M 18 -33.97 27.25 -17.05
CA LEU M 18 -33.79 26.84 -18.42
C LEU M 18 -33.77 28.06 -19.31
N LYS M 19 -32.88 28.05 -20.35
CA LYS M 19 -32.67 29.17 -21.24
C LYS M 19 -33.74 29.19 -22.31
N ALA M 20 -34.26 30.38 -22.64
CA ALA M 20 -35.32 30.54 -23.61
C ALA M 20 -34.96 29.83 -24.88
N SER M 21 -36.00 29.29 -25.54
CA SER M 21 -35.83 28.50 -26.73
C SER M 21 -36.23 29.36 -27.89
N ARG M 22 -35.39 29.40 -28.95
CA ARG M 22 -35.68 30.26 -30.06
C ARG M 22 -36.75 29.59 -30.86
N ALA M 23 -37.98 30.10 -30.77
CA ALA M 23 -39.03 29.44 -31.49
C ALA M 23 -38.99 29.97 -32.88
N GLY M 24 -38.05 29.45 -33.69
CA GLY M 24 -37.78 30.04 -34.98
C GLY M 24 -38.23 29.10 -36.04
N VAL M 25 -38.60 29.66 -37.21
CA VAL M 25 -39.27 28.82 -38.15
C VAL M 25 -38.27 28.18 -39.04
N MET M 26 -38.44 26.84 -39.16
CA MET M 26 -37.92 26.17 -40.31
C MET M 26 -38.56 26.86 -41.46
N ALA M 27 -37.71 27.38 -42.36
CA ALA M 27 -38.20 28.09 -43.50
C ALA M 27 -39.16 27.20 -44.22
N ASN M 28 -38.64 26.22 -44.99
CA ASN M 28 -39.54 25.42 -45.77
C ASN M 28 -39.48 23.99 -45.32
N PRO M 29 -40.57 23.36 -45.66
CA PRO M 29 -40.78 21.94 -45.59
C PRO M 29 -39.98 21.34 -46.69
N SER M 30 -39.77 22.11 -47.76
CA SER M 30 -38.99 21.55 -48.81
C SER M 30 -37.63 22.05 -48.60
N LEU M 31 -37.41 22.73 -47.44
CA LEU M 31 -36.11 23.06 -46.93
C LEU M 31 -35.82 22.05 -45.90
N THR M 32 -36.86 21.49 -45.26
CA THR M 32 -36.50 20.58 -44.22
C THR M 32 -37.56 19.54 -44.10
N VAL M 33 -37.12 18.27 -44.06
CA VAL M 33 -37.99 17.18 -43.71
C VAL M 33 -37.71 16.93 -42.27
N PRO M 34 -38.66 17.16 -41.41
CA PRO M 34 -38.46 17.05 -39.99
C PRO M 34 -38.48 15.60 -39.65
N LYS M 35 -37.81 15.21 -38.56
CA LYS M 35 -38.03 13.92 -38.00
C LYS M 35 -39.32 14.01 -37.26
N GLY M 36 -39.48 13.14 -36.25
CA GLY M 36 -40.78 12.91 -35.70
C GLY M 36 -41.46 12.10 -36.74
N LYS M 37 -40.63 11.55 -37.63
CA LYS M 37 -41.05 10.89 -38.81
C LYS M 37 -40.74 9.46 -38.59
N MET M 38 -41.32 8.59 -39.43
CA MET M 38 -40.92 7.23 -39.40
C MET M 38 -40.40 6.99 -40.78
N ILE M 39 -39.31 6.21 -40.90
CA ILE M 39 -38.91 5.81 -42.21
C ILE M 39 -39.36 4.38 -42.31
N PRO M 40 -40.52 4.19 -42.88
CA PRO M 40 -41.24 2.96 -42.77
C PRO M 40 -40.65 1.98 -43.71
N CYS M 41 -39.51 1.34 -43.37
CA CYS M 41 -38.86 0.59 -44.40
C CYS M 41 -39.36 -0.82 -44.39
N GLY M 42 -38.53 -1.73 -44.95
CA GLY M 42 -38.92 -3.10 -45.05
C GLY M 42 -37.66 -3.91 -45.06
N THR M 43 -37.50 -4.76 -44.03
CA THR M 43 -36.23 -5.41 -43.89
C THR M 43 -36.20 -6.59 -44.81
N GLY M 44 -34.99 -6.85 -45.36
CA GLY M 44 -34.88 -7.82 -46.39
C GLY M 44 -33.75 -8.73 -46.07
N THR M 45 -33.42 -8.89 -44.76
CA THR M 45 -32.53 -9.96 -44.47
C THR M 45 -32.99 -10.58 -43.19
N GLU M 46 -32.45 -11.76 -42.89
CA GLU M 46 -32.65 -12.33 -41.59
C GLU M 46 -31.86 -11.46 -40.68
N LEU M 47 -32.20 -11.47 -39.37
CA LEU M 47 -31.56 -10.62 -38.43
C LEU M 47 -31.30 -11.43 -37.21
N ASP M 48 -30.13 -11.21 -36.61
CA ASP M 48 -29.74 -12.06 -35.52
C ASP M 48 -28.67 -11.33 -34.80
N THR M 49 -29.04 -10.65 -33.70
CA THR M 49 -28.04 -9.89 -33.03
C THR M 49 -27.25 -10.86 -32.20
N THR M 50 -27.60 -12.16 -32.35
CA THR M 50 -26.67 -13.24 -32.28
C THR M 50 -25.36 -12.73 -32.80
N VAL M 51 -25.29 -12.42 -34.11
CA VAL M 51 -24.01 -12.02 -34.60
C VAL M 51 -24.05 -10.59 -34.98
N PRO M 52 -23.14 -9.82 -34.44
CA PRO M 52 -22.98 -8.43 -34.74
C PRO M 52 -22.86 -8.28 -36.22
N GLY M 53 -23.03 -7.07 -36.76
CA GLY M 53 -23.02 -7.03 -38.18
C GLY M 53 -24.38 -6.64 -38.63
N GLN M 54 -24.55 -6.60 -39.96
CA GLN M 54 -25.43 -5.67 -40.57
C GLN M 54 -26.74 -6.29 -40.88
N VAL M 55 -27.80 -5.47 -40.86
CA VAL M 55 -29.07 -5.81 -41.44
C VAL M 55 -29.23 -4.89 -42.60
N SER M 56 -30.26 -5.13 -43.45
CA SER M 56 -30.50 -4.19 -44.52
C SER M 56 -31.99 -4.10 -44.69
N CYS M 57 -32.47 -2.85 -44.86
CA CYS M 57 -33.84 -2.61 -45.23
C CYS M 57 -33.81 -1.73 -46.43
N ARG M 58 -34.99 -1.54 -47.04
CA ARG M 58 -35.16 -0.56 -48.07
C ARG M 58 -36.46 0.12 -47.77
N VAL M 59 -36.67 1.35 -48.27
CA VAL M 59 -37.83 2.06 -47.82
C VAL M 59 -39.03 1.30 -48.25
N SER M 60 -40.17 1.54 -47.58
CA SER M 60 -41.39 1.03 -48.11
C SER M 60 -42.04 2.16 -48.84
N GLN M 61 -43.10 2.75 -48.25
CA GLN M 61 -43.77 3.86 -48.86
C GLN M 61 -42.88 5.06 -48.76
N ASP M 62 -43.46 6.26 -48.95
CA ASP M 62 -42.67 7.45 -49.17
C ASP M 62 -42.44 8.16 -47.88
N VAL M 63 -41.38 9.01 -47.87
CA VAL M 63 -41.12 9.90 -46.79
C VAL M 63 -41.50 11.27 -47.29
N TYR M 64 -41.85 12.20 -46.38
CA TYR M 64 -42.41 13.46 -46.79
C TYR M 64 -41.65 14.58 -46.15
N SER M 65 -42.30 15.76 -46.01
CA SER M 65 -41.62 16.96 -45.60
C SER M 65 -42.23 17.45 -44.30
N ALA M 66 -42.08 18.76 -44.04
CA ALA M 66 -42.49 19.29 -42.76
C ALA M 66 -43.97 19.43 -42.80
N ASP M 67 -44.46 20.38 -43.62
CA ASP M 67 -45.87 20.53 -43.80
C ASP M 67 -46.40 19.17 -44.20
N GLY M 68 -45.66 18.48 -45.09
CA GLY M 68 -46.01 17.15 -45.46
C GLY M 68 -46.67 17.25 -46.79
N LEU M 69 -46.40 18.36 -47.51
CA LEU M 69 -47.08 18.62 -48.74
C LEU M 69 -46.22 18.14 -49.88
N VAL M 70 -44.89 18.02 -49.70
CA VAL M 70 -44.15 17.52 -50.82
C VAL M 70 -43.66 16.15 -50.51
N ARG M 71 -43.46 15.33 -51.56
CA ARG M 71 -42.96 13.99 -51.42
C ARG M 71 -41.58 14.03 -51.96
N LEU M 72 -40.58 14.12 -51.06
CA LEU M 72 -39.25 14.21 -51.57
C LEU M 72 -38.63 12.87 -51.47
N ILE M 73 -38.47 12.37 -50.24
CA ILE M 73 -37.87 11.08 -50.14
C ILE M 73 -38.88 10.08 -50.64
N ASP M 74 -38.49 9.28 -51.66
CA ASP M 74 -39.42 8.33 -52.23
C ASP M 74 -38.95 6.96 -51.89
N LYS M 75 -39.63 5.94 -52.44
CA LYS M 75 -39.39 4.58 -52.06
C LYS M 75 -38.12 4.14 -52.68
N GLY M 76 -37.86 2.83 -52.55
CA GLY M 76 -36.71 2.21 -53.15
C GLY M 76 -35.50 2.94 -52.67
N SER M 77 -35.52 3.41 -51.41
CA SER M 77 -34.30 3.94 -50.87
C SER M 77 -33.77 2.91 -49.93
N TRP M 78 -32.77 2.15 -50.40
CA TRP M 78 -32.22 1.08 -49.63
C TRP M 78 -31.45 1.68 -48.49
N VAL M 79 -31.62 1.11 -47.27
CA VAL M 79 -30.86 1.52 -46.11
C VAL M 79 -30.03 0.34 -45.68
N ASP M 80 -28.90 0.61 -44.98
CA ASP M 80 -28.12 -0.46 -44.44
C ASP M 80 -27.69 -0.03 -43.07
N GLY M 81 -27.33 -0.98 -42.19
CA GLY M 81 -27.09 -0.61 -40.82
C GLY M 81 -26.23 -1.64 -40.16
N GLN M 82 -26.46 -1.87 -38.86
CA GLN M 82 -25.58 -2.71 -38.11
C GLN M 82 -26.13 -2.87 -36.70
N ILE M 83 -25.96 -4.10 -36.13
CA ILE M 83 -26.29 -4.42 -34.76
C ILE M 83 -24.97 -4.71 -34.10
N THR M 84 -24.45 -3.77 -33.27
CA THR M 84 -23.10 -3.86 -32.79
C THR M 84 -22.90 -5.16 -32.09
N GLY M 85 -23.95 -5.71 -31.46
CA GLY M 85 -23.72 -6.98 -30.83
C GLY M 85 -24.81 -7.27 -29.86
N GLY M 86 -24.82 -8.53 -29.38
CA GLY M 86 -25.98 -9.18 -28.84
C GLY M 86 -26.66 -8.35 -27.78
N ILE M 87 -27.98 -8.52 -27.71
CA ILE M 87 -28.84 -7.89 -26.74
C ILE M 87 -28.38 -8.30 -25.39
N LYS M 88 -29.13 -7.87 -24.36
CA LYS M 88 -28.85 -8.37 -23.05
C LYS M 88 -29.80 -9.48 -22.77
N ASP M 89 -30.12 -9.66 -21.47
CA ASP M 89 -30.75 -10.85 -20.98
C ASP M 89 -32.22 -10.68 -21.13
N GLY M 90 -32.82 -11.48 -22.04
CA GLY M 90 -34.23 -11.51 -22.21
C GLY M 90 -34.66 -10.15 -22.68
N GLN M 91 -33.72 -9.40 -23.31
CA GLN M 91 -34.13 -8.08 -23.72
C GLN M 91 -35.12 -8.26 -24.81
N ALA M 92 -36.17 -7.41 -24.77
CA ALA M 92 -37.35 -7.55 -25.58
C ALA M 92 -36.94 -7.73 -26.99
N ARG M 93 -35.85 -7.06 -27.39
CA ARG M 93 -35.65 -6.87 -28.78
C ARG M 93 -34.28 -6.32 -28.95
N VAL M 94 -33.68 -6.56 -30.12
CA VAL M 94 -32.43 -5.94 -30.41
C VAL M 94 -32.69 -4.50 -30.69
N PHE M 95 -31.59 -3.75 -30.76
CA PHE M 95 -31.47 -2.37 -31.10
C PHE M 95 -30.85 -2.39 -32.47
N VAL M 96 -31.08 -1.34 -33.28
CA VAL M 96 -30.66 -1.40 -34.65
C VAL M 96 -30.17 -0.06 -35.04
N LEU M 97 -29.10 -0.04 -35.84
CA LEU M 97 -28.59 1.24 -36.19
C LEU M 97 -28.62 1.33 -37.67
N TRP M 98 -29.66 2.01 -38.21
CA TRP M 98 -29.66 2.20 -39.63
C TRP M 98 -28.74 3.33 -39.89
N GLU M 99 -27.71 3.06 -40.71
CA GLU M 99 -26.81 4.11 -41.02
C GLU M 99 -27.26 4.70 -42.30
N ARG M 100 -26.67 4.24 -43.42
CA ARG M 100 -26.91 5.09 -44.53
C ARG M 100 -28.15 4.67 -45.24
N ILE M 101 -29.03 5.66 -45.52
CA ILE M 101 -30.17 5.47 -46.35
C ILE M 101 -29.80 5.95 -47.72
N ARG M 102 -29.69 5.03 -48.69
CA ARG M 102 -29.37 5.41 -50.03
C ARG M 102 -30.59 5.24 -50.86
N ASN M 103 -30.67 5.99 -51.98
CA ASN M 103 -31.79 5.98 -52.88
C ASN M 103 -31.36 5.18 -54.07
N ASP M 104 -32.30 4.83 -54.97
CA ASP M 104 -32.06 3.77 -55.92
C ASP M 104 -31.66 4.36 -57.23
N GLN M 105 -32.66 4.88 -57.97
CA GLN M 105 -32.45 5.36 -59.31
C GLN M 105 -31.60 6.57 -59.22
N ASP M 106 -32.14 7.60 -58.54
CA ASP M 106 -31.54 8.88 -58.34
C ASP M 106 -30.14 8.70 -57.84
N GLY M 107 -30.02 8.61 -56.51
CA GLY M 107 -28.78 8.59 -55.81
C GLY M 107 -29.17 8.65 -54.37
N THR M 108 -29.20 9.87 -53.82
CA THR M 108 -29.82 10.18 -52.57
C THR M 108 -29.37 9.20 -51.54
N ILE M 109 -28.07 9.24 -51.22
CA ILE M 109 -27.55 8.60 -50.06
C ILE M 109 -27.73 9.56 -48.95
N VAL M 110 -27.46 9.11 -47.72
CA VAL M 110 -27.45 10.05 -46.65
C VAL M 110 -27.13 9.27 -45.41
N ASN M 111 -26.02 9.62 -44.75
CA ASN M 111 -25.70 8.89 -43.57
C ASN M 111 -26.66 9.36 -42.53
N ILE M 112 -27.66 8.51 -42.16
CA ILE M 112 -28.73 9.04 -41.33
C ILE M 112 -28.43 8.80 -39.88
N ASP M 113 -27.81 7.64 -39.55
CA ASP M 113 -27.29 7.45 -38.22
C ASP M 113 -28.42 7.48 -37.24
N SER M 114 -29.53 6.79 -37.56
CA SER M 114 -30.66 6.78 -36.66
C SER M 114 -30.87 5.38 -36.22
N ALA M 115 -31.66 5.20 -35.15
CA ALA M 115 -31.95 3.83 -34.82
C ALA M 115 -33.18 3.47 -35.58
N GLY M 116 -33.46 2.16 -35.67
CA GLY M 116 -34.67 1.71 -36.27
C GLY M 116 -35.65 1.60 -35.16
N THR M 117 -36.92 1.27 -35.45
CA THR M 117 -37.87 1.20 -34.38
C THR M 117 -38.75 0.05 -34.69
N ASN M 118 -40.04 0.14 -34.34
CA ASN M 118 -40.90 -0.99 -34.57
C ASN M 118 -42.05 -0.49 -35.38
N SER M 119 -42.95 -1.42 -35.76
CA SER M 119 -44.17 -1.02 -36.40
C SER M 119 -44.79 -0.06 -35.44
N LEU M 120 -44.86 -0.48 -34.16
CA LEU M 120 -45.42 0.28 -33.08
C LEU M 120 -44.68 1.58 -32.99
N GLY M 121 -43.37 1.56 -33.33
CA GLY M 121 -42.64 2.79 -33.35
C GLY M 121 -41.59 2.73 -32.31
N SER M 122 -41.69 1.75 -31.39
CA SER M 122 -40.78 1.76 -30.28
C SER M 122 -39.42 1.35 -30.79
N ALA M 123 -38.36 1.86 -30.13
CA ALA M 123 -37.07 1.90 -30.73
C ALA M 123 -36.46 0.54 -30.71
N GLY M 124 -35.97 0.09 -31.87
CA GLY M 124 -35.26 -1.14 -31.95
C GLY M 124 -36.19 -2.14 -32.51
N ILE M 125 -35.73 -2.92 -33.52
CA ILE M 125 -36.65 -3.86 -34.06
C ILE M 125 -36.52 -5.14 -33.32
N PRO M 126 -37.66 -5.62 -32.99
CA PRO M 126 -37.82 -6.60 -31.95
C PRO M 126 -37.37 -7.92 -32.47
N GLY M 127 -37.45 -8.99 -31.63
CA GLY M 127 -37.13 -10.28 -32.12
C GLY M 127 -37.42 -11.31 -31.07
N GLN M 128 -36.61 -12.40 -31.06
CA GLN M 128 -36.82 -13.52 -30.18
C GLN M 128 -35.55 -13.77 -29.44
N VAL M 129 -35.65 -14.53 -28.34
CA VAL M 129 -34.53 -14.62 -27.47
C VAL M 129 -33.95 -16.00 -27.55
N ASP M 130 -32.66 -16.06 -27.92
CA ASP M 130 -31.92 -17.25 -27.63
C ASP M 130 -31.26 -16.90 -26.35
N ALA M 131 -31.61 -17.63 -25.28
CA ALA M 131 -31.12 -17.34 -23.97
C ALA M 131 -29.73 -17.87 -23.95
N HIS M 132 -29.56 -19.10 -24.46
CA HIS M 132 -28.29 -19.75 -24.44
C HIS M 132 -28.01 -20.09 -23.01
N MET M 133 -29.07 -20.28 -22.22
CA MET M 133 -28.86 -20.55 -20.84
C MET M 133 -28.06 -21.83 -20.75
N TRP M 134 -28.13 -22.64 -21.82
CA TRP M 134 -27.46 -23.89 -21.85
C TRP M 134 -25.98 -23.67 -21.68
N GLU M 135 -25.34 -23.02 -22.66
CA GLU M 135 -23.90 -22.98 -22.66
C GLU M 135 -23.42 -22.33 -21.40
N ARG M 136 -24.21 -21.39 -20.85
CA ARG M 136 -23.80 -20.70 -19.66
C ARG M 136 -23.94 -21.61 -18.50
N LEU M 137 -24.80 -22.64 -18.62
CA LEU M 137 -25.08 -23.46 -17.48
C LEU M 137 -24.27 -24.72 -17.54
N ARG M 138 -23.97 -25.24 -18.74
CA ARG M 138 -23.39 -26.56 -18.86
C ARG M 138 -22.12 -26.64 -18.06
N GLY M 139 -21.53 -25.47 -17.73
CA GLY M 139 -20.25 -25.46 -17.07
C GLY M 139 -20.40 -26.15 -15.75
N ALA M 140 -20.92 -25.42 -14.75
CA ALA M 140 -20.92 -25.93 -13.41
C ALA M 140 -21.75 -27.17 -13.37
N ILE M 141 -22.53 -27.43 -14.43
CA ILE M 141 -23.44 -28.52 -14.33
C ILE M 141 -22.74 -29.81 -14.63
N MET M 142 -21.66 -29.78 -15.41
CA MET M 142 -20.98 -31.04 -15.51
C MET M 142 -20.22 -31.22 -14.23
N ILE M 143 -19.33 -30.27 -13.94
CA ILE M 143 -18.48 -30.28 -12.78
C ILE M 143 -19.25 -30.66 -11.57
N SER M 144 -20.45 -30.07 -11.38
CA SER M 144 -21.08 -30.18 -10.11
C SER M 144 -21.68 -31.55 -9.96
N LEU M 145 -21.98 -32.21 -11.10
CA LEU M 145 -22.50 -33.54 -11.03
C LEU M 145 -21.39 -34.41 -10.51
N PHE M 146 -20.14 -33.91 -10.60
CA PHE M 146 -19.07 -34.73 -10.15
C PHE M 146 -18.96 -34.56 -8.66
N SER M 147 -19.00 -33.30 -8.19
CA SER M 147 -18.94 -33.09 -6.77
C SER M 147 -20.12 -33.78 -6.16
N ASP M 148 -21.21 -33.93 -6.95
CA ASP M 148 -22.38 -34.65 -6.52
C ASP M 148 -22.03 -36.10 -6.42
N THR M 149 -21.22 -36.60 -7.37
CA THR M 149 -20.95 -38.00 -7.40
C THR M 149 -19.88 -38.35 -6.41
N LEU M 150 -19.41 -37.37 -5.63
CA LEU M 150 -18.51 -37.75 -4.58
C LEU M 150 -19.32 -38.63 -3.67
N THR M 151 -20.65 -38.46 -3.67
CA THR M 151 -21.47 -39.18 -2.75
C THR M 151 -21.98 -40.44 -3.42
N ALA M 152 -22.79 -40.31 -4.49
CA ALA M 152 -23.28 -41.48 -5.18
C ALA M 152 -22.11 -42.12 -5.91
N LEU M 153 -22.35 -43.15 -6.60
N GLN M 173 -16.07 -21.38 -4.16
CA GLN M 173 -16.99 -20.54 -4.97
C GLN M 173 -17.16 -21.15 -6.32
N LEU M 174 -18.28 -21.85 -6.54
CA LEU M 174 -18.53 -22.46 -7.81
C LEU M 174 -19.89 -22.00 -8.22
N ALA M 175 -20.78 -21.81 -7.23
CA ALA M 175 -22.06 -21.24 -7.52
C ALA M 175 -21.84 -19.79 -7.78
N SER M 176 -21.14 -19.11 -6.86
CA SER M 176 -20.83 -17.73 -7.05
C SER M 176 -20.02 -17.62 -8.29
N GLU M 177 -18.98 -18.46 -8.44
CA GLU M 177 -18.13 -18.36 -9.60
C GLU M 177 -18.93 -18.69 -10.83
N ALA M 178 -19.97 -19.53 -10.69
CA ALA M 178 -20.72 -19.95 -11.85
C ALA M 178 -21.55 -18.82 -12.34
N LEU M 179 -21.83 -17.86 -11.45
CA LEU M 179 -22.65 -16.75 -11.82
C LEU M 179 -21.78 -15.77 -12.56
N ARG M 180 -20.51 -15.64 -12.13
CA ARG M 180 -19.57 -14.81 -12.82
C ARG M 180 -19.34 -15.41 -14.18
N SER M 181 -19.38 -16.74 -14.28
CA SER M 181 -19.33 -17.30 -15.60
C SER M 181 -20.52 -16.78 -16.35
N TYR M 182 -21.73 -17.14 -15.88
CA TYR M 182 -22.98 -16.97 -16.57
C TYR M 182 -23.06 -15.62 -17.22
N MET M 183 -22.92 -14.52 -16.46
CA MET M 183 -23.26 -13.26 -17.06
C MET M 183 -22.34 -12.96 -18.21
N SER M 184 -21.15 -13.59 -18.22
CA SER M 184 -20.13 -13.34 -19.21
C SER M 184 -20.75 -13.38 -20.57
N ILE M 185 -21.33 -14.55 -20.95
CA ILE M 185 -21.77 -14.65 -22.31
C ILE M 185 -23.12 -14.02 -22.44
N PRO M 186 -23.24 -13.16 -23.41
CA PRO M 186 -24.50 -12.61 -23.81
C PRO M 186 -25.38 -13.71 -24.31
N PRO M 187 -26.64 -13.41 -24.37
CA PRO M 187 -27.66 -14.18 -25.03
C PRO M 187 -27.51 -14.05 -26.51
N THR M 188 -28.64 -14.00 -27.27
CA THR M 188 -28.66 -13.47 -28.60
C THR M 188 -30.09 -13.09 -28.90
N LEU M 189 -30.34 -12.56 -30.12
CA LEU M 189 -31.69 -12.33 -30.52
C LEU M 189 -31.92 -13.02 -31.84
N TYR M 190 -32.60 -12.32 -32.77
CA TYR M 190 -33.26 -12.88 -33.92
C TYR M 190 -34.36 -11.91 -34.21
N ASP M 191 -34.66 -11.60 -35.50
CA ASP M 191 -35.90 -10.99 -35.94
C ASP M 191 -36.04 -11.46 -37.36
N GLN M 192 -37.28 -11.71 -37.83
CA GLN M 192 -37.34 -12.49 -39.03
C GLN M 192 -37.07 -11.58 -40.18
N GLN M 193 -37.13 -12.14 -41.41
CA GLN M 193 -36.82 -11.36 -42.57
C GLN M 193 -38.11 -10.85 -43.10
N GLY M 194 -38.02 -9.75 -43.87
CA GLY M 194 -39.20 -9.07 -44.28
C GLY M 194 -40.00 -8.77 -43.05
N ASP M 195 -39.49 -7.87 -42.20
CA ASP M 195 -40.32 -7.39 -41.14
C ASP M 195 -40.71 -6.00 -41.50
N ALA M 196 -41.96 -5.62 -41.25
CA ALA M 196 -42.31 -4.26 -41.50
C ALA M 196 -41.61 -3.48 -40.47
N VAL M 197 -40.89 -2.42 -40.86
CA VAL M 197 -40.31 -1.66 -39.79
C VAL M 197 -40.23 -0.24 -40.21
N SER M 198 -39.61 0.57 -39.33
CA SER M 198 -39.58 1.98 -39.58
C SER M 198 -38.31 2.49 -39.00
N ILE M 199 -37.96 3.76 -39.30
CA ILE M 199 -36.82 4.36 -38.65
C ILE M 199 -37.29 5.58 -37.97
N PHE M 200 -36.89 5.77 -36.70
CA PHE M 200 -36.99 7.08 -36.15
C PHE M 200 -35.80 7.83 -36.66
N VAL M 201 -35.83 8.28 -37.94
CA VAL M 201 -34.75 9.09 -38.41
C VAL M 201 -34.73 10.27 -37.52
N ALA M 202 -33.70 10.35 -36.66
CA ALA M 202 -33.70 11.33 -35.62
C ALA M 202 -33.06 12.57 -36.14
N ARG M 203 -33.57 13.09 -37.28
CA ARG M 203 -33.04 14.35 -37.72
C ARG M 203 -33.80 14.89 -38.89
N ASP M 204 -33.10 15.72 -39.70
CA ASP M 204 -33.69 16.53 -40.73
C ASP M 204 -32.95 16.33 -41.98
N LEU M 205 -33.73 16.15 -43.05
CA LEU M 205 -33.17 15.94 -44.33
C LEU M 205 -33.46 17.17 -45.12
N ASP M 206 -32.47 17.65 -45.89
CA ASP M 206 -32.78 18.67 -46.83
C ASP M 206 -32.89 17.99 -48.15
N PHE M 207 -34.04 18.11 -48.80
CA PHE M 207 -33.99 17.95 -50.21
C PHE M 207 -34.40 19.26 -50.77
N SER M 208 -33.91 20.40 -50.22
CA SER M 208 -34.21 21.63 -50.90
C SER M 208 -33.06 21.94 -51.78
N GLY M 209 -32.35 20.92 -52.25
CA GLY M 209 -31.32 21.14 -53.20
C GLY M 209 -31.48 20.09 -54.26
N VAL M 210 -32.59 19.31 -54.19
CA VAL M 210 -33.16 18.58 -55.30
C VAL M 210 -34.51 19.26 -55.40
N TYR M 211 -35.61 18.55 -55.79
CA TYR M 211 -37.01 18.90 -55.66
C TYR M 211 -37.33 20.35 -55.48
N THR M 212 -38.13 20.95 -56.40
CA THR M 212 -38.71 22.24 -56.17
C THR M 212 -40.00 22.28 -56.96
N LEU M 213 -40.54 23.44 -57.46
CA LEU M 213 -41.88 23.24 -57.99
C LEU M 213 -41.84 22.93 -59.46
N ALA M 214 -42.98 22.44 -60.03
CA ALA M 214 -44.21 23.19 -60.01
C ALA M 214 -45.32 22.54 -60.86
N ASP M 215 -46.02 23.33 -61.72
CA ASP M 215 -47.24 22.83 -62.33
C ASP M 215 -46.97 22.40 -63.76
N ASN M 216 -48.03 22.07 -64.56
CA ASN M 216 -48.99 21.11 -64.10
C ASN M 216 -48.38 19.73 -64.22
N ALA N 1 -39.18 30.93 -60.18
CA ALA N 1 -39.03 32.33 -59.69
C ALA N 1 -39.72 32.47 -58.37
N ALA N 2 -39.66 33.67 -57.78
CA ALA N 2 -40.28 33.88 -56.51
C ALA N 2 -41.75 33.80 -56.71
N ASP N 3 -42.26 34.38 -57.81
CA ASP N 3 -43.68 34.45 -58.02
C ASP N 3 -44.12 33.23 -58.74
N LYS N 4 -43.20 32.55 -59.43
CA LYS N 4 -43.50 31.35 -60.14
C LYS N 4 -43.83 30.30 -59.14
N LYS N 5 -43.07 30.27 -58.03
CA LYS N 5 -43.24 29.24 -57.04
C LYS N 5 -44.61 29.39 -56.49
N ARG N 6 -44.90 30.61 -56.02
CA ARG N 6 -46.04 30.94 -55.22
C ARG N 6 -47.27 30.34 -55.83
N ILE N 7 -47.69 30.90 -56.98
CA ILE N 7 -48.78 30.45 -57.79
C ILE N 7 -48.85 28.95 -57.75
N THR N 8 -47.70 28.28 -57.94
CA THR N 8 -47.70 26.85 -58.03
C THR N 8 -48.09 26.26 -56.72
N GLN N 9 -47.50 26.75 -55.62
CA GLN N 9 -47.68 26.18 -54.32
C GLN N 9 -49.14 26.19 -53.99
N LYS N 10 -49.86 27.28 -54.34
CA LYS N 10 -51.28 27.28 -54.09
C LYS N 10 -51.88 26.15 -54.85
N LEU N 11 -51.39 25.93 -56.08
CA LEU N 11 -51.93 24.91 -56.93
C LEU N 11 -51.82 23.62 -56.18
N LYS N 12 -50.84 23.53 -55.26
CA LYS N 12 -50.42 22.27 -54.68
C LYS N 12 -51.24 22.01 -53.46
N GLN N 13 -51.75 23.08 -52.83
CA GLN N 13 -52.60 22.91 -51.69
C GLN N 13 -53.77 22.11 -52.12
N THR N 14 -54.31 22.41 -53.32
CA THR N 14 -55.56 21.79 -53.61
C THR N 14 -55.33 20.60 -54.48
N ALA N 15 -55.34 19.39 -53.89
CA ALA N 15 -55.15 18.25 -54.72
C ALA N 15 -55.77 17.11 -54.02
N PHE N 16 -56.54 17.41 -52.96
CA PHE N 16 -57.33 16.41 -52.32
C PHE N 16 -58.46 16.10 -53.25
N ALA N 17 -58.14 15.43 -54.36
CA ALA N 17 -59.05 15.30 -55.46
C ALA N 17 -58.93 13.92 -56.02
N GLY N 18 -59.05 13.82 -57.36
CA GLY N 18 -59.24 12.53 -57.94
C GLY N 18 -60.65 12.14 -57.62
N ALA N 19 -61.02 10.90 -57.95
CA ALA N 19 -62.34 10.46 -57.60
C ALA N 19 -62.28 9.92 -56.21
N LYS N 20 -62.96 10.61 -55.27
CA LYS N 20 -62.86 10.16 -53.92
C LYS N 20 -63.65 8.91 -53.77
N ASN N 21 -63.45 8.29 -52.60
CA ASN N 21 -64.23 7.26 -52.02
C ASN N 21 -65.10 8.04 -51.09
N TYR N 22 -66.43 7.91 -51.16
CA TYR N 22 -67.12 8.83 -50.31
C TYR N 22 -67.36 8.17 -48.99
N GLN N 23 -67.65 6.85 -49.00
CA GLN N 23 -68.05 6.21 -47.79
C GLN N 23 -66.84 5.84 -47.00
N TYR N 24 -66.71 6.45 -45.81
CA TYR N 24 -65.97 5.82 -44.76
C TYR N 24 -67.01 5.34 -43.80
N VAL N 25 -66.86 4.11 -43.28
CA VAL N 25 -67.70 3.73 -42.18
C VAL N 25 -66.84 3.82 -40.98
N MET N 26 -67.43 4.00 -39.79
CA MET N 26 -66.61 4.04 -38.61
C MET N 26 -67.10 2.97 -37.71
N SER N 27 -66.62 2.97 -36.45
CA SER N 27 -67.18 2.10 -35.47
C SER N 27 -68.36 2.83 -34.94
N GLU N 28 -68.65 2.66 -33.63
CA GLU N 28 -69.61 3.51 -32.99
C GLU N 28 -69.64 3.08 -31.57
N GLN N 29 -69.10 3.90 -30.67
CA GLN N 29 -69.29 3.63 -29.29
C GLN N 29 -69.80 4.90 -28.69
N PRO N 30 -70.50 4.79 -27.60
CA PRO N 30 -71.17 5.91 -27.04
C PRO N 30 -70.15 6.89 -26.59
N GLU N 31 -68.89 6.44 -26.42
CA GLU N 31 -67.85 7.31 -25.99
C GLU N 31 -67.22 7.87 -27.23
N MET N 32 -66.97 6.99 -28.20
CA MET N 32 -66.40 7.41 -29.45
C MET N 32 -67.26 8.51 -29.99
N ARG N 33 -68.48 8.15 -30.47
CA ARG N 33 -69.46 8.94 -31.17
C ARG N 33 -69.25 10.40 -30.92
N SER N 34 -69.20 10.76 -29.61
CA SER N 34 -69.05 12.11 -29.16
C SER N 34 -67.98 12.79 -29.94
N ILE N 35 -66.71 12.42 -29.69
CA ILE N 35 -65.65 13.22 -30.23
C ILE N 35 -65.32 12.74 -31.60
N GLN N 36 -66.35 12.48 -32.42
CA GLN N 36 -66.09 12.00 -33.75
C GLN N 36 -65.77 13.17 -34.62
N PRO N 37 -65.35 12.82 -35.80
CA PRO N 37 -64.97 13.75 -36.83
C PRO N 37 -66.10 14.57 -37.33
N VAL N 38 -65.82 15.45 -38.32
CA VAL N 38 -66.83 16.02 -39.15
C VAL N 38 -66.86 15.16 -40.38
N HIS N 39 -65.94 15.44 -41.32
CA HIS N 39 -65.89 14.66 -42.52
C HIS N 39 -64.59 13.94 -42.57
N VAL N 40 -64.61 12.68 -43.07
CA VAL N 40 -63.43 11.91 -43.24
C VAL N 40 -63.48 11.34 -44.60
N TRP N 41 -62.48 11.62 -45.45
CA TRP N 41 -62.62 11.04 -46.75
C TRP N 41 -61.28 10.72 -47.32
N ASP N 42 -61.27 10.09 -48.51
CA ASP N 42 -60.01 9.74 -49.10
C ASP N 42 -60.19 9.74 -50.58
N ASN N 43 -59.06 9.82 -51.31
CA ASN N 43 -59.00 9.53 -52.72
C ASN N 43 -57.91 8.52 -52.84
N TYR N 44 -57.00 8.56 -51.85
CA TYR N 44 -55.79 7.81 -51.88
C TYR N 44 -55.67 7.23 -50.50
N ARG N 45 -54.42 7.21 -49.99
CA ARG N 45 -54.13 6.94 -48.61
C ARG N 45 -54.02 8.30 -48.02
N PHE N 46 -53.75 9.29 -48.90
CA PHE N 46 -53.80 10.67 -48.52
C PHE N 46 -55.20 10.93 -48.08
N THR N 47 -55.43 10.82 -46.76
CA THR N 47 -56.77 10.75 -46.25
C THR N 47 -56.97 11.94 -45.36
N ARG N 48 -58.15 12.56 -45.41
CA ARG N 48 -58.37 13.66 -44.53
C ARG N 48 -59.44 13.31 -43.55
N PHE N 49 -59.21 13.74 -42.28
CA PHE N 49 -60.14 13.56 -41.19
C PHE N 49 -60.35 14.92 -40.63
N GLU N 50 -61.43 15.63 -40.99
CA GLU N 50 -61.62 16.95 -40.47
C GLU N 50 -62.14 16.83 -39.08
N PHE N 51 -61.93 17.91 -38.29
CA PHE N 51 -62.39 17.91 -36.94
C PHE N 51 -63.11 19.20 -36.70
N PRO N 52 -64.02 19.11 -35.79
CA PRO N 52 -64.70 20.27 -35.28
C PRO N 52 -63.81 20.89 -34.26
N ALA N 53 -64.13 22.15 -33.88
CA ALA N 53 -63.44 22.82 -32.83
C ALA N 53 -63.44 21.90 -31.65
N ASN N 54 -64.66 21.53 -31.22
CA ASN N 54 -64.92 20.87 -29.99
C ASN N 54 -64.94 19.40 -30.28
N ALA N 55 -63.87 18.86 -30.88
CA ALA N 55 -63.74 17.43 -30.95
C ALA N 55 -62.29 17.13 -30.69
N GLU N 56 -62.02 16.16 -29.80
CA GLU N 56 -60.69 16.07 -29.25
C GLU N 56 -59.72 15.75 -30.32
N LEU N 57 -58.45 15.60 -29.94
CA LEU N 57 -57.50 15.14 -30.90
C LEU N 57 -57.09 13.76 -30.52
N PRO N 58 -57.72 12.88 -31.22
CA PRO N 58 -57.39 11.48 -31.23
C PRO N 58 -55.96 11.31 -31.58
N GLN N 59 -55.47 10.06 -31.54
CA GLN N 59 -54.28 9.73 -32.27
C GLN N 59 -54.66 8.54 -33.09
N VAL N 60 -54.41 8.59 -34.42
CA VAL N 60 -54.91 7.56 -35.26
C VAL N 60 -53.74 6.84 -35.84
N TYR N 61 -53.94 5.60 -36.27
CA TYR N 61 -52.88 4.83 -36.86
C TYR N 61 -53.45 4.12 -38.03
N MET N 62 -52.60 3.40 -38.79
CA MET N 62 -53.05 2.72 -39.98
C MET N 62 -52.95 1.27 -39.71
N ILE N 63 -53.78 0.47 -40.39
CA ILE N 63 -53.62 -0.96 -40.35
C ILE N 63 -53.03 -1.38 -41.66
N SER N 64 -51.74 -1.71 -41.66
CA SER N 64 -51.16 -2.12 -42.89
C SER N 64 -51.78 -3.43 -43.21
N ALA N 65 -51.44 -3.95 -44.41
CA ALA N 65 -52.00 -5.17 -44.89
C ALA N 65 -51.54 -6.27 -43.99
N SER N 66 -50.47 -6.03 -43.21
CA SER N 66 -50.00 -7.09 -42.37
C SER N 66 -51.10 -7.37 -41.40
N GLY N 67 -51.98 -6.38 -41.15
CA GLY N 67 -53.10 -6.62 -40.29
C GLY N 67 -52.72 -6.14 -38.92
N LYS N 68 -51.44 -6.33 -38.57
CA LYS N 68 -50.90 -5.79 -37.36
C LYS N 68 -50.93 -4.30 -37.54
N GLU N 69 -50.70 -3.55 -36.45
CA GLU N 69 -50.90 -2.14 -36.58
C GLU N 69 -49.60 -1.50 -36.96
N THR N 70 -49.67 -0.20 -37.25
CA THR N 70 -48.48 0.54 -37.56
C THR N 70 -48.83 1.95 -37.23
N LEU N 71 -47.83 2.85 -37.22
CA LEU N 71 -48.23 4.21 -37.06
C LEU N 71 -47.90 4.93 -38.33
N PRO N 72 -48.84 5.73 -38.73
CA PRO N 72 -48.80 6.42 -39.98
C PRO N 72 -47.90 7.59 -39.78
N ASN N 73 -47.34 8.14 -40.86
CA ASN N 73 -46.73 9.43 -40.76
C ASN N 73 -47.78 10.39 -41.14
N SER N 74 -48.27 11.16 -40.16
CA SER N 74 -49.40 11.97 -40.50
C SER N 74 -49.03 13.39 -40.29
N HIS N 75 -49.99 14.27 -40.60
CA HIS N 75 -49.85 15.65 -40.30
C HIS N 75 -51.25 16.14 -40.26
N VAL N 76 -51.48 17.33 -39.70
CA VAL N 76 -52.81 17.83 -39.88
C VAL N 76 -52.66 19.00 -40.77
N VAL N 77 -53.74 19.41 -41.46
CA VAL N 77 -53.56 20.54 -42.32
C VAL N 77 -54.86 21.26 -42.36
N GLY N 78 -54.84 22.48 -42.92
CA GLY N 78 -56.08 23.15 -43.10
C GLY N 78 -55.94 24.52 -42.52
N GLU N 79 -56.69 25.47 -43.10
CA GLU N 79 -56.95 26.71 -42.44
C GLU N 79 -57.65 26.31 -41.18
N ASN N 80 -58.71 25.50 -41.37
CA ASN N 80 -59.34 24.80 -40.30
C ASN N 80 -58.24 24.16 -39.53
N ARG N 81 -57.32 23.47 -40.23
CA ARG N 81 -56.11 22.99 -39.62
C ARG N 81 -56.45 21.80 -38.77
N ASN N 82 -57.76 21.54 -38.62
CA ASN N 82 -58.23 20.50 -37.77
C ASN N 82 -57.99 19.18 -38.43
N ILE N 83 -58.14 19.13 -39.75
CA ILE N 83 -58.09 17.86 -40.43
C ILE N 83 -56.73 17.29 -40.29
N ILE N 84 -56.63 15.94 -40.31
CA ILE N 84 -55.38 15.26 -40.25
C ILE N 84 -55.20 14.58 -41.56
N GLU N 85 -54.18 15.00 -42.35
CA GLU N 85 -53.89 14.34 -43.59
C GLU N 85 -52.83 13.33 -43.28
N VAL N 86 -53.09 12.06 -43.66
CA VAL N 86 -52.17 11.00 -43.34
C VAL N 86 -51.61 10.53 -44.64
N GLU N 87 -50.32 10.14 -44.69
CA GLU N 87 -49.77 9.78 -45.96
C GLU N 87 -49.15 8.42 -45.85
N THR N 88 -49.97 7.39 -45.53
CA THR N 88 -49.55 6.01 -45.48
C THR N 88 -50.73 5.16 -45.87
N VAL N 89 -50.45 4.02 -46.55
CA VAL N 89 -51.41 3.04 -46.98
C VAL N 89 -52.15 2.49 -45.79
N ALA N 90 -53.43 2.10 -45.99
CA ALA N 90 -54.16 1.27 -45.07
C ALA N 90 -55.62 1.45 -45.36
N LYS N 91 -56.41 0.36 -45.23
CA LYS N 91 -57.82 0.49 -45.42
C LYS N 91 -58.36 1.06 -44.16
N GLU N 92 -58.25 0.27 -43.06
CA GLU N 92 -58.79 0.71 -41.81
C GLU N 92 -57.92 1.79 -41.26
N TRP N 93 -58.31 2.24 -40.07
CA TRP N 93 -57.53 3.20 -39.35
C TRP N 93 -57.99 3.11 -37.94
N ARG N 94 -57.06 3.07 -36.98
CA ARG N 94 -57.54 3.14 -35.64
C ARG N 94 -57.52 4.58 -35.28
N ILE N 95 -58.06 4.91 -34.09
CA ILE N 95 -58.15 6.29 -33.73
C ILE N 95 -58.19 6.34 -32.24
N ARG N 96 -57.13 5.76 -31.61
CA ARG N 96 -57.00 5.58 -30.20
C ARG N 96 -56.92 6.95 -29.57
N LEU N 97 -56.87 6.96 -28.22
CA LEU N 97 -56.72 8.18 -27.48
C LEU N 97 -56.95 7.85 -26.05
N GLY N 98 -55.97 7.15 -25.41
CA GLY N 98 -56.18 6.70 -24.07
C GLY N 98 -57.06 5.50 -24.17
N ASP N 99 -57.99 5.37 -23.21
CA ASP N 99 -58.92 4.28 -23.15
C ASP N 99 -59.53 4.10 -24.50
N LYS N 100 -60.28 5.14 -24.90
CA LYS N 100 -61.10 5.18 -26.06
C LYS N 100 -60.34 4.67 -27.25
N VAL N 101 -61.04 4.08 -28.25
CA VAL N 101 -60.36 3.62 -29.45
C VAL N 101 -61.35 3.39 -30.58
N VAL N 102 -61.49 4.39 -31.49
CA VAL N 102 -62.35 4.30 -32.65
C VAL N 102 -61.63 3.50 -33.68
N GLY N 103 -62.10 3.54 -34.96
CA GLY N 103 -61.36 2.82 -35.95
C GLY N 103 -62.08 2.91 -37.25
N VAL N 104 -62.10 4.13 -37.84
CA VAL N 104 -62.78 4.33 -39.09
C VAL N 104 -62.24 3.34 -40.07
N ARG N 105 -63.15 2.83 -40.89
CA ARG N 105 -62.76 1.93 -41.91
C ARG N 105 -62.82 2.72 -43.17
N ASN N 106 -61.82 2.57 -44.04
CA ASN N 106 -61.96 3.16 -45.33
C ASN N 106 -62.66 2.11 -46.14
N ASN N 107 -63.32 2.47 -47.25
CA ASN N 107 -63.97 1.39 -47.92
C ASN N 107 -63.87 1.60 -49.39
N ASN N 108 -62.73 1.20 -49.97
CA ASN N 108 -62.68 1.09 -51.39
C ASN N 108 -61.65 0.07 -51.73
N PHE N 109 -61.82 -0.57 -52.88
CA PHE N 109 -60.81 -1.41 -53.43
C PHE N 109 -61.03 -1.38 -54.90
N ALA N 110 -60.22 -0.58 -55.62
CA ALA N 110 -60.07 -0.83 -57.01
C ALA N 110 -58.79 -1.59 -57.12
N PRO N 111 -58.83 -2.89 -57.11
CA PRO N 111 -57.62 -3.57 -56.77
C PRO N 111 -56.81 -3.66 -58.01
N GLY N 112 -55.50 -3.87 -57.90
CA GLY N 112 -54.70 -4.23 -59.04
C GLY N 112 -54.54 -3.03 -59.92
N ARG N 113 -55.21 -1.90 -59.60
CA ARG N 113 -54.99 -0.73 -60.39
C ARG N 113 -54.91 0.43 -59.47
N GLY N 114 -54.30 1.54 -59.93
CA GLY N 114 -54.30 2.76 -59.19
C GLY N 114 -52.99 3.43 -59.42
N ALA N 115 -51.91 2.61 -59.46
CA ALA N 115 -50.57 3.13 -59.46
C ALA N 115 -50.40 3.97 -60.67
N VAL N 116 -49.69 5.10 -60.51
CA VAL N 116 -49.18 5.83 -61.63
C VAL N 116 -47.90 6.42 -61.13
N ALA N 117 -47.52 7.60 -61.65
CA ALA N 117 -46.39 8.26 -61.09
C ALA N 117 -46.80 9.67 -60.84
N THR N 118 -47.10 9.99 -59.57
CA THR N 118 -47.47 11.32 -59.19
C THR N 118 -46.39 12.22 -59.66
N GLY N 119 -45.20 12.09 -59.05
CA GLY N 119 -44.10 12.85 -59.56
C GLY N 119 -43.82 13.95 -58.59
N THR N 120 -44.68 14.04 -57.57
CA THR N 120 -44.32 14.66 -56.34
C THR N 120 -45.05 13.87 -55.33
N ALA N 121 -45.38 14.50 -54.20
CA ALA N 121 -46.42 14.01 -53.34
C ALA N 121 -47.67 14.15 -54.12
N SER N 122 -48.21 15.39 -54.13
CA SER N 122 -49.43 15.68 -54.81
C SER N 122 -49.09 15.99 -56.23
N PRO N 123 -49.97 15.64 -57.14
CA PRO N 123 -49.65 15.58 -58.54
C PRO N 123 -49.64 16.92 -59.14
N ASP N 124 -50.03 17.95 -58.37
CA ASP N 124 -50.19 19.28 -58.87
C ASP N 124 -48.85 19.71 -59.26
N VAL N 125 -47.91 19.53 -58.32
CA VAL N 125 -46.66 20.12 -58.54
C VAL N 125 -45.74 19.01 -58.88
N ARG N 126 -44.43 19.26 -58.95
CA ARG N 126 -43.66 18.30 -59.67
C ARG N 126 -42.25 18.44 -59.24
N ARG N 127 -41.40 17.53 -59.72
CA ARG N 127 -40.06 17.50 -59.28
C ARG N 127 -39.20 17.62 -60.47
N VAL N 128 -38.37 18.68 -60.50
CA VAL N 128 -37.65 18.98 -61.69
C VAL N 128 -36.19 19.17 -61.35
N GLN N 129 -35.59 18.14 -60.71
CA GLN N 129 -34.31 18.04 -60.02
C GLN N 129 -33.33 19.20 -60.18
N ILE N 130 -32.58 19.55 -59.08
CA ILE N 130 -31.71 20.71 -59.07
C ILE N 130 -30.24 20.34 -58.90
N CYS O 15 -43.78 -19.31 -19.16
CA CYS O 15 -42.62 -18.51 -19.61
C CYS O 15 -42.96 -17.06 -19.55
N SER O 16 -42.66 -16.32 -20.64
CA SER O 16 -42.92 -14.92 -20.61
C SER O 16 -44.32 -14.70 -21.06
N SER O 17 -44.71 -13.42 -21.16
CA SER O 17 -45.99 -13.06 -21.67
C SER O 17 -45.73 -12.41 -22.98
N GLY O 18 -46.78 -12.04 -23.72
CA GLY O 18 -46.55 -11.41 -24.99
C GLY O 18 -47.11 -10.04 -24.85
N HIS O 19 -47.55 -9.45 -25.98
CA HIS O 19 -48.22 -8.19 -25.96
C HIS O 19 -49.67 -8.54 -25.90
N LYS O 20 -50.53 -7.60 -25.45
CA LYS O 20 -51.93 -7.93 -25.46
C LYS O 20 -52.49 -7.43 -26.74
N PRO O 21 -53.24 -8.24 -27.41
CA PRO O 21 -53.79 -7.83 -28.68
C PRO O 21 -54.64 -6.64 -28.44
N PRO O 22 -54.85 -5.89 -29.48
CA PRO O 22 -55.16 -4.50 -29.34
C PRO O 22 -56.59 -4.37 -28.92
N PRO O 23 -56.94 -3.28 -28.28
CA PRO O 23 -58.30 -2.96 -27.99
C PRO O 23 -59.02 -2.90 -29.29
N GLU O 24 -60.13 -3.64 -29.43
CA GLU O 24 -60.69 -3.79 -30.73
C GLU O 24 -61.99 -3.06 -30.77
N PRO O 25 -62.12 -2.25 -31.77
CA PRO O 25 -63.24 -1.35 -31.86
C PRO O 25 -64.50 -2.10 -32.18
N ASP O 26 -65.65 -1.42 -32.03
CA ASP O 26 -66.93 -1.98 -32.34
C ASP O 26 -66.89 -2.42 -33.77
N TRP O 27 -67.16 -3.72 -34.01
CA TRP O 27 -67.25 -4.25 -35.34
C TRP O 27 -68.69 -4.49 -35.59
N SER O 28 -69.41 -4.76 -34.49
CA SER O 28 -70.80 -5.04 -34.57
C SER O 28 -71.47 -3.78 -35.03
N ASN O 29 -71.65 -2.80 -34.14
CA ASN O 29 -72.35 -1.62 -34.56
C ASN O 29 -71.54 -0.96 -35.62
N THR O 30 -72.19 -0.54 -36.73
CA THR O 30 -71.40 0.20 -37.68
C THR O 30 -72.25 1.20 -38.39
N VAL O 31 -72.00 2.48 -38.05
CA VAL O 31 -72.67 3.63 -38.57
C VAL O 31 -71.66 4.35 -39.42
N PRO O 32 -72.12 5.00 -40.45
CA PRO O 32 -71.28 5.73 -41.35
C PRO O 32 -70.59 6.85 -40.65
N VAL O 33 -69.42 7.28 -41.17
CA VAL O 33 -68.65 8.35 -40.59
C VAL O 33 -69.34 9.62 -40.96
N ASN O 34 -69.12 10.03 -42.23
CA ASN O 34 -69.37 11.36 -42.71
C ASN O 34 -70.73 11.81 -42.30
N LYS O 35 -70.88 13.15 -42.21
CA LYS O 35 -72.09 13.81 -41.83
C LYS O 35 -72.65 14.43 -43.06
N THR O 36 -72.42 15.75 -43.24
CA THR O 36 -72.66 16.32 -44.54
C THR O 36 -71.61 15.79 -45.45
N ILE O 37 -71.50 16.39 -46.65
CA ILE O 37 -70.55 15.89 -47.58
C ILE O 37 -69.40 16.84 -47.61
N PRO O 38 -68.27 16.24 -47.76
CA PRO O 38 -67.01 16.89 -47.49
C PRO O 38 -66.73 17.91 -48.53
N VAL O 39 -66.09 19.02 -48.13
CA VAL O 39 -65.54 19.90 -49.12
C VAL O 39 -64.09 19.96 -48.86
N ASP O 40 -63.34 20.70 -49.69
CA ASP O 40 -61.96 20.86 -49.34
C ASP O 40 -61.89 22.04 -48.44
N THR O 41 -61.07 21.92 -47.38
CA THR O 41 -60.86 23.07 -46.57
C THR O 41 -59.73 23.77 -47.23
N GLN O 42 -58.52 23.42 -46.80
CA GLN O 42 -57.31 23.76 -47.47
C GLN O 42 -57.54 23.49 -48.96
N GLY O 43 -57.68 24.48 -49.74
N GLU P 1 -11.50 32.55 7.28
CA GLU P 1 -11.00 31.34 7.98
C GLU P 1 -11.61 31.31 9.33
N THR P 2 -12.80 31.95 9.43
CA THR P 2 -13.64 31.89 10.58
C THR P 2 -14.18 30.50 10.61
N SER P 3 -15.24 30.26 11.40
CA SER P 3 -15.77 28.93 11.31
C SER P 3 -16.56 28.87 10.05
N GLU P 4 -16.84 27.65 9.56
CA GLU P 4 -17.53 27.43 8.33
C GLU P 4 -18.96 27.28 8.68
N GLY P 5 -19.24 26.33 9.59
CA GLY P 5 -20.57 26.06 10.02
C GLY P 5 -20.95 27.14 10.95
N SER P 6 -19.99 28.05 11.23
CA SER P 6 -20.39 29.29 11.82
C SER P 6 -21.16 30.00 10.76
N SER P 7 -20.53 30.08 9.58
CA SER P 7 -21.10 30.76 8.46
C SER P 7 -22.48 30.23 8.20
N ALA P 8 -22.59 28.90 7.99
CA ALA P 8 -23.79 28.30 7.46
C ALA P 8 -24.96 28.70 8.31
N LEU P 9 -24.89 28.43 9.63
CA LEU P 9 -25.94 28.77 10.56
C LEU P 9 -26.30 30.19 10.32
N ALA P 10 -25.27 31.07 10.39
CA ALA P 10 -25.41 32.49 10.20
C ALA P 10 -26.20 32.76 8.96
N LYS P 11 -26.13 31.85 7.98
CA LYS P 11 -26.71 32.08 6.69
C LYS P 11 -28.18 31.94 6.83
N ASN P 12 -28.56 30.97 7.67
CA ASN P 12 -29.91 30.51 7.72
C ASN P 12 -30.62 31.13 8.90
N LEU P 13 -29.99 32.08 9.63
CA LEU P 13 -30.70 32.67 10.74
C LEU P 13 -31.64 33.73 10.23
N THR P 14 -31.11 34.76 9.56
CA THR P 14 -31.97 35.76 9.02
C THR P 14 -32.40 35.24 7.65
N PRO P 15 -33.62 34.75 7.43
CA PRO P 15 -33.81 33.77 6.41
C PRO P 15 -34.67 34.38 5.36
N ALA P 16 -34.15 34.61 4.15
CA ALA P 16 -32.80 34.24 3.85
C ALA P 16 -32.13 35.55 3.64
N ARG P 17 -30.80 35.63 3.53
CA ARG P 17 -30.41 36.85 2.88
C ARG P 17 -29.89 36.43 1.53
N LEU P 18 -30.55 35.41 0.98
CA LEU P 18 -30.90 35.30 -0.42
C LEU P 18 -30.88 36.68 -1.04
N LYS P 19 -30.40 36.78 -2.31
CA LYS P 19 -30.23 38.04 -3.02
C LYS P 19 -31.54 38.48 -3.62
N ALA P 20 -31.87 39.78 -3.53
CA ALA P 20 -33.10 40.33 -4.02
C ALA P 20 -33.32 39.89 -5.44
N SER P 21 -34.61 39.68 -5.78
CA SER P 21 -35.01 39.18 -7.06
C SER P 21 -35.55 40.34 -7.85
N ARG P 22 -35.10 40.50 -9.11
CA ARG P 22 -35.52 41.64 -9.87
C ARG P 22 -36.90 41.35 -10.35
N ALA P 23 -37.89 42.00 -9.74
CA ALA P 23 -39.23 41.70 -10.15
C ALA P 23 -39.51 42.54 -11.35
N GLY P 24 -39.02 42.09 -12.52
CA GLY P 24 -39.03 42.92 -13.69
C GLY P 24 -39.99 42.34 -14.67
N VAL P 25 -40.58 43.20 -15.53
CA VAL P 25 -41.68 42.72 -16.29
C VAL P 25 -41.19 42.17 -17.58
N MET P 26 -41.68 40.94 -17.86
CA MET P 26 -41.71 40.49 -19.21
C MET P 26 -42.49 41.52 -19.92
N ALA P 27 -41.88 42.10 -20.97
CA ALA P 27 -42.53 43.13 -21.73
C ALA P 27 -43.84 42.59 -22.20
N ASN P 28 -43.82 41.75 -23.26
CA ASN P 28 -45.08 41.31 -23.79
C ASN P 28 -45.20 39.83 -23.64
N PRO P 29 -46.45 39.47 -23.68
CA PRO P 29 -46.94 38.12 -23.77
C PRO P 29 -46.69 37.69 -25.18
N SER P 30 -46.65 38.65 -26.11
CA SER P 30 -46.39 38.24 -27.45
C SER P 30 -44.94 38.45 -27.65
N LEU P 31 -44.24 38.80 -26.54
CA LEU P 31 -42.80 38.79 -26.48
C LEU P 31 -42.44 37.53 -25.80
N THR P 32 -43.32 37.01 -24.94
CA THR P 32 -42.88 35.84 -24.27
C THR P 32 -44.04 34.97 -23.95
N VAL P 33 -43.92 33.68 -24.30
CA VAL P 33 -44.85 32.68 -23.85
C VAL P 33 -44.20 32.05 -22.67
N PRO P 34 -44.76 32.22 -21.50
CA PRO P 34 -44.16 31.75 -20.29
C PRO P 34 -44.40 30.28 -20.22
N LYS P 35 -43.52 29.55 -19.51
CA LYS P 35 -43.84 28.21 -19.14
C LYS P 35 -44.78 28.32 -17.99
N GLY P 36 -44.80 27.27 -17.15
CA GLY P 36 -45.89 27.11 -16.23
C GLY P 36 -47.02 26.69 -17.08
N LYS P 37 -46.65 26.24 -18.29
CA LYS P 37 -47.56 25.95 -19.35
C LYS P 37 -47.52 24.48 -19.49
N MET P 38 -48.52 23.94 -20.20
CA MET P 38 -48.45 22.56 -20.56
C MET P 38 -48.45 22.57 -22.05
N ILE P 39 -47.66 21.70 -22.67
CA ILE P 39 -47.79 21.56 -24.09
C ILE P 39 -48.56 20.29 -24.26
N PRO P 40 -49.85 20.42 -24.41
CA PRO P 40 -50.76 19.32 -24.26
C PRO P 40 -50.73 18.50 -25.52
N CYS P 41 -49.72 17.64 -25.70
CA CYS P 41 -49.61 17.07 -27.01
C CYS P 41 -50.38 15.79 -27.07
N GLY P 42 -50.00 14.92 -28.03
CA GLY P 42 -50.70 13.69 -28.22
C GLY P 42 -49.72 12.72 -28.82
N THR P 43 -49.44 11.63 -28.08
CA THR P 43 -48.37 10.79 -28.50
C THR P 43 -48.89 9.87 -29.56
N GLY P 44 -48.01 9.57 -30.53
CA GLY P 44 -48.45 8.86 -31.69
C GLY P 44 -47.51 7.74 -31.94
N THR P 45 -46.84 7.22 -30.89
CA THR P 45 -46.16 5.99 -31.11
C THR P 45 -46.34 5.17 -29.88
N GLU P 46 -46.00 3.88 -30.00
CA GLU P 46 -45.91 3.05 -28.83
C GLU P 46 -44.70 3.55 -28.12
N LEU P 47 -44.61 3.28 -26.81
CA LEU P 47 -43.52 3.78 -26.02
C LEU P 47 -43.09 2.67 -25.13
N ASP P 48 -41.77 2.55 -24.95
CA ASP P 48 -41.26 1.43 -24.23
C ASP P 48 -39.89 1.78 -23.82
N THR P 49 -39.73 2.23 -22.56
CA THR P 49 -38.43 2.65 -22.16
C THR P 49 -37.66 1.41 -21.85
N THR P 50 -38.31 0.25 -22.09
CA THR P 50 -37.68 -0.96 -22.54
C THR P 50 -36.52 -0.53 -23.39
N VAL P 51 -36.80 0.06 -24.56
CA VAL P 51 -35.68 0.36 -25.40
C VAL P 51 -35.50 1.84 -25.49
N PRO P 52 -34.32 2.30 -25.19
CA PRO P 52 -33.97 3.69 -25.28
C PRO P 52 -34.28 4.16 -26.66
N GLY P 53 -34.34 5.47 -26.89
CA GLY P 53 -34.75 5.85 -28.19
C GLY P 53 -36.07 6.54 -28.06
N GLN P 54 -36.64 6.91 -29.22
CA GLN P 54 -37.42 8.09 -29.30
C GLN P 54 -38.87 7.76 -29.24
N VAL P 55 -39.65 8.72 -28.70
CA VAL P 55 -41.08 8.71 -28.84
C VAL P 55 -41.40 9.91 -29.70
N SER P 56 -42.66 10.03 -30.17
CA SER P 56 -43.01 11.22 -30.89
C SER P 56 -44.40 11.58 -30.51
N CYS P 57 -44.63 12.89 -30.28
CA CYS P 57 -45.95 13.41 -30.10
C CYS P 57 -46.10 14.55 -31.06
N ARG P 58 -47.33 15.06 -31.18
CA ARG P 58 -47.60 16.27 -31.90
C ARG P 58 -48.55 17.04 -31.04
N VAL P 59 -48.63 18.38 -31.23
CA VAL P 59 -49.40 19.13 -30.28
C VAL P 59 -50.80 18.68 -30.38
N SER P 60 -51.60 18.94 -29.32
CA SER P 60 -52.99 18.75 -29.45
C SER P 60 -53.58 20.11 -29.70
N GLN P 61 -54.23 20.71 -28.68
CA GLN P 61 -54.79 22.01 -28.83
C GLN P 61 -53.67 23.01 -28.84
N ASP P 62 -54.00 24.29 -28.61
CA ASP P 62 -53.07 25.36 -28.89
C ASP P 62 -52.29 25.70 -27.66
N VAL P 63 -51.13 26.35 -27.88
CA VAL P 63 -50.34 26.91 -26.82
C VAL P 63 -50.54 28.40 -26.91
N TYR P 64 -50.37 29.14 -25.79
CA TYR P 64 -50.74 30.52 -25.76
C TYR P 64 -49.58 31.33 -25.24
N SER P 65 -49.87 32.53 -24.69
CA SER P 65 -48.85 33.48 -24.35
C SER P 65 -48.90 33.73 -22.86
N ALA P 66 -48.38 34.90 -22.43
CA ALA P 66 -48.24 35.17 -21.03
C ALA P 66 -49.57 35.54 -20.52
N ASP P 67 -50.08 36.72 -20.93
CA ASP P 67 -51.41 37.12 -20.58
C ASP P 67 -52.32 36.00 -20.99
N GLY P 68 -52.06 35.44 -22.19
CA GLY P 68 -52.81 34.30 -22.64
C GLY P 68 -53.82 34.81 -23.62
N LEU P 69 -53.54 36.00 -24.18
CA LEU P 69 -54.49 36.65 -25.03
C LEU P 69 -54.16 36.33 -26.46
N VAL P 70 -52.91 35.97 -26.78
CA VAL P 70 -52.68 35.64 -28.15
C VAL P 70 -52.45 34.17 -28.28
N ARG P 71 -52.78 33.60 -29.46
CA ARG P 71 -52.56 32.21 -29.73
C ARG P 71 -51.45 32.16 -30.71
N LEU P 72 -50.23 31.89 -30.22
CA LEU P 72 -49.14 31.89 -31.14
C LEU P 72 -48.84 30.49 -31.50
N ILE P 73 -48.42 29.69 -30.50
CA ILE P 73 -48.13 28.33 -30.85
C ILE P 73 -49.44 27.65 -31.13
N ASP P 74 -49.58 27.07 -32.34
CA ASP P 74 -50.83 26.43 -32.70
C ASP P 74 -50.59 24.97 -32.78
N LYS P 75 -51.63 24.23 -33.22
CA LYS P 75 -51.60 22.80 -33.19
C LYS P 75 -50.71 22.32 -34.29
N GLY P 76 -50.72 20.99 -34.48
CA GLY P 76 -49.99 20.37 -35.54
C GLY P 76 -48.56 20.77 -35.41
N SER P 77 -48.08 20.92 -34.16
CA SER P 77 -46.67 21.11 -34.00
C SER P 77 -46.12 19.82 -33.50
N TRP P 78 -45.51 19.05 -34.41
CA TRP P 78 -45.00 17.75 -34.09
C TRP P 78 -43.80 17.94 -33.20
N VAL P 79 -43.70 17.12 -32.12
CA VAL P 79 -42.55 17.14 -31.25
C VAL P 79 -41.91 15.78 -31.35
N ASP P 80 -40.59 15.69 -31.07
CA ASP P 80 -39.93 14.41 -31.02
C ASP P 80 -39.02 14.44 -29.85
N GLY P 81 -38.63 13.26 -29.33
CA GLY P 81 -37.89 13.25 -28.09
C GLY P 81 -37.13 11.98 -27.96
N GLN P 82 -36.99 11.48 -26.72
CA GLN P 82 -36.12 10.37 -26.48
C GLN P 82 -36.24 9.97 -25.02
N ILE P 83 -36.17 8.62 -24.77
CA ILE P 83 -36.12 8.04 -23.45
C ILE P 83 -34.77 7.41 -23.35
N THR P 84 -33.82 8.03 -22.61
CA THR P 84 -32.43 7.62 -22.66
C THR P 84 -32.33 6.18 -22.32
N GLY P 85 -33.22 5.66 -21.45
CA GLY P 85 -33.09 4.26 -21.17
C GLY P 85 -33.87 3.92 -19.95
N GLY P 86 -34.00 2.60 -19.72
CA GLY P 86 -35.05 2.02 -18.92
C GLY P 86 -35.16 2.67 -17.57
N ILE P 87 -36.41 2.70 -17.05
CA ILE P 87 -36.75 3.20 -15.77
C ILE P 87 -36.00 2.42 -14.75
N LYS P 88 -36.27 2.71 -13.46
CA LYS P 88 -35.71 1.87 -12.45
C LYS P 88 -36.75 0.89 -12.04
N ASP P 89 -36.68 0.45 -10.77
CA ASP P 89 -37.37 -0.71 -10.30
C ASP P 89 -38.75 -0.29 -9.89
N GLY P 90 -39.75 -0.75 -10.65
CA GLY P 90 -41.12 -0.52 -10.31
C GLY P 90 -41.35 0.97 -10.36
N GLN P 91 -40.52 1.70 -11.14
CA GLN P 91 -40.72 3.11 -11.15
C GLN P 91 -42.03 3.36 -11.83
N ALA P 92 -42.79 4.32 -11.27
CA ALA P 92 -44.16 4.56 -11.63
C ALA P 92 -44.26 4.65 -13.10
N ARG P 93 -43.23 5.23 -13.74
CA ARG P 93 -43.44 5.71 -15.05
C ARG P 93 -42.10 6.07 -15.60
N VAL P 94 -41.97 6.02 -16.93
CA VAL P 94 -40.77 6.50 -17.53
C VAL P 94 -40.77 7.98 -17.45
N PHE P 95 -39.61 8.55 -17.79
CA PHE P 95 -39.30 9.94 -17.90
C PHE P 95 -39.16 10.14 -19.38
N VAL P 96 -39.39 11.38 -19.87
CA VAL P 96 -39.45 11.59 -21.28
C VAL P 96 -38.80 12.88 -21.58
N LEU P 97 -38.07 12.94 -22.70
CA LEU P 97 -37.41 14.16 -22.97
C LEU P 97 -37.89 14.60 -24.32
N TRP P 98 -38.86 15.54 -24.33
CA TRP P 98 -39.26 16.07 -25.60
C TRP P 98 -38.24 17.06 -25.98
N GLU P 99 -37.61 16.85 -27.14
CA GLU P 99 -36.64 17.79 -27.56
C GLU P 99 -37.31 18.73 -28.47
N ARG P 100 -37.24 18.46 -29.79
CA ARG P 100 -37.61 19.58 -30.59
C ARG P 100 -39.07 19.54 -30.88
N ILE P 101 -39.74 20.69 -30.65
CA ILE P 101 -41.10 20.87 -31.05
C ILE P 101 -41.07 21.60 -32.35
N ARG P 102 -41.48 20.94 -33.44
CA ARG P 102 -41.51 21.57 -34.72
C ARG P 102 -42.94 21.79 -35.08
N ASN P 103 -43.21 22.79 -35.95
CA ASN P 103 -44.52 23.17 -36.39
C ASN P 103 -44.67 22.61 -37.78
N ASP P 104 -45.90 22.63 -38.33
CA ASP P 104 -46.22 21.81 -39.46
C ASP P 104 -46.13 22.62 -40.72
N GLN P 105 -47.16 23.46 -40.95
CA GLN P 105 -47.28 24.19 -42.17
C GLN P 105 -46.19 25.20 -42.18
N ASP P 106 -46.25 26.11 -41.20
CA ASP P 106 -45.33 27.19 -41.01
C ASP P 106 -43.94 26.69 -41.07
N GLY P 107 -43.43 26.27 -39.91
CA GLY P 107 -42.07 25.90 -39.70
C GLY P 107 -41.97 25.67 -38.24
N THR P 108 -41.55 26.73 -37.50
CA THR P 108 -41.66 26.81 -36.08
C THR P 108 -41.14 25.56 -35.46
N ILE P 109 -39.84 25.33 -35.61
CA ILE P 109 -39.14 24.36 -34.85
C ILE P 109 -38.73 25.04 -33.60
N VAL P 110 -38.21 24.27 -32.64
CA VAL P 110 -37.65 24.92 -31.50
C VAL P 110 -37.14 23.83 -30.60
N ASN P 111 -35.83 23.83 -30.32
CA ASN P 111 -35.33 22.81 -29.48
C ASN P 111 -35.80 23.16 -28.10
N ILE P 112 -36.78 22.41 -27.55
CA ILE P 112 -37.40 22.89 -26.33
C ILE P 112 -36.72 22.26 -25.14
N ASP P 113 -36.30 20.98 -25.25
CA ASP P 113 -35.45 20.40 -24.25
C ASP P 113 -36.18 20.37 -22.94
N SER P 114 -37.46 19.96 -22.96
CA SER P 114 -38.22 19.91 -21.74
C SER P 114 -38.59 18.49 -21.49
N ALA P 115 -39.03 18.18 -20.26
CA ALA P 115 -39.51 16.84 -20.09
C ALA P 115 -40.96 16.86 -20.42
N GLY P 116 -41.53 15.66 -20.62
CA GLY P 116 -42.95 15.57 -20.83
C GLY P 116 -43.53 15.35 -19.48
N THR P 117 -44.86 15.30 -19.35
CA THR P 117 -45.42 15.12 -18.04
C THR P 117 -46.59 14.23 -18.22
N ASN P 118 -47.65 14.43 -17.42
CA ASN P 118 -48.77 13.54 -17.52
C ASN P 118 -49.98 14.38 -17.78
N SER P 119 -51.14 13.71 -17.98
CA SER P 119 -52.36 14.43 -18.06
C SER P 119 -52.42 15.22 -16.79
N LEU P 120 -52.18 14.53 -15.66
CA LEU P 120 -52.19 15.10 -14.34
C LEU P 120 -51.19 16.20 -14.30
N GLY P 121 -50.10 16.06 -15.08
CA GLY P 121 -49.15 17.14 -15.14
C GLY P 121 -47.87 16.67 -14.56
N SER P 122 -47.89 15.53 -13.85
CA SER P 122 -46.71 15.13 -13.16
C SER P 122 -45.70 14.65 -14.18
N ALA P 123 -44.40 14.82 -13.84
CA ALA P 123 -43.39 14.80 -14.85
C ALA P 123 -43.13 13.40 -15.27
N GLY P 124 -43.14 13.17 -16.60
CA GLY P 124 -42.77 11.89 -17.13
C GLY P 124 -44.04 11.21 -17.49
N ILE P 125 -44.10 10.64 -18.71
CA ILE P 125 -45.34 10.00 -19.05
C ILE P 125 -45.27 8.58 -18.63
N PRO P 126 -46.33 8.22 -18.01
CA PRO P 126 -46.37 7.05 -17.16
C PRO P 126 -46.41 5.84 -18.02
N GLY P 127 -46.46 4.63 -17.40
CA GLY P 127 -46.61 3.45 -18.19
C GLY P 127 -46.79 2.27 -17.30
N GLN P 128 -46.28 1.09 -17.76
CA GLN P 128 -46.45 -0.16 -17.07
C GLN P 128 -45.10 -0.77 -16.88
N VAL P 129 -45.02 -1.74 -15.95
CA VAL P 129 -43.74 -2.20 -15.56
C VAL P 129 -43.54 -3.60 -16.08
N ASP P 130 -42.48 -3.77 -16.89
CA ASP P 130 -41.98 -5.08 -17.09
C ASP P 130 -40.88 -5.16 -16.08
N ALA P 131 -41.05 -6.06 -15.09
CA ALA P 131 -40.11 -6.17 -14.03
C ALA P 131 -38.94 -6.89 -14.58
N HIS P 132 -39.22 -7.98 -15.33
CA HIS P 132 -38.18 -8.80 -15.86
C HIS P 132 -37.56 -9.51 -14.70
N MET P 133 -38.34 -9.72 -13.63
CA MET P 133 -37.77 -10.34 -12.49
C MET P 133 -37.30 -11.70 -12.91
N TRP P 134 -37.88 -12.22 -14.00
CA TRP P 134 -37.54 -13.53 -14.49
C TRP P 134 -36.08 -13.57 -14.80
N GLU P 135 -35.64 -12.81 -15.82
CA GLU P 135 -34.32 -12.99 -16.33
C GLU P 135 -33.33 -12.75 -15.23
N ARG P 136 -33.67 -11.85 -14.28
CA ARG P 136 -32.77 -11.55 -13.22
C ARG P 136 -32.74 -12.66 -12.25
N LEU P 137 -33.80 -13.50 -12.24
CA LEU P 137 -33.89 -14.51 -11.23
C LEU P 137 -33.45 -15.83 -11.79
N ARG P 138 -33.66 -16.08 -13.08
CA ARG P 138 -33.45 -17.41 -13.62
C ARG P 138 -32.06 -17.87 -13.35
N GLY P 139 -31.14 -16.93 -13.06
CA GLY P 139 -29.75 -17.27 -12.90
C GLY P 139 -29.63 -18.21 -11.75
N ALA P 140 -29.63 -17.68 -10.52
CA ALA P 140 -29.34 -18.48 -9.38
C ALA P 140 -30.37 -19.55 -9.27
N ILE P 141 -31.47 -19.43 -10.00
CA ILE P 141 -32.53 -20.36 -9.78
C ILE P 141 -32.27 -21.63 -10.52
N MET P 142 -31.51 -21.59 -11.62
CA MET P 142 -31.19 -22.87 -12.17
C MET P 142 -30.14 -23.46 -11.29
N ILE P 143 -29.00 -22.76 -11.17
CA ILE P 143 -27.86 -23.18 -10.41
C ILE P 143 -28.28 -23.71 -9.08
N SER P 144 -29.20 -23.00 -8.39
CA SER P 144 -29.41 -23.32 -7.01
C SER P 144 -30.22 -24.57 -6.90
N LEU P 145 -31.00 -24.89 -7.94
CA LEU P 145 -31.76 -26.10 -7.93
C LEU P 145 -30.77 -27.22 -8.00
N PHE P 146 -29.53 -26.92 -8.43
CA PHE P 146 -28.58 -27.97 -8.53
C PHE P 146 -27.98 -28.19 -7.18
N SER P 147 -27.58 -27.09 -6.51
CA SER P 147 -27.04 -27.23 -5.19
C SER P 147 -28.09 -27.86 -4.34
N ASP P 148 -29.37 -27.64 -4.70
CA ASP P 148 -30.48 -28.25 -4.01
C ASP P 148 -30.45 -29.72 -4.29
N THR P 149 -30.12 -30.10 -5.54
CA THR P 149 -30.20 -31.48 -5.91
C THR P 149 -28.98 -32.21 -5.44
N LEU P 150 -28.09 -31.53 -4.71
CA LEU P 150 -27.01 -32.28 -4.13
C LEU P 150 -27.67 -33.22 -3.15
N THR P 151 -28.86 -32.85 -2.66
CA THR P 151 -29.50 -33.63 -1.65
C THR P 151 -30.45 -34.61 -2.29
N ALA P 152 -31.50 -34.11 -2.98
CA ALA P 152 -32.43 -34.99 -3.63
C ALA P 152 -31.73 -35.60 -4.83
N LEU P 153 -32.41 -36.40 -5.55
N GLN P 173 -20.94 -17.05 -1.81
CA GLN P 173 -21.85 -15.92 -2.08
C GLN P 173 -22.57 -16.15 -3.36
N LEU P 174 -23.83 -16.61 -3.30
CA LEU P 174 -24.59 -16.85 -4.48
C LEU P 174 -25.88 -16.10 -4.30
N ALA P 175 -26.35 -16.01 -3.04
CA ALA P 175 -27.48 -15.20 -2.75
C ALA P 175 -27.04 -13.79 -2.82
N SER P 176 -25.95 -13.46 -2.11
CA SER P 176 -25.42 -12.13 -2.16
C SER P 176 -25.02 -11.86 -3.56
N GLU P 177 -24.31 -12.79 -4.23
CA GLU P 177 -23.86 -12.55 -5.57
C GLU P 177 -25.05 -12.45 -6.48
N ALA P 178 -26.17 -13.13 -6.12
CA ALA P 178 -27.31 -13.15 -6.99
C ALA P 178 -27.97 -11.82 -6.95
N LEU P 179 -27.74 -11.06 -5.88
CA LEU P 179 -28.37 -9.78 -5.73
C LEU P 179 -27.57 -8.80 -6.56
N ARG P 180 -26.23 -8.97 -6.58
CA ARG P 180 -25.41 -8.15 -7.42
C ARG P 180 -25.74 -8.45 -8.84
N SER P 181 -26.11 -9.70 -9.14
CA SER P 181 -26.61 -9.93 -10.47
C SER P 181 -27.82 -9.07 -10.66
N TYR P 182 -28.87 -9.34 -9.87
CA TYR P 182 -30.21 -8.82 -10.03
C TYR P 182 -30.18 -7.36 -10.37
N MET P 183 -29.57 -6.50 -9.53
CA MET P 183 -29.78 -5.10 -9.74
C MET P 183 -29.23 -4.68 -11.08
N SER P 184 -28.26 -5.47 -11.61
CA SER P 184 -27.59 -5.15 -12.84
C SER P 184 -28.59 -4.77 -13.88
N ILE P 185 -29.50 -5.71 -14.22
CA ILE P 185 -30.36 -5.41 -15.34
C ILE P 185 -31.50 -4.58 -14.87
N PRO P 186 -31.72 -3.50 -15.58
CA PRO P 186 -32.89 -2.69 -15.40
C PRO P 186 -34.10 -3.49 -15.74
N PRO P 187 -35.22 -2.99 -15.30
CA PRO P 187 -36.55 -3.42 -15.68
C PRO P 187 -36.84 -2.96 -17.07
N THR P 188 -38.10 -2.56 -17.36
CA THR P 188 -38.42 -1.73 -18.49
C THR P 188 -39.75 -1.09 -18.19
N LEU P 189 -40.23 -0.24 -19.13
CA LEU P 189 -41.56 0.28 -18.98
C LEU P 189 -42.33 -0.04 -20.23
N TYR P 190 -43.10 0.97 -20.72
CA TYR P 190 -44.20 0.80 -21.65
C TYR P 190 -45.09 1.97 -21.37
N ASP P 191 -45.69 2.62 -22.39
CA ASP P 191 -46.84 3.50 -22.27
C ASP P 191 -47.52 3.41 -23.59
N GLN P 192 -48.86 3.47 -23.63
CA GLN P 192 -49.47 3.01 -24.84
C GLN P 192 -49.38 4.11 -25.85
N GLN P 193 -49.94 3.88 -27.06
CA GLN P 193 -49.84 4.85 -28.09
C GLN P 193 -51.08 5.67 -28.04
N GLY P 194 -50.99 6.89 -28.60
CA GLY P 194 -52.07 7.82 -28.43
C GLY P 194 -52.34 7.94 -26.97
N ASP P 195 -51.40 8.52 -26.21
CA ASP P 195 -51.73 8.87 -24.87
C ASP P 195 -51.88 10.34 -24.82
N ALA P 196 -52.88 10.84 -24.08
CA ALA P 196 -52.98 12.25 -23.97
C ALA P 196 -51.83 12.65 -23.13
N VAL P 197 -51.06 13.66 -23.55
CA VAL P 197 -50.02 14.04 -22.66
C VAL P 197 -49.74 15.49 -22.82
N SER P 198 -48.72 15.96 -22.09
CA SER P 198 -48.45 17.36 -22.08
C SER P 198 -46.98 17.52 -21.91
N ILE P 199 -46.46 18.76 -22.10
CA ILE P 199 -45.07 19.00 -21.80
C ILE P 199 -45.02 20.09 -20.80
N PHE P 200 -44.22 19.90 -19.75
CA PHE P 200 -43.84 21.05 -18.98
C PHE P 200 -42.73 21.70 -19.75
N VAL P 201 -43.06 22.44 -20.83
CA VAL P 201 -42.03 23.17 -21.51
C VAL P 201 -41.47 24.09 -20.48
N ALA P 202 -40.23 23.79 -20.05
CA ALA P 202 -39.68 24.49 -18.92
C ALA P 202 -38.98 25.71 -19.41
N ARG P 203 -39.69 26.56 -20.19
CA ARG P 203 -39.05 27.78 -20.58
C ARG P 203 -40.00 28.70 -21.29
N ASP P 204 -39.41 29.57 -22.14
CA ASP P 204 -40.10 30.69 -22.73
C ASP P 204 -39.85 30.68 -24.18
N LEU P 205 -40.94 30.88 -24.93
CA LEU P 205 -40.88 30.90 -26.33
C LEU P 205 -41.12 32.32 -26.75
N ASP P 206 -40.34 32.81 -27.71
CA ASP P 206 -40.68 34.05 -28.32
C ASP P 206 -41.35 33.73 -29.60
N PHE P 207 -42.59 34.17 -29.77
CA PHE P 207 -43.02 34.35 -31.11
C PHE P 207 -43.29 35.81 -31.25
N SER P 208 -42.40 36.69 -30.73
CA SER P 208 -42.61 38.08 -31.04
C SER P 208 -41.76 38.40 -32.20
N GLY P 209 -41.47 37.43 -33.06
CA GLY P 209 -40.77 37.71 -34.26
C GLY P 209 -41.49 36.97 -35.36
N VAL P 210 -42.66 36.38 -35.04
CA VAL P 210 -43.71 36.03 -35.98
C VAL P 210 -44.84 36.91 -35.48
N TYR P 211 -46.13 36.50 -35.57
CA TYR P 211 -47.30 37.01 -34.89
C TYR P 211 -47.21 38.41 -34.37
N THR P 212 -48.11 39.33 -34.83
CA THR P 212 -48.27 40.60 -34.19
C THR P 212 -49.71 41.03 -34.46
N LEU P 213 -50.10 42.34 -34.53
CA LEU P 213 -51.54 42.47 -34.58
C LEU P 213 -52.04 42.52 -36.00
N ALA P 214 -53.38 42.37 -36.20
CA ALA P 214 -54.33 43.27 -35.62
C ALA P 214 -55.77 43.02 -36.13
N ASP P 215 -56.52 44.09 -36.53
CA ASP P 215 -57.94 43.94 -36.74
C ASP P 215 -58.24 43.82 -38.23
N ASN P 216 -59.54 43.86 -38.65
CA ASN P 216 -60.50 42.98 -38.05
C ASN P 216 -60.28 41.59 -38.61
N ALA Q 1 -48.01 49.97 -36.24
CA ALA Q 1 -47.40 51.16 -35.59
C ALA Q 1 -47.59 51.09 -34.11
N ALA Q 2 -47.08 52.10 -33.38
CA ALA Q 2 -47.20 52.09 -31.96
C ALA Q 2 -48.65 52.29 -31.63
N ASP Q 3 -49.33 53.17 -32.39
CA ASP Q 3 -50.69 53.52 -32.05
C ASP Q 3 -51.60 52.59 -32.77
N LYS Q 4 -51.11 51.95 -33.84
CA LYS Q 4 -51.89 51.02 -34.60
C LYS Q 4 -52.11 49.82 -33.74
N LYS Q 5 -51.07 49.41 -32.99
CA LYS Q 5 -51.15 48.21 -32.20
C LYS Q 5 -52.22 48.45 -31.18
N ARG Q 6 -52.06 49.55 -30.44
CA ARG Q 6 -52.79 49.84 -29.25
C ARG Q 6 -54.25 49.61 -29.47
N ILE Q 7 -54.87 50.48 -30.29
CA ILE Q 7 -56.23 50.41 -30.73
C ILE Q 7 -56.62 48.97 -30.92
N THR Q 8 -55.77 48.20 -31.62
CA THR Q 8 -56.11 46.84 -31.94
C THR Q 8 -56.20 46.03 -30.69
N GLN Q 9 -55.20 46.15 -29.81
CA GLN Q 9 -55.09 45.32 -28.65
C GLN Q 9 -56.33 45.47 -27.82
N LYS Q 10 -56.86 46.71 -27.71
CA LYS Q 10 -58.09 46.88 -26.98
C LYS Q 10 -59.13 46.06 -27.66
N LEU Q 11 -59.12 46.07 -29.00
CA LEU Q 11 -60.11 45.37 -29.77
C LEU Q 11 -60.06 43.94 -29.35
N LYS Q 12 -58.90 43.49 -28.86
CA LYS Q 12 -58.61 42.08 -28.68
C LYS Q 12 -59.04 41.66 -27.32
N GLN Q 13 -59.08 42.62 -26.37
CA GLN Q 13 -59.54 42.31 -25.06
C GLN Q 13 -60.94 41.83 -25.17
N THR Q 14 -61.74 42.48 -26.03
CA THR Q 14 -63.13 42.16 -25.97
C THR Q 14 -63.46 41.18 -27.05
N ALA Q 15 -63.55 39.89 -26.70
CA ALA Q 15 -63.89 38.96 -27.73
C ALA Q 15 -64.51 37.78 -27.08
N PHE Q 16 -64.81 37.94 -25.77
CA PHE Q 16 -65.57 36.95 -25.07
C PHE Q 16 -66.97 37.06 -25.58
N ALA Q 17 -67.18 36.62 -26.84
CA ALA Q 17 -68.39 36.90 -27.54
C ALA Q 17 -68.76 35.69 -28.33
N GLY Q 18 -69.32 35.93 -29.54
CA GLY Q 18 -69.96 34.87 -30.23
C GLY Q 18 -71.25 34.63 -29.50
N ALA Q 19 -71.98 33.57 -29.88
CA ALA Q 19 -73.18 33.27 -29.17
C ALA Q 19 -72.81 32.41 -28.01
N LYS Q 20 -72.99 32.95 -26.80
CA LYS Q 20 -72.58 32.19 -25.66
C LYS Q 20 -73.54 31.08 -25.46
N ASN Q 21 -73.13 30.18 -24.56
CA ASN Q 21 -73.90 29.17 -23.92
C ASN Q 21 -74.24 29.82 -22.64
N TYR Q 22 -75.52 29.92 -22.25
CA TYR Q 22 -75.69 30.72 -21.07
C TYR Q 22 -75.64 29.80 -19.88
N GLN Q 23 -76.20 28.58 -20.01
CA GLN Q 23 -76.34 27.74 -18.86
C GLN Q 23 -75.06 27.01 -18.63
N TYR Q 24 -74.43 27.30 -17.48
CA TYR Q 24 -73.56 26.33 -16.88
C TYR Q 24 -74.33 25.81 -15.71
N VAL Q 25 -74.30 24.48 -15.49
CA VAL Q 25 -74.83 23.98 -14.25
C VAL Q 25 -73.63 23.64 -13.44
N MET Q 26 -73.76 23.64 -12.10
CA MET Q 26 -72.63 23.27 -11.30
C MET Q 26 -73.04 22.09 -10.48
N SER Q 27 -72.21 21.73 -9.50
CA SER Q 27 -72.60 20.74 -8.54
C SER Q 27 -73.38 21.50 -7.51
N GLU Q 28 -73.26 21.08 -6.23
CA GLU Q 28 -73.76 21.88 -5.16
C GLU Q 28 -73.44 21.13 -3.92
N GLN Q 29 -72.47 21.63 -3.15
CA GLN Q 29 -72.28 21.08 -1.84
C GLN Q 29 -72.27 22.22 -0.90
N PRO Q 30 -72.61 21.97 0.33
CA PRO Q 30 -72.81 23.01 1.27
C PRO Q 30 -71.50 23.69 1.49
N GLU Q 31 -70.38 23.03 1.14
CA GLU Q 31 -69.09 23.60 1.31
C GLU Q 31 -68.77 24.33 0.05
N MET Q 32 -69.04 23.68 -1.10
CA MET Q 32 -68.82 24.29 -2.37
C MET Q 32 -69.52 25.60 -2.37
N ARG Q 33 -70.88 25.56 -2.45
CA ARG Q 33 -71.83 26.64 -2.61
C ARG Q 33 -71.23 27.95 -2.20
N SER Q 34 -70.70 27.97 -0.97
CA SER Q 34 -70.12 29.13 -0.36
C SER Q 34 -69.22 29.81 -1.35
N ILE Q 35 -68.06 29.21 -1.63
CA ILE Q 35 -67.06 29.93 -2.36
C ILE Q 35 -67.29 29.75 -3.82
N GLN Q 36 -68.57 29.85 -4.26
CA GLN Q 36 -68.84 29.67 -5.65
C GLN Q 36 -68.54 30.95 -6.36
N PRO Q 37 -68.61 30.82 -7.66
CA PRO Q 37 -68.37 31.90 -8.58
C PRO Q 37 -69.39 32.99 -8.50
N VAL Q 38 -69.23 34.02 -9.36
CA VAL Q 38 -70.31 34.92 -9.67
C VAL Q 38 -70.91 34.39 -10.93
N HIS Q 39 -70.30 34.74 -12.08
CA HIS Q 39 -70.80 34.27 -13.34
C HIS Q 39 -69.77 33.39 -13.96
N VAL Q 40 -70.24 32.31 -14.63
CA VAL Q 40 -69.36 31.42 -15.33
C VAL Q 40 -69.98 31.21 -16.67
N TRP Q 41 -69.25 31.52 -17.76
CA TRP Q 41 -69.91 31.30 -19.00
C TRP Q 41 -68.94 30.92 -20.05
N ASP Q 42 -69.43 30.59 -21.25
CA ASP Q 42 -68.53 30.20 -22.30
C ASP Q 42 -69.16 30.58 -23.60
N ASN Q 43 -68.32 30.65 -24.66
CA ASN Q 43 -68.78 30.70 -26.02
C ASN Q 43 -68.05 29.60 -26.70
N TYR Q 44 -66.88 29.26 -26.10
CA TYR Q 44 -65.95 28.36 -26.68
C TYR Q 44 -65.53 27.47 -25.56
N ARG Q 45 -64.22 27.13 -25.54
CA ARG Q 45 -63.58 26.51 -24.41
C ARG Q 45 -62.99 27.65 -23.67
N PHE Q 46 -62.79 28.76 -24.41
CA PHE Q 46 -62.42 30.01 -23.81
C PHE Q 46 -63.51 30.36 -22.86
N THR Q 47 -63.33 29.97 -21.59
CA THR Q 47 -64.42 30.00 -20.65
C THR Q 47 -64.06 30.96 -19.57
N ARG Q 48 -65.03 31.75 -19.09
CA ARG Q 48 -64.71 32.64 -18.01
C ARG Q 48 -65.47 32.23 -16.79
N PHE Q 49 -64.77 32.30 -15.64
CA PHE Q 49 -65.32 32.01 -14.34
C PHE Q 49 -65.03 33.22 -13.51
N GLU Q 50 -65.99 34.15 -13.34
CA GLU Q 50 -65.69 35.32 -12.57
C GLU Q 50 -65.78 34.96 -11.13
N PHE Q 51 -65.09 35.77 -10.29
CA PHE Q 51 -65.10 35.52 -8.88
C PHE Q 51 -65.39 36.81 -8.20
N PRO Q 52 -65.98 36.65 -7.04
CA PRO Q 52 -66.17 37.74 -6.14
C PRO Q 52 -64.90 37.97 -5.40
N ALA Q 53 -64.79 39.13 -4.74
CA ALA Q 53 -63.67 39.41 -3.89
C ALA Q 53 -63.51 38.26 -2.96
N ASN Q 54 -64.58 37.99 -2.20
CA ASN Q 54 -64.59 37.09 -1.10
C ASN Q 54 -65.03 35.76 -1.60
N ALA Q 55 -64.36 35.22 -2.63
CA ALA Q 55 -64.57 33.85 -2.98
C ALA Q 55 -63.23 33.28 -3.30
N GLU Q 56 -62.90 32.09 -2.74
CA GLU Q 56 -61.53 31.67 -2.72
C GLU Q 56 -61.06 31.47 -4.11
N LEU Q 57 -59.79 31.04 -4.23
CA LEU Q 57 -59.32 30.68 -5.53
C LEU Q 57 -59.12 29.21 -5.55
N PRO Q 58 -60.13 28.62 -6.12
CA PRO Q 58 -60.14 27.24 -6.49
C PRO Q 58 -58.97 26.93 -7.37
N GLN Q 59 -58.78 25.65 -7.70
CA GLN Q 59 -57.98 25.33 -8.85
C GLN Q 59 -58.87 24.44 -9.67
N VAL Q 60 -59.03 24.76 -10.97
CA VAL Q 60 -60.00 24.05 -11.76
C VAL Q 60 -59.25 23.32 -12.80
N TYR Q 61 -59.85 22.25 -13.36
CA TYR Q 61 -59.23 21.50 -14.41
C TYR Q 61 -60.29 21.18 -15.41
N MET Q 62 -59.90 20.53 -16.52
CA MET Q 62 -60.84 20.25 -17.57
C MET Q 62 -61.00 18.76 -17.61
N ILE Q 63 -62.15 18.28 -18.09
CA ILE Q 63 -62.31 16.89 -18.34
C ILE Q 63 -62.28 16.70 -19.82
N SER Q 64 -61.15 16.19 -20.33
CA SER Q 64 -61.09 16.00 -21.75
C SER Q 64 -62.06 14.90 -22.06
N ALA Q 65 -62.25 14.64 -23.36
CA ALA Q 65 -63.18 13.67 -23.81
C ALA Q 65 -62.72 12.33 -23.33
N SER Q 66 -61.44 12.21 -22.96
CA SER Q 66 -60.98 10.93 -22.53
C SER Q 66 -61.76 10.59 -21.29
N GLY Q 67 -62.26 11.62 -20.58
CA GLY Q 67 -63.08 11.36 -19.44
C GLY Q 67 -62.20 11.43 -18.23
N LYS Q 68 -60.95 10.98 -18.39
CA LYS Q 68 -59.96 11.13 -17.38
C LYS Q 68 -59.70 12.60 -17.28
N GLU Q 69 -58.97 13.03 -16.23
CA GLU Q 69 -58.89 14.44 -16.04
C GLU Q 69 -57.66 14.94 -16.73
N THR Q 70 -57.53 16.27 -16.76
CA THR Q 70 -56.36 16.87 -17.34
C THR Q 70 -56.25 18.20 -16.67
N LEU Q 71 -55.12 18.91 -16.85
CA LEU Q 71 -55.15 20.24 -16.34
C LEU Q 71 -55.07 21.18 -17.50
N PRO Q 72 -55.90 22.18 -17.40
CA PRO Q 72 -56.08 23.13 -18.45
C PRO Q 72 -54.93 24.08 -18.37
N ASN Q 73 -54.63 24.77 -19.48
CA ASN Q 73 -53.74 25.89 -19.38
C ASN Q 73 -54.62 27.07 -19.19
N SER Q 74 -54.59 27.64 -17.99
CA SER Q 74 -55.55 28.68 -17.75
C SER Q 74 -54.83 29.93 -17.46
N HIS Q 75 -55.61 30.99 -17.25
CA HIS Q 75 -55.08 32.23 -16.79
C HIS Q 75 -56.25 32.90 -16.18
N VAL Q 76 -56.03 33.94 -15.38
CA VAL Q 76 -57.18 34.67 -14.98
C VAL Q 76 -57.06 35.99 -15.65
N VAL Q 77 -58.18 36.71 -15.84
CA VAL Q 77 -58.03 37.97 -16.50
C VAL Q 77 -59.08 38.87 -15.96
N GLY Q 78 -58.97 40.17 -16.28
CA GLY Q 78 -60.02 41.05 -15.88
C GLY Q 78 -59.40 42.20 -15.16
N GLU Q 79 -60.06 43.36 -15.27
CA GLU Q 79 -59.81 44.43 -14.37
C GLU Q 79 -60.16 43.86 -13.03
N ASN Q 80 -61.37 43.29 -12.96
CA ASN Q 80 -61.78 42.47 -11.87
C ASN Q 80 -60.66 41.50 -11.66
N ARG Q 81 -60.19 40.86 -12.75
CA ARG Q 81 -58.99 40.06 -12.69
C ARG Q 81 -59.31 38.78 -12.00
N ASN Q 82 -60.52 38.69 -11.45
CA ASN Q 82 -60.93 37.57 -10.68
C ASN Q 82 -61.20 36.42 -11.59
N ILE Q 83 -61.78 36.70 -12.76
CA ILE Q 83 -62.22 35.64 -13.62
C ILE Q 83 -61.05 34.85 -14.07
N ILE Q 84 -61.29 33.55 -14.36
CA ILE Q 84 -60.25 32.69 -14.86
C ILE Q 84 -60.64 32.32 -16.24
N GLU Q 85 -59.86 32.75 -17.26
CA GLU Q 85 -60.13 32.36 -18.62
C GLU Q 85 -59.28 31.16 -18.88
N VAL Q 86 -59.92 30.07 -19.35
CA VAL Q 86 -59.22 28.84 -19.57
C VAL Q 86 -59.22 28.61 -21.04
N GLU Q 87 -58.12 28.05 -21.60
CA GLU Q 87 -58.09 27.93 -23.03
C GLU Q 87 -57.79 26.50 -23.38
N THR Q 88 -58.67 25.56 -22.96
CA THR Q 88 -58.59 24.17 -23.30
C THR Q 88 -59.99 23.62 -23.39
N VAL Q 89 -60.20 22.65 -24.32
CA VAL Q 89 -61.45 21.96 -24.53
C VAL Q 89 -61.89 21.26 -23.27
N ALA Q 90 -63.21 21.13 -23.08
CA ALA Q 90 -63.78 20.23 -22.11
C ALA Q 90 -65.18 20.69 -21.83
N LYS Q 91 -66.11 19.73 -21.63
CA LYS Q 91 -67.44 20.13 -21.27
C LYS Q 91 -67.42 20.45 -19.83
N GLU Q 92 -67.16 19.43 -18.98
CA GLU Q 92 -67.17 19.64 -17.58
C GLU Q 92 -65.95 20.39 -17.20
N TRP Q 93 -65.83 20.61 -15.88
CA TRP Q 93 -64.67 21.23 -15.32
C TRP Q 93 -64.68 20.88 -13.89
N ARG Q 94 -63.52 20.47 -13.34
CA ARG Q 94 -63.53 20.30 -11.93
C ARG Q 94 -63.07 21.59 -11.35
N ILE Q 95 -63.13 21.71 -10.01
CA ILE Q 95 -62.79 22.96 -9.42
C ILE Q 95 -62.34 22.66 -8.01
N ARG Q 96 -61.31 21.79 -7.92
CA ARG Q 96 -60.79 21.27 -6.70
C ARG Q 96 -60.21 22.42 -5.91
N LEU Q 97 -59.73 22.11 -4.69
CA LEU Q 97 -59.09 23.07 -3.85
C LEU Q 97 -58.93 22.45 -2.51
N GLY Q 98 -57.99 21.49 -2.38
CA GLY Q 98 -57.85 20.76 -1.15
C GLY Q 98 -58.97 19.77 -1.13
N ASP Q 99 -59.56 19.56 0.05
CA ASP Q 99 -60.65 18.64 0.24
C ASP Q 99 -61.67 18.89 -0.81
N LYS Q 100 -62.26 20.10 -0.73
CA LYS Q 100 -63.37 20.54 -1.51
C LYS Q 100 -63.15 20.20 -2.96
N VAL Q 101 -64.25 19.99 -3.74
CA VAL Q 101 -64.10 19.73 -5.15
C VAL Q 101 -65.41 19.92 -5.89
N VAL Q 102 -65.60 21.13 -6.50
CA VAL Q 102 -66.79 21.45 -7.28
C VAL Q 102 -66.62 20.81 -8.61
N GLY Q 103 -67.43 21.22 -9.62
CA GLY Q 103 -67.22 20.65 -10.92
C GLY Q 103 -68.27 21.16 -11.84
N VAL Q 104 -68.21 22.47 -12.17
CA VAL Q 104 -69.18 23.06 -13.05
C VAL Q 104 -69.21 22.27 -14.30
N ARG Q 105 -70.43 22.11 -14.82
CA ARG Q 105 -70.59 21.44 -16.05
C ARG Q 105 -70.86 22.50 -17.06
N ASN Q 106 -70.24 22.40 -18.24
CA ASN Q 106 -70.65 23.30 -19.28
C ASN Q 106 -71.76 22.59 -19.95
N ASN Q 107 -72.65 23.30 -20.68
CA ASN Q 107 -73.71 22.53 -21.25
C ASN Q 107 -74.02 23.06 -22.60
N ASN Q 108 -73.23 22.63 -23.60
CA ASN Q 108 -73.66 22.86 -24.95
C ASN Q 108 -73.04 21.81 -25.79
N PHE Q 109 -73.70 21.49 -26.91
CA PHE Q 109 -73.13 20.66 -27.91
C PHE Q 109 -73.79 21.07 -29.18
N ALA Q 110 -73.08 21.88 -29.99
CA ALA Q 110 -73.44 21.96 -31.37
C ALA Q 110 -72.47 21.05 -32.05
N PRO Q 111 -72.79 19.81 -32.24
CA PRO Q 111 -71.72 18.89 -32.48
C PRO Q 111 -71.39 18.97 -33.93
N GLY Q 112 -70.18 18.54 -34.31
CA GLY Q 112 -69.89 18.36 -35.71
C GLY Q 112 -69.74 19.68 -36.37
N ARG Q 113 -70.00 20.79 -35.65
CA ARG Q 113 -69.79 22.08 -36.26
C ARG Q 113 -69.17 22.95 -35.24
N GLY Q 114 -68.50 24.03 -35.69
CA GLY Q 114 -67.99 25.02 -34.79
C GLY Q 114 -66.69 25.52 -35.35
N ALA Q 115 -65.90 24.58 -35.91
CA ALA Q 115 -64.55 24.87 -36.30
C ALA Q 115 -64.59 25.94 -37.33
N VAL Q 116 -63.62 26.87 -37.24
CA VAL Q 116 -63.33 27.76 -38.32
C VAL Q 116 -61.87 28.02 -38.22
N ALA Q 117 -61.41 29.21 -38.63
CA ALA Q 117 -60.04 29.54 -38.39
C ALA Q 117 -60.03 30.89 -37.78
N THR Q 118 -59.84 30.95 -36.44
CA THR Q 118 -59.77 32.19 -35.75
C THR Q 118 -58.70 32.99 -36.40
N GLY Q 119 -57.44 32.54 -36.28
CA GLY Q 119 -56.42 33.22 -37.01
C GLY Q 119 -55.61 34.01 -36.03
N THR Q 120 -56.07 33.98 -34.77
CA THR Q 120 -55.22 34.23 -33.67
C THR Q 120 -55.75 33.35 -32.62
N ALA Q 121 -55.55 33.74 -31.35
CA ALA Q 121 -56.35 33.21 -30.28
C ALA Q 121 -57.73 33.74 -30.52
N SER Q 122 -57.94 35.01 -30.13
CA SER Q 122 -59.22 35.63 -30.28
C SER Q 122 -59.28 36.21 -31.66
N PRO Q 123 -60.46 36.22 -32.24
CA PRO Q 123 -60.61 36.45 -33.65
C PRO Q 123 -60.49 37.89 -33.98
N ASP Q 124 -60.38 38.75 -32.96
CA ASP Q 124 -60.38 40.17 -33.13
C ASP Q 124 -59.16 40.46 -33.89
N VAL Q 125 -58.05 39.92 -33.39
CA VAL Q 125 -56.83 40.35 -33.93
C VAL Q 125 -56.34 39.23 -34.76
N ARG Q 126 -55.10 39.28 -35.24
CA ARG Q 126 -54.82 38.41 -36.34
C ARG Q 126 -53.36 38.23 -36.41
N ARG Q 127 -52.92 37.33 -37.32
CA ARG Q 127 -51.55 37.00 -37.39
C ARG Q 127 -51.11 37.26 -38.77
N VAL Q 128 -50.12 38.17 -38.90
CA VAL Q 128 -49.76 38.62 -40.20
C VAL Q 128 -48.26 38.50 -40.37
N GLN Q 129 -47.73 37.27 -40.18
CA GLN Q 129 -46.36 36.81 -40.00
C GLN Q 129 -45.25 37.81 -40.31
N ILE Q 130 -44.14 37.78 -39.49
CA ILE Q 130 -43.07 38.75 -39.59
C ILE Q 130 -41.75 38.13 -40.02
N CYS R 15 -50.73 -7.26 -5.47
CA CYS R 15 -49.64 -6.56 -6.16
C CYS R 15 -49.60 -5.13 -5.73
N SER R 16 -49.50 -4.21 -6.71
CA SER R 16 -49.41 -2.83 -6.34
C SER R 16 -50.79 -2.31 -6.22
N SER R 17 -50.89 -0.99 -5.97
CA SER R 17 -52.15 -0.32 -5.92
C SER R 17 -52.17 0.57 -7.11
N GLY R 18 -53.29 1.26 -7.35
CA GLY R 18 -53.33 2.13 -8.49
C GLY R 18 -53.51 3.50 -7.93
N HIS R 19 -54.13 4.40 -8.72
CA HIS R 19 -54.45 5.71 -8.25
C HIS R 19 -55.85 5.58 -7.74
N LYS R 20 -56.30 6.51 -6.86
CA LYS R 20 -57.66 6.41 -6.43
C LYS R 20 -58.47 7.28 -7.32
N PRO R 21 -59.56 6.78 -7.81
CA PRO R 21 -60.36 7.55 -8.73
C PRO R 21 -60.81 8.77 -8.00
N PRO R 22 -61.16 9.77 -8.75
CA PRO R 22 -61.09 11.11 -8.27
C PRO R 22 -62.24 11.35 -7.36
N PRO R 23 -62.13 12.30 -6.47
CA PRO R 23 -63.21 12.75 -5.66
C PRO R 23 -64.27 13.23 -6.59
N GLU R 24 -65.51 12.73 -6.46
CA GLU R 24 -66.47 12.98 -7.48
C GLU R 24 -67.51 13.88 -6.93
N PRO R 25 -67.76 14.92 -7.66
CA PRO R 25 -68.63 15.97 -7.21
C PRO R 25 -70.06 15.53 -7.18
N ASP R 26 -70.92 16.32 -6.52
CA ASP R 26 -72.32 16.05 -6.45
C ASP R 26 -72.82 15.96 -7.85
N TRP R 27 -73.46 14.82 -8.20
CA TRP R 27 -74.06 14.63 -9.49
C TRP R 27 -75.52 14.69 -9.24
N SER R 28 -75.91 14.27 -8.03
CA SER R 28 -77.28 14.24 -7.66
C SER R 28 -77.76 15.66 -7.63
N ASN R 29 -77.42 16.42 -6.57
CA ASN R 29 -77.93 17.76 -6.51
C ASN R 29 -77.38 18.52 -7.66
N THR R 30 -78.22 19.28 -8.38
CA THR R 30 -77.62 20.09 -9.40
C THR R 30 -78.41 21.35 -9.59
N VAL R 31 -77.78 22.46 -9.14
CA VAL R 31 -78.30 23.79 -9.19
C VAL R 31 -77.47 24.52 -10.21
N PRO R 32 -78.08 25.46 -10.88
CA PRO R 32 -77.41 26.25 -11.88
C PRO R 32 -76.30 27.05 -11.28
N VAL R 33 -75.29 27.40 -12.12
CA VAL R 33 -74.16 28.18 -11.67
C VAL R 33 -74.62 29.59 -11.54
N ASN R 34 -74.73 30.26 -12.71
CA ASN R 34 -74.81 31.68 -12.84
C ASN R 34 -75.84 32.23 -11.91
N LYS R 35 -75.64 33.51 -11.55
CA LYS R 35 -76.50 34.24 -10.66
C LYS R 35 -77.25 35.21 -11.49
N THR R 36 -76.80 36.48 -11.51
CA THR R 36 -77.29 37.37 -12.52
C THR R 36 -76.73 36.92 -13.82
N ILE R 37 -76.88 37.77 -14.86
CA ILE R 37 -76.40 37.37 -16.13
C ILE R 37 -75.14 38.11 -16.40
N PRO R 38 -74.27 37.39 -17.05
CA PRO R 38 -72.88 37.75 -17.13
C PRO R 38 -72.71 38.94 -18.01
N VAL R 39 -71.75 39.81 -17.69
CA VAL R 39 -71.36 40.80 -18.64
C VAL R 39 -69.92 40.58 -18.90
N ASP R 40 -69.32 41.37 -19.80
CA ASP R 40 -67.91 41.23 -19.94
C ASP R 40 -67.29 42.13 -18.93
N THR R 41 -66.23 41.64 -18.27
CA THR R 41 -65.53 42.52 -17.40
C THR R 41 -64.54 43.18 -18.29
N GLN R 42 -63.36 42.55 -18.38
CA GLN R 42 -62.38 42.85 -19.36
C GLN R 42 -63.12 42.99 -20.70
N GLY R 43 -63.27 44.14 -21.19
N GLU S 1 -1.01 31.26 16.32
CA GLU S 1 -0.60 29.86 16.58
C GLU S 1 -0.75 29.61 18.04
N THR S 2 -1.67 30.38 18.65
CA THR S 2 -2.11 30.17 20.00
C THR S 2 -2.91 28.92 19.99
N SER S 3 -3.69 28.66 21.04
CA SER S 3 -4.51 27.49 20.91
C SER S 3 -5.64 27.86 20.02
N GLU S 4 -6.33 26.84 19.46
CA GLU S 4 -7.41 27.02 18.54
C GLU S 4 -8.65 27.02 19.34
N GLY S 5 -8.84 25.94 20.12
CA GLY S 5 -10.00 25.78 20.93
C GLY S 5 -9.80 26.65 22.11
N SER S 6 -8.64 27.32 22.18
CA SER S 6 -8.53 28.42 23.08
C SER S 6 -9.41 29.48 22.50
N SER S 7 -9.18 29.73 21.20
CA SER S 7 -9.91 30.74 20.49
C SER S 7 -11.38 30.50 20.65
N ALA S 8 -11.85 29.30 20.27
CA ALA S 8 -13.25 29.03 20.10
C ALA S 8 -13.99 29.39 21.36
N LEU S 9 -13.56 28.81 22.51
CA LEU S 9 -14.16 29.08 23.78
C LEU S 9 -14.25 30.56 23.95
N ALA S 10 -13.09 31.23 23.79
CA ALA S 10 -12.95 32.65 23.91
C ALA S 10 -14.02 33.33 23.09
N LYS S 11 -14.46 32.67 22.01
CA LYS S 11 -15.34 33.28 21.06
C LYS S 11 -16.68 33.34 21.69
N ASN S 12 -16.99 32.28 22.44
CA ASN S 12 -18.33 32.03 22.88
C ASN S 12 -18.47 32.44 24.32
N LEU S 13 -17.45 33.09 24.93
CA LEU S 13 -17.62 33.51 26.31
C LEU S 13 -18.41 34.78 26.35
N THR S 14 -17.90 35.85 25.72
CA THR S 14 -18.64 37.07 25.69
C THR S 14 -19.57 36.96 24.49
N PRO S 15 -20.88 36.73 24.65
CA PRO S 15 -21.60 36.06 23.60
C PRO S 15 -22.59 37.04 23.06
N ALA S 16 -22.43 37.46 21.79
CA ALA S 16 -21.36 36.97 20.99
C ALA S 16 -20.52 38.17 20.77
N ARG S 17 -19.30 38.07 20.21
CA ARG S 17 -18.88 39.33 19.68
C ARG S 17 -18.91 39.18 18.19
N LEU S 18 -19.92 38.42 17.73
CA LEU S 18 -20.70 38.71 16.56
C LEU S 18 -20.57 40.17 16.22
N LYS S 19 -20.50 40.50 14.90
CA LYS S 19 -20.28 41.84 14.40
C LYS S 19 -21.59 42.61 14.38
N ALA S 20 -21.56 43.89 14.80
CA ALA S 20 -22.73 44.72 14.88
C ALA S 20 -23.48 44.67 13.58
N SER S 21 -24.82 44.74 13.69
CA SER S 21 -25.70 44.63 12.56
C SER S 21 -26.18 46.01 12.23
N ARG S 22 -26.12 46.41 10.94
CA ARG S 22 -26.49 47.74 10.58
C ARG S 22 -27.98 47.78 10.58
N ALA S 23 -28.56 48.42 11.60
CA ALA S 23 -29.99 48.43 11.64
C ALA S 23 -30.44 49.56 10.78
N GLY S 24 -30.45 49.34 9.45
CA GLY S 24 -30.65 50.41 8.53
C GLY S 24 -31.96 50.23 7.87
N VAL S 25 -32.58 51.35 7.43
CA VAL S 25 -33.94 51.25 7.04
C VAL S 25 -34.01 50.94 5.58
N MET S 26 -34.83 49.91 5.29
CA MET S 26 -35.38 49.80 3.98
C MET S 26 -36.10 51.08 3.78
N ALA S 27 -35.74 51.80 2.70
CA ALA S 27 -36.33 53.05 2.41
C ALA S 27 -37.81 52.85 2.34
N ASN S 28 -38.31 52.30 1.22
CA ASN S 28 -39.74 52.19 1.10
C ASN S 28 -40.14 50.75 1.02
N PRO S 29 -41.39 50.61 1.37
CA PRO S 29 -42.17 49.42 1.23
C PRO S 29 -42.48 49.30 -0.23
N SER S 30 -42.52 50.43 -0.94
CA SER S 30 -42.78 50.31 -2.33
C SER S 30 -41.47 50.35 -2.99
N LEU S 31 -40.39 50.31 -2.16
CA LEU S 31 -39.05 50.07 -2.61
C LEU S 31 -38.78 48.64 -2.33
N THR S 32 -39.45 48.07 -1.32
CA THR S 32 -39.10 46.72 -1.06
C THR S 32 -40.27 45.99 -0.50
N VAL S 33 -40.55 44.81 -1.08
CA VAL S 33 -41.49 43.89 -0.51
C VAL S 33 -40.66 42.91 0.24
N PRO S 34 -40.77 42.89 1.54
CA PRO S 34 -39.95 42.05 2.36
C PRO S 34 -40.48 40.66 2.25
N LYS S 35 -39.61 39.65 2.47
CA LYS S 35 -40.09 38.33 2.70
C LYS S 35 -40.58 38.31 4.10
N GLY S 36 -40.57 37.10 4.70
CA GLY S 36 -41.32 36.91 5.92
C GLY S 36 -42.73 36.88 5.46
N LYS S 37 -42.87 36.68 4.14
CA LYS S 37 -44.09 36.78 3.44
C LYS S 37 -44.44 35.40 3.04
N MET S 38 -45.71 35.21 2.64
CA MET S 38 -46.06 33.96 2.06
C MET S 38 -46.53 34.33 0.69
N ILE S 39 -46.19 33.51 -0.32
CA ILE S 39 -46.79 33.74 -1.59
C ILE S 39 -47.84 32.68 -1.70
N PRO S 40 -49.04 33.03 -1.36
CA PRO S 40 -50.08 32.08 -1.09
C PRO S 40 -50.62 31.59 -2.39
N CYS S 41 -49.95 30.65 -3.07
CA CYS S 41 -50.38 30.39 -4.42
C CYS S 41 -51.40 29.30 -4.41
N GLY S 42 -51.54 28.64 -5.58
CA GLY S 42 -52.53 27.61 -5.71
C GLY S 42 -52.03 26.68 -6.78
N THR S 43 -51.78 25.41 -6.38
CA THR S 43 -51.12 24.53 -7.29
C THR S 43 -52.14 23.99 -8.23
N GLY S 44 -51.70 23.79 -9.49
CA GLY S 44 -52.62 23.46 -10.52
C GLY S 44 -52.08 22.30 -11.28
N THR S 45 -51.26 21.45 -10.64
CA THR S 45 -50.97 20.21 -11.29
C THR S 45 -50.94 19.16 -10.24
N GLU S 46 -50.95 17.90 -10.69
CA GLU S 46 -50.70 16.82 -9.78
C GLU S 46 -49.24 16.94 -9.47
N LEU S 47 -48.81 16.35 -8.34
CA LEU S 47 -47.45 16.48 -7.91
C LEU S 47 -47.01 15.14 -7.44
N ASP S 48 -45.77 14.78 -7.76
CA ASP S 48 -45.33 13.46 -7.47
C ASP S 48 -43.86 13.49 -7.51
N THR S 49 -43.21 13.59 -6.34
CA THR S 49 -41.80 13.70 -6.36
C THR S 49 -41.26 12.31 -6.55
N THR S 50 -42.21 11.37 -6.74
CA THR S 50 -42.03 10.22 -7.59
C THR S 50 -41.12 10.64 -8.71
N VAL S 51 -41.62 11.53 -9.59
CA VAL S 51 -40.78 11.85 -10.71
C VAL S 51 -40.32 13.26 -10.59
N PRO S 52 -39.02 13.45 -10.65
CA PRO S 52 -38.42 14.75 -10.63
C PRO S 52 -39.03 15.57 -11.71
N GLY S 53 -38.85 16.90 -11.67
CA GLY S 53 -39.56 17.63 -12.66
C GLY S 53 -40.59 18.46 -11.95
N GLN S 54 -41.38 19.19 -12.75
CA GLN S 54 -41.87 20.46 -12.36
C GLN S 54 -43.26 20.35 -11.84
N VAL S 55 -43.60 21.26 -10.90
CA VAL S 55 -44.97 21.51 -10.53
C VAL S 55 -45.26 22.91 -11.00
N SER S 56 -46.54 23.32 -10.96
CA SER S 56 -46.82 24.70 -11.31
C SER S 56 -47.91 25.17 -10.40
N CYS S 57 -47.75 26.41 -9.88
CA CYS S 57 -48.79 27.06 -9.17
C CYS S 57 -48.98 28.40 -9.80
N ARG S 58 -50.04 29.11 -9.39
CA ARG S 58 -50.23 30.48 -9.75
C ARG S 58 -50.67 31.16 -8.50
N VAL S 59 -50.50 32.50 -8.40
CA VAL S 59 -50.74 33.11 -7.14
C VAL S 59 -52.18 32.93 -6.80
N SER S 60 -52.52 33.04 -5.51
CA SER S 60 -53.89 33.11 -5.17
C SER S 60 -54.20 34.57 -4.97
N GLN S 61 -54.35 34.99 -3.69
CA GLN S 61 -54.63 36.36 -3.41
C GLN S 61 -53.37 37.15 -3.64
N ASP S 62 -53.31 38.38 -3.10
CA ASP S 62 -52.30 39.33 -3.50
C ASP S 62 -51.12 39.24 -2.59
N VAL S 63 -49.98 39.74 -3.09
CA VAL S 63 -48.79 39.91 -2.29
C VAL S 63 -48.66 41.38 -2.06
N TYR S 64 -47.99 41.80 -0.96
CA TYR S 64 -48.01 43.18 -0.56
C TYR S 64 -46.59 43.66 -0.35
N SER S 65 -46.43 44.72 0.46
CA SER S 65 -45.16 45.39 0.58
C SER S 65 -44.68 45.28 2.00
N ALA S 66 -43.81 46.23 2.41
CA ALA S 66 -43.17 46.14 3.71
C ALA S 66 -44.16 46.57 4.71
N ASP S 67 -44.50 47.88 4.70
CA ASP S 67 -45.52 48.38 5.57
C ASP S 67 -46.74 47.55 5.32
N GLY S 68 -47.01 47.25 4.03
CA GLY S 68 -48.10 46.38 3.69
C GLY S 68 -49.21 47.26 3.24
N LEU S 69 -48.87 48.50 2.82
CA LEU S 69 -49.86 49.46 2.49
C LEU S 69 -50.08 49.45 1.01
N VAL S 70 -49.10 48.98 0.20
CA VAL S 70 -49.39 48.96 -1.20
C VAL S 70 -49.55 47.54 -1.65
N ARG S 71 -50.35 47.33 -2.72
CA ARG S 71 -50.56 46.03 -3.28
C ARG S 71 -49.85 46.04 -4.58
N LEU S 72 -48.63 45.47 -4.61
CA LEU S 72 -47.90 45.53 -5.83
C LEU S 72 -48.06 44.21 -6.52
N ILE S 73 -47.54 43.15 -5.89
CA ILE S 73 -47.68 41.89 -6.54
C ILE S 73 -49.13 41.50 -6.45
N ASP S 74 -49.77 41.25 -7.61
CA ASP S 74 -51.18 40.92 -7.61
C ASP S 74 -51.32 39.50 -8.01
N LYS S 75 -52.58 39.05 -8.18
CA LYS S 75 -52.86 37.66 -8.41
C LYS S 75 -52.50 37.33 -9.82
N GLY S 76 -52.87 36.10 -10.22
CA GLY S 76 -52.66 35.65 -11.55
C GLY S 76 -51.20 35.77 -11.86
N SER S 77 -50.33 35.55 -10.86
CA SER S 77 -48.95 35.48 -11.19
C SER S 77 -48.57 34.04 -11.14
N TRP S 78 -48.47 33.43 -12.33
CA TRP S 78 -48.19 32.03 -12.43
C TRP S 78 -46.76 31.81 -12.01
N VAL S 79 -46.52 30.76 -11.19
CA VAL S 79 -45.18 30.38 -10.80
C VAL S 79 -44.93 29.01 -11.34
N ASP S 80 -43.64 28.65 -11.56
CA ASP S 80 -43.30 27.32 -11.97
C ASP S 80 -42.09 26.93 -11.20
N GLY S 81 -41.83 25.61 -11.07
CA GLY S 81 -40.77 25.20 -10.18
C GLY S 81 -40.30 23.83 -10.56
N GLN S 82 -39.90 23.04 -9.54
CA GLN S 82 -39.28 21.78 -9.83
C GLN S 82 -39.02 21.06 -8.52
N ILE S 83 -39.18 19.70 -8.53
CA ILE S 83 -38.85 18.82 -7.44
C ILE S 83 -37.71 17.98 -7.94
N THR S 84 -36.47 18.26 -7.48
CA THR S 84 -35.31 17.67 -8.09
C THR S 84 -35.42 16.18 -8.06
N GLY S 85 -36.08 15.62 -7.03
CA GLY S 85 -36.21 14.19 -7.06
C GLY S 85 -36.61 13.69 -5.72
N GLY S 86 -36.97 12.39 -5.68
CA GLY S 86 -37.81 11.81 -4.67
C GLY S 86 -37.34 12.13 -3.29
N ILE S 87 -38.32 12.23 -2.37
CA ILE S 87 -38.12 12.45 -0.98
C ILE S 87 -37.29 11.35 -0.44
N LYS S 88 -37.07 11.36 0.89
CA LYS S 88 -36.43 10.23 1.48
C LYS S 88 -37.47 9.35 2.06
N ASP S 89 -37.11 8.61 3.13
CA ASP S 89 -37.87 7.50 3.61
C ASP S 89 -38.91 8.02 4.54
N GLY S 90 -40.19 7.92 4.12
CA GLY S 90 -41.29 8.27 4.96
C GLY S 90 -41.18 9.73 5.25
N GLN S 91 -40.50 10.49 4.36
CA GLN S 91 -40.37 11.88 4.65
C GLN S 91 -41.73 12.48 4.54
N ALA S 92 -42.04 13.39 5.48
CA ALA S 92 -43.36 13.91 5.68
C ALA S 92 -43.90 14.37 4.38
N ARG S 93 -43.01 14.91 3.53
CA ARG S 93 -43.51 15.72 2.47
C ARG S 93 -42.37 15.99 1.56
N VAL S 94 -42.67 16.24 0.28
CA VAL S 94 -41.64 16.65 -0.62
C VAL S 94 -41.28 18.06 -0.28
N PHE S 95 -40.18 18.50 -0.91
CA PHE S 95 -39.61 19.81 -0.89
C PHE S 95 -39.92 20.34 -2.26
N VAL S 96 -40.00 21.67 -2.42
CA VAL S 96 -40.45 22.22 -3.66
C VAL S 96 -39.65 23.44 -3.95
N LEU S 97 -39.31 23.63 -5.22
CA LEU S 97 -38.52 24.78 -5.50
C LEU S 97 -39.27 25.59 -6.49
N TRP S 98 -39.97 26.65 -6.00
CA TRP S 98 -40.62 27.52 -6.94
C TRP S 98 -39.56 28.40 -7.47
N GLU S 99 -39.40 28.38 -8.80
CA GLU S 99 -38.42 29.23 -9.37
C GLU S 99 -39.12 30.45 -9.81
N ARG S 100 -39.52 30.49 -11.10
CA ARG S 100 -39.86 31.81 -11.51
C ARG S 100 -41.31 32.06 -11.26
N ILE S 101 -41.60 33.21 -10.62
CA ILE S 101 -42.93 33.70 -10.47
C ILE S 101 -43.15 34.70 -11.56
N ARG S 102 -44.02 34.39 -12.53
CA ARG S 102 -44.31 35.30 -13.59
C ARG S 102 -45.70 35.82 -13.38
N ASN S 103 -45.98 37.02 -13.92
CA ASN S 103 -47.25 37.69 -13.79
C ASN S 103 -47.94 37.52 -15.10
N ASP S 104 -49.25 37.86 -15.18
CA ASP S 104 -50.08 37.38 -16.24
C ASP S 104 -50.21 38.43 -17.30
N GLN S 105 -51.04 39.45 -17.01
CA GLN S 105 -51.37 40.47 -17.95
C GLN S 105 -50.14 41.27 -18.18
N ASP S 106 -49.69 41.92 -17.10
CA ASP S 106 -48.54 42.78 -17.06
C ASP S 106 -47.38 42.10 -17.70
N GLY S 107 -46.64 41.34 -16.87
CA GLY S 107 -45.41 40.72 -17.24
C GLY S 107 -44.90 40.14 -15.96
N THR S 108 -44.05 40.91 -15.25
CA THR S 108 -43.69 40.68 -13.89
C THR S 108 -43.30 39.25 -13.72
N ILE S 109 -42.20 38.86 -14.36
CA ILE S 109 -41.53 37.64 -14.07
C ILE S 109 -40.61 37.94 -12.94
N VAL S 110 -40.00 36.89 -12.38
CA VAL S 110 -38.98 37.15 -11.42
C VAL S 110 -38.48 35.82 -10.96
N ASN S 111 -37.18 35.56 -11.17
CA ASN S 111 -36.69 34.29 -10.75
C ASN S 111 -36.60 34.37 -9.25
N ILE S 112 -37.51 33.67 -8.52
CA ILE S 112 -37.59 33.95 -7.10
C ILE S 112 -36.73 32.96 -6.35
N ASP S 113 -36.67 31.69 -6.82
CA ASP S 113 -35.70 30.77 -6.29
C ASP S 113 -35.98 30.54 -4.84
N SER S 114 -37.26 30.35 -4.47
CA SER S 114 -37.59 30.12 -3.09
C SER S 114 -38.17 28.76 -2.98
N ALA S 115 -38.26 28.24 -1.75
CA ALA S 115 -38.95 26.99 -1.64
C ALA S 115 -40.38 27.31 -1.43
N GLY S 116 -41.25 26.30 -1.62
CA GLY S 116 -42.64 26.47 -1.33
C GLY S 116 -42.81 26.03 0.08
N THR S 117 -44.01 26.15 0.66
CA THR S 117 -44.15 25.75 2.02
C THR S 117 -45.49 25.12 2.12
N ASN S 118 -46.17 25.29 3.27
CA ASN S 118 -47.45 24.63 3.42
C ASN S 118 -48.45 25.69 3.76
N SER S 119 -49.73 25.27 3.87
CA SER S 119 -50.72 26.17 4.36
C SER S 119 -50.21 26.64 5.67
N LEU S 120 -49.78 25.67 6.50
CA LEU S 120 -49.26 25.90 7.82
C LEU S 120 -48.06 26.79 7.69
N GLY S 121 -47.33 26.68 6.58
CA GLY S 121 -46.23 27.58 6.36
C GLY S 121 -44.98 26.80 6.36
N SER S 122 -45.03 25.54 6.83
CA SER S 122 -43.81 24.80 6.98
C SER S 122 -43.31 24.44 5.61
N ALA S 123 -41.97 24.32 5.47
CA ALA S 123 -41.35 24.38 4.19
C ALA S 123 -41.56 23.10 3.47
N GLY S 124 -42.04 23.20 2.22
CA GLY S 124 -42.15 22.04 1.39
C GLY S 124 -43.59 21.67 1.38
N ILE S 125 -44.16 21.42 0.19
CA ILE S 125 -45.54 21.08 0.21
C ILE S 125 -45.66 19.60 0.32
N PRO S 126 -46.54 19.27 1.20
CA PRO S 126 -46.57 17.95 1.79
C PRO S 126 -47.15 17.00 0.82
N GLY S 127 -47.28 15.71 1.20
CA GLY S 127 -47.92 14.78 0.33
C GLY S 127 -48.07 13.46 1.00
N GLN S 128 -48.02 12.37 0.19
CA GLN S 128 -48.24 11.03 0.68
C GLN S 128 -47.08 10.19 0.26
N VAL S 129 -46.93 9.03 0.93
CA VAL S 129 -45.72 8.30 0.75
C VAL S 129 -46.02 7.05 -0.03
N ASP S 130 -45.33 6.92 -1.18
CA ASP S 130 -45.22 5.62 -1.76
C ASP S 130 -43.92 5.14 -1.23
N ALA S 131 -43.97 4.07 -0.43
CA ALA S 131 -42.79 3.56 0.21
C ALA S 131 -42.05 2.83 -0.84
N HIS S 132 -42.79 2.01 -1.61
CA HIS S 132 -42.18 1.18 -2.61
C HIS S 132 -41.41 0.13 -1.89
N MET S 133 -41.83 -0.20 -0.67
CA MET S 133 -41.09 -1.16 0.08
C MET S 133 -41.09 -2.43 -0.69
N TRP S 134 -42.08 -2.58 -1.59
CA TRP S 134 -42.22 -3.77 -2.38
C TRP S 134 -40.98 -3.97 -3.20
N GLU S 135 -40.72 -3.06 -4.16
CA GLU S 135 -39.70 -3.32 -5.12
C GLU S 135 -38.39 -3.49 -4.41
N ARG S 136 -38.20 -2.81 -3.27
CA ARG S 136 -36.97 -2.90 -2.55
C ARG S 136 -36.89 -4.22 -1.87
N LEU S 137 -38.05 -4.85 -1.63
CA LEU S 137 -38.05 -6.05 -0.84
C LEU S 137 -38.11 -7.25 -1.73
N ARG S 138 -38.77 -7.16 -2.90
CA ARG S 138 -39.05 -8.33 -3.69
C ARG S 138 -37.77 -9.05 -4.01
N GLY S 139 -36.63 -8.36 -3.92
CA GLY S 139 -35.37 -8.94 -4.31
C GLY S 139 -35.11 -10.13 -3.46
N ALA S 140 -34.62 -9.91 -2.24
CA ALA S 140 -34.16 -10.99 -1.42
C ALA S 140 -35.32 -11.89 -1.14
N ILE S 141 -36.55 -11.42 -1.40
CA ILE S 141 -37.66 -12.21 -0.98
C ILE S 141 -37.92 -13.30 -1.97
N MET S 142 -37.57 -13.12 -3.25
CA MET S 142 -37.74 -14.26 -4.08
C MET S 142 -36.62 -15.20 -3.75
N ILE S 143 -35.38 -14.73 -3.92
CA ILE S 143 -34.18 -15.49 -3.70
C ILE S 143 -34.28 -16.25 -2.41
N SER S 144 -34.75 -15.59 -1.34
CA SER S 144 -34.57 -16.19 -0.05
C SER S 144 -35.57 -17.29 0.13
N LEU S 145 -36.70 -17.23 -0.61
CA LEU S 145 -37.66 -18.28 -0.54
C LEU S 145 -37.02 -19.49 -1.14
N PHE S 146 -35.94 -19.29 -1.93
CA PHE S 146 -35.34 -20.42 -2.54
C PHE S 146 -34.41 -21.03 -1.53
N SER S 147 -33.58 -20.20 -0.88
CA SER S 147 -32.70 -20.73 0.13
C SER S 147 -33.56 -21.38 1.17
N ASP S 148 -34.79 -20.89 1.33
CA ASP S 148 -35.74 -21.47 2.25
C ASP S 148 -36.14 -22.81 1.73
N THR S 149 -36.30 -22.93 0.40
CA THR S 149 -36.81 -24.16 -0.15
C THR S 149 -35.70 -25.16 -0.27
N LEU S 150 -34.48 -24.81 0.21
CA LEU S 150 -33.48 -25.84 0.22
C LEU S 150 -33.99 -26.86 1.20
N THR S 151 -34.86 -26.44 2.13
CA THR S 151 -35.30 -27.34 3.15
C THR S 151 -36.61 -27.98 2.73
N ALA S 152 -37.68 -27.17 2.55
CA ALA S 152 -38.94 -27.72 2.14
C ALA S 152 -38.80 -28.14 0.68
N LEU S 153 -39.83 -28.62 0.12
N GLN S 173 -23.72 -12.71 2.82
CA GLN S 173 -24.40 -11.42 3.08
C GLN S 173 -25.52 -11.23 2.12
N LEU S 174 -26.76 -11.49 2.55
CA LEU S 174 -27.89 -11.32 1.69
C LEU S 174 -28.84 -10.46 2.44
N ALA S 175 -28.87 -10.59 3.77
CA ALA S 175 -29.64 -9.71 4.58
C ALA S 175 -28.94 -8.40 4.59
N SER S 176 -27.63 -8.43 4.92
CA SER S 176 -26.86 -7.22 4.92
C SER S 176 -26.88 -6.69 3.53
N GLU S 177 -26.63 -7.53 2.52
CA GLU S 177 -26.59 -7.05 1.16
C GLU S 177 -27.95 -6.56 0.77
N ALA S 178 -29.01 -7.13 1.37
CA ALA S 178 -30.35 -6.76 0.97
C ALA S 178 -30.65 -5.39 1.46
N LEU S 179 -29.93 -4.96 2.51
CA LEU S 179 -30.17 -3.67 3.07
C LEU S 179 -29.48 -2.66 2.20
N ARG S 180 -28.29 -3.02 1.67
CA ARG S 180 -27.60 -2.16 0.76
C ARG S 180 -28.42 -2.06 -0.49
N SER S 181 -29.14 -3.12 -0.85
CA SER S 181 -30.06 -2.95 -1.94
C SER S 181 -31.05 -1.90 -1.53
N TYR S 182 -31.84 -2.18 -0.48
CA TYR S 182 -32.99 -1.45 -0.06
C TYR S 182 -32.74 0.03 -0.13
N MET S 183 -31.73 0.56 0.57
CA MET S 183 -31.68 1.99 0.69
C MET S 183 -31.49 2.62 -0.66
N SER S 184 -30.94 1.85 -1.63
CA SER S 184 -30.64 2.35 -2.95
C SER S 184 -31.79 3.10 -3.49
N ILE S 185 -32.96 2.43 -3.63
CA ILE S 185 -34.03 3.10 -4.32
C ILE S 185 -34.76 3.98 -3.34
N PRO S 186 -34.92 5.21 -3.72
CA PRO S 186 -35.77 6.13 -3.02
C PRO S 186 -37.17 5.62 -3.03
N PRO S 187 -37.96 6.17 -2.14
CA PRO S 187 -39.40 6.06 -2.09
C PRO S 187 -40.00 6.86 -3.21
N THR S 188 -41.16 7.51 -2.95
CA THR S 188 -41.62 8.63 -3.73
C THR S 188 -42.61 9.37 -2.89
N LEU S 189 -43.17 10.49 -3.44
CA LEU S 189 -44.23 11.15 -2.74
C LEU S 189 -45.40 11.26 -3.67
N TYR S 190 -46.04 12.46 -3.68
CA TYR S 190 -47.37 12.69 -4.17
C TYR S 190 -47.84 13.89 -3.39
N ASP S 191 -48.58 14.84 -4.02
CA ASP S 191 -49.40 15.83 -3.34
C ASP S 191 -50.45 16.16 -4.34
N GLN S 192 -51.70 16.43 -3.89
CA GLN S 192 -52.74 16.37 -4.87
C GLN S 192 -52.72 17.66 -5.64
N GLN S 193 -53.67 17.80 -6.59
CA GLN S 193 -53.68 18.98 -7.41
C GLN S 193 -54.63 19.93 -6.79
N GLY S 194 -54.44 21.22 -7.12
CA GLY S 194 -55.17 22.24 -6.43
C GLY S 194 -54.94 22.05 -4.97
N ASP S 195 -53.71 22.29 -4.50
CA ASP S 195 -53.51 22.34 -3.09
C ASP S 195 -53.32 23.78 -2.75
N ALA S 196 -53.89 24.23 -1.62
CA ALA S 196 -53.63 25.57 -1.24
C ALA S 196 -52.21 25.58 -0.80
N VAL S 197 -51.41 26.52 -1.30
CA VAL S 197 -50.08 26.52 -0.77
C VAL S 197 -49.55 27.91 -0.77
N SER S 198 -48.28 28.03 -0.39
CA SER S 198 -47.71 29.34 -0.24
C SER S 198 -46.26 29.23 -0.57
N ILE S 199 -45.57 30.37 -0.71
CA ILE S 199 -44.13 30.32 -0.89
C ILE S 199 -43.53 31.11 0.19
N PHE S 200 -42.50 30.57 0.85
CA PHE S 200 -41.65 31.43 1.62
C PHE S 200 -40.72 32.07 0.64
N VAL S 201 -41.20 33.08 -0.12
CA VAL S 201 -40.30 33.78 -0.97
C VAL S 201 -39.24 34.33 -0.08
N ALA S 202 -38.04 33.76 -0.17
CA ALA S 202 -37.02 34.07 0.79
C ALA S 202 -36.26 35.25 0.30
N ARG S 203 -36.96 36.36 -0.02
CA ARG S 203 -36.21 37.53 -0.39
C ARG S 203 -37.11 38.72 -0.55
N ASP S 204 -36.64 39.67 -1.39
CA ASP S 204 -37.21 40.99 -1.50
C ASP S 204 -37.44 41.29 -2.93
N LEU S 205 -38.63 41.82 -3.19
CA LEU S 205 -39.00 42.17 -4.51
C LEU S 205 -39.03 43.66 -4.55
N ASP S 206 -38.51 44.24 -5.64
CA ASP S 206 -38.73 45.63 -5.85
C ASP S 206 -39.82 45.73 -6.86
N PHE S 207 -40.92 46.38 -6.49
CA PHE S 207 -41.69 46.93 -7.55
C PHE S 207 -41.66 48.41 -7.35
N SER S 208 -40.48 48.99 -7.03
CA SER S 208 -40.45 50.43 -6.99
C SER S 208 -39.96 50.89 -8.31
N GLY S 209 -40.19 50.11 -9.37
CA GLY S 209 -39.84 50.56 -10.67
C GLY S 209 -41.01 50.23 -11.55
N VAL S 210 -42.14 49.77 -10.94
CA VAL S 210 -43.47 49.80 -11.51
C VAL S 210 -44.16 50.71 -10.49
N TYR S 211 -45.48 50.53 -10.19
CA TYR S 211 -46.23 51.04 -9.07
C TYR S 211 -45.67 52.25 -8.38
N THR S 212 -46.43 53.37 -8.33
CA THR S 212 -46.10 54.47 -7.45
C THR S 212 -47.41 55.17 -7.13
N LEU S 213 -47.50 56.49 -6.83
CA LEU S 213 -48.81 56.86 -6.35
C LEU S 213 -49.71 57.32 -7.47
N ALA S 214 -51.05 57.43 -7.21
CA ALA S 214 -51.55 58.30 -6.18
C ALA S 214 -53.08 58.39 -6.18
N ASP S 215 -53.65 59.63 -6.11
CA ASP S 215 -55.07 59.76 -5.82
C ASP S 215 -55.83 60.05 -7.11
N ASN S 216 -57.15 60.38 -7.03
CA ASN S 216 -58.05 59.54 -6.28
C ASN S 216 -58.34 58.31 -7.12
N ALA T 1 -44.38 63.90 -7.83
CA ALA T 1 -43.35 64.79 -7.25
C ALA T 1 -43.09 64.41 -5.84
N ALA T 2 -42.16 65.12 -5.18
CA ALA T 2 -41.83 64.80 -3.82
C ALA T 2 -43.02 65.13 -2.98
N ASP T 3 -43.68 66.27 -3.27
CA ASP T 3 -44.75 66.72 -2.43
C ASP T 3 -46.03 66.14 -2.93
N LYS T 4 -46.06 65.71 -4.20
CA LYS T 4 -47.22 65.11 -4.78
C LYS T 4 -47.43 63.80 -4.11
N LYS T 5 -46.32 63.06 -3.86
CA LYS T 5 -46.42 61.74 -3.32
C LYS T 5 -47.03 61.89 -1.96
N ARG T 6 -46.41 62.74 -1.15
CA ARG T 6 -46.64 62.85 0.26
C ARG T 6 -48.11 62.91 0.53
N ILE T 7 -48.74 64.03 0.14
CA ILE T 7 -50.16 64.28 0.21
C ILE T 7 -50.90 63.01 -0.08
N THR T 8 -50.50 62.30 -1.15
CA THR T 8 -51.23 61.13 -1.56
C THR T 8 -51.10 60.06 -0.52
N GLN T 9 -49.87 59.82 -0.04
CA GLN T 9 -49.59 58.73 0.85
C GLN T 9 -50.45 58.87 2.07
N LYS T 10 -50.62 60.11 2.58
CA LYS T 10 -51.49 60.29 3.71
C LYS T 10 -52.86 59.82 3.31
N LEU T 11 -53.27 60.15 2.07
CA LEU T 11 -54.57 59.80 1.59
C LEU T 11 -54.72 58.33 1.73
N LYS T 12 -53.58 57.60 1.69
CA LYS T 12 -53.59 56.17 1.51
C LYS T 12 -53.65 55.51 2.84
N GLN T 13 -53.18 56.21 3.89
CA GLN T 13 -53.26 55.67 5.21
C GLN T 13 -54.70 55.45 5.51
N THR T 14 -55.55 56.41 5.13
CA THR T 14 -56.88 56.29 5.61
C THR T 14 -57.75 55.67 4.56
N ALA T 15 -58.02 54.35 4.69
CA ALA T 15 -58.86 53.76 3.71
C ALA T 15 -59.48 52.57 4.34
N PHE T 16 -59.33 52.46 5.67
CA PHE T 16 -60.03 51.47 6.41
C PHE T 16 -61.46 51.90 6.45
N ALA T 17 -62.14 51.81 5.30
CA ALA T 17 -63.42 52.43 5.13
C ALA T 17 -64.28 51.51 4.32
N GLY T 18 -65.12 52.12 3.45
CA GLY T 18 -66.17 51.36 2.86
C GLY T 18 -67.19 51.16 3.94
N ALA T 19 -68.21 50.34 3.67
CA ALA T 19 -69.17 50.07 4.70
C ALA T 19 -68.65 48.91 5.49
N LYS T 20 -68.32 49.17 6.76
CA LYS T 20 -67.76 48.10 7.53
C LYS T 20 -68.83 47.14 7.87
N ASN T 21 -68.37 46.00 8.39
CA ASN T 21 -69.11 45.00 9.08
C ASN T 21 -68.88 45.38 10.50
N TYR T 22 -69.92 45.57 11.32
CA TYR T 22 -69.52 46.08 12.60
C TYR T 22 -69.32 44.92 13.53
N GLN T 23 -70.14 43.87 13.39
CA GLN T 23 -70.10 42.81 14.36
C GLN T 23 -69.01 41.86 13.99
N TYR T 24 -68.01 41.76 14.88
CA TYR T 24 -67.24 40.56 14.95
C TYR T 24 -67.70 39.90 16.22
N VAL T 25 -67.91 38.57 16.18
CA VAL T 25 -68.12 37.87 17.41
C VAL T 25 -66.83 37.18 17.69
N MET T 26 -66.53 36.87 18.96
CA MET T 26 -65.32 36.15 19.24
C MET T 26 -65.72 34.90 19.93
N SER T 27 -64.72 34.19 20.49
CA SER T 27 -65.01 33.07 21.33
C SER T 27 -65.22 33.67 22.68
N GLU T 28 -64.83 32.95 23.74
CA GLU T 28 -64.76 33.54 25.05
C GLU T 28 -64.25 32.48 25.95
N GLN T 29 -63.00 32.62 26.40
CA GLN T 29 -62.53 31.75 27.44
C GLN T 29 -61.98 32.63 28.49
N PRO T 30 -61.96 32.15 29.70
CA PRO T 30 -61.61 32.95 30.81
C PRO T 30 -60.18 33.35 30.67
N GLU T 31 -59.42 32.63 29.83
CA GLU T 31 -58.04 32.94 29.64
C GLU T 31 -57.98 33.89 28.49
N MET T 32 -58.73 33.57 27.42
CA MET T 32 -58.79 34.43 26.28
C MET T 32 -59.14 35.80 26.75
N ARG T 33 -60.43 35.99 27.15
CA ARG T 33 -61.11 37.20 27.52
C ARG T 33 -60.14 38.27 27.91
N SER T 34 -59.25 37.92 28.86
CA SER T 34 -58.27 38.80 29.41
C SER T 34 -57.60 39.55 28.31
N ILE T 35 -56.74 38.85 27.53
CA ILE T 35 -55.89 39.56 26.63
C ILE T 35 -56.60 39.77 25.34
N GLN T 36 -57.89 40.17 25.40
CA GLN T 36 -58.62 40.37 24.19
C GLN T 36 -58.29 41.73 23.65
N PRO T 37 -58.78 41.92 22.45
CA PRO T 37 -58.60 43.13 21.70
C PRO T 37 -59.27 44.31 22.32
N VAL T 38 -59.16 45.48 21.65
CA VAL T 38 -60.04 46.59 21.91
C VAL T 38 -61.12 46.47 20.87
N HIS T 39 -60.84 46.98 19.65
CA HIS T 39 -61.79 46.91 18.59
C HIS T 39 -61.24 46.05 17.50
N VAL T 40 -62.13 45.25 16.87
CA VAL T 40 -61.74 44.43 15.76
C VAL T 40 -62.77 44.63 14.71
N TRP T 41 -62.36 45.08 13.51
CA TRP T 41 -63.41 45.27 12.56
C TRP T 41 -62.93 45.00 11.18
N ASP T 42 -63.83 45.05 10.19
CA ASP T 42 -63.42 44.78 8.84
C ASP T 42 -64.32 45.55 7.94
N ASN T 43 -63.86 45.74 6.68
CA ASN T 43 -64.70 46.19 5.61
C ASN T 43 -64.48 45.18 4.54
N TYR T 44 -63.30 44.53 4.61
CA TYR T 44 -62.81 43.66 3.60
C TYR T 44 -62.28 42.47 4.33
N ARG T 45 -61.14 41.94 3.83
CA ARG T 45 -60.35 40.98 4.53
C ARG T 45 -59.30 41.81 5.20
N PHE T 46 -59.11 43.02 4.64
CA PHE T 46 -58.29 44.02 5.27
C PHE T 46 -58.92 44.30 6.59
N THR T 47 -58.45 43.60 7.63
CA THR T 47 -59.16 43.57 8.88
C THR T 47 -58.27 44.18 9.92
N ARG T 48 -58.84 44.98 10.84
CA ARG T 48 -58.01 45.52 11.86
C ARG T 48 -58.41 44.95 13.18
N PHE T 49 -57.39 44.64 14.02
CA PHE T 49 -57.56 44.14 15.36
C PHE T 49 -56.76 45.05 16.22
N GLU T 50 -57.38 46.06 16.87
CA GLU T 50 -56.61 46.95 17.68
C GLU T 50 -56.32 46.28 18.97
N PHE T 51 -55.23 46.75 19.63
CA PHE T 51 -54.86 46.18 20.89
C PHE T 51 -54.62 47.29 21.85
N PRO T 52 -54.84 46.96 23.09
CA PRO T 52 -54.50 47.82 24.17
C PRO T 52 -53.04 47.67 24.44
N ALA T 53 -52.47 48.61 25.21
CA ALA T 53 -51.11 48.51 25.64
C ALA T 53 -50.92 47.15 26.24
N ASN T 54 -51.75 46.88 27.28
CA ASN T 54 -51.60 45.76 28.14
C ASN T 54 -52.47 44.67 27.61
N ALA T 55 -52.29 44.29 26.33
CA ALA T 55 -52.91 43.10 25.85
C ALA T 55 -51.89 42.41 24.98
N GLU T 56 -51.69 41.10 25.18
CA GLU T 56 -50.52 40.48 24.64
C GLU T 56 -50.55 40.54 23.17
N LEU T 57 -49.51 39.96 22.53
CA LEU T 57 -49.57 39.85 21.11
C LEU T 57 -49.73 38.41 20.77
N PRO T 58 -50.97 38.15 20.50
CA PRO T 58 -51.41 36.90 19.92
C PRO T 58 -50.66 36.64 18.66
N GLN T 59 -50.88 35.45 18.06
CA GLN T 59 -50.58 35.30 16.67
C GLN T 59 -51.85 34.77 16.07
N VAL T 60 -52.34 35.42 14.99
CA VAL T 60 -53.63 35.07 14.48
C VAL T 60 -53.44 34.51 13.13
N TYR T 61 -54.41 33.71 12.65
CA TYR T 61 -54.33 33.14 11.35
C TYR T 61 -55.69 33.23 10.74
N MET T 62 -55.83 32.82 9.47
CA MET T 62 -57.08 32.93 8.79
C MET T 62 -57.57 31.54 8.55
N ILE T 63 -58.89 31.38 8.44
CA ILE T 63 -59.44 30.12 8.02
C ILE T 63 -59.91 30.28 6.62
N SER T 64 -59.15 29.74 5.65
CA SER T 64 -59.58 29.89 4.31
C SER T 64 -60.82 29.06 4.18
N ALA T 65 -61.45 29.15 3.00
CA ALA T 65 -62.68 28.47 2.75
C ALA T 65 -62.41 27.00 2.80
N SER T 66 -61.13 26.60 2.67
CA SER T 66 -60.86 25.19 2.68
C SER T 66 -61.26 24.69 4.03
N GLY T 67 -61.28 25.59 5.04
CA GLY T 67 -61.74 25.20 6.34
C GLY T 67 -60.53 24.84 7.15
N LYS T 68 -59.53 24.26 6.49
CA LYS T 68 -58.26 24.01 7.10
C LYS T 68 -57.66 25.35 7.34
N GLU T 69 -56.57 25.40 8.12
CA GLU T 69 -56.11 26.70 8.51
C GLU T 69 -55.08 27.16 7.53
N THR T 70 -54.66 28.42 7.68
CA THR T 70 -53.63 28.95 6.84
C THR T 70 -53.03 30.06 7.65
N LEU T 71 -51.89 30.60 7.20
CA LEU T 71 -51.44 31.76 7.90
C LEU T 71 -51.52 32.92 6.97
N PRO T 72 -52.02 33.98 7.52
CA PRO T 72 -52.32 35.18 6.80
C PRO T 72 -51.02 35.89 6.61
N ASN T 73 -50.93 36.77 5.61
CA ASN T 73 -49.82 37.68 5.58
C ASN T 73 -50.31 38.90 6.26
N SER T 74 -49.78 39.17 7.46
CA SER T 74 -50.36 40.25 8.18
C SER T 74 -49.32 41.26 8.41
N HIS T 75 -49.74 42.36 9.06
CA HIS T 75 -48.82 43.35 9.52
C HIS T 75 -49.57 44.03 10.61
N VAL T 76 -48.87 44.82 11.45
CA VAL T 76 -49.65 45.59 12.34
C VAL T 76 -49.45 46.99 11.90
N VAL T 77 -50.39 47.91 12.24
CA VAL T 77 -50.17 49.25 11.81
C VAL T 77 -50.77 50.14 12.83
N GLY T 78 -50.46 51.44 12.72
CA GLY T 78 -51.11 52.36 13.60
C GLY T 78 -50.06 53.20 14.24
N GLU T 79 -50.45 54.44 14.57
CA GLU T 79 -49.69 55.21 15.50
C GLU T 79 -49.72 54.40 16.76
N ASN T 80 -50.95 54.02 17.15
CA ASN T 80 -51.17 53.04 18.17
C ASN T 80 -50.29 51.89 17.79
N ARG T 81 -50.34 51.46 16.51
CA ARG T 81 -49.39 50.50 16.00
C ARG T 81 -49.76 49.15 16.53
N ASN T 82 -50.73 49.12 17.46
CA ASN T 82 -51.12 47.93 18.12
C ASN T 82 -51.91 47.08 17.18
N ILE T 83 -52.75 47.72 16.35
CA ILE T 83 -53.66 46.98 15.55
C ILE T 83 -52.90 46.14 14.57
N ILE T 84 -53.49 45.00 14.17
CA ILE T 84 -52.89 44.13 13.20
C ILE T 84 -53.77 44.17 12.00
N GLU T 85 -53.27 44.70 10.86
CA GLU T 85 -54.03 44.70 9.65
C GLU T 85 -53.60 43.47 8.89
N VAL T 86 -54.57 42.64 8.51
CA VAL T 86 -54.27 41.40 7.85
C VAL T 86 -54.78 41.53 6.45
N GLU T 87 -54.08 40.96 5.45
CA GLU T 87 -54.52 41.17 4.11
C GLU T 87 -54.67 39.84 3.44
N THR T 88 -55.58 38.98 3.97
CA THR T 88 -55.92 37.71 3.39
C THR T 88 -57.36 37.41 3.70
N VAL T 89 -58.06 36.74 2.76
CA VAL T 89 -59.44 36.32 2.89
C VAL T 89 -59.60 35.42 4.08
N ALA T 90 -60.80 35.45 4.71
CA ALA T 90 -61.22 34.45 5.65
C ALA T 90 -62.32 35.04 6.48
N LYS T 91 -63.33 34.21 6.84
CA LYS T 91 -64.37 34.71 7.69
C LYS T 91 -63.81 34.67 9.07
N GLU T 92 -63.54 33.45 9.58
CA GLU T 92 -63.06 33.32 10.91
C GLU T 92 -61.65 33.77 10.96
N TRP T 93 -61.07 33.65 12.17
CA TRP T 93 -59.69 33.93 12.37
C TRP T 93 -59.33 33.26 13.64
N ARG T 94 -58.19 32.56 13.66
CA ARG T 94 -57.80 32.07 14.94
C ARG T 94 -56.90 33.08 15.52
N ILE T 95 -56.51 32.89 16.79
CA ILE T 95 -55.72 33.90 17.44
C ILE T 95 -54.94 33.21 18.52
N ARG T 96 -54.15 32.20 18.10
CA ARG T 96 -53.40 31.32 18.94
C ARG T 96 -52.36 32.15 19.66
N LEU T 97 -51.62 31.49 20.56
CA LEU T 97 -50.55 32.12 21.27
C LEU T 97 -50.12 31.18 22.34
N GLY T 98 -49.43 30.08 21.96
CA GLY T 98 -49.09 29.08 22.92
C GLY T 98 -50.32 28.29 23.16
N ASP T 99 -50.55 27.90 24.43
CA ASP T 99 -51.70 27.14 24.83
C ASP T 99 -52.92 27.79 24.26
N LYS T 100 -53.16 29.02 24.75
CA LYS T 100 -54.34 29.79 24.50
C LYS T 100 -54.66 29.78 23.03
N VAL T 101 -55.96 29.93 22.66
CA VAL T 101 -56.32 29.99 21.27
C VAL T 101 -57.73 30.56 21.10
N VAL T 102 -57.82 31.88 20.80
CA VAL T 102 -59.08 32.56 20.56
C VAL T 102 -59.50 32.24 19.16
N GLY T 103 -60.46 32.99 18.60
CA GLY T 103 -60.81 32.72 17.23
C GLY T 103 -61.95 33.59 16.84
N VAL T 104 -61.69 34.92 16.74
CA VAL T 104 -62.73 35.84 16.37
C VAL T 104 -63.33 35.38 15.10
N ARG T 105 -64.65 35.54 15.02
CA ARG T 105 -65.34 35.21 13.82
C ARG T 105 -65.66 36.51 13.18
N ASN T 106 -65.47 36.60 11.86
CA ASN T 106 -65.97 37.77 11.20
C ASN T 106 -67.38 37.42 10.86
N ASN T 107 -68.26 38.41 10.62
CA ASN T 107 -69.59 37.97 10.33
C ASN T 107 -70.18 38.84 9.29
N ASN T 108 -69.87 38.55 8.02
CA ASN T 108 -70.63 39.16 6.97
C ASN T 108 -70.56 38.25 5.80
N PHE T 109 -71.59 38.31 4.95
CA PHE T 109 -71.57 37.66 3.68
C PHE T 109 -72.47 38.46 2.82
N ALA T 110 -71.90 39.33 1.96
CA ALA T 110 -72.64 39.78 0.83
C ALA T 110 -72.16 38.92 -0.28
N PRO T 111 -72.79 37.83 -0.56
CA PRO T 111 -72.09 36.84 -1.31
C PRO T 111 -72.22 37.21 -2.74
N GLY T 112 -71.32 36.70 -3.61
CA GLY T 112 -71.53 36.81 -5.03
C GLY T 112 -71.30 38.22 -5.46
N ARG T 113 -71.07 39.15 -4.52
CA ARG T 113 -70.77 40.49 -4.93
C ARG T 113 -69.68 41.00 -4.06
N GLY T 114 -68.96 42.04 -4.53
CA GLY T 114 -67.99 42.70 -3.71
C GLY T 114 -66.86 43.10 -4.61
N ALA T 115 -66.51 42.21 -5.56
CA ALA T 115 -65.32 42.38 -6.34
C ALA T 115 -65.43 43.65 -7.10
N VAL T 116 -64.31 44.38 -7.20
CA VAL T 116 -64.18 45.44 -8.14
C VAL T 116 -62.73 45.44 -8.52
N ALA T 117 -62.17 46.61 -8.85
CA ALA T 117 -60.76 46.66 -9.06
C ALA T 117 -60.25 47.81 -8.27
N THR T 118 -59.65 47.52 -7.11
CA THR T 118 -59.09 48.54 -6.27
C THR T 118 -58.13 49.29 -7.11
N GLY T 119 -57.03 48.65 -7.52
CA GLY T 119 -56.16 49.31 -8.44
C GLY T 119 -54.94 49.71 -7.69
N THR T 120 -54.96 49.46 -6.37
CA THR T 120 -53.78 49.30 -5.62
C THR T 120 -54.14 48.29 -4.61
N ALA T 121 -53.47 48.33 -3.45
CA ALA T 121 -54.00 47.70 -2.28
C ALA T 121 -55.22 48.47 -1.93
N SER T 122 -55.01 49.63 -1.27
CA SER T 122 -56.10 50.46 -0.84
C SER T 122 -56.45 51.35 -1.99
N PRO T 123 -57.71 51.68 -2.11
CA PRO T 123 -58.25 52.26 -3.32
C PRO T 123 -57.92 53.69 -3.41
N ASP T 124 -57.30 54.26 -2.37
CA ASP T 124 -57.03 55.66 -2.28
C ASP T 124 -56.09 55.94 -3.36
N VAL T 125 -55.03 55.13 -3.39
CA VAL T 125 -53.97 55.48 -4.24
C VAL T 125 -54.03 54.53 -5.37
N ARG T 126 -53.02 54.50 -6.25
CA ARG T 126 -53.31 53.89 -7.50
C ARG T 126 -52.02 53.50 -8.12
N ARG T 127 -52.11 52.79 -9.26
CA ARG T 127 -50.94 52.28 -9.87
C ARG T 127 -50.89 52.79 -11.24
N VAL T 128 -49.82 53.54 -11.56
CA VAL T 128 -49.80 54.22 -12.81
C VAL T 128 -48.49 53.92 -13.51
N GLN T 129 -48.22 52.61 -13.73
CA GLN T 129 -47.00 51.92 -14.13
C GLN T 129 -45.84 52.78 -14.63
N ILE T 130 -44.58 52.38 -14.29
CA ILE T 130 -43.41 53.17 -14.59
C ILE T 130 -42.45 52.48 -15.56
N CYS U 15 -50.17 2.13 11.64
CA CYS U 15 -49.21 2.79 10.75
C CYS U 15 -48.71 4.05 11.37
N SER U 16 -48.72 5.16 10.59
CA SER U 16 -48.21 6.38 11.13
C SER U 16 -49.34 7.07 11.82
N SER U 17 -49.05 8.28 12.31
CA SER U 17 -50.04 9.10 12.92
C SER U 17 -50.24 10.24 11.98
N GLY U 18 -51.20 11.13 12.27
CA GLY U 18 -51.40 12.25 11.39
C GLY U 18 -51.07 13.45 12.20
N HIS U 19 -51.68 14.60 11.85
CA HIS U 19 -51.55 15.80 12.62
C HIS U 19 -52.72 15.77 13.56
N LYS U 20 -52.64 16.51 14.68
CA LYS U 20 -53.78 16.52 15.55
C LYS U 20 -54.61 17.70 15.15
N PRO U 21 -55.88 17.50 15.00
CA PRO U 21 -56.73 18.58 14.58
C PRO U 21 -56.64 19.65 15.62
N PRO U 22 -56.98 20.84 15.22
CA PRO U 22 -56.47 22.00 15.86
C PRO U 22 -57.19 22.20 17.15
N PRO U 23 -56.59 22.88 18.09
CA PRO U 23 -57.24 23.28 19.29
C PRO U 23 -58.40 24.12 18.89
N GLU U 24 -59.61 23.80 19.37
CA GLU U 24 -60.76 24.43 18.81
C GLU U 24 -61.35 25.32 19.84
N PRO U 25 -61.57 26.54 19.44
CA PRO U 25 -62.00 27.57 20.34
C PRO U 25 -63.40 27.36 20.79
N ASP U 26 -63.82 28.09 21.84
CA ASP U 26 -65.15 28.03 22.36
C ASP U 26 -66.07 28.36 21.23
N TRP U 27 -67.02 27.44 20.93
CA TRP U 27 -68.02 27.66 19.93
C TRP U 27 -69.29 27.88 20.67
N SER U 28 -69.35 27.25 21.86
CA SER U 28 -70.51 27.34 22.68
C SER U 28 -70.63 28.77 23.12
N ASN U 29 -69.81 29.20 24.11
CA ASN U 29 -69.96 30.55 24.57
C ASN U 29 -69.64 31.47 23.44
N THR U 30 -70.47 32.50 23.21
CA THR U 30 -70.06 33.43 22.20
C THR U 30 -70.55 34.80 22.52
N VAL U 31 -69.58 35.66 22.91
CA VAL U 31 -69.78 37.03 23.26
C VAL U 31 -69.17 37.84 22.16
N PRO U 32 -69.73 39.00 21.92
CA PRO U 32 -69.25 39.88 20.90
C PRO U 32 -67.86 40.35 21.19
N VAL U 33 -67.10 40.73 20.14
CA VAL U 33 -65.75 41.19 20.28
C VAL U 33 -65.82 42.58 20.79
N ASN U 34 -66.13 43.51 19.87
CA ASN U 34 -65.93 44.92 20.02
C ASN U 34 -66.46 45.39 21.34
N LYS U 35 -65.88 46.50 21.82
CA LYS U 35 -66.22 47.12 23.07
C LYS U 35 -66.97 48.37 22.74
N THR U 36 -66.27 49.52 22.77
CA THR U 36 -66.84 50.70 22.18
C THR U 36 -66.83 50.48 20.70
N ILE U 37 -67.09 51.56 19.94
CA ILE U 37 -67.14 51.40 18.54
C ILE U 37 -65.89 51.98 17.96
N PRO U 38 -65.45 51.31 16.94
CA PRO U 38 -64.12 51.47 16.43
C PRO U 38 -63.97 52.79 15.77
N VAL U 39 -62.78 53.40 15.88
CA VAL U 39 -62.50 54.52 15.04
C VAL U 39 -61.30 54.14 14.25
N ASP U 40 -60.85 55.02 13.34
CA ASP U 40 -59.62 54.71 12.69
C ASP U 40 -58.54 55.23 13.55
N THR U 41 -57.47 54.45 13.71
CA THR U 41 -56.35 54.98 14.41
C THR U 41 -55.56 55.67 13.35
N GLN U 42 -54.64 54.90 12.74
CA GLN U 42 -53.98 55.28 11.55
C GLN U 42 -55.05 55.84 10.60
N GLY U 43 -55.08 57.08 10.39
N GLU V 1 11.20 26.27 20.71
CA GLU V 1 11.35 24.80 20.57
C GLU V 1 11.61 24.24 21.92
N THR V 2 11.12 24.97 22.94
CA THR V 2 11.09 24.52 24.29
C THR V 2 10.07 23.45 24.35
N SER V 3 9.62 23.07 25.56
CA SER V 3 8.56 22.10 25.53
C SER V 3 7.32 22.84 25.17
N GLU V 4 6.29 22.10 24.73
CA GLU V 4 5.04 22.66 24.29
C GLU V 4 4.14 22.66 25.47
N GLY V 5 3.97 21.46 26.05
CA GLY V 5 3.12 21.29 27.19
C GLY V 5 3.86 21.83 28.35
N SER V 6 5.11 22.27 28.12
CA SER V 6 5.74 23.10 29.10
C SER V 6 4.98 24.38 29.06
N SER V 7 4.84 24.91 27.83
CA SER V 7 4.18 26.15 27.61
C SER V 7 2.82 26.11 28.22
N ALA V 8 1.99 25.12 27.83
CA ALA V 8 0.59 25.12 28.14
C ALA V 8 0.39 25.28 29.62
N LEU V 9 1.00 24.38 30.42
CA LEU V 9 0.91 24.43 31.85
C LEU V 9 1.21 25.82 32.28
N ALA V 10 2.39 26.32 31.84
CA ALA V 10 2.87 27.64 32.14
C ALA V 10 1.79 28.64 31.88
N LYS V 11 0.88 28.34 30.93
CA LYS V 11 -0.09 29.29 30.48
C LYS V 11 -1.11 29.40 31.54
N ASN V 12 -1.41 28.25 32.15
CA ASN V 12 -2.56 28.12 32.99
C ASN V 12 -2.14 28.19 34.44
N LEU V 13 -0.86 28.51 34.75
CA LEU V 13 -0.50 28.61 36.14
C LEU V 13 -0.93 29.94 36.68
N THR V 14 -0.42 31.03 36.10
CA THR V 14 -0.83 32.33 36.55
C THR V 14 -2.09 32.65 35.76
N PRO V 15 -3.31 32.60 36.33
CA PRO V 15 -4.44 32.31 35.50
C PRO V 15 -5.31 33.53 35.51
N ALA V 16 -5.46 34.21 34.37
CA ALA V 16 -4.84 33.77 33.16
C ALA V 16 -3.85 34.84 32.87
N ARG V 17 -2.93 34.69 31.91
CA ARG V 17 -2.41 35.96 31.49
C ARG V 17 -2.95 36.16 30.11
N LEU V 18 -4.20 35.71 29.92
CA LEU V 18 -5.21 36.38 29.17
C LEU V 18 -4.87 37.85 29.05
N LYS V 19 -5.14 38.47 27.87
CA LYS V 19 -4.80 39.84 27.56
C LYS V 19 -5.83 40.77 28.13
N ALA V 20 -5.39 41.90 28.73
CA ALA V 20 -6.26 42.86 29.36
C ALA V 20 -7.37 43.23 28.42
N SER V 21 -8.56 43.49 29.01
CA SER V 21 -9.74 43.78 28.26
C SER V 21 -9.99 45.26 28.36
N ARG V 22 -10.25 45.93 27.22
CA ARG V 22 -10.41 47.36 27.24
C ARG V 22 -11.76 47.62 27.78
N ALA V 23 -11.84 48.08 29.03
CA ALA V 23 -13.14 48.30 29.57
C ALA V 23 -13.57 49.66 29.14
N GLY V 24 -14.05 49.76 27.89
CA GLY V 24 -14.28 51.04 27.28
C GLY V 24 -15.74 51.23 27.11
N VAL V 25 -16.18 52.50 27.12
CA VAL V 25 -17.59 52.70 27.21
C VAL V 25 -18.18 52.77 25.85
N MET V 26 -19.26 51.97 25.69
CA MET V 26 -20.20 52.26 24.66
C MET V 26 -20.64 53.65 24.95
N ALA V 27 -20.47 54.53 23.96
CA ALA V 27 -20.84 55.90 24.11
C ALA V 27 -22.27 55.95 24.54
N ASN V 28 -23.21 55.76 23.59
CA ASN V 28 -24.59 55.90 23.95
C ASN V 28 -25.31 54.61 23.79
N PRO V 29 -26.38 54.58 24.53
CA PRO V 29 -27.41 53.59 24.47
C PRO V 29 -28.18 53.87 23.22
N SER V 30 -28.18 55.13 22.77
CA SER V 30 -28.89 55.39 21.57
C SER V 30 -27.87 55.37 20.50
N LEU V 31 -26.63 54.97 20.87
CA LEU V 31 -25.58 54.64 19.95
C LEU V 31 -25.57 53.16 19.86
N THR V 32 -26.00 52.49 20.94
CA THR V 32 -25.90 51.07 20.82
C THR V 32 -26.96 50.41 21.62
N VAL V 33 -27.68 49.47 20.99
CA VAL V 33 -28.58 48.60 21.69
C VAL V 33 -27.80 47.35 21.91
N PRO V 34 -27.49 47.03 23.15
CA PRO V 34 -26.67 45.91 23.47
C PRO V 34 -27.50 44.69 23.32
N LYS V 35 -26.87 43.54 23.04
CA LYS V 35 -27.53 42.29 23.20
C LYS V 35 -27.55 42.00 24.65
N GLY V 36 -27.62 40.71 25.00
CA GLY V 36 -27.99 40.35 26.34
C GLY V 36 -29.43 40.64 26.41
N LYS V 37 -30.01 40.78 25.21
CA LYS V 37 -31.34 41.24 25.02
C LYS V 37 -32.09 40.06 24.55
N MET V 38 -33.43 40.16 24.59
CA MET V 38 -34.22 39.16 23.97
C MET V 38 -34.99 39.91 22.94
N ILE V 39 -35.18 39.31 21.75
CA ILE V 39 -36.08 39.92 20.83
C ILE V 39 -37.32 39.09 20.91
N PRO V 40 -38.25 39.54 21.71
CA PRO V 40 -39.34 38.72 22.17
C PRO V 40 -40.35 38.64 21.08
N CYS V 41 -40.16 37.80 20.06
CA CYS V 41 -41.03 37.94 18.93
C CYS V 41 -42.22 37.05 19.10
N GLY V 42 -42.87 36.71 17.97
CA GLY V 42 -44.05 35.91 18.01
C GLY V 42 -44.13 35.19 16.71
N THR V 43 -44.06 33.84 16.77
CA THR V 43 -43.94 33.12 15.54
C THR V 43 -45.29 32.97 14.94
N GLY V 44 -45.33 33.02 13.59
CA GLY V 44 -46.57 33.08 12.91
C GLY V 44 -46.58 32.06 11.82
N THR V 45 -45.80 30.97 11.98
CA THR V 45 -46.02 29.90 11.07
C THR V 45 -45.90 28.63 11.85
N GLU V 46 -46.33 27.53 11.22
CA GLU V 46 -46.06 26.24 11.78
C GLU V 46 -44.59 26.06 11.57
N LEU V 47 -43.97 25.16 12.36
CA LEU V 47 -42.56 24.98 12.30
C LEU V 47 -42.30 23.51 12.34
N ASP V 48 -41.34 23.05 11.54
CA ASP V 48 -41.15 21.64 11.43
C ASP V 48 -39.78 21.45 10.88
N THR V 49 -38.81 21.18 11.76
CA THR V 49 -37.48 21.07 11.25
C THR V 49 -37.36 19.71 10.65
N THR V 50 -38.50 18.98 10.64
CA THR V 50 -38.86 18.06 9.61
C THR V 50 -38.28 18.58 8.33
N VAL V 51 -38.81 19.73 7.85
CA VAL V 51 -38.31 20.17 6.59
C VAL V 51 -37.54 21.43 6.76
N PRO V 52 -36.32 21.42 6.29
CA PRO V 52 -35.46 22.57 6.32
C PRO V 52 -36.17 23.71 5.68
N GLY V 53 -35.70 24.95 5.88
CA GLY V 53 -36.51 25.99 5.34
C GLY V 53 -37.03 26.78 6.49
N GLN V 54 -37.86 27.79 6.17
CA GLN V 54 -37.90 28.99 6.92
C GLN V 54 -39.05 28.98 7.87
N VAL V 55 -38.86 29.68 9.00
CA VAL V 55 -39.95 30.04 9.87
C VAL V 55 -40.05 31.53 9.77
N SER V 56 -41.13 32.12 10.33
CA SER V 56 -41.18 33.56 10.35
C SER V 56 -41.80 33.96 11.65
N CYS V 57 -41.22 35.01 12.28
CA CYS V 57 -41.81 35.63 13.43
C CYS V 57 -41.88 37.09 13.13
N ARG V 58 -42.57 37.83 14.01
CA ARG V 58 -42.55 39.26 13.98
C ARG V 58 -42.41 39.69 15.41
N VAL V 59 -41.92 40.92 15.65
CA VAL V 59 -41.61 41.25 17.02
C VAL V 59 -42.87 41.21 17.80
N SER V 60 -42.75 41.06 19.13
CA SER V 60 -43.90 41.27 19.94
C SER V 60 -43.79 42.66 20.48
N GLN V 61 -43.45 42.79 21.78
CA GLN V 61 -43.29 44.08 22.38
C GLN V 61 -42.03 44.70 21.85
N ASP V 62 -41.53 45.74 22.54
CA ASP V 62 -40.51 46.59 21.98
C ASP V 62 -39.15 46.10 22.38
N VAL V 63 -38.14 46.52 21.60
CA VAL V 63 -36.76 46.32 21.94
C VAL V 63 -36.24 47.66 22.37
N TYR V 64 -35.19 47.69 23.21
CA TYR V 64 -34.76 48.92 23.82
C TYR V 64 -33.29 49.12 23.59
N SER V 65 -32.64 49.92 24.46
CA SER V 65 -31.28 50.34 24.24
C SER V 65 -30.42 49.82 25.36
N ALA V 66 -29.27 50.50 25.59
CA ALA V 66 -28.31 50.00 26.53
C ALA V 66 -28.81 50.34 27.89
N ASP V 67 -28.82 51.64 28.22
CA ASP V 67 -29.39 52.08 29.47
C ASP V 67 -30.77 51.52 29.53
N GLY V 68 -31.49 51.59 28.39
CA GLY V 68 -32.80 51.00 28.31
C GLY V 68 -33.76 52.12 28.43
N LEU V 69 -33.30 53.35 28.14
CA LEU V 69 -34.11 54.52 28.35
C LEU V 69 -34.78 54.89 27.07
N VAL V 70 -34.24 54.48 25.90
CA VAL V 70 -34.95 54.83 24.70
C VAL V 70 -35.54 53.60 24.10
N ARG V 71 -36.67 53.77 23.37
CA ARG V 71 -37.32 52.69 22.71
C ARG V 71 -37.07 52.90 21.26
N LEU V 72 -36.09 52.18 20.71
CA LEU V 72 -35.79 52.41 19.33
C LEU V 72 -36.43 51.34 18.53
N ILE V 73 -36.01 50.09 18.75
CA ILE V 73 -36.62 49.05 17.98
C ILE V 73 -38.02 48.88 18.52
N ASP V 74 -39.02 49.02 17.63
CA ASP V 74 -40.40 48.92 18.07
C ASP V 74 -40.98 47.67 17.50
N LYS V 75 -42.29 47.47 17.72
CA LYS V 75 -42.94 46.24 17.37
C LYS V 75 -43.12 46.20 15.89
N GLY V 76 -43.85 45.17 15.45
CA GLY V 76 -44.19 45.02 14.06
C GLY V 76 -42.91 45.00 13.29
N SER V 77 -41.84 44.41 13.87
CA SER V 77 -40.68 44.21 13.06
C SER V 77 -40.65 42.76 12.73
N TRP V 78 -41.06 42.44 11.49
CA TRP V 78 -41.14 41.07 11.06
C TRP V 78 -39.75 40.54 10.90
N VAL V 79 -39.51 39.30 11.39
CA VAL V 79 -38.23 38.64 11.22
C VAL V 79 -38.48 37.41 10.39
N ASP V 80 -37.44 36.93 9.68
CA ASP V 80 -37.56 35.69 8.96
C ASP V 80 -36.29 34.95 9.16
N GLY V 81 -36.30 33.61 8.97
CA GLY V 81 -35.13 32.85 9.34
C GLY V 81 -35.13 31.55 8.59
N GLN V 82 -34.62 30.49 9.24
CA GLN V 82 -34.42 29.25 8.56
C GLN V 82 -33.93 28.21 9.55
N ILE V 83 -34.39 26.94 9.36
CA ILE V 83 -33.94 25.78 10.09
C ILE V 83 -33.24 24.92 9.09
N THR V 84 -31.88 24.89 9.12
CA THR V 84 -31.13 24.29 8.05
C THR V 84 -31.57 22.87 7.86
N GLY V 85 -31.98 22.19 8.94
CA GLY V 85 -32.42 20.84 8.71
C GLY V 85 -32.49 20.11 10.01
N GLY V 86 -33.10 18.91 9.95
CA GLY V 86 -33.69 18.24 11.07
C GLY V 86 -32.76 18.15 12.23
N ILE V 87 -33.35 18.17 13.45
CA ILE V 87 -32.69 18.03 14.69
C ILE V 87 -32.00 16.72 14.70
N LYS V 88 -31.38 16.38 15.85
CA LYS V 88 -30.85 15.06 15.98
C LYS V 88 -31.84 14.24 16.72
N ASP V 89 -31.33 13.22 17.46
CA ASP V 89 -32.13 12.15 17.97
C ASP V 89 -32.68 12.59 19.29
N GLY V 90 -34.01 12.79 19.33
CA GLY V 90 -34.70 13.09 20.55
C GLY V 90 -34.18 14.41 21.03
N GLN V 91 -33.65 15.25 20.11
CA GLN V 91 -33.12 16.50 20.57
C GLN V 91 -34.29 17.31 21.05
N ALA V 92 -34.07 18.01 22.18
CA ALA V 92 -35.11 18.65 22.91
C ALA V 92 -35.91 19.49 21.98
N ARG V 93 -35.24 20.07 20.98
CA ARG V 93 -35.85 21.18 20.32
C ARG V 93 -35.01 21.47 19.12
N VAL V 94 -35.64 22.07 18.10
CA VAL V 94 -34.88 22.52 16.99
C VAL V 94 -34.12 23.73 17.41
N PHE V 95 -33.20 24.13 16.52
CA PHE V 95 -32.38 25.29 16.56
C PHE V 95 -32.96 26.18 15.49
N VAL V 96 -32.79 27.50 15.61
CA VAL V 96 -33.47 28.39 14.72
C VAL V 96 -32.55 29.51 14.39
N LEU V 97 -32.59 29.95 13.13
CA LEU V 97 -31.69 30.99 12.79
C LEU V 97 -32.52 32.12 12.28
N TRP V 98 -32.77 33.12 13.15
CA TRP V 98 -33.46 34.28 12.67
C TRP V 98 -32.46 35.09 11.95
N GLU V 99 -32.72 35.36 10.67
CA GLU V 99 -31.81 36.16 9.94
C GLU V 99 -32.32 37.55 9.99
N ARG V 100 -33.08 37.96 8.96
CA ARG V 100 -33.22 39.37 8.93
C ARG V 100 -34.42 39.77 9.72
N ILE V 101 -34.23 40.77 10.60
CA ILE V 101 -35.32 41.41 11.29
C ILE V 101 -35.63 42.66 10.54
N ARG V 102 -36.81 42.72 9.90
CA ARG V 102 -37.20 43.90 9.19
C ARG V 102 -38.29 44.55 9.96
N ASN V 103 -38.45 45.88 9.76
CA ASN V 103 -39.43 46.68 10.44
C ASN V 103 -40.53 46.93 9.45
N ASP V 104 -41.68 47.48 9.91
CA ASP V 104 -42.89 47.40 9.13
C ASP V 104 -43.09 48.68 8.39
N GLN V 105 -43.55 49.72 9.12
CA GLN V 105 -43.92 50.97 8.54
C GLN V 105 -42.67 51.60 8.04
N ASP V 106 -41.76 51.90 8.98
CA ASP V 106 -40.50 52.53 8.76
C ASP V 106 -39.78 51.85 7.65
N GLY V 107 -39.02 50.82 8.01
CA GLY V 107 -38.13 50.12 7.15
C GLY V 107 -37.40 49.19 8.04
N THR V 108 -36.22 49.63 8.52
CA THR V 108 -35.51 49.03 9.61
C THR V 108 -35.41 47.55 9.38
N ILE V 109 -34.68 47.16 8.34
CA ILE V 109 -34.25 45.82 8.16
C ILE V 109 -32.98 45.70 8.92
N VAL V 110 -32.48 44.46 9.04
CA VAL V 110 -31.18 44.33 9.61
C VAL V 110 -30.88 42.87 9.63
N ASN V 111 -29.81 42.47 8.94
CA ASN V 111 -29.50 41.08 8.93
C ASN V 111 -28.93 40.79 10.30
N ILE V 112 -29.70 40.09 11.17
CA ILE V 112 -29.27 40.02 12.54
C ILE V 112 -28.46 38.76 12.76
N ASP V 113 -28.84 37.65 12.10
CA ASP V 113 -28.00 36.49 12.08
C ASP V 113 -27.84 35.97 13.47
N SER V 114 -28.95 35.89 14.23
CA SER V 114 -28.88 35.41 15.58
C SER V 114 -29.69 34.16 15.65
N ALA V 115 -29.50 33.38 16.74
CA ALA V 115 -30.39 32.26 16.86
C ALA V 115 -31.58 32.74 17.61
N GLY V 116 -32.66 31.95 17.57
CA GLY V 116 -33.82 32.25 18.36
C GLY V 116 -33.62 31.52 19.64
N THR V 117 -34.52 31.69 20.62
CA THR V 117 -34.32 31.01 21.86
C THR V 117 -35.66 30.58 22.31
N ASN V 118 -35.90 30.58 23.64
CA ASN V 118 -37.17 30.10 24.11
C ASN V 118 -37.76 31.19 24.95
N SER V 119 -38.99 30.96 25.44
CA SER V 119 -39.56 31.85 26.38
C SER V 119 -38.57 31.92 27.50
N LEU V 120 -38.13 30.72 27.95
CA LEU V 120 -37.18 30.55 29.01
C LEU V 120 -35.93 31.26 28.63
N GLY V 121 -35.62 31.30 27.32
CA GLY V 121 -34.48 32.05 26.89
C GLY V 121 -33.49 31.10 26.32
N SER V 122 -33.67 29.79 26.55
CA SER V 122 -32.66 28.86 26.13
C SER V 122 -32.71 28.76 24.63
N ALA V 123 -31.55 28.48 24.02
CA ALA V 123 -31.36 28.75 22.63
C ALA V 123 -32.06 27.71 21.82
N GLY V 124 -32.88 28.18 20.85
CA GLY V 124 -33.51 27.29 19.93
C GLY V 124 -34.92 27.15 20.36
N ILE V 125 -35.88 27.28 19.42
CA ILE V 125 -37.23 27.16 19.87
C ILE V 125 -37.63 25.74 19.77
N PRO V 126 -38.23 25.34 20.83
CA PRO V 126 -38.37 23.95 21.17
C PRO V 126 -39.43 23.35 20.31
N GLY V 127 -39.73 22.04 20.48
CA GLY V 127 -40.80 21.46 19.75
C GLY V 127 -41.03 20.06 20.19
N GLN V 128 -41.47 19.19 19.25
CA GLN V 128 -41.82 17.83 19.55
C GLN V 128 -41.07 16.95 18.62
N VAL V 129 -40.99 15.65 18.97
CA VAL V 129 -40.10 14.80 18.25
C VAL V 129 -40.90 13.84 17.42
N ASP V 130 -40.65 13.87 16.10
CA ASP V 130 -41.02 12.75 15.31
C ASP V 130 -39.76 11.97 15.25
N ALA V 131 -39.79 10.75 15.83
CA ALA V 131 -38.62 9.95 15.92
C ALA V 131 -38.43 9.37 14.56
N HIS V 132 -39.54 8.88 13.97
CA HIS V 132 -39.47 8.23 12.70
C HIS V 132 -38.78 6.93 12.91
N MET V 133 -38.86 6.39 14.13
CA MET V 133 -38.16 5.18 14.39
C MET V 133 -38.69 4.14 13.46
N TRP V 134 -39.92 4.36 12.96
CA TRP V 134 -40.56 3.43 12.07
C TRP V 134 -39.71 3.24 10.85
N GLU V 135 -39.57 4.30 10.03
CA GLU V 135 -38.98 4.13 8.74
C GLU V 135 -37.59 3.59 8.90
N ARG V 136 -36.91 3.94 10.01
CA ARG V 136 -35.57 3.50 10.21
C ARG V 136 -35.58 2.07 10.59
N LEU V 137 -36.72 1.57 11.12
CA LEU V 137 -36.74 0.24 11.63
C LEU V 137 -37.34 -0.69 10.63
N ARG V 138 -38.30 -0.22 9.80
CA ARG V 138 -39.06 -1.12 8.98
C ARG V 138 -38.15 -1.93 8.10
N GLY V 139 -36.91 -1.46 7.91
CA GLY V 139 -36.01 -2.11 7.00
C GLY V 139 -35.77 -3.51 7.48
N ALA V 140 -34.87 -3.66 8.48
CA ALA V 140 -34.45 -4.97 8.87
C ALA V 140 -35.63 -5.72 9.39
N ILE V 141 -36.73 -5.02 9.66
CA ILE V 141 -37.81 -5.70 10.31
C ILE V 141 -38.61 -6.47 9.30
N MET V 142 -38.63 -6.04 8.04
CA MET V 142 -39.31 -6.92 7.14
C MET V 142 -38.39 -8.07 6.88
N ILE V 143 -37.19 -7.77 6.37
CA ILE V 143 -36.18 -8.73 6.02
C ILE V 143 -36.04 -9.75 7.11
N SER V 144 -35.99 -9.31 8.38
CA SER V 144 -35.57 -10.21 9.40
C SER V 144 -36.68 -11.16 9.72
N LEU V 145 -37.93 -10.75 9.45
CA LEU V 145 -39.04 -11.63 9.68
C LEU V 145 -38.91 -12.74 8.70
N PHE V 146 -38.11 -12.52 7.63
CA PHE V 146 -38.00 -13.56 6.66
C PHE V 146 -36.97 -14.53 7.14
N SER V 147 -35.81 -14.01 7.60
CA SER V 147 -34.81 -14.89 8.12
C SER V 147 -35.41 -15.63 9.27
N ASP V 148 -36.40 -15.01 9.94
CA ASP V 148 -37.12 -15.64 11.02
C ASP V 148 -37.95 -16.75 10.45
N THR V 149 -38.53 -16.52 9.27
CA THR V 149 -39.45 -17.49 8.73
C THR V 149 -38.69 -18.59 8.06
N LEU V 150 -37.34 -18.55 8.13
CA LEU V 150 -36.65 -19.70 7.62
C LEU V 150 -37.04 -20.84 8.51
N THR V 151 -37.45 -20.52 9.75
CA THR V 151 -37.75 -21.55 10.69
C THR V 151 -39.23 -21.86 10.66
N ALA V 152 -40.09 -20.88 11.01
CA ALA V 152 -41.50 -21.12 10.98
C ALA V 152 -41.93 -21.19 9.52
N LEU V 153 -43.17 -21.36 9.28
N GLN V 173 -23.87 -9.22 8.80
CA GLN V 173 -24.12 -7.94 9.50
C GLN V 173 -25.42 -7.35 9.03
N LEU V 174 -26.48 -7.51 9.84
CA LEU V 174 -27.75 -6.98 9.47
C LEU V 174 -28.21 -6.18 10.64
N ALA V 175 -27.85 -6.62 11.86
CA ALA V 175 -28.11 -5.85 13.02
C ALA V 175 -27.16 -4.70 13.01
N SER V 176 -25.86 -5.00 12.85
CA SER V 176 -24.87 -3.97 12.78
C SER V 176 -25.20 -3.13 11.59
N GLU V 177 -25.48 -3.73 10.44
CA GLU V 177 -25.76 -2.95 9.26
C GLU V 177 -27.03 -2.18 9.45
N ALA V 178 -27.95 -2.71 10.29
CA ALA V 178 -29.23 -2.05 10.45
C ALA V 178 -29.04 -0.82 11.24
N LEU V 179 -27.95 -0.75 12.02
CA LEU V 179 -27.70 0.39 12.85
C LEU V 179 -27.11 1.46 11.98
N ARG V 180 -26.27 1.05 11.01
CA ARG V 180 -25.72 1.99 10.08
C ARG V 180 -26.84 2.51 9.24
N SER V 181 -27.87 1.69 8.98
CA SER V 181 -29.02 2.25 8.33
C SER V 181 -29.56 3.31 9.23
N TYR V 182 -30.02 2.91 10.43
CA TYR V 182 -30.80 3.70 11.35
C TYR V 182 -30.26 5.09 11.45
N MET V 183 -28.97 5.27 11.83
CA MET V 183 -28.57 6.61 12.16
C MET V 183 -28.68 7.51 10.96
N SER V 184 -28.65 6.91 9.74
CA SER V 184 -28.66 7.65 8.51
C SER V 184 -29.73 8.69 8.55
N ILE V 185 -31.00 8.26 8.71
CA ILE V 185 -32.05 9.23 8.58
C ILE V 185 -32.22 9.94 9.89
N PRO V 186 -32.22 11.24 9.80
CA PRO V 186 -32.58 12.08 10.91
C PRO V 186 -33.99 11.82 11.30
N PRO V 187 -34.31 12.25 12.49
CA PRO V 187 -35.65 12.35 13.02
C PRO V 187 -36.37 13.49 12.35
N THR V 188 -37.22 14.22 13.11
CA THR V 188 -37.64 15.56 12.74
C THR V 188 -38.11 16.22 13.99
N LEU V 189 -38.55 17.50 13.87
CA LEU V 189 -39.17 18.14 15.01
C LEU V 189 -40.51 18.65 14.59
N TYR V 190 -40.84 19.90 15.01
CA TYR V 190 -42.17 20.43 15.06
C TYR V 190 -42.09 21.47 16.15
N ASP V 191 -42.75 22.65 16.00
CA ASP V 191 -43.07 23.57 17.08
C ASP V 191 -44.29 24.28 16.59
N GLN V 192 -45.23 24.63 17.49
CA GLN V 192 -46.52 24.97 16.95
C GLN V 192 -46.44 26.37 16.46
N GLN V 193 -47.59 26.89 15.94
CA GLN V 193 -47.59 28.20 15.39
C GLN V 193 -48.05 29.12 16.46
N GLY V 194 -47.69 30.41 16.31
CA GLY V 194 -47.93 31.34 17.37
C GLY V 194 -47.30 30.77 18.60
N ASP V 195 -45.96 30.70 18.64
CA ASP V 195 -45.33 30.39 19.88
C ASP V 195 -44.71 31.65 20.37
N ALA V 196 -44.79 31.90 21.68
CA ALA V 196 -44.12 33.06 22.17
C ALA V 196 -42.68 32.75 22.08
N VAL V 197 -41.88 33.65 21.50
CA VAL V 197 -40.49 33.31 21.50
C VAL V 197 -39.69 34.56 21.56
N SER V 198 -38.37 34.40 21.48
CA SER V 198 -37.50 35.52 21.64
C SER V 198 -36.29 35.27 20.81
N ILE V 199 -35.43 36.30 20.63
CA ILE V 199 -34.19 36.07 19.94
C ILE V 199 -33.11 36.49 20.88
N PHE V 200 -32.08 35.64 21.01
CA PHE V 200 -30.87 36.16 21.57
C PHE V 200 -30.16 36.86 20.45
N VAL V 201 -30.62 38.08 20.09
CA VAL V 201 -29.89 38.83 19.11
C VAL V 201 -28.53 38.98 19.66
N ALA V 202 -27.56 38.26 19.04
CA ALA V 202 -26.25 38.18 19.63
C ALA V 202 -25.44 39.31 19.11
N ARG V 203 -25.93 40.56 19.24
CA ARG V 203 -25.10 41.66 18.85
C ARG V 203 -25.70 42.97 19.22
N ASP V 204 -25.32 44.01 18.44
CA ASP V 204 -25.58 45.39 18.76
C ASP V 204 -26.17 46.05 17.59
N LEU V 205 -27.23 46.81 17.85
CA LEU V 205 -27.91 47.50 16.83
C LEU V 205 -27.62 48.96 17.06
N ASP V 206 -27.35 49.69 15.97
CA ASP V 206 -27.31 51.10 16.09
C ASP V 206 -28.60 51.60 15.57
N PHE V 207 -29.36 52.32 16.41
CA PHE V 207 -30.28 53.22 15.80
C PHE V 207 -29.85 54.58 16.23
N SER V 208 -28.54 54.88 16.21
CA SER V 208 -28.17 56.24 16.47
C SER V 208 -28.02 56.92 15.17
N GLY V 209 -28.74 56.46 14.14
CA GLY V 209 -28.73 57.15 12.89
C GLY V 209 -30.16 57.22 12.44
N VAL V 210 -31.11 56.80 13.32
CA VAL V 210 -32.51 57.18 13.28
C VAL V 210 -32.63 57.91 14.61
N TYR V 211 -33.78 57.87 15.32
CA TYR V 211 -34.01 58.21 16.71
C TYR V 211 -33.01 59.12 17.34
N THR V 212 -33.44 60.30 17.86
CA THR V 212 -32.62 61.10 18.73
C THR V 212 -33.57 61.89 19.62
N LEU V 213 -33.26 63.11 20.14
CA LEU V 213 -34.24 63.54 21.12
C LEU V 213 -35.31 64.38 20.48
N ALA V 214 -36.44 64.63 21.21
CA ALA V 214 -36.37 65.31 22.49
C ALA V 214 -37.78 65.63 23.04
N ASP V 215 -38.00 66.89 23.53
CA ASP V 215 -39.19 67.17 24.30
C ASP V 215 -40.23 67.86 23.44
N ASN V 216 -41.36 68.37 24.04
CA ASN V 216 -42.14 67.53 24.90
C ASN V 216 -42.95 66.58 24.01
N ALA W 1 -29.04 69.97 19.39
CA ALA W 1 -27.70 70.53 19.72
C ALA W 1 -27.10 69.78 20.85
N ALA W 2 -25.87 70.17 21.26
CA ALA W 2 -25.22 69.48 22.33
C ALA W 2 -25.98 69.79 23.58
N ASP W 3 -26.43 71.05 23.74
CA ASP W 3 -27.05 71.45 24.97
C ASP W 3 -28.52 71.21 24.87
N LYS W 4 -29.03 71.10 23.64
CA LYS W 4 -30.42 70.85 23.40
C LYS W 4 -30.70 69.46 23.87
N LYS W 5 -29.77 68.52 23.58
CA LYS W 5 -29.98 67.14 23.90
C LYS W 5 -30.09 67.05 25.38
N ARG W 6 -29.07 67.59 26.05
CA ARG W 6 -28.82 67.39 27.45
C ARG W 6 -30.09 67.61 28.22
N ILE W 7 -30.53 68.87 28.29
CA ILE W 7 -31.76 69.31 28.89
C ILE W 7 -32.82 68.27 28.67
N THR W 8 -32.95 67.79 27.43
CA THR W 8 -34.01 66.87 27.11
C THR W 8 -33.81 65.59 27.84
N GLN W 9 -32.57 65.05 27.80
CA GLN W 9 -32.29 63.76 28.34
C GLN W 9 -32.66 63.73 29.79
N LYS W 10 -32.39 64.83 30.52
CA LYS W 10 -32.80 64.86 31.90
C LYS W 10 -34.28 64.72 31.94
N LEU W 11 -34.97 65.39 31.00
CA LEU W 11 -36.40 65.37 30.96
C LEU W 11 -36.83 63.95 30.89
N LYS W 12 -35.96 63.08 30.32
CA LYS W 12 -36.34 61.75 29.91
C LYS W 12 -36.14 60.81 31.05
N GLN W 13 -35.22 61.16 31.97
CA GLN W 13 -34.99 60.34 33.12
C GLN W 13 -36.27 60.28 33.86
N THR W 14 -36.98 61.43 33.97
CA THR W 14 -38.08 61.40 34.87
C THR W 14 -39.34 61.18 34.10
N ALA W 15 -39.84 59.93 34.10
CA ALA W 15 -41.06 59.73 33.38
C ALA W 15 -41.72 58.54 33.99
N PHE W 16 -41.18 58.09 35.13
CA PHE W 16 -41.82 57.07 35.89
C PHE W 16 -43.03 57.69 36.51
N ALA W 17 -44.04 57.99 35.67
CA ALA W 17 -45.13 58.82 36.07
C ALA W 17 -46.38 58.26 35.48
N GLY W 18 -47.29 59.17 35.07
CA GLY W 18 -48.62 58.75 34.78
C GLY W 18 -49.26 58.46 36.09
N ALA W 19 -50.47 57.90 36.07
CA ALA W 19 -51.10 57.54 37.31
C ALA W 19 -50.64 56.16 37.65
N LYS W 20 -49.87 56.05 38.75
CA LYS W 20 -49.36 54.77 39.08
C LYS W 20 -50.46 53.93 39.60
N ASN W 21 -50.12 52.63 39.73
CA ASN W 21 -50.81 51.63 40.45
C ASN W 21 -50.08 51.62 41.74
N TYR W 22 -50.73 51.77 42.89
CA TYR W 22 -49.85 51.89 44.01
C TYR W 22 -49.63 50.52 44.60
N GLN W 23 -50.68 49.68 44.59
CA GLN W 23 -50.58 48.43 45.27
C GLN W 23 -49.90 47.44 44.40
N TYR W 24 -48.71 46.97 44.84
CA TYR W 24 -48.25 45.68 44.43
C TYR W 24 -48.44 44.82 45.64
N VAL W 25 -48.93 43.59 45.46
CA VAL W 25 -48.89 42.66 46.55
C VAL W 25 -47.78 41.72 46.22
N MET W 26 -47.18 41.09 47.24
CA MET W 26 -46.14 40.15 46.94
C MET W 26 -46.56 38.84 47.50
N SER W 27 -45.63 37.87 47.54
CA SER W 27 -45.88 36.64 48.23
C SER W 27 -45.53 36.93 49.65
N GLU W 28 -44.99 35.93 50.36
CA GLU W 28 -44.38 36.18 51.64
C GLU W 28 -43.88 34.86 52.10
N GLN W 29 -42.54 34.70 52.11
CA GLN W 29 -41.99 33.56 52.75
C GLN W 29 -40.95 34.06 53.68
N PRO W 30 -40.67 33.31 54.69
CA PRO W 30 -39.81 33.76 55.73
C PRO W 30 -38.45 33.96 55.16
N GLU W 31 -38.17 33.34 54.00
CA GLU W 31 -36.89 33.48 53.39
C GLU W 31 -36.98 34.65 52.47
N MET W 32 -38.08 34.72 51.70
CA MET W 32 -38.29 35.82 50.81
C MET W 32 -38.17 37.08 51.60
N ARG W 33 -39.19 37.36 52.46
CA ARG W 33 -39.43 38.54 53.26
C ARG W 33 -38.16 39.33 53.45
N SER W 34 -37.13 38.63 53.96
CA SER W 34 -35.85 39.19 54.26
C SER W 34 -35.41 40.06 53.13
N ILE W 35 -35.02 39.46 52.00
CA ILE W 35 -34.35 40.22 50.99
C ILE W 35 -35.37 40.84 50.09
N GLN W 36 -36.45 41.40 50.67
CA GLN W 36 -37.46 41.99 49.85
C GLN W 36 -37.01 43.37 49.46
N PRO W 37 -37.79 43.91 48.57
CA PRO W 37 -37.59 45.23 48.03
C PRO W 37 -37.75 46.32 49.04
N VAL W 38 -37.60 47.58 48.59
CA VAL W 38 -38.09 48.72 49.32
C VAL W 38 -39.42 49.01 48.72
N HIS W 39 -39.43 49.75 47.59
CA HIS W 39 -40.67 50.08 46.94
C HIS W 39 -40.69 49.43 45.60
N VAL W 40 -41.88 48.94 45.19
CA VAL W 40 -42.05 48.36 43.90
C VAL W 40 -43.29 48.97 43.33
N TRP W 41 -43.19 49.62 42.16
CA TRP W 41 -44.41 50.18 41.69
C TRP W 41 -44.45 50.18 40.20
N ASP W 42 -45.58 50.60 39.62
CA ASP W 42 -45.69 50.60 38.19
C ASP W 42 -46.63 51.69 37.80
N ASN W 43 -46.56 52.10 36.52
CA ASN W 43 -47.56 52.91 35.89
C ASN W 43 -47.92 52.16 34.66
N TYR W 44 -46.96 51.35 34.21
CA TYR W 44 -47.03 50.67 32.95
C TYR W 44 -46.57 49.27 33.23
N ARG W 45 -45.79 48.71 32.28
CA ARG W 45 -45.05 47.50 32.49
C ARG W 45 -43.70 47.98 32.88
N PHE W 46 -43.42 49.24 32.50
CA PHE W 46 -42.24 49.92 32.95
C PHE W 46 -42.35 49.98 34.43
N THR W 47 -41.74 48.99 35.11
CA THR W 47 -42.01 48.77 36.51
C THR W 47 -40.73 48.97 37.25
N ARG W 48 -40.79 49.61 38.44
CA ARG W 48 -39.58 49.75 39.18
C ARG W 48 -39.67 48.96 40.44
N PHE W 49 -38.54 48.31 40.79
CA PHE W 49 -38.40 47.54 41.99
C PHE W 49 -37.17 48.09 42.67
N GLU W 50 -37.33 48.99 43.66
CA GLU W 50 -36.16 49.54 44.28
C GLU W 50 -35.63 48.54 45.25
N PHE W 51 -34.32 48.67 45.55
CA PHE W 51 -33.70 47.76 46.48
C PHE W 51 -32.95 48.58 47.47
N PRO W 52 -32.83 47.99 48.62
CA PRO W 52 -31.98 48.51 49.66
C PRO W 52 -30.58 48.07 49.36
N ALA W 53 -29.61 48.70 50.03
CA ALA W 53 -28.24 48.30 49.93
C ALA W 53 -28.19 46.82 50.18
N ASN W 54 -28.68 46.45 51.38
CA ASN W 54 -28.52 45.14 51.93
C ASN W 54 -29.74 44.36 51.56
N ALA W 55 -30.06 44.27 50.25
CA ALA W 55 -31.05 43.33 49.83
C ALA W 55 -30.54 42.73 48.56
N GLU W 56 -30.59 41.39 48.44
CA GLU W 56 -29.81 40.74 47.42
C GLU W 56 -30.29 41.15 46.09
N LEU W 57 -29.66 40.59 45.04
CA LEU W 57 -30.18 40.83 43.73
C LEU W 57 -30.76 39.56 43.23
N PRO W 58 -32.05 39.56 43.37
CA PRO W 58 -32.91 38.56 42.79
C PRO W 58 -32.68 38.50 41.32
N GLN W 59 -33.33 37.54 40.65
CA GLN W 59 -33.53 37.67 39.22
C GLN W 59 -35.00 37.50 39.03
N VAL W 60 -35.64 38.46 38.33
CA VAL W 60 -37.07 38.44 38.26
C VAL W 60 -37.45 38.19 36.85
N TYR W 61 -38.67 37.69 36.62
CA TYR W 61 -39.14 37.44 35.29
C TYR W 61 -40.56 37.88 35.23
N MET W 62 -41.18 37.81 34.03
CA MET W 62 -42.53 38.27 33.87
C MET W 62 -43.36 37.07 33.59
N ILE W 63 -44.66 37.14 33.92
CA ILE W 63 -45.58 36.12 33.52
C ILE W 63 -46.41 36.68 32.42
N SER W 64 -46.12 36.27 31.17
CA SER W 64 -46.91 36.80 30.11
C SER W 64 -48.27 36.22 30.28
N ALA W 65 -49.21 36.68 29.44
CA ALA W 65 -50.58 36.27 29.52
C ALA W 65 -50.64 34.82 29.23
N SER W 66 -49.60 34.27 28.59
CA SER W 66 -49.66 32.88 28.27
C SER W 66 -49.73 32.14 29.57
N GLY W 67 -49.22 32.76 30.65
CA GLY W 67 -49.33 32.15 31.94
C GLY W 67 -48.04 31.43 32.20
N LYS W 68 -47.45 30.87 31.13
CA LYS W 68 -46.15 30.29 31.20
C LYS W 68 -45.22 31.43 31.45
N GLU W 69 -43.94 31.13 31.80
CA GLU W 69 -43.11 32.21 32.21
C GLU W 69 -42.37 32.72 31.02
N THR W 70 -41.65 33.83 31.22
CA THR W 70 -40.85 34.39 30.18
C THR W 70 -39.79 35.16 30.90
N LEU W 71 -38.75 35.62 30.18
CA LEU W 71 -37.85 36.49 30.87
C LEU W 71 -37.97 37.84 30.23
N PRO W 72 -38.02 38.81 31.11
CA PRO W 72 -38.24 40.17 30.74
C PRO W 72 -36.94 40.69 30.24
N ASN W 73 -36.97 41.76 29.44
CA ASN W 73 -35.76 42.48 29.18
C ASN W 73 -35.72 43.56 30.17
N SER W 74 -34.79 43.44 31.13
CA SER W 74 -34.85 44.40 32.20
C SER W 74 -33.60 45.16 32.21
N HIS W 75 -33.54 46.12 33.14
CA HIS W 75 -32.33 46.83 33.41
C HIS W 75 -32.53 47.34 34.79
N VAL W 76 -31.44 47.78 35.44
CA VAL W 76 -31.71 48.44 36.68
C VAL W 76 -31.35 49.85 36.45
N VAL W 77 -31.89 50.79 37.24
CA VAL W 77 -31.53 52.14 37.00
C VAL W 77 -31.57 52.85 38.30
N GLY W 78 -31.02 54.08 38.32
CA GLY W 78 -31.14 54.85 39.52
C GLY W 78 -29.78 55.34 39.87
N GLU W 79 -29.74 56.51 40.53
CA GLU W 79 -28.59 56.91 41.25
C GLU W 79 -28.40 55.85 42.27
N ASN W 80 -29.49 55.57 43.00
CA ASN W 80 -29.61 54.43 43.84
C ASN W 80 -29.18 53.28 42.99
N ARG W 81 -29.72 53.18 41.76
CA ARG W 81 -29.22 52.24 40.79
C ARG W 81 -29.70 50.87 41.18
N ASN W 82 -30.31 50.77 42.37
CA ASN W 82 -30.72 49.53 42.92
C ASN W 82 -31.94 49.06 42.18
N ILE W 83 -32.82 50.00 41.82
CA ILE W 83 -34.09 49.62 41.28
C ILE W 83 -33.88 48.93 39.97
N ILE W 84 -34.82 48.02 39.61
CA ILE W 84 -34.75 47.32 38.36
C ILE W 84 -35.94 47.78 37.57
N GLU W 85 -35.71 48.48 36.44
CA GLU W 85 -36.79 48.88 35.59
C GLU W 85 -36.90 47.82 34.55
N VAL W 86 -38.12 47.27 34.39
CA VAL W 86 -38.31 46.18 33.46
C VAL W 86 -39.20 46.72 32.38
N GLU W 87 -38.99 46.30 31.12
CA GLU W 87 -39.77 46.89 30.07
C GLU W 87 -40.42 45.80 29.28
N THR W 88 -41.28 44.99 29.95
CA THR W 88 -42.06 43.95 29.30
C THR W 88 -43.37 43.82 30.06
N VAL W 89 -44.45 43.49 29.32
CA VAL W 89 -45.77 43.28 29.85
C VAL W 89 -45.76 42.16 30.85
N ALA W 90 -46.66 42.23 31.86
CA ALA W 90 -46.98 41.10 32.70
C ALA W 90 -47.60 41.64 33.96
N LYS W 91 -48.61 40.92 34.50
CA LYS W 91 -49.19 41.35 35.73
C LYS W 91 -48.25 40.91 36.81
N GLU W 92 -48.12 39.57 36.96
CA GLU W 92 -47.29 39.06 38.00
C GLU W 92 -45.87 39.26 37.63
N TRP W 93 -44.99 38.77 38.51
CA TRP W 93 -43.59 38.79 38.26
C TRP W 93 -43.01 37.78 39.18
N ARG W 94 -42.11 36.93 38.68
CA ARG W 94 -41.45 36.09 39.62
C ARG W 94 -40.21 36.80 40.03
N ILE W 95 -39.51 36.25 41.03
CA ILE W 95 -38.35 36.94 41.52
C ILE W 95 -37.44 35.91 42.12
N ARG W 96 -37.07 34.91 41.27
CA ARG W 96 -36.31 33.76 41.64
C ARG W 96 -34.95 34.22 42.07
N LEU W 97 -34.13 33.26 42.53
CA LEU W 97 -32.77 33.53 42.90
C LEU W 97 -32.24 32.30 43.58
N GLY W 98 -31.98 31.23 42.79
CA GLY W 98 -31.59 29.99 43.39
C GLY W 98 -32.84 29.37 43.91
N ASP W 99 -32.74 28.73 45.09
CA ASP W 99 -33.84 28.08 45.74
C ASP W 99 -35.01 29.03 45.76
N LYS W 100 -34.79 30.12 46.50
CA LYS W 100 -35.79 31.11 46.81
C LYS W 100 -36.54 31.49 45.58
N VAL W 101 -37.82 31.92 45.73
CA VAL W 101 -38.58 32.38 44.58
C VAL W 101 -39.80 33.17 45.01
N VAL W 102 -39.69 34.53 45.00
CA VAL W 102 -40.77 35.42 45.34
C VAL W 102 -41.67 35.52 44.14
N GLY W 103 -42.57 36.52 44.09
CA GLY W 103 -43.37 36.64 42.91
C GLY W 103 -44.35 37.74 43.11
N VAL W 104 -43.85 39.00 43.15
CA VAL W 104 -44.71 40.13 43.34
C VAL W 104 -45.76 40.08 42.30
N ARG W 105 -46.98 40.46 42.72
CA ARG W 105 -48.05 40.53 41.81
C ARG W 105 -48.26 41.98 41.55
N ASN W 106 -48.49 42.35 40.28
CA ASN W 106 -48.88 43.70 40.06
C ASN W 106 -50.37 43.67 40.18
N ASN W 107 -51.04 44.81 40.44
CA ASN W 107 -52.44 44.66 40.58
C ASN W 107 -53.13 45.84 39.97
N ASN W 108 -53.29 45.81 38.64
CA ASN W 108 -54.19 46.76 38.05
C ASN W 108 -54.70 46.15 36.79
N PHE W 109 -55.91 46.57 36.39
CA PHE W 109 -56.43 46.25 35.10
C PHE W 109 -57.35 47.36 34.77
N ALA W 110 -56.89 48.30 33.92
CA ALA W 110 -57.83 49.12 33.22
C ALA W 110 -57.92 48.49 31.87
N PRO W 111 -58.84 47.60 31.66
CA PRO W 111 -58.65 46.72 30.55
C PRO W 111 -59.13 47.43 29.33
N GLY W 112 -58.69 47.02 28.14
CA GLY W 112 -59.30 47.48 26.93
C GLY W 112 -58.90 48.91 26.69
N ARG W 113 -58.18 49.54 27.64
CA ARG W 113 -57.74 50.88 27.38
C ARG W 113 -56.34 50.98 27.88
N GLY W 114 -55.60 51.99 27.37
CA GLY W 114 -54.30 52.28 27.89
C GLY W 114 -53.44 52.71 26.75
N ALA W 115 -53.62 52.03 25.59
CA ALA W 115 -52.72 52.19 24.48
C ALA W 115 -52.78 53.61 24.04
N VAL W 116 -51.61 54.16 23.68
CA VAL W 116 -51.54 55.37 22.94
C VAL W 116 -50.33 55.24 22.09
N ALA W 117 -49.65 56.36 21.78
CA ALA W 117 -48.41 56.23 21.10
C ALA W 117 -47.43 57.08 21.84
N THR W 118 -46.58 56.43 22.65
CA THR W 118 -45.57 57.11 23.39
C THR W 118 -44.78 57.90 22.42
N GLY W 119 -44.04 57.21 21.53
CA GLY W 119 -43.37 57.93 20.49
C GLY W 119 -41.92 57.94 20.82
N THR W 120 -41.59 57.40 22.00
CA THR W 120 -40.29 56.89 22.26
C THR W 120 -40.54 55.72 23.13
N ALA W 121 -39.55 55.39 23.97
CA ALA W 121 -39.81 54.59 25.13
C ALA W 121 -40.66 55.43 26.02
N SER W 122 -40.01 56.36 26.75
CA SER W 122 -40.68 57.22 27.66
C SER W 122 -41.17 58.40 26.88
N PRO W 123 -42.29 58.93 27.27
CA PRO W 123 -43.03 59.85 26.45
C PRO W 123 -42.43 61.21 26.49
N ASP W 124 -41.41 61.41 27.33
CA ASP W 124 -40.83 62.69 27.56
C ASP W 124 -40.23 63.07 26.28
N VAL W 125 -39.44 62.13 25.73
CA VAL W 125 -38.64 62.51 24.64
C VAL W 125 -39.27 61.87 23.46
N ARG W 126 -38.62 61.91 22.30
CA ARG W 126 -39.42 61.66 21.14
C ARG W 126 -38.51 61.23 20.04
N ARG W 127 -39.09 60.83 18.91
CA ARG W 127 -38.33 60.31 17.85
C ARG W 127 -38.60 61.12 16.66
N VAL W 128 -37.55 61.75 16.12
CA VAL W 128 -37.76 62.69 15.08
C VAL W 128 -36.83 62.37 13.92
N GLN W 129 -36.95 61.13 13.40
CA GLN W 129 -36.11 60.38 12.47
C GLN W 129 -35.00 61.14 11.75
N ILE W 130 -33.81 60.48 11.56
CA ILE W 130 -32.65 61.13 11.00
C ILE W 130 -32.23 60.55 9.66
N CYS X 15 -42.18 6.99 28.80
CA CYS X 15 -41.42 7.68 27.74
C CYS X 15 -40.49 8.68 28.36
N SER X 16 -40.49 9.91 27.83
CA SER X 16 -39.58 10.88 28.36
C SER X 16 -40.25 11.55 29.50
N SER X 17 -39.55 12.55 30.07
CA SER X 17 -40.10 13.35 31.11
C SER X 17 -40.32 14.70 30.51
N GLY X 18 -40.91 15.63 31.27
CA GLY X 18 -41.12 16.95 30.72
C GLY X 18 -40.30 17.86 31.56
N HIS X 19 -40.71 19.13 31.65
CA HIS X 19 -40.08 20.08 32.51
C HIS X 19 -40.86 20.00 33.79
N LYS X 20 -40.27 20.45 34.92
CA LYS X 20 -41.06 20.42 36.11
C LYS X 20 -41.68 21.77 36.25
N PRO X 21 -42.95 21.82 36.53
CA PRO X 21 -43.62 23.08 36.63
C PRO X 21 -42.97 23.84 37.73
N PRO X 22 -43.14 25.13 37.68
CA PRO X 22 -42.20 26.01 38.29
C PRO X 22 -42.42 26.01 39.77
N PRO X 23 -41.43 26.34 40.54
CA PRO X 23 -41.55 26.54 41.94
C PRO X 23 -42.56 27.63 42.13
N GLU X 24 -43.60 27.39 42.94
CA GLU X 24 -44.69 28.30 42.94
C GLU X 24 -44.72 29.01 44.25
N PRO X 25 -44.78 30.30 44.16
CA PRO X 25 -44.65 31.14 45.31
C PRO X 25 -45.86 31.05 46.19
N ASP X 26 -45.74 31.57 47.43
CA ASP X 26 -46.83 31.59 48.36
C ASP X 26 -47.96 32.31 47.70
N TRP X 27 -49.13 31.65 47.61
CA TRP X 27 -50.32 32.25 47.08
C TRP X 27 -51.21 32.48 48.25
N SER X 28 -51.04 31.60 49.26
CA SER X 28 -51.83 31.67 50.44
C SER X 28 -51.48 32.96 51.13
N ASN X 29 -50.32 33.01 51.81
CA ASN X 29 -50.01 34.22 52.53
C ASN X 29 -49.86 35.32 51.54
N THR X 30 -50.47 36.49 51.80
CA THR X 30 -50.19 37.55 50.87
C THR X 30 -50.24 38.87 51.57
N VAL X 31 -49.03 39.46 51.74
CA VAL X 31 -48.79 40.72 52.37
C VAL X 31 -48.39 41.67 51.29
N PRO X 32 -48.72 42.92 51.45
CA PRO X 32 -48.40 43.94 50.50
C PRO X 32 -46.92 44.09 50.35
N VAL X 33 -46.47 44.59 49.17
CA VAL X 33 -45.08 44.80 48.91
C VAL X 33 -44.66 46.03 49.66
N ASN X 34 -45.03 47.18 49.07
CA ASN X 34 -44.48 48.47 49.38
C ASN X 34 -44.46 48.68 50.85
N LYS X 35 -43.51 49.55 51.29
CA LYS X 35 -43.31 49.90 52.65
C LYS X 35 -43.81 51.28 52.83
N THR X 36 -42.90 52.28 52.81
CA THR X 36 -43.35 53.63 52.66
C THR X 36 -43.84 53.77 51.27
N ILE X 37 -44.08 55.03 50.85
CA ILE X 37 -44.60 55.22 49.54
C ILE X 37 -43.51 55.73 48.68
N PRO X 38 -43.57 55.25 47.46
CA PRO X 38 -42.45 55.32 46.56
C PRO X 38 -42.24 56.72 46.12
N VAL X 39 -40.97 57.10 45.90
CA VAL X 39 -40.71 58.33 45.23
C VAL X 39 -39.94 57.97 44.01
N ASP X 40 -39.61 58.96 43.17
CA ASP X 40 -38.75 58.63 42.09
C ASP X 40 -37.36 58.76 42.58
N THR X 41 -36.49 57.80 42.21
CA THR X 41 -35.13 57.97 42.55
C THR X 41 -34.58 58.77 41.42
N GLN X 42 -34.09 58.03 40.40
CA GLN X 42 -33.76 58.57 39.13
C GLN X 42 -34.92 59.50 38.74
N GLY X 43 -34.74 60.75 38.77
N GLU Y 1 22.72 18.56 19.58
CA GLU Y 1 22.48 17.17 19.15
C GLU Y 1 23.01 16.27 20.20
N THR Y 2 23.05 16.80 21.43
CA THR Y 2 23.35 16.06 22.62
C THR Y 2 22.18 15.18 22.85
N SER Y 3 22.05 14.59 24.05
CA SER Y 3 20.85 13.83 24.24
C SER Y 3 19.76 14.82 24.47
N GLU Y 4 18.50 14.36 24.30
CA GLU Y 4 17.34 15.21 24.43
C GLU Y 4 16.88 15.06 25.83
N GLY Y 5 16.63 13.79 26.23
CA GLY Y 5 16.16 13.50 27.55
C GLY Y 5 17.34 13.62 28.45
N SER Y 6 18.52 13.91 27.87
CA SER Y 6 19.58 14.38 28.69
C SER Y 6 19.16 15.73 29.13
N SER Y 7 18.77 16.55 28.15
CA SER Y 7 18.37 17.89 28.38
C SER Y 7 17.30 17.92 29.43
N ALA Y 8 16.20 17.18 29.20
CA ALA Y 8 14.99 17.33 29.96
C ALA Y 8 15.30 17.16 31.42
N LEU Y 9 15.92 16.02 31.79
CA LEU Y 9 16.29 15.74 33.15
C LEU Y 9 17.02 16.92 33.68
N ALA Y 10 18.07 17.33 32.94
CA ALA Y 10 18.91 18.45 33.27
C ALA Y 10 18.05 19.64 33.59
N LYS Y 11 16.86 19.71 32.98
CA LYS Y 11 16.04 20.87 33.07
C LYS Y 11 15.45 20.89 34.43
N ASN Y 12 15.11 19.69 34.91
CA ASN Y 12 14.28 19.53 36.05
C ASN Y 12 15.13 19.20 37.25
N LEU Y 13 16.48 19.23 37.15
CA LEU Y 13 17.27 18.94 38.31
C LEU Y 13 17.35 20.17 39.19
N THR Y 14 17.89 21.27 38.66
CA THR Y 14 17.93 22.47 39.44
C THR Y 14 16.60 23.16 39.22
N PRO Y 15 15.63 23.16 40.15
CA PRO Y 15 14.27 23.26 39.75
C PRO Y 15 13.74 24.56 40.27
N ALA Y 16 13.40 25.50 39.38
CA ALA Y 16 13.50 25.27 37.98
C ALA Y 16 14.56 26.21 37.55
N ARG Y 17 15.07 26.16 36.32
CA ARG Y 17 15.70 27.40 35.97
C ARG Y 17 14.83 28.00 34.91
N LEU Y 18 13.51 27.81 35.10
CA LEU Y 18 12.48 28.78 34.89
C LEU Y 18 13.10 30.17 34.91
N LYS Y 19 12.61 31.08 34.02
CA LYS Y 19 13.15 32.41 33.85
C LYS Y 19 12.59 33.33 34.91
N ALA Y 20 13.43 34.20 35.49
CA ALA Y 20 13.04 35.11 36.54
C ALA Y 20 11.80 35.86 36.13
N SER Y 21 10.96 36.15 37.14
CA SER Y 21 9.69 36.79 36.92
C SER Y 21 9.83 38.22 37.35
N ARG Y 22 9.39 39.18 36.51
CA ARG Y 22 9.57 40.56 36.83
C ARG Y 22 8.53 40.90 37.84
N ALA Y 23 8.97 41.05 39.11
CA ALA Y 23 7.99 41.34 40.10
C ALA Y 23 7.76 42.81 40.08
N GLY Y 24 6.95 43.28 39.12
CA GLY Y 24 6.84 44.68 38.86
C GLY Y 24 5.47 45.13 39.25
N VAL Y 25 5.35 46.41 39.63
CA VAL Y 25 4.13 46.80 40.25
C VAL Y 25 3.17 47.28 39.22
N MET Y 26 1.95 46.71 39.32
CA MET Y 26 0.83 47.38 38.76
C MET Y 26 0.82 48.71 39.41
N ALA Y 27 0.86 49.77 38.59
CA ALA Y 27 0.88 51.10 39.10
C ALA Y 27 -0.29 51.26 40.00
N ASN Y 28 -1.50 51.46 39.42
CA ASN Y 28 -2.63 51.72 40.27
C ASN Y 28 -3.63 50.62 40.14
N PRO Y 29 -4.40 50.59 41.20
CA PRO Y 29 -5.60 49.81 41.34
C PRO Y 29 -6.62 50.49 40.51
N SER Y 30 -6.49 51.81 40.32
CA SER Y 30 -7.47 52.45 39.50
C SER Y 30 -6.86 52.53 38.17
N LEU Y 31 -5.69 51.87 38.00
CA LEU Y 31 -5.09 51.61 36.72
C LEU Y 31 -5.43 50.22 36.39
N THR Y 32 -5.64 49.37 37.41
CA THR Y 32 -5.90 48.02 37.02
C THR Y 32 -6.78 47.37 38.03
N VAL Y 33 -7.85 46.73 37.53
CA VAL Y 33 -8.66 45.86 38.35
C VAL Y 33 -8.15 44.49 38.07
N PRO Y 34 -7.56 43.85 39.04
CA PRO Y 34 -6.94 42.56 38.84
C PRO Y 34 -8.04 41.56 38.80
N LYS Y 35 -7.79 40.42 38.12
CA LYS Y 35 -8.65 39.29 38.29
C LYS Y 35 -8.27 38.67 39.58
N GLY Y 36 -8.52 37.36 39.71
CA GLY Y 36 -8.52 36.75 41.00
C GLY Y 36 -9.76 37.24 41.64
N LYS Y 37 -10.64 37.75 40.76
CA LYS Y 37 -11.82 38.44 41.14
C LYS Y 37 -12.93 37.54 40.76
N MET Y 38 -14.13 37.83 41.29
CA MET Y 38 -15.28 37.13 40.82
C MET Y 38 -16.14 38.21 40.28
N ILE Y 39 -16.83 37.95 39.15
CA ILE Y 39 -17.81 38.90 38.72
C ILE Y 39 -19.11 38.27 39.10
N PRO Y 40 -19.61 38.65 40.24
CA PRO Y 40 -20.67 37.93 40.90
C PRO Y 40 -21.96 38.27 40.25
N CYS Y 41 -22.29 37.67 39.09
CA CYS Y 41 -23.42 38.21 38.39
C CYS Y 41 -24.66 37.50 38.82
N GLY Y 42 -25.68 37.53 37.94
CA GLY Y 42 -26.94 36.93 38.26
C GLY Y 42 -27.59 36.57 36.97
N THR Y 43 -27.81 35.25 36.77
CA THR Y 43 -28.24 34.83 35.47
C THR Y 43 -29.71 35.04 35.38
N GLY Y 44 -30.16 35.41 34.15
CA GLY Y 44 -31.51 35.83 33.98
C GLY Y 44 -32.07 35.10 32.81
N THR Y 45 -31.55 33.90 32.49
CA THR Y 45 -32.29 33.12 31.55
C THR Y 45 -32.22 31.70 32.00
N GLU Y 46 -33.07 30.86 31.39
CA GLU Y 46 -32.92 29.45 31.58
C GLU Y 46 -31.67 29.10 30.85
N LEU Y 47 -31.06 27.96 31.20
CA LEU Y 47 -29.81 27.57 30.60
C LEU Y 47 -29.89 26.12 30.32
N ASP Y 48 -29.36 25.72 29.16
CA ASP Y 48 -29.53 24.36 28.75
C ASP Y 48 -28.49 24.11 27.73
N THR Y 49 -27.37 23.49 28.14
CA THR Y 49 -26.33 23.30 27.19
C THR Y 49 -26.72 22.11 26.35
N THR Y 50 -27.93 21.60 26.63
CA THR Y 50 -28.80 21.01 25.65
C THR Y 50 -28.54 21.73 24.36
N VAL Y 51 -28.92 23.03 24.30
CA VAL Y 51 -28.76 23.66 23.03
C VAL Y 51 -27.71 24.71 23.14
N PRO Y 52 -26.74 24.64 22.27
CA PRO Y 52 -25.67 25.59 22.19
C PRO Y 52 -26.28 26.95 22.05
N GLY Y 53 -25.50 28.02 22.28
CA GLY Y 53 -26.17 29.27 22.26
C GLY Y 53 -26.12 29.83 23.63
N GLN Y 54 -26.76 31.01 23.79
CA GLN Y 54 -26.29 31.98 24.71
C GLN Y 54 -27.06 31.92 25.98
N VAL Y 55 -26.37 32.30 27.08
CA VAL Y 55 -27.02 32.60 28.32
C VAL Y 55 -26.81 34.08 28.53
N SER Y 56 -27.50 34.68 29.52
CA SER Y 56 -27.22 36.06 29.80
C SER Y 56 -27.29 36.23 31.29
N CYS Y 57 -26.32 36.99 31.84
CA CYS Y 57 -26.37 37.41 33.21
C CYS Y 57 -26.19 38.89 33.21
N ARG Y 58 -26.39 39.50 34.38
CA ARG Y 58 -26.06 40.88 34.60
C ARG Y 58 -25.39 40.93 35.93
N VAL Y 59 -24.59 41.98 36.20
CA VAL Y 59 -23.80 41.92 37.40
C VAL Y 59 -24.73 41.90 38.55
N SER Y 60 -24.23 41.42 39.71
CA SER Y 60 -25.00 41.60 40.90
C SER Y 60 -24.42 42.78 41.60
N GLN Y 61 -23.66 42.55 42.69
CA GLN Y 61 -23.04 43.62 43.40
C GLN Y 61 -21.90 44.15 42.58
N ASP Y 62 -20.99 44.91 43.23
CA ASP Y 62 -20.03 45.70 42.48
C ASP Y 62 -18.76 44.93 42.30
N VAL Y 63 -17.98 45.37 41.29
CA VAL Y 63 -16.65 44.88 41.08
C VAL Y 63 -15.73 45.98 41.52
N TYR Y 64 -14.48 45.65 41.93
CA TYR Y 64 -13.63 46.62 42.54
C TYR Y 64 -12.30 46.63 41.84
N SER Y 65 -11.24 47.09 42.56
CA SER Y 65 -9.96 47.34 41.94
C SER Y 65 -8.93 46.44 42.58
N ALA Y 66 -7.65 46.87 42.51
CA ALA Y 66 -6.58 46.02 42.95
C ALA Y 66 -6.55 46.10 44.43
N ASP Y 67 -6.16 47.27 44.97
CA ASP Y 67 -6.19 47.49 46.39
C ASP Y 67 -7.58 47.15 46.84
N GLY Y 68 -8.58 47.58 46.04
CA GLY Y 68 -9.94 47.24 46.34
C GLY Y 68 -10.55 48.44 46.99
N LEU Y 69 -9.93 49.62 46.76
CA LEU Y 69 -10.35 50.81 47.44
C LEU Y 69 -11.29 51.57 46.55
N VAL Y 70 -11.24 51.37 45.22
CA VAL Y 70 -12.19 52.10 44.44
C VAL Y 70 -13.21 51.16 43.89
N ARG Y 71 -14.43 51.67 43.63
CA ARG Y 71 -15.49 50.89 43.07
C ARG Y 71 -15.67 51.39 41.69
N LEU Y 72 -15.09 50.68 40.71
CA LEU Y 72 -15.19 51.18 39.37
C LEU Y 72 -16.28 50.45 38.69
N ILE Y 73 -16.09 49.13 38.53
CA ILE Y 73 -17.14 48.41 37.86
C ILE Y 73 -18.30 48.34 38.81
N ASP Y 74 -19.47 48.83 38.37
CA ASP Y 74 -20.63 48.84 39.25
C ASP Y 74 -21.63 47.87 38.72
N LYS Y 75 -22.81 47.83 39.34
CA LYS Y 75 -23.80 46.83 39.04
C LYS Y 75 -24.43 47.17 37.74
N GLY Y 76 -25.48 46.40 37.42
CA GLY Y 76 -26.25 46.63 36.24
C GLY Y 76 -25.33 46.60 35.07
N SER Y 77 -24.30 45.74 35.12
CA SER Y 77 -23.52 45.56 33.94
C SER Y 77 -23.92 44.24 33.37
N TRP Y 78 -24.76 44.29 32.32
CA TRP Y 78 -25.27 43.09 31.72
C TRP Y 78 -24.16 42.41 31.00
N VAL Y 79 -24.05 41.06 31.15
CA VAL Y 79 -23.08 40.28 30.43
C VAL Y 79 -23.85 39.33 29.54
N ASP Y 80 -23.22 38.88 28.43
CA ASP Y 80 -23.83 37.88 27.60
C ASP Y 80 -22.75 36.92 27.22
N GLY Y 81 -23.14 35.69 26.82
CA GLY Y 81 -22.12 34.69 26.62
C GLY Y 81 -22.64 33.62 25.70
N GLN Y 82 -22.20 32.37 25.95
CA GLN Y 82 -22.51 31.32 25.02
C GLN Y 82 -21.98 30.01 25.58
N ILE Y 83 -22.75 28.90 25.36
CA ILE Y 83 -22.37 27.55 25.68
C ILE Y 83 -22.23 26.86 24.36
N THR Y 84 -20.98 26.61 23.90
CA THR Y 84 -20.75 26.17 22.54
C THR Y 84 -21.53 24.92 22.29
N GLY Y 85 -21.72 24.08 23.32
CA GLY Y 85 -22.51 22.91 23.04
C GLY Y 85 -22.33 21.91 24.12
N GLY Y 86 -23.18 20.86 24.07
CA GLY Y 86 -23.53 20.05 25.20
C GLY Y 86 -22.32 19.54 25.93
N ILE Y 87 -22.49 19.37 27.25
CA ILE Y 87 -21.51 18.83 28.14
C ILE Y 87 -21.17 17.46 27.68
N LYS Y 88 -20.32 16.77 28.46
CA LYS Y 88 -20.09 15.39 28.17
C LYS Y 88 -20.95 14.58 29.07
N ASP Y 89 -20.49 13.35 29.38
CA ASP Y 89 -21.30 12.33 29.95
C ASP Y 89 -21.30 12.52 31.44
N GLY Y 90 -22.47 12.90 31.98
CA GLY Y 90 -22.65 13.01 33.39
C GLY Y 90 -21.72 14.08 33.87
N GLN Y 91 -21.34 15.03 32.98
CA GLN Y 91 -20.43 16.03 33.44
C GLN Y 91 -21.16 16.87 34.42
N ALA Y 92 -20.46 17.24 35.51
CA ALA Y 92 -21.04 17.85 36.66
C ALA Y 92 -21.88 19.00 36.24
N ARG Y 93 -21.45 19.69 35.17
CA ARG Y 93 -21.96 21.00 34.98
C ARG Y 93 -21.50 21.44 33.63
N VAL Y 94 -22.27 22.34 33.00
CA VAL Y 94 -21.82 22.93 31.79
C VAL Y 94 -20.72 23.88 32.11
N PHE Y 95 -20.05 24.33 31.05
CA PHE Y 95 -19.02 25.31 30.99
C PHE Y 95 -19.69 26.50 30.37
N VAL Y 96 -19.19 27.72 30.64
CA VAL Y 96 -19.90 28.88 30.20
C VAL Y 96 -18.91 29.89 29.77
N LEU Y 97 -19.24 30.62 28.70
CA LEU Y 97 -18.28 31.56 28.25
C LEU Y 97 -18.95 32.89 28.27
N TRP Y 98 -18.67 33.68 29.33
CA TRP Y 98 -19.21 35.02 29.33
C TRP Y 98 -18.32 35.81 28.46
N GLU Y 99 -18.91 36.41 27.41
CA GLU Y 99 -18.11 37.21 26.56
C GLU Y 99 -18.26 38.60 27.02
N ARG Y 100 -19.18 39.36 26.42
CA ARG Y 100 -19.01 40.75 26.68
C ARG Y 100 -19.79 41.13 27.88
N ILE Y 101 -19.11 41.85 28.80
CA ILE Y 101 -19.75 42.46 29.93
C ILE Y 101 -19.99 43.89 29.56
N ARG Y 102 -21.26 44.28 29.41
CA ARG Y 102 -21.58 45.64 29.09
C ARG Y 102 -22.20 46.25 30.29
N ASN Y 103 -22.11 47.60 30.40
CA ASN Y 103 -22.62 48.36 31.51
C ASN Y 103 -23.89 49.00 31.03
N ASP Y 104 -24.68 49.59 31.94
CA ASP Y 104 -26.06 49.89 31.65
C ASP Y 104 -26.19 51.33 31.25
N GLN Y 105 -26.14 52.22 32.28
CA GLN Y 105 -26.39 53.62 32.09
C GLN Y 105 -25.26 54.14 31.28
N ASP Y 106 -24.06 54.07 31.88
CA ASP Y 106 -22.82 54.53 31.33
C ASP Y 106 -22.66 54.03 29.95
N GLY Y 107 -22.07 52.84 29.83
CA GLY Y 107 -21.68 52.24 28.60
C GLY Y 107 -20.93 51.02 29.01
N THR Y 108 -19.60 51.15 29.11
CA THR Y 108 -18.74 50.20 29.75
C THR Y 108 -19.05 48.83 29.27
N ILE Y 109 -18.79 48.59 27.98
CA ILE Y 109 -18.76 47.28 27.43
C ILE Y 109 -17.37 46.79 27.67
N VAL Y 110 -17.14 45.49 27.38
CA VAL Y 110 -15.79 45.03 27.43
C VAL Y 110 -15.84 43.58 27.09
N ASN Y 111 -15.15 43.19 26.01
CA ASN Y 111 -15.19 41.81 25.66
C ASN Y 111 -14.31 41.12 26.65
N ILE Y 112 -14.91 40.37 27.61
CA ILE Y 112 -14.08 39.90 28.71
C ILE Y 112 -13.56 38.53 28.42
N ASP Y 113 -14.37 37.68 27.75
CA ASP Y 113 -13.84 36.44 27.23
C ASP Y 113 -13.40 35.59 28.37
N SER Y 114 -14.20 35.51 29.45
CA SER Y 114 -13.82 34.70 30.58
C SER Y 114 -14.82 33.61 30.72
N ALA Y 115 -14.49 32.58 31.51
CA ALA Y 115 -15.52 31.61 31.75
C ALA Y 115 -16.27 32.07 32.94
N GLY Y 116 -17.47 31.49 33.16
CA GLY Y 116 -18.21 31.78 34.34
C GLY Y 116 -17.80 30.74 35.32
N THR Y 117 -18.29 30.81 36.57
CA THR Y 117 -17.86 29.83 37.53
C THR Y 117 -19.06 29.52 38.35
N ASN Y 118 -18.87 29.24 39.64
CA ASN Y 118 -20.00 28.87 40.45
C ASN Y 118 -20.03 29.80 41.62
N SER Y 119 -21.07 29.65 42.47
CA SER Y 119 -21.09 30.37 43.69
C SER Y 119 -19.81 30.02 44.37
N LEU Y 120 -19.54 28.70 44.43
CA LEU Y 120 -18.37 28.13 45.04
C LEU Y 120 -17.18 28.71 44.36
N GLY Y 121 -17.29 29.02 43.06
CA GLY Y 121 -16.20 29.66 42.39
C GLY Y 121 -15.68 28.74 41.35
N SER Y 122 -16.07 27.45 41.41
CA SER Y 122 -15.48 26.50 40.50
C SER Y 122 -16.02 26.77 39.12
N ALA Y 123 -15.20 26.46 38.10
CA ALA Y 123 -15.41 27.02 36.80
C ALA Y 123 -16.54 26.34 36.13
N GLY Y 124 -17.48 27.14 35.61
CA GLY Y 124 -18.55 26.59 34.83
C GLY Y 124 -19.75 26.57 35.70
N ILE Y 125 -20.90 27.07 35.20
CA ILE Y 125 -22.03 27.06 36.07
C ILE Y 125 -22.77 25.78 35.87
N PRO Y 126 -23.07 25.24 37.00
CA PRO Y 126 -23.41 23.85 37.12
C PRO Y 126 -24.79 23.64 36.61
N GLY Y 127 -25.30 22.39 36.64
CA GLY Y 127 -26.65 22.17 36.24
C GLY Y 127 -27.04 20.75 36.49
N GLN Y 128 -27.93 20.21 35.64
CA GLN Y 128 -28.48 18.89 35.80
C GLN Y 128 -28.27 18.14 34.52
N VAL Y 129 -28.38 16.81 34.60
CA VAL Y 129 -27.97 16.02 33.49
C VAL Y 129 -29.18 15.42 32.83
N ASP Y 130 -29.36 15.73 31.54
CA ASP Y 130 -30.20 14.90 30.75
C ASP Y 130 -29.23 13.97 30.11
N ALA Y 131 -29.35 12.67 30.45
CA ALA Y 131 -28.43 11.70 29.98
C ALA Y 131 -28.81 11.44 28.57
N HIS Y 132 -30.12 11.28 28.34
CA HIS Y 132 -30.60 10.94 27.02
C HIS Y 132 -30.19 9.54 26.75
N MET Y 133 -30.01 8.75 27.82
CA MET Y 133 -29.55 7.41 27.59
C MET Y 133 -30.57 6.72 26.75
N TRP Y 134 -31.81 7.24 26.76
CA TRP Y 134 -32.89 6.66 26.01
C TRP Y 134 -32.53 6.64 24.56
N GLU Y 135 -32.42 7.82 23.94
CA GLU Y 135 -32.32 7.87 22.51
C GLU Y 135 -31.10 7.10 22.08
N ARG Y 136 -30.05 7.08 22.92
CA ARG Y 136 -28.85 6.40 22.55
C ARG Y 136 -29.06 4.93 22.66
N LEU Y 137 -30.06 4.52 23.46
CA LEU Y 137 -30.21 3.11 23.72
C LEU Y 137 -31.29 2.55 22.85
N ARG Y 138 -32.33 3.34 22.51
CA ARG Y 138 -33.50 2.80 21.87
C ARG Y 138 -33.12 2.09 20.60
N GLY Y 139 -31.92 2.39 20.05
CA GLY Y 139 -31.51 1.84 18.79
C GLY Y 139 -31.45 0.35 18.92
N ALA Y 140 -30.36 -0.17 19.49
CA ALA Y 140 -30.13 -1.58 19.48
C ALA Y 140 -31.23 -2.24 20.25
N ILE Y 141 -32.01 -1.46 21.00
CA ILE Y 141 -32.95 -2.11 21.86
C ILE Y 141 -34.18 -2.48 21.09
N MET Y 142 -34.50 -1.76 20.01
CA MET Y 142 -35.61 -2.29 19.27
C MET Y 142 -35.09 -3.48 18.52
N ILE Y 143 -34.08 -3.25 17.67
CA ILE Y 143 -33.47 -4.25 16.83
C ILE Y 143 -33.23 -5.50 17.60
N SER Y 144 -32.69 -5.38 18.83
CA SER Y 144 -32.18 -6.56 19.47
C SER Y 144 -33.32 -7.37 19.99
N LEU Y 145 -34.47 -6.73 20.26
CA LEU Y 145 -35.62 -7.45 20.71
C LEU Y 145 -36.06 -8.31 19.56
N PHE Y 146 -35.60 -7.97 18.34
CA PHE Y 146 -36.04 -8.75 17.22
C PHE Y 146 -35.16 -9.96 17.14
N SER Y 147 -33.83 -9.75 17.25
CA SER Y 147 -32.94 -10.87 17.22
C SER Y 147 -33.30 -11.75 18.36
N ASP Y 148 -33.86 -11.16 19.44
CA ASP Y 148 -34.33 -11.91 20.57
C ASP Y 148 -35.52 -12.71 20.16
N THR Y 149 -36.38 -12.13 19.31
CA THR Y 149 -37.61 -12.79 18.98
C THR Y 149 -37.37 -13.80 17.90
N LEU Y 150 -36.10 -13.99 17.49
CA LEU Y 150 -35.87 -15.07 16.58
C LEU Y 150 -36.21 -16.32 17.35
N THR Y 151 -36.14 -16.24 18.69
CA THR Y 151 -36.34 -17.41 19.48
C THR Y 151 -37.79 -17.47 19.93
N ALA Y 152 -38.25 -16.49 20.72
CA ALA Y 152 -39.62 -16.49 21.15
C ALA Y 152 -40.49 -16.15 19.94
N LEU Y 153 -41.74 -16.07 20.13
N GLN Y 173 -21.36 -7.27 14.95
CA GLN Y 173 -21.08 -6.16 15.90
C GLN Y 173 -22.29 -5.30 16.03
N LEU Y 174 -23.06 -5.47 17.11
CA LEU Y 174 -24.23 -4.68 17.32
C LEU Y 174 -24.10 -4.12 18.69
N ALA Y 175 -23.48 -4.89 19.61
CA ALA Y 175 -23.19 -4.38 20.90
C ALA Y 175 -22.06 -3.43 20.75
N SER Y 176 -20.97 -3.88 20.10
CA SER Y 176 -19.86 -3.02 19.85
C SER Y 176 -20.34 -1.88 19.04
N GLU Y 177 -21.10 -2.14 17.96
CA GLU Y 177 -21.55 -1.08 17.10
C GLU Y 177 -22.48 -0.18 17.87
N ALA Y 178 -23.19 -0.74 18.88
CA ALA Y 178 -24.17 0.04 19.58
C ALA Y 178 -23.47 1.01 20.46
N LEU Y 179 -22.21 0.72 20.81
CA LEU Y 179 -21.46 1.58 21.67
C LEU Y 179 -20.95 2.72 20.85
N ARG Y 180 -20.56 2.43 19.58
CA ARG Y 180 -20.14 3.46 18.69
C ARG Y 180 -21.32 4.34 18.41
N SER Y 181 -22.53 3.76 18.38
CA SER Y 181 -23.67 4.63 18.29
C SER Y 181 -23.65 5.52 19.49
N TYR Y 182 -23.79 4.92 20.69
CA TYR Y 182 -24.05 5.58 21.94
C TYR Y 182 -23.20 6.82 22.09
N MET Y 183 -21.86 6.71 22.01
CA MET Y 183 -21.08 7.85 22.41
C MET Y 183 -21.35 9.00 21.49
N SER Y 184 -21.85 8.73 20.26
CA SER Y 184 -22.07 9.73 19.26
C SER Y 184 -22.81 10.87 19.85
N ILE Y 185 -24.04 10.62 20.38
CA ILE Y 185 -24.83 11.74 20.79
C ILE Y 185 -24.41 12.14 22.17
N PRO Y 186 -24.15 13.41 22.32
CA PRO Y 186 -23.93 14.01 23.60
C PRO Y 186 -25.18 13.88 24.42
N PRO Y 187 -25.01 14.06 25.70
CA PRO Y 187 -26.05 14.24 26.68
C PRO Y 187 -26.67 15.59 26.51
N THR Y 188 -27.05 16.25 27.64
CA THR Y 188 -27.25 17.68 27.67
C THR Y 188 -27.15 18.09 29.11
N LEU Y 189 -27.30 19.42 29.37
CA LEU Y 189 -27.38 19.86 30.73
C LEU Y 189 -28.63 20.65 30.91
N TYR Y 190 -28.52 21.80 31.63
CA TYR Y 190 -29.61 22.50 32.24
C TYR Y 190 -28.97 23.23 33.39
N ASP Y 191 -29.36 24.50 33.68
CA ASP Y 191 -29.11 25.16 34.94
C ASP Y 191 -30.22 26.16 35.05
N GLN Y 192 -30.73 26.42 36.27
CA GLN Y 192 -32.01 27.07 36.28
C GLN Y 192 -31.79 28.53 36.04
N GLN Y 193 -32.88 29.31 36.06
CA GLN Y 193 -32.76 30.71 35.79
C GLN Y 193 -32.65 31.41 37.08
N GLY Y 194 -32.07 32.63 37.05
CA GLY Y 194 -31.74 33.30 38.26
C GLY Y 194 -30.91 32.36 39.08
N ASP Y 195 -29.69 32.08 38.61
CA ASP Y 195 -28.78 31.39 39.49
C ASP Y 195 -27.78 32.39 39.93
N ALA Y 196 -27.38 32.34 41.21
CA ALA Y 196 -26.34 33.23 41.63
C ALA Y 196 -25.12 32.73 40.97
N VAL Y 197 -24.36 33.61 40.31
CA VAL Y 197 -23.15 33.07 39.77
C VAL Y 197 -22.12 34.14 39.76
N SER Y 198 -20.96 33.79 39.19
CA SER Y 198 -19.85 34.70 39.23
C SER Y 198 -19.06 34.47 37.99
N ILE Y 199 -18.09 35.37 37.69
CA ILE Y 199 -17.20 35.12 36.58
C ILE Y 199 -15.82 35.13 37.13
N PHE Y 200 -15.02 34.14 36.75
CA PHE Y 200 -13.61 34.30 36.92
C PHE Y 200 -13.15 35.14 35.76
N VAL Y 201 -13.40 36.47 35.81
CA VAL Y 201 -12.88 37.30 34.77
C VAL Y 201 -11.41 37.11 34.82
N ALA Y 202 -10.87 36.42 33.79
CA ALA Y 202 -9.50 36.00 33.85
C ALA Y 202 -8.66 37.08 33.27
N ARG Y 203 -8.79 38.33 33.80
CA ARG Y 203 -7.90 39.35 33.32
C ARG Y 203 -8.04 40.61 34.10
N ASP Y 204 -7.70 41.73 33.42
CA ASP Y 204 -7.53 43.02 34.05
C ASP Y 204 -8.30 44.01 33.29
N LEU Y 205 -9.02 44.85 34.04
CA LEU Y 205 -9.81 45.86 33.46
C LEU Y 205 -9.15 47.16 33.81
N ASP Y 206 -9.06 48.07 32.84
CA ASP Y 206 -8.67 49.40 33.18
C ASP Y 206 -9.92 50.20 33.24
N PHE Y 207 -10.19 50.80 34.40
CA PHE Y 207 -11.03 51.96 34.33
C PHE Y 207 -10.19 53.09 34.80
N SER Y 208 -8.92 53.18 34.36
CA SER Y 208 -8.19 54.37 34.72
C SER Y 208 -8.31 55.31 33.58
N GLY Y 209 -9.39 55.22 32.80
CA GLY Y 209 -9.63 56.17 31.78
C GLY Y 209 -11.07 56.57 31.88
N VAL Y 210 -11.76 56.10 32.95
CA VAL Y 210 -12.98 56.69 33.47
C VAL Y 210 -12.51 57.10 34.86
N TYR Y 211 -13.37 57.07 35.92
CA TYR Y 211 -13.07 57.10 37.34
C TYR Y 211 -11.74 57.67 37.72
N THR Y 212 -11.71 58.74 38.54
CA THR Y 212 -10.49 59.18 39.20
C THR Y 212 -10.92 59.87 40.47
N LEU Y 213 -10.19 60.86 41.06
CA LEU Y 213 -10.69 61.20 42.38
C LEU Y 213 -11.70 62.33 42.31
N ALA Y 214 -12.46 62.56 43.43
CA ALA Y 214 -11.85 62.90 44.69
C ALA Y 214 -12.89 63.29 45.76
N ASP Y 215 -12.66 64.42 46.49
CA ASP Y 215 -13.45 64.68 47.68
C ASP Y 215 -14.53 65.71 47.37
N ASN Y 216 -15.27 66.23 48.41
CA ASN Y 216 -15.91 65.34 49.32
C ASN Y 216 -17.15 64.76 48.64
N ALA Z 1 -4.99 66.98 40.05
CA ALA Z 1 -3.53 67.23 39.96
C ALA Z 1 -2.79 66.15 40.68
N ALA Z 2 -1.44 66.25 40.68
CA ALA Z 2 -0.66 65.23 41.32
C ALA Z 2 -0.91 65.34 42.79
N ASP Z 3 -0.98 66.58 43.31
CA ASP Z 3 -1.09 66.78 44.73
C ASP Z 3 -2.52 66.79 45.11
N LYS Z 4 -3.41 67.06 44.15
CA LYS Z 4 -4.82 67.08 44.38
C LYS Z 4 -5.24 65.68 44.67
N LYS Z 5 -4.68 64.71 43.91
CA LYS Z 5 -5.09 63.34 44.04
C LYS Z 5 -4.75 62.92 45.44
N ARG Z 6 -3.47 63.11 45.79
CA ARG Z 6 -2.85 62.57 46.95
C ARG Z 6 -3.73 62.77 48.14
N ILE Z 7 -3.84 64.04 48.58
CA ILE Z 7 -4.68 64.51 49.64
C ILE Z 7 -5.96 63.73 49.63
N THR Z 8 -6.58 63.58 48.45
CA THR Z 8 -7.87 62.94 48.37
C THR Z 8 -7.74 61.50 48.76
N GLN Z 9 -6.74 60.80 48.19
CA GLN Z 9 -6.59 59.39 48.36
C GLN Z 9 -6.49 59.08 49.83
N LYS Z 10 -5.76 59.92 50.59
CA LYS Z 10 -5.70 59.68 52.00
C LYS Z 10 -7.10 59.77 52.54
N LEU Z 11 -7.87 60.74 52.04
CA LEU Z 11 -9.21 60.95 52.51
C LEU Z 11 -9.95 59.67 52.35
N LYS Z 12 -9.52 58.84 51.37
CA LYS Z 12 -10.29 57.72 50.91
C LYS Z 12 -9.96 56.52 51.72
N GLN Z 13 -8.75 56.49 52.29
CA GLN Z 13 -8.36 55.41 53.13
C GLN Z 13 -9.33 55.37 54.27
N THR Z 14 -9.68 56.54 54.81
CA THR Z 14 -10.43 56.48 56.02
C THR Z 14 -11.88 56.64 55.72
N ALA Z 15 -12.63 55.52 55.68
CA ALA Z 15 -14.03 55.68 55.42
C ALA Z 15 -14.70 54.49 55.99
N PHE Z 16 -13.95 53.72 56.79
CA PHE Z 16 -14.53 52.64 57.53
C PHE Z 16 -15.32 53.29 58.64
N ALA Z 17 -16.44 53.92 58.28
CA ALA Z 17 -17.14 54.79 59.17
C ALA Z 17 -18.61 54.59 58.97
N GLY Z 18 -19.36 55.70 59.08
CA GLY Z 18 -20.78 55.57 59.20
C GLY Z 18 -21.02 55.07 60.59
N ALA Z 19 -22.28 54.73 60.90
CA ALA Z 19 -22.55 54.19 62.19
C ALA Z 19 -22.33 52.72 62.12
N LYS Z 20 -21.30 52.24 62.84
CA LYS Z 20 -21.02 50.85 62.74
C LYS Z 20 -22.05 50.08 63.46
N ASN Z 21 -22.00 48.76 63.24
CA ASN Z 21 -22.64 47.73 63.97
C ASN Z 21 -21.55 47.30 64.90
N TYR Z 22 -21.76 47.27 66.22
CA TYR Z 22 -20.57 46.99 66.95
C TYR Z 22 -20.50 45.51 67.18
N GLN Z 23 -21.66 44.86 67.40
CA GLN Z 23 -21.63 43.48 67.79
C GLN Z 23 -21.50 42.63 66.57
N TYR Z 24 -20.37 41.91 66.48
CA TYR Z 24 -20.36 40.69 65.71
C TYR Z 24 -20.35 39.61 66.75
N VAL Z 25 -21.15 38.54 66.55
CA VAL Z 25 -20.98 37.39 67.37
C VAL Z 25 -20.27 36.40 66.52
N MET Z 26 -19.54 35.46 67.14
CA MET Z 26 -18.88 34.47 66.34
C MET Z 26 -19.39 33.14 66.77
N SER Z 27 -18.73 32.05 66.31
CA SER Z 27 -19.03 30.76 66.83
C SER Z 27 -18.19 30.65 68.06
N GLU Z 28 -17.69 29.42 68.36
CA GLU Z 28 -16.68 29.27 69.36
C GLU Z 28 -16.36 27.82 69.38
N GLN Z 29 -15.17 27.46 68.88
CA GLN Z 29 -14.72 26.12 69.08
C GLN Z 29 -13.35 26.23 69.66
N PRO Z 30 -12.94 25.22 70.36
CA PRO Z 30 -11.73 25.28 71.10
C PRO Z 30 -10.61 25.40 70.12
N GLU Z 31 -10.84 25.04 68.85
CA GLU Z 31 -9.82 25.11 67.86
C GLU Z 31 -9.93 26.47 67.25
N MET Z 32 -11.17 26.89 66.94
CA MET Z 32 -11.40 28.19 66.39
C MET Z 32 -10.76 29.19 67.29
N ARG Z 33 -11.36 29.41 68.48
CA ARG Z 33 -11.07 30.39 69.49
C ARG Z 33 -9.67 30.90 69.36
N SER Z 34 -8.71 29.95 69.34
CA SER Z 34 -7.31 30.22 69.27
C SER Z 34 -7.06 31.27 68.23
N ILE Z 35 -7.19 30.89 66.94
CA ILE Z 35 -6.71 31.76 65.91
C ILE Z 35 -7.80 32.73 65.55
N GLN Z 36 -8.48 33.29 66.55
CA GLN Z 36 -9.54 34.21 66.26
C GLN Z 36 -8.94 35.55 65.98
N PRO Z 37 -9.82 36.40 65.53
CA PRO Z 37 -9.51 37.77 65.19
C PRO Z 37 -9.09 38.59 66.36
N VAL Z 38 -8.81 39.89 66.10
CA VAL Z 38 -8.77 40.88 67.14
C VAL Z 38 -10.13 41.51 67.11
N HIS Z 39 -10.32 42.49 66.19
CA HIS Z 39 -11.59 43.14 66.10
C HIS Z 39 -12.17 42.85 64.76
N VAL Z 40 -13.51 42.65 64.72
CA VAL Z 40 -14.20 42.43 63.49
C VAL Z 40 -15.39 43.34 63.51
N TRP Z 41 -15.51 44.23 62.51
CA TRP Z 41 -16.67 45.07 62.60
C TRP Z 41 -17.16 45.42 61.25
N ASP Z 42 -18.30 46.14 61.19
CA ASP Z 42 -18.84 46.50 59.91
C ASP Z 42 -19.59 47.78 60.08
N ASN Z 43 -19.83 48.46 58.94
CA ASN Z 43 -20.77 49.55 58.85
C ASN Z 43 -21.66 49.17 57.73
N TYR Z 44 -21.09 48.35 56.82
CA TYR Z 44 -21.70 48.01 55.58
C TYR Z 44 -21.51 46.54 55.43
N ARG Z 45 -21.21 46.10 54.19
CA ARG Z 45 -20.73 44.78 53.91
C ARG Z 45 -19.26 44.94 53.87
N PHE Z 46 -18.83 46.20 53.65
CA PHE Z 46 -17.46 46.56 53.77
C PHE Z 46 -17.07 46.28 55.18
N THR Z 47 -16.53 45.07 55.41
CA THR Z 47 -16.39 44.58 56.76
C THR Z 47 -14.93 44.40 57.02
N ARG Z 48 -14.48 44.73 58.24
CA ARG Z 48 -13.09 44.51 58.51
C ARG Z 48 -12.96 43.47 59.57
N PHE Z 49 -11.95 42.59 59.39
CA PHE Z 49 -11.61 41.54 60.31
C PHE Z 49 -10.15 41.71 60.59
N GLU Z 50 -9.78 42.37 61.72
CA GLU Z 50 -8.38 42.57 61.96
C GLU Z 50 -7.82 41.30 62.50
N PHE Z 51 -6.49 41.15 62.34
CA PHE Z 51 -5.84 39.97 62.82
C PHE Z 51 -4.64 40.40 63.60
N PRO Z 52 -4.30 39.54 64.52
CA PRO Z 52 -3.08 39.67 65.26
C PRO Z 52 -1.98 39.10 64.42
N ALA Z 53 -0.73 39.39 64.79
CA ALA Z 53 0.41 38.83 64.15
C ALA Z 53 0.20 37.34 64.12
N ASN Z 54 0.05 36.77 65.32
CA ASN Z 54 0.06 35.37 65.56
C ASN Z 54 -1.35 34.89 65.51
N ALA Z 55 -2.07 35.16 64.41
CA ALA Z 55 -3.33 34.52 64.21
C ALA Z 55 -3.39 34.16 62.75
N GLU Z 56 -3.78 32.91 62.43
CA GLU Z 56 -3.53 32.41 61.11
C GLU Z 56 -4.29 33.20 60.12
N LEU Z 57 -4.17 32.81 58.84
CA LEU Z 57 -4.99 33.43 57.86
C LEU Z 57 -5.97 32.42 57.39
N PRO Z 58 -7.12 32.58 57.97
CA PRO Z 58 -8.32 31.90 57.57
C PRO Z 58 -8.58 32.15 56.12
N GLN Z 59 -9.61 31.49 55.57
CA GLN Z 59 -10.21 31.98 54.36
C GLN Z 59 -11.67 32.09 54.67
N VAL Z 60 -12.26 33.28 54.42
CA VAL Z 60 -13.61 33.49 54.85
C VAL Z 60 -14.45 33.65 53.65
N TYR Z 61 -15.76 33.40 53.77
CA TYR Z 61 -16.67 33.55 52.68
C TYR Z 61 -17.90 34.21 53.21
N MET Z 62 -18.86 34.52 52.31
CA MET Z 62 -20.05 35.21 52.71
C MET Z 62 -21.18 34.25 52.54
N ILE Z 63 -22.26 34.44 53.32
CA ILE Z 63 -23.45 33.69 53.09
C ILE Z 63 -24.44 34.62 52.48
N SER Z 64 -24.66 34.48 51.17
CA SER Z 64 -25.61 35.37 50.55
C SER Z 64 -26.93 34.98 51.10
N ALA Z 65 -27.96 35.76 50.73
CA ALA Z 65 -29.29 35.56 51.23
C ALA Z 65 -29.76 34.24 50.72
N SER Z 66 -29.12 33.70 49.67
CA SER Z 66 -29.60 32.45 49.16
C SER Z 66 -29.42 31.45 50.25
N GLY Z 67 -28.47 31.71 51.17
CA GLY Z 67 -28.30 30.83 52.30
C GLY Z 67 -27.20 29.89 51.96
N LYS Z 68 -27.12 29.52 50.67
CA LYS Z 68 -26.03 28.74 50.17
C LYS Z 68 -24.83 29.63 50.27
N GLU Z 69 -23.62 29.07 50.09
CA GLU Z 69 -22.47 29.87 50.35
C GLU Z 69 -22.05 30.54 49.09
N THR Z 70 -21.07 31.44 49.22
CA THR Z 70 -20.52 32.10 48.07
C THR Z 70 -19.15 32.51 48.48
N LEU Z 71 -18.32 32.95 47.53
CA LEU Z 71 -17.08 33.49 48.00
C LEU Z 71 -17.07 34.95 47.68
N PRO Z 72 -16.63 35.68 48.67
CA PRO Z 72 -16.64 37.11 48.65
C PRO Z 72 -15.48 37.54 47.82
N ASN Z 73 -15.52 38.76 47.26
CA ASN Z 73 -14.33 39.32 46.72
C ASN Z 73 -13.73 40.11 47.82
N SER Z 74 -12.60 39.63 48.35
CA SER Z 74 -12.12 40.31 49.51
C SER Z 74 -10.78 40.84 49.21
N HIS Z 75 -10.21 41.53 50.22
CA HIS Z 75 -8.85 41.96 50.15
C HIS Z 75 -8.49 42.15 51.58
N VAL Z 76 -7.19 42.25 51.87
CA VAL Z 76 -6.91 42.63 53.21
C VAL Z 76 -6.32 43.99 53.11
N VAL Z 77 -6.36 44.78 54.21
CA VAL Z 77 -5.80 46.08 54.07
C VAL Z 77 -5.26 46.46 55.41
N GLY Z 78 -4.48 47.55 55.44
CA GLY Z 78 -4.05 48.02 56.71
C GLY Z 78 -2.57 48.20 56.65
N GLU Z 79 -2.07 49.16 57.44
CA GLU Z 79 -0.69 49.20 57.76
C GLU Z 79 -0.44 47.91 58.46
N ASN Z 80 -1.28 47.64 59.47
CA ASN Z 80 -1.38 46.36 60.09
C ASN Z 80 -1.50 45.38 58.96
N ARG Z 81 -2.41 45.67 57.99
CA ARG Z 81 -2.46 44.91 56.77
C ARG Z 81 -3.09 43.59 57.06
N ASN Z 82 -3.30 43.31 58.36
CA ASN Z 82 -3.80 42.05 58.79
C ASN Z 82 -5.26 41.96 58.46
N ILE Z 83 -5.97 43.08 58.60
CA ILE Z 83 -7.40 43.04 58.49
C ILE Z 83 -7.77 42.66 57.10
N ILE Z 84 -8.94 42.01 56.94
CA ILE Z 84 -9.44 41.63 55.65
C ILE Z 84 -10.67 42.44 55.42
N GLU Z 85 -10.65 43.35 54.42
CA GLU Z 85 -11.83 44.10 54.08
C GLU Z 85 -12.50 43.35 52.98
N VAL Z 86 -13.79 43.03 53.17
CA VAL Z 86 -14.52 42.25 52.21
C VAL Z 86 -15.54 43.16 51.61
N GLU Z 87 -15.84 43.02 50.30
CA GLU Z 87 -16.75 43.96 49.72
C GLU Z 87 -17.85 43.20 49.04
N THR Z 88 -18.62 42.39 49.80
CA THR Z 88 -19.77 41.67 49.33
C THR Z 88 -20.77 41.57 50.45
N VAL Z 89 -22.07 41.60 50.10
CA VAL Z 89 -23.18 41.47 51.02
C VAL Z 89 -23.10 40.15 51.74
N ALA Z 90 -23.60 40.11 53.00
CA ALA Z 90 -23.89 38.89 53.69
C ALA Z 90 -23.96 39.20 55.16
N LYS Z 91 -24.88 38.54 55.89
CA LYS Z 91 -24.92 38.74 57.31
C LYS Z 91 -23.82 37.92 57.89
N GLU Z 92 -23.95 36.58 57.76
CA GLU Z 92 -22.98 35.72 58.34
C GLU Z 92 -21.74 35.78 57.52
N TRP Z 93 -20.76 34.96 57.94
CA TRP Z 93 -19.54 34.82 57.21
C TRP Z 93 -18.94 33.55 57.69
N ARG Z 94 -18.46 32.71 56.76
CA ARG Z 94 -17.75 31.58 57.26
C ARG Z 94 -16.32 31.98 57.31
N ILE Z 95 -15.48 31.11 57.89
CA ILE Z 95 -14.10 31.47 58.04
C ILE Z 95 -13.32 30.20 58.09
N ARG Z 96 -13.46 29.39 57.03
CA ARG Z 96 -12.90 28.08 56.90
C ARG Z 96 -11.41 28.21 56.88
N LEU Z 97 -10.72 27.05 56.85
CA LEU Z 97 -9.29 27.02 56.77
C LEU Z 97 -8.87 25.60 56.99
N GLY Z 98 -9.11 24.72 56.00
CA GLY Z 98 -8.84 23.33 56.19
C GLY Z 98 -9.98 22.80 57.00
N ASP Z 99 -9.67 21.90 57.95
CA ASP Z 99 -10.62 21.29 58.82
C ASP Z 99 -11.47 22.36 59.41
N LYS Z 100 -10.80 23.21 60.21
CA LYS Z 100 -11.39 24.23 61.02
C LYS Z 100 -12.39 25.01 60.21
N VAL Z 101 -13.44 25.59 60.88
CA VAL Z 101 -14.39 26.41 60.16
C VAL Z 101 -15.20 27.26 61.13
N VAL Z 102 -14.79 28.54 61.31
CA VAL Z 102 -15.49 29.48 62.15
C VAL Z 102 -16.67 30.00 61.39
N GLY Z 103 -17.29 31.11 61.83
CA GLY Z 103 -18.36 31.63 61.06
C GLY Z 103 -18.97 32.79 61.76
N VAL Z 104 -18.21 33.91 61.83
CA VAL Z 104 -18.69 35.08 62.51
C VAL Z 104 -19.99 35.44 61.92
N ARG Z 105 -20.89 35.89 62.80
CA ARG Z 105 -22.16 36.34 62.35
C ARG Z 105 -22.10 37.82 62.44
N ASN Z 106 -22.62 38.51 61.42
CA ASN Z 106 -22.77 39.93 61.58
C ASN Z 106 -24.11 40.09 62.20
N ASN Z 107 -24.38 41.23 62.88
CA ASN Z 107 -25.67 41.27 63.48
C ASN Z 107 -26.22 42.64 63.36
N ASN Z 108 -26.80 42.96 62.19
CA ASN Z 108 -27.60 44.14 62.13
C ASN Z 108 -28.60 43.95 61.05
N PHE Z 109 -29.74 44.63 61.18
CA PHE Z 109 -30.69 44.70 60.12
C PHE Z 109 -31.40 45.98 60.32
N ALA Z 110 -31.03 47.02 59.54
CA ALA Z 110 -31.93 48.12 59.37
C ALA Z 110 -32.59 47.85 58.06
N PRO Z 111 -33.71 47.19 58.03
CA PRO Z 111 -34.06 46.57 56.80
C PRO Z 111 -34.73 47.63 55.97
N GLY Z 112 -34.79 47.44 54.64
CA GLY Z 112 -35.62 48.26 53.82
C GLY Z 112 -35.02 49.63 53.71
N ARG Z 113 -33.92 49.90 54.43
CA ARG Z 113 -33.29 51.18 54.27
C ARG Z 113 -31.81 50.95 54.26
N GLY Z 114 -31.06 51.91 53.70
CA GLY Z 114 -29.63 51.87 53.76
C GLY Z 114 -29.10 52.42 52.48
N ALA Z 115 -29.77 52.07 51.37
CA ALA Z 115 -29.26 52.35 50.06
C ALA Z 115 -29.13 53.82 49.91
N VAL Z 116 -28.05 54.26 49.26
CA VAL Z 116 -27.94 55.59 48.77
C VAL Z 116 -27.11 55.48 47.54
N ALA Z 117 -26.33 56.52 47.20
CA ALA Z 117 -25.42 56.37 46.12
C ALA Z 117 -24.10 56.86 46.60
N THR Z 118 -23.21 55.91 46.93
CA THR Z 118 -21.89 56.24 47.37
C THR Z 118 -21.29 57.10 46.33
N GLY Z 119 -21.04 56.53 45.14
CA GLY Z 119 -20.58 57.37 44.07
C GLY Z 119 -19.14 57.08 43.85
N THR Z 120 -18.59 56.22 44.73
CA THR Z 120 -17.43 55.47 44.42
C THR Z 120 -17.65 54.19 45.11
N ALA Z 121 -16.55 53.52 45.48
CA ALA Z 121 -16.60 52.51 46.50
C ALA Z 121 -16.92 53.24 47.76
N SER Z 122 -15.88 53.86 48.36
CA SER Z 122 -16.02 54.57 49.59
C SER Z 122 -16.45 55.96 49.25
N PRO Z 123 -17.25 56.56 50.10
CA PRO Z 123 -17.98 57.75 49.75
C PRO Z 123 -17.11 58.95 49.81
N ASP Z 124 -15.86 58.78 50.26
CA ASP Z 124 -14.96 59.87 50.48
C ASP Z 124 -14.72 60.45 49.16
N VAL Z 125 -14.36 59.55 48.22
CA VAL Z 125 -13.89 60.05 47.00
C VAL Z 125 -14.99 59.82 46.02
N ARG Z 126 -14.75 60.03 44.73
CA ARG Z 126 -15.90 60.18 43.89
C ARG Z 126 -15.49 59.90 42.50
N ARG Z 127 -16.48 59.87 41.60
CA ARG Z 127 -16.22 59.50 40.27
C ARG Z 127 -16.66 60.60 39.40
N VAL Z 128 -15.72 61.17 38.63
CA VAL Z 128 -16.02 62.36 37.91
C VAL Z 128 -15.61 62.19 36.47
N GLN Z 129 -16.16 61.13 35.81
CA GLN Z 129 -15.84 60.50 34.55
C GLN Z 129 -14.88 61.23 33.62
N ILE Z 130 -13.99 60.47 32.91
CA ILE Z 130 -12.93 61.04 32.10
C ILE Z 130 -13.11 60.74 30.61
N CYS AA 15 -28.36 6.35 42.57
CA CYS AA 15 -27.83 7.15 41.46
C CYS AA 15 -26.55 7.82 41.87
N SER AA 16 -26.44 9.13 41.59
CA SER AA 16 -25.22 9.79 41.92
C SER AA 16 -25.33 10.26 43.32
N SER AA 17 -24.28 10.99 43.78
CA SER AA 17 -24.28 11.59 45.07
C SER AA 17 -24.37 13.06 44.82
N GLY AA 18 -24.47 13.86 45.88
CA GLY AA 18 -24.52 15.28 45.67
C GLY AA 18 -23.31 15.83 46.31
N HIS AA 19 -23.38 17.10 46.76
CA HIS AA 19 -22.31 17.71 47.50
C HIS AA 19 -22.65 17.45 48.93
N LYS AA 20 -21.65 17.51 49.83
CA LYS AA 20 -22.01 17.33 51.21
C LYS AA 20 -22.23 18.68 51.78
N PRO AA 21 -23.31 18.86 52.50
CA PRO AA 21 -23.61 20.15 53.04
C PRO AA 21 -22.50 20.52 53.96
N PRO AA 22 -22.38 21.79 54.19
CA PRO AA 22 -21.12 22.35 54.57
C PRO AA 22 -20.87 22.03 56.01
N PRO AA 23 -19.63 22.01 56.42
CA PRO AA 23 -19.27 21.90 57.80
C PRO AA 23 -19.89 23.04 58.50
N GLU AA 24 -20.66 22.78 59.57
CA GLU AA 24 -21.46 23.83 60.11
C GLU AA 24 -20.91 24.20 61.45
N PRO AA 25 -20.70 25.47 61.61
CA PRO AA 25 -20.04 25.98 62.77
C PRO AA 25 -20.90 25.87 63.99
N ASP AA 26 -20.29 26.05 65.18
CA ASP AA 26 -20.99 26.02 66.42
C ASP AA 26 -22.08 27.05 66.34
N TRP AA 27 -23.35 26.61 66.55
CA TRP AA 27 -24.47 27.49 66.59
C TRP AA 27 -24.87 27.57 68.02
N SER AA 28 -24.60 26.47 68.74
CA SER AA 28 -24.94 26.38 70.11
C SER AA 28 -24.11 27.39 70.83
N ASN AA 29 -22.82 27.10 71.07
CA ASN AA 29 -22.04 28.05 71.83
C ASN AA 29 -21.96 29.31 71.04
N THR AA 30 -22.18 30.46 71.70
CA THR AA 30 -21.98 31.67 70.94
C THR AA 30 -21.50 32.77 71.83
N VAL AA 31 -20.20 33.11 71.65
CA VAL AA 31 -19.50 34.13 72.36
C VAL AA 31 -19.26 35.24 71.39
N PRO AA 32 -19.23 36.44 71.86
CA PRO AA 32 -19.00 37.60 71.05
C PRO AA 32 -17.64 37.56 70.42
N VAL AA 33 -17.49 38.25 69.26
CA VAL AA 33 -16.23 38.29 68.57
C VAL AA 33 -15.34 39.23 69.31
N ASN AA 34 -15.60 40.53 69.10
CA ASN AA 34 -14.71 41.61 69.41
C ASN AA 34 -14.18 41.46 70.79
N LYS AA 35 -12.98 42.04 71.01
CA LYS AA 35 -12.28 42.03 72.25
C LYS AA 35 -12.38 43.39 72.83
N THR AA 36 -11.32 44.21 72.65
CA THR AA 36 -11.47 45.61 72.92
C THR AA 36 -12.33 46.15 71.84
N ILE AA 37 -12.41 47.50 71.75
CA ILE AA 37 -13.26 48.07 70.76
C ILE AA 37 -12.40 48.59 69.66
N PRO AA 38 -12.94 48.43 68.49
CA PRO AA 38 -12.18 48.54 67.27
C PRO AA 38 -11.80 49.96 67.03
N VAL AA 39 -10.61 50.18 66.45
CA VAL AA 39 -10.31 51.48 65.95
C VAL AA 39 -10.05 51.30 64.49
N ASP AA 40 -9.79 52.40 63.78
CA ASP AA 40 -9.42 52.21 62.41
C ASP AA 40 -7.94 52.00 62.40
N THR AA 41 -7.48 51.04 61.60
CA THR AA 41 -6.07 50.91 61.45
C THR AA 41 -5.74 51.86 60.35
N GLN AA 42 -5.77 51.32 59.12
CA GLN AA 42 -5.75 52.09 57.93
C GLN AA 42 -6.73 53.25 58.13
N GLY AA 43 -6.28 54.41 58.31
N GLU BA 1 31.27 9.67 13.17
CA GLU BA 1 30.60 8.48 12.61
C GLU BA 1 31.21 7.28 13.23
N THR BA 2 31.76 7.49 14.44
CA THR BA 2 32.23 6.45 15.30
C THR BA 2 31.03 5.73 15.78
N SER BA 3 31.16 4.90 16.83
CA SER BA 3 29.93 4.31 17.29
C SER BA 3 29.21 5.37 18.07
N GLU BA 4 27.90 5.17 18.27
CA GLU BA 4 27.06 6.13 18.95
C GLU BA 4 27.04 5.73 20.38
N GLY BA 5 26.65 4.46 20.62
CA GLY BA 5 26.57 3.93 21.93
C GLY BA 5 27.95 3.66 22.37
N SER BA 6 28.92 3.89 21.47
CA SER BA 6 30.28 3.97 21.93
C SER BA 6 30.33 5.24 22.72
N SER BA 7 29.84 6.32 22.09
CA SER BA 7 29.85 7.61 22.68
C SER BA 7 29.19 7.55 24.03
N ALA BA 8 27.93 7.07 24.07
CA ALA BA 8 27.10 7.22 25.24
C ALA BA 8 27.80 6.66 26.43
N LEU BA 9 28.23 5.38 26.37
CA LEU BA 9 28.93 4.73 27.43
C LEU BA 9 30.04 5.63 27.86
N ALA BA 10 30.87 6.04 26.88
CA ALA BA 10 32.00 6.90 27.08
C ALA BA 10 31.58 8.10 27.88
N LYS BA 11 30.31 8.49 27.75
CA LYS BA 11 29.83 9.72 28.32
C LYS BA 11 29.72 9.50 29.79
N ASN BA 12 29.28 8.29 30.14
CA ASN BA 12 28.84 7.99 31.46
C ASN BA 12 29.93 7.26 32.21
N LEU BA 13 31.14 7.11 31.64
CA LEU BA 13 32.18 6.43 32.38
C LEU BA 13 32.79 7.38 33.37
N THR BA 14 33.38 8.49 32.88
CA THR BA 14 33.93 9.45 33.79
C THR BA 14 32.78 10.37 34.17
N PRO BA 15 32.19 10.29 35.37
CA PRO BA 15 30.82 10.70 35.50
C PRO BA 15 30.80 11.89 36.38
N ALA BA 16 30.41 13.06 35.85
CA ALA BA 16 30.01 13.15 34.49
C ALA BA 16 31.07 14.00 33.88
N ARG BA 17 31.15 14.16 32.55
CA ARG BA 17 31.89 15.34 32.22
C ARG BA 17 30.89 16.30 31.66
N LEU BA 18 29.69 16.27 32.27
CA LEU BA 18 28.90 17.42 32.60
C LEU BA 18 29.79 18.64 32.64
N LYS BA 19 29.27 19.80 32.15
CA LYS BA 19 30.01 21.04 32.03
C LYS BA 19 30.02 21.77 33.36
N ALA BA 20 31.19 22.33 33.75
CA ALA BA 20 31.35 23.00 35.00
C ALA BA 20 30.26 24.02 35.19
N SER BA 21 29.84 24.19 36.46
CA SER BA 21 28.76 25.04 36.82
C SER BA 21 29.35 26.29 37.41
N ARG BA 22 28.89 27.48 36.96
CA ARG BA 22 29.47 28.70 37.43
C ARG BA 22 28.92 28.94 38.78
N ALA BA 23 29.73 28.73 39.82
CA ALA BA 23 29.20 28.92 41.13
C ALA BA 23 29.32 30.37 41.44
N GLY BA 24 28.38 31.17 40.92
CA GLY BA 24 28.51 32.60 40.97
C GLY BA 24 27.47 33.14 41.88
N VAL BA 25 27.77 34.30 42.50
CA VAL BA 25 26.92 34.71 43.56
C VAL BA 25 25.83 35.56 43.03
N MET BA 26 24.60 35.18 43.45
CA MET BA 26 23.54 36.13 43.45
C MET BA 26 24.04 37.25 44.29
N ALA BA 27 24.06 38.46 43.70
CA ALA BA 27 24.53 39.61 44.38
C ALA BA 27 23.76 39.74 45.65
N ASN BA 28 22.52 40.24 45.58
CA ASN BA 28 21.80 40.46 46.81
C ASN BA 28 20.59 39.60 46.87
N PRO BA 29 20.20 39.43 48.10
CA PRO BA 29 18.96 38.83 48.52
C PRO BA 29 17.90 39.84 48.23
N SER BA 30 18.27 41.13 48.24
CA SER BA 30 17.26 42.09 47.94
C SER BA 30 17.42 42.39 46.51
N LEU BA 31 18.30 41.62 45.83
CA LEU BA 31 18.40 41.58 44.40
C LEU BA 31 17.66 40.37 43.97
N THR BA 32 17.59 39.36 44.85
CA THR BA 32 16.93 38.19 44.34
C THR BA 32 16.28 37.47 45.47
N VAL BA 33 15.00 37.13 45.28
CA VAL BA 33 14.31 36.23 46.16
C VAL BA 33 14.39 34.90 45.50
N PRO BA 34 15.10 33.96 46.07
CA PRO BA 34 15.31 32.69 45.46
C PRO BA 34 14.06 31.89 45.63
N LYS BA 35 13.82 30.93 44.73
CA LYS BA 35 12.82 29.94 44.98
C LYS BA 35 13.44 28.98 45.94
N GLY BA 36 12.95 27.73 45.91
CA GLY BA 36 13.23 26.83 47.00
C GLY BA 36 12.38 27.34 48.10
N LYS BA 37 11.41 28.18 47.70
CA LYS BA 37 10.59 28.93 48.59
C LYS BA 37 9.25 28.33 48.48
N MET BA 38 8.37 28.66 49.43
CA MET BA 38 7.02 28.28 49.30
C MET BA 38 6.28 29.59 49.28
N ILE BA 39 5.25 29.70 48.44
CA ILE BA 39 4.42 30.86 48.55
C ILE BA 39 3.19 30.37 49.25
N PRO BA 40 3.17 30.55 50.54
CA PRO BA 40 2.24 29.86 51.40
C PRO BA 40 0.92 30.54 51.32
N CYS BA 41 0.13 30.29 50.27
CA CYS BA 41 -1.01 31.14 50.11
C CYS BA 41 -2.19 30.54 50.82
N GLY BA 42 -3.40 30.95 50.39
CA GLY BA 42 -4.60 30.49 51.02
C GLY BA 42 -5.68 30.54 49.99
N THR BA 43 -6.24 29.36 49.67
CA THR BA 43 -7.14 29.33 48.55
C THR BA 43 -8.48 29.78 49.03
N GLY BA 44 -9.19 30.49 48.11
CA GLY BA 44 -10.39 31.14 48.51
C GLY BA 44 -11.45 30.82 47.50
N THR BA 45 -11.34 29.66 46.82
CA THR BA 45 -12.49 29.25 46.08
C THR BA 45 -12.60 27.77 46.23
N GLU BA 46 -13.76 27.24 45.82
CA GLU BA 46 -13.88 25.82 45.71
C GLU BA 46 -13.04 25.46 44.53
N LEU BA 47 -12.61 24.19 44.45
CA LEU BA 47 -11.74 23.77 43.40
C LEU BA 47 -12.24 22.45 42.91
N ASP BA 48 -12.19 22.26 41.58
CA ASP BA 48 -12.78 21.09 41.04
C ASP BA 48 -12.20 20.92 39.69
N THR BA 49 -11.18 20.06 39.56
CA THR BA 49 -10.56 19.94 38.28
C THR BA 49 -11.44 19.06 37.46
N THR BA 50 -12.59 18.69 38.05
CA THR BA 50 -13.84 18.49 37.35
C THR BA 50 -13.84 19.45 36.21
N VAL BA 51 -13.92 20.77 36.50
CA VAL BA 51 -14.02 21.66 35.39
C VAL BA 51 -12.78 22.47 35.30
N PRO BA 52 -12.17 22.46 34.14
CA PRO BA 52 -11.00 23.23 33.85
C PRO BA 52 -11.29 24.66 34.16
N GLY BA 53 -10.27 25.51 34.29
CA GLY BA 53 -10.60 26.82 34.71
C GLY BA 53 -10.01 27.02 36.06
N GLN BA 54 -10.28 28.21 36.63
CA GLN BA 54 -9.35 28.86 37.48
C GLN BA 54 -9.67 28.61 38.90
N VAL BA 55 -8.61 28.61 39.74
CA VAL BA 55 -8.75 28.71 41.17
C VAL BA 55 -8.16 30.04 41.53
N SER BA 56 -8.35 30.49 42.80
CA SER BA 56 -7.69 31.70 43.19
C SER BA 56 -7.25 31.53 44.61
N CYS BA 57 -6.01 31.97 44.90
CA CYS BA 57 -5.54 32.06 46.25
C CYS BA 57 -5.04 33.45 46.44
N ARG BA 58 -4.72 33.79 47.70
CA ARG BA 58 -4.04 35.01 48.01
C ARG BA 58 -2.99 34.64 49.01
N VAL BA 59 -1.93 35.46 49.15
CA VAL BA 59 -0.84 34.99 49.96
C VAL BA 59 -1.34 34.84 51.36
N SER BA 60 -0.64 34.03 52.16
CA SER BA 60 -0.93 34.04 53.56
C SER BA 60 0.10 34.92 54.20
N GLN BA 61 1.08 34.32 54.89
CA GLN BA 61 2.12 35.09 55.52
C GLN BA 61 3.03 35.61 54.44
N ASP BA 62 4.24 36.05 54.84
CA ASP BA 62 5.08 36.83 53.97
C ASP BA 62 6.01 35.95 53.21
N VAL BA 63 6.52 36.48 52.08
CA VAL BA 63 7.58 35.86 51.34
C VAL BA 63 8.81 36.67 51.61
N TYR BA 64 10.01 36.06 51.48
CA TYR BA 64 11.21 36.72 51.92
C TYR BA 64 12.23 36.69 50.80
N SER BA 65 13.52 36.81 51.16
CA SER BA 65 14.57 36.99 50.19
C SER BA 65 15.52 35.82 50.27
N ALA BA 66 16.77 36.05 49.81
CA ALA BA 66 17.70 34.97 49.69
C ALA BA 66 18.22 34.69 51.06
N ASP BA 67 19.02 35.62 51.61
CA ASP BA 67 19.47 35.50 52.97
C ASP BA 67 18.25 35.29 53.82
N GLY BA 68 17.18 36.05 53.52
CA GLY BA 68 15.93 35.86 54.21
C GLY BA 68 15.85 36.94 55.22
N LEU BA 69 16.62 38.02 54.99
CA LEU BA 69 16.70 39.07 55.97
C LEU BA 69 15.74 40.16 55.63
N VAL BA 70 15.32 40.28 54.35
CA VAL BA 70 14.36 41.31 54.09
C VAL BA 70 13.04 40.70 53.78
N ARG BA 71 11.95 41.43 54.07
CA ARG BA 71 10.62 40.98 53.79
C ARG BA 71 10.14 41.81 52.66
N LEU BA 72 10.19 41.28 51.44
CA LEU BA 72 9.80 42.09 50.34
C LEU BA 72 8.42 41.71 49.96
N ILE BA 73 8.24 40.46 49.51
CA ILE BA 73 6.91 40.09 49.15
C ILE BA 73 6.12 39.97 50.42
N ASP BA 74 5.01 40.73 50.52
CA ASP BA 74 4.22 40.70 51.73
C ASP BA 74 2.91 40.06 51.43
N LYS BA 75 2.00 40.05 52.42
CA LYS BA 75 0.78 39.31 52.32
C LYS BA 75 -0.14 40.05 51.40
N GLY BA 76 -1.37 39.55 51.34
CA GLY BA 76 -2.41 40.18 50.57
C GLY BA 76 -1.93 40.27 49.16
N SER BA 77 -1.15 39.28 48.71
CA SER BA 77 -0.84 39.26 47.31
C SER BA 77 -1.68 38.19 46.70
N TRP BA 78 -2.78 38.62 46.04
CA TRP BA 78 -3.72 37.69 45.47
C TRP BA 78 -3.06 37.04 44.29
N VAL BA 79 -3.23 35.70 44.16
CA VAL BA 79 -2.73 34.97 43.02
C VAL BA 79 -3.93 34.39 42.32
N ASP BA 80 -3.79 34.11 41.00
CA ASP BA 80 -4.85 33.45 40.28
C ASP BA 80 -4.19 32.46 39.38
N GLY BA 81 -4.94 31.43 38.94
CA GLY BA 81 -4.29 30.36 38.22
C GLY BA 81 -5.29 29.63 37.38
N GLN BA 82 -5.10 28.31 37.24
CA GLN BA 82 -5.90 27.56 36.32
C GLN BA 82 -5.54 26.10 36.42
N ILE BA 83 -6.57 25.20 36.30
CA ILE BA 83 -6.42 23.77 36.23
C ILE BA 83 -6.85 23.40 34.85
N THR BA 84 -5.90 23.08 33.94
CA THR BA 84 -6.21 22.94 32.54
C THR BA 84 -7.29 21.93 32.36
N GLY BA 85 -7.34 20.90 33.24
CA GLY BA 85 -8.41 19.97 33.05
C GLY BA 85 -8.14 18.72 33.81
N GLY BA 86 -9.18 17.86 33.89
CA GLY BA 86 -9.33 16.87 34.91
C GLY BA 86 -8.10 16.02 35.07
N ILE BA 87 -7.89 15.57 36.32
CA ILE BA 87 -6.82 14.69 36.70
C ILE BA 87 -6.96 13.44 35.93
N LYS BA 88 -6.09 12.45 36.22
CA LYS BA 88 -6.28 11.17 35.63
C LYS BA 88 -6.97 10.31 36.62
N ASP BA 89 -6.72 8.98 36.54
CA ASP BA 89 -7.52 7.99 37.19
C ASP BA 89 -7.02 7.82 38.58
N GLY BA 90 -7.84 8.24 39.56
CA GLY BA 90 -7.53 8.04 40.94
C GLY BA 90 -6.29 8.81 41.24
N GLN BA 91 -6.00 9.86 40.44
CA GLN BA 91 -4.80 10.58 40.71
C GLN BA 91 -4.97 11.27 42.02
N ALA BA 92 -3.91 11.26 42.83
CA ALA BA 92 -3.94 11.65 44.21
C ALA BA 92 -4.59 12.98 44.30
N ARG BA 93 -4.37 13.83 43.29
CA ARG BA 93 -4.61 15.22 43.51
C ARG BA 93 -4.51 15.88 42.18
N VAL BA 94 -5.21 17.03 42.04
CA VAL BA 94 -5.04 17.80 40.86
C VAL BA 94 -3.71 18.47 40.94
N PHE BA 95 -3.33 19.06 39.80
CA PHE BA 95 -2.17 19.85 39.55
C PHE BA 95 -2.71 21.24 39.42
N VAL BA 96 -1.90 22.27 39.69
CA VAL BA 96 -2.42 23.60 39.75
C VAL BA 96 -1.42 24.52 39.17
N LEU BA 97 -1.90 25.52 38.43
CA LEU BA 97 -0.93 26.38 37.84
C LEU BA 97 -1.25 27.76 38.31
N TRP BA 98 -0.48 28.22 39.33
CA TRP BA 98 -0.68 29.58 39.75
C TRP BA 98 0.05 30.41 38.76
N GLU BA 99 -0.69 31.33 38.11
CA GLU BA 99 -0.04 32.17 37.18
C GLU BA 99 0.29 33.43 37.91
N ARG BA 100 -0.60 34.44 37.79
CA ARG BA 100 -0.04 35.68 38.22
C ARG BA 100 -0.29 35.88 39.67
N ILE BA 101 0.79 36.24 40.39
CA ILE BA 101 0.69 36.67 41.77
C ILE BA 101 0.67 38.16 41.75
N ARG BA 102 -0.46 38.77 42.13
CA ARG BA 102 -0.56 40.19 42.17
C ARG BA 102 -0.61 40.59 43.61
N ASN BA 103 -0.19 41.84 43.90
CA ASN BA 103 -0.15 42.39 45.23
C ASN BA 103 -1.32 43.31 45.35
N ASP BA 104 -1.64 43.79 46.57
CA ASP BA 104 -2.94 44.35 46.84
C ASP BA 104 -2.86 45.85 46.77
N GLN BA 105 -2.29 46.44 47.84
CA GLN BA 105 -2.26 47.87 47.99
C GLN BA 105 -1.35 48.40 46.95
N ASP BA 106 -0.07 47.99 47.06
CA ASP BA 106 1.01 48.38 46.20
C ASP BA 106 0.61 48.21 44.79
N GLY BA 107 0.85 47.00 44.26
CA GLY BA 107 0.68 46.65 42.89
C GLY BA 107 1.23 45.28 42.79
N THR BA 108 2.52 45.16 42.43
CA THR BA 108 3.31 43.97 42.56
C THR BA 108 2.55 42.82 42.00
N ILE BA 109 2.33 42.86 40.68
CA ILE BA 109 1.91 41.72 39.93
C ILE BA 109 3.15 40.98 39.58
N VAL BA 110 2.98 39.78 39.02
CA VAL BA 110 4.13 39.12 38.51
C VAL BA 110 3.65 37.81 37.97
N ASN BA 111 3.86 37.59 36.66
CA ASN BA 111 3.41 36.36 36.11
C ASN BA 111 4.38 35.33 36.61
N ILE BA 112 3.96 34.46 37.56
CA ILE BA 112 4.95 33.63 38.20
C ILE BA 112 5.03 32.30 37.51
N ASP BA 113 3.90 31.76 37.04
CA ASP BA 113 3.93 30.62 36.17
C ASP BA 113 4.52 29.46 36.91
N SER BA 114 4.09 29.25 38.17
CA SER BA 114 4.61 28.16 38.94
C SER BA 114 3.49 27.23 39.24
N ALA BA 115 3.81 26.00 39.67
CA ALA BA 115 2.72 25.17 40.08
C ALA BA 115 2.50 25.45 41.53
N GLY BA 116 1.33 25.03 42.05
CA GLY BA 116 1.08 25.13 43.45
C GLY BA 116 1.53 23.84 44.03
N THR BA 117 1.48 23.69 45.36
CA THR BA 117 1.95 22.46 45.92
C THR BA 117 1.04 22.14 47.04
N ASN BA 118 1.56 21.54 48.12
CA ASN BA 118 0.68 21.16 49.20
C ASN BA 118 1.22 21.79 50.45
N SER BA 119 0.50 21.60 51.56
CA SER BA 119 1.02 22.01 52.82
C SER BA 119 2.33 21.32 52.94
N LEU BA 120 2.30 19.99 52.67
CA LEU BA 120 3.45 19.13 52.73
C LEU BA 120 4.47 19.65 51.77
N GLY BA 121 4.03 20.27 50.67
CA GLY BA 121 4.97 20.88 49.77
C GLY BA 121 4.92 20.17 48.48
N SER BA 122 4.28 18.98 48.45
CA SER BA 122 4.33 18.19 47.25
C SER BA 122 3.46 18.86 46.22
N ALA BA 123 3.84 18.68 44.94
CA ALA BA 123 3.36 19.56 43.92
C ALA BA 123 1.96 19.23 43.58
N GLY BA 124 1.10 20.27 43.57
CA GLY BA 124 -0.25 20.10 43.14
C GLY BA 124 -1.09 20.06 44.36
N ILE BA 125 -2.20 20.83 44.39
CA ILE BA 125 -2.97 20.78 45.58
C ILE BA 125 -4.00 19.72 45.44
N PRO BA 126 -4.05 18.98 46.49
CA PRO BA 126 -4.64 17.67 46.48
C PRO BA 126 -6.11 17.80 46.46
N GLY BA 127 -6.86 16.67 46.47
CA GLY BA 127 -8.28 16.76 46.54
C GLY BA 127 -8.88 15.40 46.66
N GLN BA 128 -10.10 15.22 46.09
CA GLN BA 128 -10.84 14.00 46.22
C GLN BA 128 -11.22 13.56 44.84
N VAL BA 129 -11.59 12.27 44.72
CA VAL BA 129 -11.74 11.72 43.41
C VAL BA 129 -13.20 11.49 43.15
N ASP BA 130 -13.70 12.12 42.06
CA ASP BA 130 -14.91 11.63 41.49
C ASP BA 130 -14.43 10.75 40.41
N ALA BA 131 -14.72 9.44 40.54
CA ALA BA 131 -14.24 8.47 39.61
C ALA BA 131 -15.08 8.62 38.41
N HIS BA 132 -16.41 8.72 38.63
CA HIS BA 132 -17.34 8.79 37.54
C HIS BA 132 -17.35 7.44 36.90
N MET BA 133 -17.03 6.40 37.68
CA MET BA 133 -16.98 5.10 37.08
C MET BA 133 -18.34 4.79 36.55
N TRP BA 134 -19.37 5.48 37.08
CA TRP BA 134 -20.72 5.26 36.68
C TRP BA 134 -20.85 5.54 35.21
N GLU BA 135 -20.68 6.80 34.80
CA GLU BA 135 -21.01 7.18 33.47
C GLU BA 135 -20.20 6.35 32.51
N ARG BA 136 -18.98 5.97 32.90
CA ARG BA 136 -18.14 5.21 32.02
C ARG BA 136 -18.63 3.82 31.95
N LEU BA 137 -19.39 3.38 32.97
CA LEU BA 137 -19.77 2.00 33.01
C LEU BA 137 -21.17 1.83 32.50
N ARG BA 138 -22.05 2.83 32.69
CA ARG BA 138 -23.46 2.64 32.42
C ARG BA 138 -23.65 2.20 31.00
N GLY BA 139 -22.65 2.44 30.13
CA GLY BA 139 -22.79 2.14 28.73
C GLY BA 139 -23.04 0.68 28.57
N ALA BA 140 -21.96 -0.13 28.61
CA ALA BA 140 -22.07 -1.50 28.29
C ALA BA 140 -23.00 -2.16 29.27
N ILE BA 141 -23.31 -1.47 30.37
CA ILE BA 141 -24.05 -2.15 31.38
C ILE BA 141 -25.51 -2.13 31.04
N MET BA 142 -25.99 -1.14 30.28
CA MET BA 142 -27.36 -1.30 29.91
C MET BA 142 -27.38 -2.34 28.83
N ILE BA 143 -26.66 -2.08 27.73
CA ILE BA 143 -26.58 -2.92 26.57
C ILE BA 143 -26.41 -4.35 26.98
N SER BA 144 -25.50 -4.61 27.94
CA SER BA 144 -25.09 -5.97 28.15
C SER BA 144 -26.16 -6.70 28.90
N LEU BA 145 -27.00 -5.96 29.65
CA LEU BA 145 -28.07 -6.59 30.35
C LEU BA 145 -29.04 -7.07 29.31
N PHE BA 146 -28.92 -6.52 28.08
CA PHE BA 146 -29.85 -6.95 27.08
C PHE BA 146 -29.33 -8.21 26.48
N SER BA 147 -28.02 -8.24 26.14
CA SER BA 147 -27.46 -9.46 25.61
C SER BA 147 -27.64 -10.52 26.64
N ASP BA 148 -27.69 -10.12 27.93
CA ASP BA 148 -27.93 -11.03 29.01
C ASP BA 148 -29.34 -11.52 28.91
N THR BA 149 -30.27 -10.62 28.54
CA THR BA 149 -31.66 -10.99 28.55
C THR BA 149 -32.00 -11.74 27.30
N LEU BA 150 -30.99 -12.02 26.45
CA LEU BA 150 -31.31 -12.88 25.35
C LEU BA 150 -31.67 -14.21 25.96
N THR BA 151 -31.16 -14.47 27.18
CA THR BA 151 -31.37 -15.74 27.78
C THR BA 151 -32.58 -15.68 28.69
N ALA BA 152 -32.54 -14.86 29.75
CA ALA BA 152 -33.67 -14.74 30.63
C ALA BA 152 -34.77 -14.00 29.88
N LEU BA 153 -35.84 -13.78 30.51
N GLN BA 173 -16.67 -7.24 20.05
CA GLN BA 173 -15.88 -6.45 21.01
C GLN BA 173 -16.75 -5.46 21.71
N LEU BA 174 -17.16 -5.77 22.95
CA LEU BA 174 -18.01 -4.87 23.69
C LEU BA 174 -17.33 -4.68 25.00
N ALA BA 175 -16.65 -5.73 25.49
CA ALA BA 175 -15.85 -5.60 26.68
C ALA BA 175 -14.65 -4.82 26.29
N SER BA 176 -13.95 -5.27 25.24
CA SER BA 176 -12.80 -4.56 24.76
C SER BA 176 -13.24 -3.19 24.37
N GLU BA 177 -14.34 -3.08 23.60
CA GLU BA 177 -14.77 -1.78 23.16
C GLU BA 177 -15.20 -0.96 24.35
N ALA BA 178 -15.67 -1.63 25.42
CA ALA BA 178 -16.17 -0.90 26.55
C ALA BA 178 -15.04 -0.28 27.28
N LEU BA 179 -13.83 -0.84 27.10
CA LEU BA 179 -12.69 -0.33 27.79
C LEU BA 179 -12.21 0.89 27.04
N ARG BA 180 -12.31 0.84 25.69
CA ARG BA 180 -11.96 1.98 24.90
C ARG BA 180 -12.94 3.07 25.20
N SER BA 181 -14.20 2.71 25.52
CA SER BA 181 -15.08 3.74 25.98
C SER BA 181 -14.49 4.31 27.23
N TYR BA 182 -14.38 3.46 28.27
CA TYR BA 182 -14.08 3.84 29.63
C TYR BA 182 -12.98 4.86 29.67
N MET BA 183 -11.78 4.57 29.11
CA MET BA 183 -10.68 5.45 29.40
C MET BA 183 -10.96 6.82 28.85
N SER BA 184 -11.86 6.91 27.84
CA SER BA 184 -12.16 8.15 27.17
C SER BA 184 -12.40 9.22 28.18
N ILE BA 185 -13.42 9.04 29.04
CA ILE BA 185 -13.77 10.14 29.90
C ILE BA 185 -12.86 10.13 31.09
N PRO BA 186 -12.29 11.27 31.34
CA PRO BA 186 -11.56 11.51 32.56
C PRO BA 186 -12.48 11.38 33.73
N PRO BA 187 -11.89 11.23 34.87
CA PRO BA 187 -12.50 11.33 36.17
C PRO BA 187 -12.82 12.76 36.47
N THR BA 188 -12.67 13.19 37.75
CA THR BA 188 -12.53 14.57 38.09
C THR BA 188 -11.89 14.62 39.45
N LEU BA 189 -11.64 15.85 39.98
CA LEU BA 189 -11.19 15.96 41.33
C LEU BA 189 -12.12 16.87 42.07
N TYR BA 190 -11.53 17.79 42.89
CA TYR BA 190 -12.19 18.49 43.96
C TYR BA 190 -11.07 18.81 44.92
N ASP BA 191 -11.05 20.01 45.54
CA ASP BA 191 -10.28 20.32 46.72
C ASP BA 191 -11.04 21.41 47.38
N GLN BA 192 -11.08 21.46 48.73
CA GLN BA 192 -12.11 22.27 49.31
C GLN BA 192 -11.65 23.70 49.25
N GLN BA 193 -12.47 24.61 49.79
CA GLN BA 193 -12.14 26.00 49.73
C GLN BA 193 -11.47 26.34 51.01
N GLY BA 194 -10.68 27.43 50.98
CA GLY BA 194 -9.85 27.74 52.09
C GLY BA 194 -9.04 26.53 52.39
N ASP BA 195 -8.10 26.17 51.49
CA ASP BA 195 -7.15 25.16 51.85
C ASP BA 195 -5.87 25.86 52.08
N ALA BA 196 -5.11 25.45 53.11
CA ALA BA 196 -3.83 26.05 53.27
C ALA BA 196 -3.01 25.53 52.15
N VAL BA 197 -2.32 26.42 51.42
CA VAL BA 197 -1.49 25.85 50.42
C VAL BA 197 -0.31 26.72 50.22
N SER BA 198 0.51 26.34 49.22
CA SER BA 198 1.74 27.03 49.02
C SER BA 198 2.05 26.98 47.56
N ILE BA 199 3.04 27.77 47.10
CA ILE BA 199 3.46 27.65 45.73
C ILE BA 199 4.90 27.32 45.74
N PHE BA 200 5.31 26.33 44.94
CA PHE BA 200 6.70 26.24 44.63
C PHE BA 200 6.95 27.25 43.55
N VAL BA 201 7.02 28.55 43.90
CA VAL BA 201 7.38 29.51 42.90
C VAL BA 201 8.70 29.09 42.39
N ALA BA 202 8.73 28.59 41.15
CA ALA BA 202 9.91 27.97 40.64
C ALA BA 202 10.75 29.01 40.00
N ARG BA 203 11.07 30.10 40.74
CA ARG BA 203 11.97 31.05 40.16
C ARG BA 203 12.37 32.10 41.14
N ASP BA 204 12.73 33.28 40.59
CA ASP BA 204 13.37 34.34 41.33
C ASP BA 204 12.65 35.60 41.07
N LEU BA 205 12.41 36.33 42.16
CA LEU BA 205 11.73 37.56 42.08
C LEU BA 205 12.74 38.62 42.39
N ASP BA 206 12.72 39.72 41.62
CA ASP BA 206 13.48 40.85 42.03
C ASP BA 206 12.53 41.79 42.65
N PHE BA 207 12.77 42.14 43.93
CA PHE BA 207 12.23 43.39 44.35
C PHE BA 207 13.41 44.24 44.68
N SER BA 208 14.47 44.23 43.84
CA SER BA 208 15.52 45.18 44.12
C SER BA 208 15.27 46.36 43.28
N GLY BA 209 14.01 46.63 42.93
CA GLY BA 209 13.69 47.82 42.23
C GLY BA 209 12.48 48.40 42.90
N VAL BA 210 12.07 47.81 44.05
CA VAL BA 210 11.24 48.43 45.06
C VAL BA 210 12.19 48.43 46.24
N TYR BA 211 11.73 48.28 47.51
CA TYR BA 211 12.46 47.92 48.71
C TYR BA 211 13.93 48.17 48.70
N THR BA 212 14.45 49.00 49.62
CA THR BA 212 15.88 49.08 49.87
C THR BA 212 16.05 49.50 51.32
N LEU BA 213 17.12 50.21 51.77
CA LEU BA 213 17.15 50.30 53.22
C LEU BA 213 16.45 51.55 53.70
N ALA BA 214 16.16 51.62 55.03
CA ALA BA 214 17.18 51.55 56.04
C ALA BA 214 16.64 51.84 57.46
N ASP BA 215 17.34 52.71 58.24
CA ASP BA 215 17.03 52.80 59.66
C ASP BA 215 16.18 54.03 59.94
N ASN BA 216 15.94 54.40 61.24
CA ASN BA 216 15.43 53.42 62.16
C ASN BA 216 13.95 53.22 61.86
N ALA CA 1 22.98 55.52 50.05
CA ALA CA 1 24.37 55.56 49.50
C ALA CA 1 25.02 54.24 49.70
N ALA CA 2 26.29 54.11 49.25
CA ALA CA 2 26.98 52.87 49.39
C ALA CA 2 27.25 52.67 50.85
N ASP CA 3 27.61 53.75 51.56
CA ASP CA 3 28.01 53.61 52.94
C ASP CA 3 26.81 53.75 53.80
N LYS CA 4 25.74 54.38 53.27
CA LYS CA 4 24.52 54.56 53.99
C LYS CA 4 23.90 53.21 54.16
N LYS CA 5 23.97 52.38 53.11
CA LYS CA 5 23.31 51.10 53.13
C LYS CA 5 23.98 50.30 54.22
N ARG CA 6 25.31 50.22 54.13
CA ARG CA 6 26.12 49.31 54.88
C ARG CA 6 25.73 49.37 56.32
N ILE CA 7 26.05 50.50 56.98
CA ILE CA 7 25.71 50.82 58.33
C ILE CA 7 24.35 50.27 58.65
N THR CA 8 23.37 50.51 57.75
CA THR CA 8 22.02 50.11 58.03
C THR CA 8 21.93 48.62 58.09
N GLN CA 9 22.53 47.93 57.10
CA GLN CA 9 22.39 46.52 56.97
C GLN CA 9 22.86 45.86 58.22
N LYS CA 10 23.97 46.36 58.81
CA LYS CA 10 24.42 45.79 60.06
C LYS CA 10 23.33 45.96 61.05
N LEU CA 11 22.67 47.13 61.03
CA LEU CA 11 21.63 47.43 61.97
C LEU CA 11 20.61 46.35 61.86
N LYS CA 12 20.51 45.72 60.67
CA LYS CA 12 19.40 44.87 60.32
C LYS CA 12 19.69 43.48 60.75
N GLN CA 13 20.99 43.13 60.84
CA GLN CA 13 21.35 41.83 61.30
C GLN CA 13 20.82 41.67 62.67
N THR CA 14 20.92 42.72 63.50
CA THR CA 14 20.60 42.48 64.86
C THR CA 14 19.20 42.94 65.13
N ALA CA 15 18.24 41.99 65.16
CA ALA CA 15 16.90 42.42 65.45
C ALA CA 15 16.20 41.25 66.01
N PHE CA 16 16.96 40.20 66.35
CA PHE CA 16 16.42 39.09 67.06
C PHE CA 16 16.19 39.55 68.45
N ALA CA 17 15.17 40.43 68.62
CA ALA CA 17 15.01 41.16 69.85
C ALA CA 17 13.55 41.24 70.14
N GLY CA 18 13.13 42.39 70.70
CA GLY CA 18 11.83 42.46 71.29
C GLY CA 18 11.92 41.69 72.57
N ALA CA 19 10.79 41.48 73.24
CA ALA CA 19 10.82 40.69 74.43
C ALA CA 19 10.67 39.26 74.04
N LYS CA 20 11.74 38.48 74.25
CA LYS CA 20 11.65 37.12 73.82
C LYS CA 20 10.75 36.38 74.73
N ASN CA 21 10.43 35.15 74.27
CA ASN CA 21 9.84 34.09 74.99
C ASN CA 21 11.04 33.30 75.40
N TYR CA 22 11.24 32.98 76.67
CA TYR CA 22 12.51 32.35 76.89
C TYR CA 22 12.32 30.87 76.82
N GLN CA 23 11.17 30.36 77.31
CA GLN CA 23 11.00 28.96 77.42
C GLN CA 23 10.56 28.40 76.11
N TYR CA 24 11.40 27.56 75.50
CA TYR CA 24 10.90 26.58 74.59
C TYR CA 24 10.99 25.29 75.35
N VAL CA 25 9.95 24.43 75.26
CA VAL CA 25 10.11 23.10 75.77
C VAL CA 25 10.28 22.25 74.57
N MET CA 26 10.93 21.09 74.71
CA MET CA 26 11.06 20.23 73.57
C MET CA 26 10.44 18.92 73.93
N SER CA 27 10.65 17.89 73.09
CA SER CA 27 10.26 16.57 73.45
C SER CA 27 11.39 16.04 74.27
N GLU CA 28 11.66 14.73 74.15
CA GLU CA 28 12.87 14.19 74.69
C GLU CA 28 12.84 12.75 74.35
N GLN CA 29 13.71 12.33 73.42
CA GLN CA 29 13.88 10.93 73.20
C GLN CA 29 15.35 10.69 73.27
N PRO CA 30 15.72 9.49 73.60
CA PRO CA 30 17.08 9.19 73.86
C PRO CA 30 17.84 9.35 72.58
N GLU CA 31 17.14 9.35 71.44
CA GLU CA 31 17.79 9.50 70.18
C GLU CA 31 17.81 10.97 69.89
N MET CA 32 16.66 11.63 70.12
CA MET CA 32 16.57 13.05 69.91
C MET CA 32 17.67 13.69 70.68
N ARG CA 33 17.53 13.71 72.03
CA ARG CA 33 18.35 14.37 73.03
C ARG CA 33 19.71 14.68 72.50
N SER CA 34 20.37 13.62 71.98
CA SER CA 34 21.70 13.69 71.46
C SER CA 34 21.85 14.89 70.59
N ILE CA 35 21.24 14.86 69.40
CA ILE CA 35 21.55 15.86 68.43
C ILE CA 35 20.65 17.04 68.64
N GLN CA 36 20.46 17.45 69.90
CA GLN CA 36 19.60 18.57 70.16
C GLN CA 36 20.37 19.82 69.92
N PRO CA 37 19.61 20.88 69.96
CA PRO CA 37 20.10 22.22 69.77
C PRO CA 37 21.03 22.68 70.84
N VAL CA 38 21.51 23.94 70.73
CA VAL CA 38 22.08 24.63 71.84
C VAL CA 38 20.96 25.46 72.41
N HIS CA 39 20.72 26.64 71.79
CA HIS CA 39 19.67 27.49 72.26
C HIS CA 39 18.65 27.61 71.19
N VAL CA 40 17.35 27.64 71.60
CA VAL CA 40 16.28 27.82 70.67
C VAL CA 40 15.40 28.87 71.26
N TRP CA 41 15.17 29.98 70.54
CA TRP CA 41 14.33 30.94 71.18
C TRP CA 41 13.52 31.68 70.16
N ASP CA 42 12.62 32.55 70.64
CA ASP CA 42 11.79 33.29 69.71
C ASP CA 42 11.45 34.59 70.34
N ASN CA 43 11.03 35.55 69.50
CA ASN CA 43 10.38 36.75 69.94
C ASN CA 43 9.11 36.80 69.15
N TYR CA 44 9.17 36.14 67.98
CA TYR CA 44 8.15 36.21 66.99
C TYR CA 44 7.95 34.79 66.54
N ARG CA 45 7.74 34.63 65.22
CA ARG CA 45 7.79 33.35 64.56
C ARG CA 45 9.17 33.28 64.03
N PHE CA 46 9.79 34.48 63.89
CA PHE CA 46 11.17 34.59 63.58
C PHE CA 46 11.90 33.93 64.70
N THR CA 47 12.21 32.64 64.52
CA THR CA 47 12.64 31.82 65.61
C THR CA 47 14.03 31.36 65.31
N ARG CA 48 14.91 31.32 66.33
CA ARG CA 48 16.22 30.82 66.05
C ARG CA 48 16.45 29.55 66.80
N PHE CA 49 17.12 28.60 66.13
CA PHE CA 49 17.48 27.32 66.67
C PHE CA 49 18.95 27.20 66.44
N GLU CA 50 19.80 27.50 67.46
CA GLU CA 50 21.21 27.42 67.23
C GLU CA 50 21.60 26.00 67.31
N PHE CA 51 22.76 25.68 66.66
CA PHE CA 51 23.24 24.33 66.67
C PHE CA 51 24.68 24.38 67.04
N PRO CA 52 25.09 23.29 67.63
CA PRO CA 52 26.48 23.05 67.89
C PRO CA 52 27.10 22.53 66.63
N ALA CA 53 28.45 22.53 66.59
CA ALA CA 53 29.16 21.97 65.50
C ALA CA 53 28.62 20.58 65.28
N ASN CA 54 28.73 19.77 66.35
CA ASN CA 54 28.51 18.37 66.33
C ASN CA 54 27.08 18.14 66.70
N ALA CA 55 26.13 18.77 65.99
CA ALA CA 55 24.76 18.39 66.13
C ALA CA 55 24.17 18.40 64.75
N GLU CA 56 23.43 17.34 64.39
CA GLU CA 56 23.14 17.13 63.00
C GLU CA 56 22.30 18.24 62.49
N LEU CA 57 21.93 18.16 61.20
CA LEU CA 57 20.99 19.11 60.70
C LEU CA 57 19.71 18.40 60.44
N PRO CA 58 18.87 18.59 61.40
CA PRO CA 58 17.49 18.22 61.34
C PRO CA 58 16.85 18.84 60.15
N GLN CA 59 15.58 18.51 59.90
CA GLN CA 59 14.77 19.36 59.07
C GLN CA 59 13.54 19.61 59.89
N VAL CA 60 13.18 20.89 60.06
CA VAL CA 60 12.12 21.20 60.99
C VAL CA 60 11.00 21.77 60.20
N TYR CA 61 9.77 21.71 60.74
CA TYR CA 61 8.63 22.25 60.07
C TYR CA 61 7.81 22.94 61.11
N MET CA 62 6.71 23.60 60.67
CA MET CA 62 5.89 24.35 61.58
C MET CA 62 4.58 23.64 61.66
N ILE CA 63 3.87 23.81 62.79
CA ILE CA 63 2.53 23.32 62.88
C ILE CA 63 1.64 24.52 62.82
N SER CA 64 0.99 24.73 61.66
CA SER CA 64 0.13 25.86 61.59
C SER CA 64 -1.02 25.56 62.49
N ALA CA 65 -1.91 26.57 62.65
CA ALA CA 65 -3.02 26.46 63.53
C ALA CA 65 -3.91 25.38 63.01
N SER CA 66 -3.78 25.03 61.73
CA SER CA 66 -4.65 24.02 61.22
C SER CA 66 -4.37 22.77 61.98
N GLY CA 67 -3.14 22.65 62.54
CA GLY CA 67 -2.84 21.52 63.37
C GLY CA 67 -2.14 20.53 62.51
N LYS CA 68 -2.55 20.45 61.23
CA LYS CA 68 -1.87 19.66 60.25
C LYS CA 68 -0.53 20.31 60.08
N GLU CA 69 0.39 19.63 59.38
CA GLU CA 69 1.72 20.16 59.36
C GLU CA 69 1.87 21.03 58.16
N THR CA 70 3.01 21.72 58.08
CA THR CA 70 3.31 22.54 56.95
C THR CA 70 4.79 22.63 56.91
N LEU CA 71 5.37 23.15 55.82
CA LEU CA 71 6.78 23.37 55.91
C LEU CA 71 7.01 24.84 55.86
N PRO CA 72 7.89 25.24 56.74
CA PRO CA 72 8.19 26.62 56.97
C PRO CA 72 9.10 27.04 55.86
N ASN CA 73 9.17 28.35 55.58
CA ASN CA 73 10.22 28.83 54.75
C ASN CA 73 11.29 29.25 55.69
N SER CA 74 12.40 28.48 55.70
CA SER CA 74 13.36 28.78 56.71
C SER CA 74 14.62 29.16 56.05
N HIS CA 75 15.61 29.50 56.89
CA HIS CA 75 16.94 29.71 56.43
C HIS CA 75 17.77 29.51 57.65
N VAL CA 76 19.09 29.33 57.48
CA VAL CA 76 19.86 29.33 58.67
C VAL CA 76 20.66 30.57 58.61
N VAL CA 77 21.15 31.07 59.76
CA VAL CA 77 21.91 32.27 59.67
C VAL CA 77 22.91 32.23 60.76
N GLY CA 78 23.89 33.15 60.71
CA GLY CA 78 24.79 33.24 61.81
C GLY CA 78 26.18 33.19 61.26
N GLU CA 79 27.09 33.86 61.97
CA GLU CA 79 28.50 33.60 61.78
C GLU CA 79 28.65 32.15 62.11
N ASN CA 80 28.13 31.79 63.30
CA ASN CA 80 27.94 30.43 63.68
C ASN CA 80 27.26 29.78 62.51
N ARG CA 81 26.18 30.43 62.01
CA ARG CA 81 25.57 30.00 60.76
C ARG CA 81 24.78 28.76 61.03
N ASN CA 82 24.94 28.21 62.24
CA ASN CA 82 24.33 26.97 62.60
C ASN CA 82 22.86 27.19 62.81
N ILE CA 83 22.50 28.34 63.38
CA ILE CA 83 21.14 28.55 63.77
C ILE CA 83 20.27 28.57 62.54
N ILE CA 84 19.00 28.16 62.71
CA ILE CA 84 18.05 28.19 61.63
C ILE CA 84 17.02 29.21 62.00
N GLU CA 85 16.93 30.31 61.23
CA GLU CA 85 15.91 31.29 61.46
C GLU CA 85 14.78 30.93 60.55
N VAL CA 86 13.57 30.79 61.13
CA VAL CA 86 12.43 30.37 60.36
C VAL CA 86 11.49 31.54 60.34
N GLU CA 87 10.79 31.77 59.22
CA GLU CA 87 9.98 32.94 59.17
C GLU CA 87 8.57 32.55 58.78
N THR CA 88 7.93 31.70 59.64
CA THR CA 88 6.55 31.31 59.47
C THR CA 88 5.96 31.09 60.84
N VAL CA 89 4.65 31.40 60.99
CA VAL CA 89 3.89 31.24 62.21
C VAL CA 89 3.89 29.79 62.62
N ALA CA 90 3.81 29.53 63.94
CA ALA CA 90 3.49 28.24 64.48
C ALA CA 90 3.96 28.20 65.90
N LYS CA 91 3.19 27.53 66.78
CA LYS CA 91 3.63 27.40 68.14
C LYS CA 91 4.64 26.30 68.14
N GLU CA 92 4.18 25.07 67.84
CA GLU CA 92 5.06 23.95 67.87
C GLU CA 92 5.97 24.01 66.70
N TRP CA 93 6.82 22.98 66.60
CA TRP CA 93 7.68 22.83 65.48
C TRP CA 93 8.09 21.41 65.49
N ARG CA 94 8.06 20.75 64.32
CA ARG CA 94 8.62 19.44 64.33
C ARG CA 94 10.04 19.59 63.94
N ILE CA 95 10.81 18.49 64.03
CA ILE CA 95 12.21 18.59 63.74
C ILE CA 95 12.66 17.24 63.31
N ARG CA 96 12.02 16.74 62.23
CA ARG CA 96 12.20 15.42 61.69
C ARG CA 96 13.60 15.32 61.17
N LEU CA 97 13.97 14.11 60.70
CA LEU CA 97 15.25 13.88 60.12
C LEU CA 97 15.38 12.40 59.94
N GLY CA 98 14.65 11.83 58.95
CA GLY CA 98 14.65 10.41 58.79
C GLY CA 98 13.74 9.88 59.86
N ASP CA 99 14.12 8.74 60.46
CA ASP CA 99 13.37 8.10 61.50
C ASP CA 99 13.01 9.12 62.52
N LYS CA 100 14.07 9.64 63.16
CA LYS CA 100 14.01 10.52 64.29
C LYS CA 100 13.01 11.62 64.04
N VAL CA 101 12.39 12.16 65.11
CA VAL CA 101 11.46 13.27 64.94
C VAL CA 101 11.21 13.98 66.26
N VAL CA 102 11.93 15.11 66.50
CA VAL CA 102 11.76 15.92 67.68
C VAL CA 102 10.56 16.77 67.48
N GLY CA 103 10.37 17.83 68.29
CA GLY CA 103 9.25 18.68 68.05
C GLY CA 103 9.18 19.72 69.11
N VAL CA 104 10.16 20.65 69.11
CA VAL CA 104 10.19 21.69 70.09
C VAL CA 104 8.88 22.38 70.07
N ARG CA 105 8.42 22.74 71.28
CA ARG CA 105 7.21 23.47 71.40
C ARG CA 105 7.62 24.87 71.70
N ASN CA 106 6.97 25.86 71.07
CA ASN CA 106 7.22 27.19 71.50
C ASN CA 106 6.22 27.40 72.58
N ASN CA 107 6.43 28.38 73.49
CA ASN CA 107 5.43 28.48 74.51
C ASN CA 107 5.20 29.90 74.83
N ASN CA 108 4.37 30.57 74.01
CA ASN CA 108 3.88 31.85 74.44
C ASN CA 108 2.57 32.07 73.76
N PHE CA 109 1.72 32.87 74.40
CA PHE CA 109 0.52 33.33 73.77
C PHE CA 109 0.22 34.63 74.44
N ALA CA 110 0.55 35.75 73.76
CA ALA CA 110 -0.09 36.97 74.11
C ALA CA 110 -1.16 37.13 73.09
N PRO CA 111 -2.35 36.68 73.35
CA PRO CA 111 -3.20 36.43 72.23
C PRO CA 111 -3.84 37.74 71.89
N GLY CA 112 -4.36 37.89 70.66
CA GLY CA 112 -5.19 39.00 70.34
C GLY CA 112 -4.36 40.25 70.26
N ARG CA 113 -3.06 40.16 70.58
CA ARG CA 113 -2.24 41.33 70.42
C ARG CA 113 -0.94 40.89 69.85
N GLY CA 114 -0.20 41.83 69.24
CA GLY CA 114 1.13 41.55 68.78
C GLY CA 114 1.34 42.31 67.51
N ALA CA 115 0.30 42.33 66.67
CA ALA CA 115 0.42 42.84 65.33
C ALA CA 115 0.83 44.26 65.40
N VAL CA 116 1.72 44.67 64.49
CA VAL CA 116 1.97 46.05 64.23
C VAL CA 116 2.32 46.11 62.78
N ALA CA 117 3.17 47.07 62.38
CA ALA CA 117 3.63 47.04 61.03
C ALA CA 117 5.12 47.19 61.10
N THR CA 118 5.83 46.06 60.92
CA THR CA 118 7.26 46.07 60.91
C THR CA 118 7.68 47.06 59.89
N GLY CA 119 7.41 46.75 58.61
CA GLY CA 119 7.69 47.74 57.61
C GLY CA 119 8.89 47.29 56.86
N THR CA 120 9.47 46.18 57.32
CA THR CA 120 10.28 45.35 56.49
C THR CA 120 10.01 43.99 56.99
N ALA CA 121 10.98 43.09 56.83
CA ALA CA 121 11.03 41.90 57.61
C ALA CA 121 11.29 42.35 59.01
N SER CA 122 12.58 42.63 59.29
CA SER CA 122 12.99 43.04 60.60
C SER CA 122 12.80 44.52 60.67
N PRO CA 123 12.47 45.02 61.83
CA PRO CA 123 11.95 46.36 61.99
C PRO CA 123 13.04 47.36 61.94
N ASP CA 124 14.30 46.90 61.87
CA ASP CA 124 15.45 47.75 61.94
C ASP CA 124 15.37 48.59 60.74
N VAL CA 125 15.21 47.90 59.61
CA VAL CA 125 15.38 48.59 58.40
C VAL CA 125 14.01 48.76 57.84
N ARG CA 126 13.88 49.24 56.61
CA ARG CA 126 12.60 49.76 56.28
C ARG CA 126 12.46 49.76 54.81
N ARG CA 127 11.26 50.10 54.32
CA ARG CA 127 11.00 50.02 52.94
C ARG CA 127 10.57 51.35 52.48
N VAL CA 128 11.33 51.93 51.54
CA VAL CA 128 11.09 53.29 51.19
C VAL CA 128 10.98 53.40 49.69
N GLN CA 129 10.04 52.63 49.10
CA GLN CA 129 9.79 52.27 47.71
C GLN CA 129 10.56 53.05 46.64
N ILE CA 130 10.99 52.34 45.54
CA ILE CA 130 11.83 52.93 44.53
C ILE CA 130 11.15 53.02 43.17
N CYS DA 15 -11.43 0.34 50.26
CA CYS DA 15 -11.11 1.30 49.18
C CYS DA 15 -9.66 1.64 49.23
N SER DA 16 -9.35 2.95 49.15
CA SER DA 16 -7.97 3.32 49.14
C SER DA 16 -7.52 3.46 50.56
N SER DA 17 -6.26 3.88 50.72
CA SER DA 17 -5.72 4.15 52.00
C SER DA 17 -5.54 5.63 52.06
N GLY DA 18 -5.11 6.17 53.22
CA GLY DA 18 -4.93 7.59 53.28
C GLY DA 18 -3.47 7.78 53.53
N HIS DA 19 -3.11 8.89 54.18
CA HIS DA 19 -1.76 9.14 54.59
C HIS DA 19 -1.69 8.61 55.98
N LYS DA 20 -0.47 8.30 56.47
CA LYS DA 20 -0.41 7.86 57.84
C LYS DA 20 -0.13 9.05 58.68
N PRO DA 21 -0.87 9.22 59.74
CA PRO DA 21 -0.68 10.37 60.57
C PRO DA 21 0.71 10.34 61.08
N PRO DA 22 1.18 11.49 61.47
CA PRO DA 22 2.59 11.74 61.48
C PRO DA 22 3.20 11.05 62.65
N PRO DA 23 4.47 10.75 62.59
CA PRO DA 23 5.21 10.25 63.71
C PRO DA 23 5.11 11.29 64.78
N GLU DA 24 4.68 10.90 65.99
CA GLU DA 24 4.35 11.89 66.95
C GLU DA 24 5.35 11.85 68.04
N PRO DA 25 5.88 13.00 68.34
CA PRO DA 25 6.97 13.11 69.26
C PRO DA 25 6.53 12.85 70.66
N ASP DA 26 7.51 12.65 71.57
CA ASP DA 26 7.23 12.43 72.96
C ASP DA 26 6.44 13.60 73.44
N TRP DA 27 5.24 13.33 74.01
CA TRP DA 27 4.42 14.33 74.59
C TRP DA 27 4.51 14.14 76.06
N SER DA 28 4.74 12.87 76.44
CA SER DA 28 4.83 12.51 77.81
C SER DA 28 6.04 13.18 78.35
N ASN DA 29 7.25 12.64 78.07
CA ASN DA 29 8.42 13.25 78.64
C ASN DA 29 8.53 14.64 78.11
N THR DA 30 8.80 15.62 78.99
CA THR DA 30 9.02 16.93 78.43
C THR DA 30 9.98 17.70 79.26
N VAL DA 31 11.20 17.87 78.70
CA VAL DA 31 12.29 18.57 79.28
C VAL DA 31 12.47 19.82 78.48
N PRO DA 32 12.91 20.87 79.13
CA PRO DA 32 13.13 22.14 78.49
C PRO DA 32 14.17 22.04 77.43
N VAL DA 33 14.12 22.95 76.43
CA VAL DA 33 15.06 22.96 75.34
C VAL DA 33 16.33 23.55 75.87
N ASN DA 34 16.32 24.89 76.00
CA ASN DA 34 17.48 25.71 76.15
C ASN DA 34 18.37 25.15 77.21
N LYS DA 35 19.67 25.48 77.08
CA LYS DA 35 20.70 25.06 77.98
C LYS DA 35 21.11 26.25 78.78
N THR DA 36 22.21 26.91 78.38
CA THR DA 36 22.46 28.22 78.92
C THR DA 36 21.44 29.13 78.32
N ILE DA 37 21.66 30.45 78.49
CA ILE DA 37 20.70 31.36 77.98
C ILE DA 37 21.27 31.99 76.76
N PRO DA 38 20.36 32.20 75.85
CA PRO DA 38 20.70 32.48 74.47
C PRO DA 38 21.30 33.84 74.37
N VAL DA 39 22.27 34.00 73.45
CA VAL DA 39 22.67 35.32 73.10
C VAL DA 39 22.42 35.46 71.64
N ASP DA 40 22.68 36.65 71.08
CA ASP DA 40 22.57 36.72 69.66
C ASP DA 40 23.87 36.30 69.09
N THR DA 41 23.82 35.50 68.02
CA THR DA 41 25.05 35.20 67.37
C THR DA 41 25.23 36.31 66.40
N GLN DA 42 24.69 36.09 65.19
CA GLN DA 42 24.52 37.11 64.22
C GLN DA 42 23.94 38.33 64.95
N GLY DA 43 24.68 39.33 65.15
N GLU EA 1 35.15 1.36 2.72
CA GLU EA 1 34.08 0.44 2.24
C GLU EA 1 34.58 -0.95 2.39
N THR EA 2 35.51 -1.11 3.36
CA THR EA 2 35.98 -2.39 3.79
C THR EA 2 34.86 -3.01 4.54
N SER EA 3 35.11 -4.07 5.32
CA SER EA 3 33.99 -4.56 6.07
C SER EA 3 33.81 -3.62 7.21
N GLU EA 4 32.62 -3.66 7.83
CA GLU EA 4 32.28 -2.77 8.93
C GLU EA 4 32.61 -3.49 10.17
N GLY EA 5 32.04 -4.70 10.32
CA GLY EA 5 32.26 -5.51 11.47
C GLY EA 5 33.61 -6.09 11.33
N SER EA 6 34.28 -5.81 10.20
CA SER EA 6 35.69 -6.03 10.17
C SER EA 6 36.27 -5.02 11.08
N SER EA 7 35.86 -3.76 10.86
CA SER EA 7 36.35 -2.67 11.62
C SER EA 7 36.15 -2.94 13.08
N ALA EA 8 34.89 -3.21 13.49
CA ALA EA 8 34.51 -3.22 14.87
C ALA EA 8 35.41 -4.15 15.63
N LEU EA 9 35.50 -5.43 15.20
CA LEU EA 9 36.34 -6.41 15.82
C LEU EA 9 37.70 -5.82 15.98
N ALA EA 10 38.25 -5.33 14.86
CA ALA EA 10 39.55 -4.72 14.78
C ALA EA 10 39.68 -3.70 15.87
N LYS EA 11 38.56 -3.09 16.27
CA LYS EA 11 38.57 -1.97 17.18
C LYS EA 11 38.87 -2.52 18.52
N ASN EA 12 38.30 -3.69 18.80
CA ASN EA 12 38.25 -4.23 20.12
C ASN EA 12 39.31 -5.27 20.29
N LEU EA 13 40.23 -5.47 19.31
CA LEU EA 13 41.26 -6.45 19.52
C LEU EA 13 42.35 -5.87 20.37
N THR EA 14 42.99 -4.78 19.91
CA THR EA 14 44.00 -4.17 20.71
C THR EA 14 43.26 -3.19 21.62
N PRO EA 15 43.08 -3.46 22.92
CA PRO EA 15 41.94 -2.89 23.60
C PRO EA 15 42.47 -1.95 24.62
N ALA EA 16 42.21 -0.65 24.47
CA ALA EA 16 41.44 -0.17 23.37
C ALA EA 16 42.41 0.62 22.58
N ARG EA 17 42.11 1.08 21.36
CA ARG EA 17 42.95 2.18 20.99
C ARG EA 17 42.07 3.39 21.00
N LEU EA 18 41.15 3.39 21.97
CA LEU EA 18 40.78 4.53 22.75
C LEU EA 18 41.89 5.57 22.69
N LYS EA 19 41.51 6.88 22.62
CA LYS EA 19 42.44 7.98 22.47
C LYS EA 19 43.03 8.35 23.80
N ALA EA 20 44.36 8.62 23.85
CA ALA EA 20 45.05 8.95 25.06
C ALA EA 20 44.33 10.04 25.79
N SER EA 21 44.38 9.97 27.14
CA SER EA 21 43.68 10.87 27.99
C SER EA 21 44.69 11.84 28.55
N ARG EA 22 44.39 13.16 28.49
CA ARG EA 22 45.35 14.13 28.92
C ARG EA 22 45.31 14.13 30.41
N ALA EA 23 46.35 13.55 31.03
CA ALA EA 23 46.31 13.49 32.46
C ALA EA 23 46.84 14.79 32.95
N GLY EA 24 45.99 15.83 32.94
CA GLY EA 24 46.45 17.17 33.18
C GLY EA 24 45.90 17.64 34.49
N VAL EA 25 46.63 18.56 35.15
CA VAL EA 25 46.27 18.83 36.49
C VAL EA 25 45.28 19.94 36.54
N MET EA 26 44.20 19.67 37.30
CA MET EA 26 43.43 20.74 37.83
C MET EA 26 44.41 21.54 38.62
N ALA EA 27 44.51 22.83 38.27
CA ALA EA 27 45.42 23.70 38.93
C ALA EA 27 45.14 23.64 40.39
N ASN EA 28 44.09 24.33 40.86
CA ASN EA 28 43.86 24.36 42.27
C ASN EA 28 42.55 23.71 42.60
N PRO EA 29 42.55 23.31 43.85
CA PRO EA 29 41.41 22.83 44.57
C PRO EA 29 40.56 24.03 44.85
N SER EA 30 41.19 25.21 44.95
CA SER EA 30 40.38 26.35 45.18
C SER EA 30 40.14 26.96 43.87
N LEU EA 31 40.58 26.24 42.80
CA LEU EA 31 40.21 26.52 41.44
C LEU EA 31 39.13 25.58 41.11
N THR EA 32 39.11 24.41 41.76
CA THR EA 32 38.07 23.51 41.34
C THR EA 32 37.66 22.66 42.48
N VAL EA 33 36.35 22.57 42.70
CA VAL EA 33 35.79 21.60 43.60
C VAL EA 33 35.35 20.48 42.73
N PRO EA 34 35.97 19.33 42.85
CA PRO EA 34 35.69 18.22 41.99
C PRO EA 34 34.41 17.61 42.45
N LYS EA 35 33.69 16.94 41.55
CA LYS EA 35 32.63 16.07 41.96
C LYS EA 35 33.28 14.84 42.46
N GLY EA 36 32.54 13.72 42.39
CA GLY EA 36 32.94 12.56 43.15
C GLY EA 36 32.61 12.92 44.55
N LYS EA 37 31.78 13.96 44.66
CA LYS EA 37 31.47 14.60 45.89
C LYS EA 37 30.06 14.25 46.16
N MET EA 38 29.63 14.48 47.41
CA MET EA 38 28.25 14.36 47.70
C MET EA 38 27.86 15.72 48.17
N ILE EA 39 26.67 16.19 47.78
CA ILE EA 39 26.20 17.41 48.38
C ILE EA 39 25.18 16.96 49.37
N PRO EA 40 25.59 16.83 50.59
CA PRO EA 40 24.85 16.10 51.59
C PRO EA 40 23.76 16.98 52.09
N CYS EA 41 22.64 17.11 51.37
CA CYS EA 41 21.73 18.14 51.77
C CYS EA 41 20.74 17.58 52.74
N GLY EA 42 19.58 18.26 52.84
CA GLY EA 42 18.56 17.86 53.77
C GLY EA 42 17.25 18.32 53.21
N THR EA 43 16.37 17.35 52.91
CA THR EA 43 15.19 17.71 52.19
C THR EA 43 14.20 18.24 53.18
N GLY EA 44 13.42 19.25 52.71
CA GLY EA 44 12.57 19.97 53.61
C GLY EA 44 11.21 20.05 53.00
N THR EA 45 10.84 19.09 52.15
CA THR EA 45 9.46 19.04 51.79
C THR EA 45 9.07 17.61 51.72
N GLU EA 46 7.75 17.37 51.67
CA GLU EA 46 7.28 16.05 51.37
C GLU EA 46 7.61 15.86 49.91
N LEU EA 47 7.68 14.60 49.47
CA LEU EA 47 8.07 14.31 48.12
C LEU EA 47 7.17 13.24 47.63
N ASP EA 48 6.75 13.36 46.36
CA ASP EA 48 5.77 12.46 45.86
C ASP EA 48 5.85 12.54 44.40
N THR EA 49 6.56 11.58 43.77
CA THR EA 49 6.71 11.67 42.35
C THR EA 49 5.44 11.16 41.76
N THR EA 50 4.47 10.83 42.64
CA THR EA 50 3.07 11.00 42.41
C THR EA 50 2.92 12.20 41.51
N VAL EA 51 3.23 13.40 42.04
CA VAL EA 51 2.99 14.54 41.21
C VAL EA 51 4.29 15.15 40.82
N PRO EA 52 4.49 15.31 39.53
CA PRO EA 52 5.66 15.94 38.99
C PRO EA 52 5.81 17.28 39.63
N GLY EA 53 6.99 17.91 39.52
CA GLY EA 53 7.09 19.12 40.26
C GLY EA 53 8.11 18.91 41.32
N GLN EA 54 8.30 19.95 42.14
CA GLN EA 54 9.58 20.23 42.71
C GLN EA 54 9.68 19.70 44.09
N VAL EA 55 10.92 19.34 44.49
CA VAL EA 55 11.25 19.12 45.86
C VAL EA 55 12.21 20.22 46.22
N SER EA 56 12.53 20.38 47.52
CA SER EA 56 13.54 21.34 47.86
C SER EA 56 14.34 20.77 48.98
N CYS EA 57 15.68 20.94 48.89
CA CYS EA 57 16.56 20.63 49.98
C CYS EA 57 17.39 21.85 50.21
N ARG EA 58 18.16 21.82 51.32
CA ARG EA 58 19.15 22.81 51.57
C ARG EA 58 20.35 22.06 52.06
N VAL EA 59 21.56 22.65 51.95
CA VAL EA 59 22.71 21.85 52.24
C VAL EA 59 22.65 21.44 53.66
N SER EA 60 23.37 20.37 54.02
CA SER EA 60 23.54 20.10 55.41
C SER EA 60 24.89 20.63 55.78
N GLN EA 61 25.88 19.74 55.97
CA GLN EA 61 27.20 20.17 56.32
C GLN EA 61 27.83 20.78 55.10
N ASP EA 62 29.16 20.92 55.11
CA ASP EA 62 29.83 21.76 54.14
C ASP EA 62 30.26 20.94 52.96
N VAL EA 63 30.50 21.64 51.84
CA VAL EA 63 31.10 21.05 50.67
C VAL EA 63 32.51 21.59 50.63
N TYR EA 64 33.45 20.84 49.99
CA TYR EA 64 34.84 21.19 50.07
C TYR EA 64 35.41 21.27 48.69
N SER EA 65 36.75 21.10 48.58
CA SER EA 65 37.46 21.34 47.35
C SER EA 65 38.09 20.06 46.88
N ALA EA 66 39.16 20.19 46.05
CA ALA EA 66 39.74 19.04 45.44
C ALA EA 66 40.58 18.36 46.46
N ASP EA 67 41.69 19.01 46.85
CA ASP EA 67 42.51 18.50 47.91
C ASP EA 67 41.61 18.28 49.09
N GLY EA 68 40.69 19.25 49.32
CA GLY EA 68 39.71 19.09 50.36
C GLY EA 68 40.20 19.90 51.51
N LEU EA 69 41.08 20.88 51.22
CA LEU EA 69 41.70 21.63 52.26
C LEU EA 69 40.94 22.91 52.47
N VAL EA 70 40.19 23.39 51.47
CA VAL EA 70 39.46 24.59 51.74
C VAL EA 70 37.99 24.28 51.81
N ARG EA 71 37.25 25.08 52.59
CA ARG EA 71 35.83 24.92 52.73
C ARG EA 71 35.23 26.06 52.01
N LEU EA 72 34.78 25.83 50.76
CA LEU EA 72 34.25 26.93 50.03
C LEU EA 72 32.77 26.87 50.11
N ILE EA 73 32.19 25.80 49.55
CA ILE EA 73 30.76 25.74 49.62
C ILE EA 73 30.40 25.44 51.05
N ASP EA 74 29.58 26.32 51.67
CA ASP EA 74 29.22 26.13 53.05
C ASP EA 74 27.78 25.77 53.13
N LYS EA 75 27.25 25.68 54.35
CA LYS EA 75 25.92 25.18 54.57
C LYS EA 75 24.95 26.25 54.18
N GLY EA 76 23.66 25.97 54.47
CA GLY EA 76 22.62 26.91 54.23
C GLY EA 76 22.65 27.26 52.78
N SER EA 77 23.00 26.30 51.92
CA SER EA 77 22.84 26.57 50.53
C SER EA 77 21.63 25.82 50.08
N TRP EA 78 20.52 26.55 49.93
CA TRP EA 78 19.26 25.94 49.57
C TRP EA 78 19.35 25.49 48.15
N VAL EA 79 18.85 24.26 47.86
CA VAL EA 79 18.80 23.76 46.51
C VAL EA 79 17.34 23.55 46.19
N ASP EA 80 16.99 23.58 44.88
CA ASP EA 80 15.64 23.28 44.48
C ASP EA 80 15.75 22.44 43.25
N GLY EA 81 14.69 21.67 42.93
CA GLY EA 81 14.82 20.72 41.86
C GLY EA 81 13.46 20.37 41.32
N GLN EA 82 13.30 19.10 40.89
CA GLN EA 82 12.11 18.73 40.21
C GLN EA 82 12.14 17.24 39.92
N ILE EA 83 10.96 16.58 40.02
CA ILE EA 83 10.75 15.19 39.65
C ILE EA 83 9.83 15.23 38.47
N THR EA 84 10.36 14.99 37.25
CA THR EA 84 9.60 15.24 36.05
C THR EA 84 8.32 14.48 36.09
N GLY EA 85 8.31 13.30 36.74
CA GLY EA 85 7.06 12.61 36.79
C GLY EA 85 7.27 11.19 37.17
N GLY EA 86 6.14 10.51 37.47
CA GLY EA 86 6.10 9.33 38.30
C GLY EA 86 7.09 8.29 37.86
N ILE EA 87 7.58 7.53 38.85
CA ILE EA 87 8.48 6.43 38.68
C ILE EA 87 7.83 5.43 37.80
N LYS EA 88 8.51 4.29 37.60
CA LYS EA 88 7.86 3.23 36.90
C LYS EA 88 7.33 2.27 37.91
N ASP EA 89 7.25 0.98 37.52
CA ASP EA 89 6.48 0.00 38.23
C ASP EA 89 7.34 -0.57 39.30
N GLY EA 90 6.99 -0.27 40.56
CA GLY EA 90 7.65 -0.84 41.70
C GLY EA 90 9.07 -0.36 41.66
N GLN EA 91 9.32 0.79 41.01
CA GLN EA 91 10.68 1.23 40.95
C GLN EA 91 11.07 1.61 42.34
N ALA EA 92 12.31 1.24 42.70
CA ALA EA 92 12.80 1.30 44.05
C ALA EA 92 12.52 2.66 44.60
N ARG EA 93 12.61 3.68 43.73
CA ARG EA 93 12.77 4.99 44.25
C ARG EA 93 12.60 5.93 43.11
N VAL EA 94 12.17 7.16 43.42
CA VAL EA 94 12.13 8.16 42.41
C VAL EA 94 13.53 8.57 42.12
N PHE EA 95 13.66 9.35 41.04
CA PHE EA 95 14.82 9.99 40.54
C PHE EA 95 14.59 11.44 40.84
N VAL EA 96 15.67 12.23 40.99
CA VAL EA 96 15.50 13.58 41.45
C VAL EA 96 16.44 14.45 40.72
N LEU EA 97 16.00 15.66 40.37
CA LEU EA 97 16.90 16.47 39.64
C LEU EA 97 17.07 17.73 40.43
N TRP EA 98 18.19 17.82 41.18
CA TRP EA 98 18.45 19.06 41.86
C TRP EA 98 19.00 19.98 40.84
N GLU EA 99 18.32 21.12 40.66
CA GLU EA 99 18.83 22.05 39.72
C GLU EA 99 19.63 23.03 40.48
N ARG EA 100 19.01 24.16 40.86
CA ARG EA 100 19.93 25.17 41.26
C ARG EA 100 20.21 25.05 42.73
N ILE EA 101 21.51 25.07 43.08
CA ILE EA 101 21.94 25.16 44.44
C ILE EA 101 22.25 26.59 44.69
N ARG EA 102 21.46 27.27 45.54
CA ARG EA 102 21.71 28.64 45.86
C ARG EA 102 22.19 28.69 47.27
N ASN EA 103 22.96 29.75 47.61
CA ASN EA 103 23.53 29.95 48.90
C ASN EA 103 22.70 31.00 49.58
N ASP EA 104 22.89 31.21 50.90
CA ASP EA 104 21.91 31.88 51.70
C ASP EA 104 22.30 33.32 51.86
N GLN EA 105 23.29 33.56 52.76
CA GLN EA 105 23.68 34.88 53.12
C GLN EA 105 24.31 35.50 51.93
N ASP EA 106 25.43 34.89 51.51
CA ASP EA 106 26.25 35.30 50.41
C ASP EA 106 25.41 35.53 49.22
N GLY EA 107 25.20 34.45 48.45
CA GLY EA 107 24.53 34.48 47.19
C GLY EA 107 24.70 33.09 46.66
N THR EA 108 25.76 32.87 45.86
CA THR EA 108 26.25 31.58 45.50
C THR EA 108 25.11 30.73 45.04
N ILE EA 109 24.51 31.11 43.91
CA ILE EA 109 23.63 30.26 43.19
C ILE EA 109 24.49 29.44 42.30
N VAL EA 110 23.89 28.45 41.64
CA VAL EA 110 24.65 27.75 40.65
C VAL EA 110 23.74 26.71 40.09
N ASN EA 111 23.48 26.77 38.78
CA ASN EA 111 22.62 25.78 38.22
C ASN EA 111 23.43 24.53 38.16
N ILE EA 112 23.14 23.54 39.04
CA ILE EA 112 24.08 22.44 39.14
C ILE EA 112 23.64 21.31 38.25
N ASP EA 113 22.32 21.09 38.13
CA ASP EA 113 21.82 20.19 37.11
C ASP EA 113 22.33 18.81 37.39
N SER EA 114 22.29 18.38 38.67
CA SER EA 114 22.76 17.07 39.00
C SER EA 114 21.61 16.28 39.51
N ALA EA 115 21.77 14.94 39.59
CA ALA EA 115 20.71 14.22 40.21
C ALA EA 115 21.02 14.18 41.67
N GLY EA 116 20.00 13.83 42.48
CA GLY EA 116 20.23 13.64 43.89
C GLY EA 116 20.54 12.19 44.04
N THR EA 117 20.88 11.74 45.25
CA THR EA 117 21.20 10.35 45.39
C THR EA 117 20.64 9.93 46.69
N ASN EA 118 21.32 9.01 47.40
CA ASN EA 118 20.77 8.53 48.63
C ASN EA 118 21.79 8.75 49.69
N SER EA 119 21.44 8.41 50.94
CA SER EA 119 22.41 8.43 51.99
C SER EA 119 23.49 7.53 51.51
N LEU EA 120 23.09 6.33 51.05
CA LEU EA 120 23.96 5.31 50.55
C LEU EA 120 24.74 5.88 49.41
N GLY EA 121 24.12 6.81 48.66
CA GLY EA 121 24.84 7.46 47.60
C GLY EA 121 24.23 7.08 46.30
N SER EA 122 23.36 6.05 46.30
CA SER EA 122 22.86 5.58 45.05
C SER EA 122 21.89 6.59 44.52
N ALA EA 123 21.79 6.67 43.17
CA ALA EA 123 21.23 7.83 42.54
C ALA EA 123 19.75 7.81 42.68
N GLY EA 124 19.19 8.94 43.15
CA GLY EA 124 17.77 9.09 43.20
C GLY EA 124 17.37 8.89 44.62
N ILE EA 125 16.53 9.79 45.16
CA ILE EA 125 16.18 9.58 46.53
C ILE EA 125 14.95 8.75 46.58
N PRO EA 126 15.06 7.80 47.43
CA PRO EA 126 14.22 6.63 47.42
C PRO EA 126 12.88 7.00 47.94
N GLY EA 127 11.94 6.02 48.01
CA GLY EA 127 10.67 6.31 48.60
C GLY EA 127 9.86 5.07 48.69
N GLN EA 128 8.52 5.22 48.57
CA GLN EA 128 7.59 4.13 48.73
C GLN EA 128 6.71 4.09 47.52
N VAL EA 129 6.04 2.94 47.32
CA VAL EA 129 5.37 2.75 46.09
C VAL EA 129 3.89 2.81 46.32
N ASP EA 130 3.23 3.75 45.60
CA ASP EA 130 1.83 3.60 45.42
C ASP EA 130 1.73 2.94 44.11
N ALA EA 131 1.21 1.70 44.11
CA ALA EA 131 1.15 0.92 42.92
C ALA EA 131 0.02 1.47 42.13
N HIS EA 132 -1.10 1.72 42.82
CA HIS EA 132 -2.29 2.19 42.15
C HIS EA 132 -2.80 1.05 41.34
N MET EA 133 -2.50 -0.18 41.76
CA MET EA 133 -2.93 -1.29 40.98
C MET EA 133 -4.43 -1.25 40.91
N TRP EA 134 -5.05 -0.56 41.89
CA TRP EA 134 -6.47 -0.47 41.95
C TRP EA 134 -6.98 0.16 40.70
N GLU EA 135 -6.67 1.45 40.48
CA GLU EA 135 -7.32 2.17 39.43
C GLU EA 135 -7.06 1.49 38.13
N ARG EA 136 -5.89 0.84 37.98
CA ARG EA 136 -5.56 0.19 36.75
C ARG EA 136 -6.34 -1.05 36.62
N LEU EA 137 -6.83 -1.60 37.75
CA LEU EA 137 -7.48 -2.87 37.70
C LEU EA 137 -8.97 -2.70 37.68
N ARG EA 138 -9.49 -1.65 38.34
CA ARG EA 138 -10.92 -1.55 38.56
C ARG EA 138 -11.64 -1.61 37.24
N GLY EA 139 -10.93 -1.34 36.13
CA GLY EA 139 -11.58 -1.26 34.84
C GLY EA 139 -12.18 -2.59 34.53
N ALA EA 140 -11.35 -3.53 34.06
CA ALA EA 140 -11.87 -4.76 33.56
C ALA EA 140 -12.56 -5.48 34.68
N ILE EA 141 -12.35 -5.03 35.92
CA ILE EA 141 -12.88 -5.81 37.00
C ILE EA 141 -14.32 -5.49 37.20
N MET EA 142 -14.77 -4.29 36.84
CA MET EA 142 -16.19 -4.14 36.95
C MET EA 142 -16.79 -4.88 35.78
N ILE EA 143 -16.41 -4.47 34.57
CA ILE EA 143 -16.89 -5.03 33.33
C ILE EA 143 -16.92 -6.52 33.40
N SER EA 144 -15.84 -7.14 33.91
CA SER EA 144 -15.70 -8.55 33.74
C SER EA 144 -16.62 -9.26 34.68
N LEU EA 145 -16.99 -8.61 35.79
CA LEU EA 145 -17.91 -9.21 36.70
C LEU EA 145 -19.22 -9.28 36.00
N PHE EA 146 -19.38 -8.48 34.93
CA PHE EA 146 -20.65 -8.50 34.26
C PHE EA 146 -20.64 -9.66 33.31
N SER EA 147 -19.55 -9.81 32.53
CA SER EA 147 -19.46 -10.93 31.64
C SER EA 147 -19.55 -12.16 32.47
N ASP EA 148 -19.10 -12.08 33.74
CA ASP EA 148 -19.19 -13.18 34.67
C ASP EA 148 -20.64 -13.40 34.99
N THR EA 149 -21.41 -12.31 35.12
CA THR EA 149 -22.76 -12.46 35.57
C THR EA 149 -23.64 -12.83 34.41
N LEU EA 150 -23.05 -13.04 33.22
CA LEU EA 150 -23.88 -13.56 32.17
C LEU EA 150 -24.31 -14.92 32.64
N THR EA 151 -23.52 -15.54 33.54
CA THR EA 151 -23.81 -16.87 33.94
C THR EA 151 -24.63 -16.85 35.21
N ALA EA 152 -24.07 -16.32 36.31
CA ALA EA 152 -24.82 -16.24 37.54
C ALA EA 152 -25.90 -15.18 37.37
N LEU EA 153 -26.64 -14.95 38.37
N GLN EA 173 -10.75 -9.13 23.10
CA GLN EA 173 -9.54 -8.73 23.83
C GLN EA 173 -9.90 -7.81 24.95
N LEU EA 174 -9.96 -8.34 26.19
CA LEU EA 174 -10.31 -7.53 27.31
C LEU EA 174 -9.23 -7.76 28.32
N ALA EA 175 -8.68 -8.99 28.35
CA ALA EA 175 -7.55 -9.27 29.17
C ALA EA 175 -6.38 -8.61 28.53
N SER EA 176 -6.17 -8.90 27.24
CA SER EA 176 -5.10 -8.28 26.51
C SER EA 176 -5.32 -6.81 26.55
N GLU EA 177 -6.54 -6.35 26.25
CA GLU EA 177 -6.80 -4.93 26.22
C GLU EA 177 -6.64 -4.36 27.60
N ALA EA 178 -6.88 -5.18 28.64
CA ALA EA 178 -6.83 -4.68 29.98
C ALA EA 178 -5.42 -4.43 30.36
N LEU EA 179 -4.48 -5.11 29.67
CA LEU EA 179 -3.10 -4.96 29.98
C LEU EA 179 -2.62 -3.69 29.33
N ARG EA 180 -3.14 -3.40 28.12
CA ARG EA 180 -2.82 -2.17 27.47
C ARG EA 180 -3.38 -1.04 28.28
N SER EA 181 -4.52 -1.27 28.94
CA SER EA 181 -4.96 -0.26 29.86
C SER EA 181 -3.90 -0.10 30.90
N TYR EA 182 -3.65 -1.17 31.68
CA TYR EA 182 -2.87 -1.18 32.88
C TYR EA 182 -1.60 -0.39 32.71
N MET EA 183 -0.74 -0.72 31.72
CA MET EA 183 0.55 -0.10 31.75
C MET EA 183 0.43 1.38 31.57
N SER EA 184 -0.69 1.85 30.99
CA SER EA 184 -0.90 3.24 30.68
C SER EA 184 -0.56 4.07 31.87
N ILE EA 185 -1.28 3.84 33.00
CA ILE EA 185 -1.08 4.75 34.10
C ILE EA 185 0.12 4.33 34.87
N PRO EA 186 0.98 5.27 35.10
CA PRO EA 186 2.10 5.09 36.00
C PRO EA 186 1.58 4.84 37.37
N PRO EA 187 2.46 4.32 38.20
CA PRO EA 187 2.32 4.21 39.62
C PRO EA 187 2.43 5.56 40.26
N THR EA 188 3.07 5.65 41.45
CA THR EA 188 3.63 6.87 41.96
C THR EA 188 4.65 6.49 42.99
N LEU EA 189 5.31 7.51 43.60
CA LEU EA 189 6.18 7.23 44.70
C LEU EA 189 5.76 8.07 45.86
N TYR EA 190 6.76 8.66 46.55
CA TYR EA 190 6.66 9.17 47.90
C TYR EA 190 8.05 9.09 48.44
N ASP EA 191 8.53 10.10 49.21
CA ASP EA 191 9.70 9.98 50.08
C ASP EA 191 9.43 11.00 51.15
N GLN EA 192 9.83 10.73 52.41
CA GLN EA 192 9.25 11.53 53.44
C GLN EA 192 9.97 12.84 53.47
N GLN EA 193 9.58 13.72 54.41
CA GLN EA 193 10.19 15.01 54.48
C GLN EA 193 11.28 14.94 55.48
N GLY EA 194 12.25 15.86 55.35
CA GLY EA 194 13.43 15.76 56.13
C GLY EA 194 14.00 14.40 55.91
N ASP EA 195 14.50 14.14 54.70
CA ASP EA 195 15.26 12.94 54.52
C ASP EA 195 16.69 13.35 54.40
N ALA EA 196 17.61 12.60 55.00
CA ALA EA 196 18.98 12.94 54.80
C ALA EA 196 19.27 12.59 53.40
N VAL EA 197 19.87 13.50 52.64
CA VAL EA 197 20.19 13.06 51.31
C VAL EA 197 21.42 13.76 50.87
N SER EA 198 21.78 13.51 49.59
CA SER EA 198 23.01 14.04 49.10
C SER EA 198 22.82 14.29 47.64
N ILE EA 199 23.78 14.99 47.00
CA ILE EA 199 23.71 15.14 45.56
C ILE EA 199 24.97 14.60 45.01
N PHE EA 200 24.87 13.78 43.96
CA PHE EA 200 26.04 13.56 43.17
C PHE EA 200 26.15 14.74 42.26
N VAL EA 201 26.63 15.89 42.78
CA VAL EA 201 26.85 17.00 41.90
C VAL EA 201 27.82 16.51 40.89
N ALA EA 202 27.34 16.32 39.66
CA ALA EA 202 28.14 15.66 38.66
C ALA EA 202 28.95 16.69 37.95
N ARG EA 203 29.72 17.50 38.70
CA ARG EA 203 30.59 18.42 38.02
C ARG EA 203 31.50 19.13 38.96
N ASP EA 204 31.93 20.35 38.54
CA ASP EA 204 32.98 21.09 39.17
C ASP EA 204 32.52 22.46 39.40
N LEU EA 205 32.80 22.94 40.60
CA LEU EA 205 32.43 24.25 40.98
C LEU EA 205 33.69 25.04 41.09
N ASP EA 206 33.68 26.28 40.58
CA ASP EA 206 34.76 27.14 40.87
C ASP EA 206 34.30 28.05 41.95
N PHE EA 207 35.00 28.04 43.10
CA PHE EA 207 34.91 29.22 43.89
C PHE EA 207 36.29 29.78 43.92
N SER EA 208 37.01 29.81 42.77
CA SER EA 208 38.27 30.49 42.82
C SER EA 208 38.05 31.87 42.34
N GLY EA 209 36.84 32.40 42.51
CA GLY EA 209 36.59 33.76 42.18
C GLY EA 209 35.81 34.33 43.32
N VAL EA 210 35.66 33.56 44.43
CA VAL EA 210 35.35 34.05 45.76
C VAL EA 210 36.60 33.61 46.50
N TYR EA 211 36.54 33.24 47.81
CA TYR EA 211 37.51 32.51 48.60
C TYR EA 211 38.91 32.52 48.10
N THR EA 212 39.88 33.02 48.92
CA THR EA 212 41.28 32.81 48.66
C THR EA 212 41.98 32.85 50.00
N LEU EA 213 43.27 33.26 50.15
CA LEU EA 213 43.77 32.99 51.49
C LEU EA 213 43.56 34.18 52.40
N ALA EA 214 43.73 33.98 53.74
CA ALA EA 214 44.97 33.52 54.29
C ALA EA 214 44.98 33.55 55.83
N ASP EA 215 46.07 34.09 56.46
CA ASP EA 215 46.25 33.88 57.88
C ASP EA 215 45.82 35.13 58.65
N ASN EA 216 46.09 35.21 59.99
CA ASN EA 216 45.69 34.13 60.85
C ASN EA 216 44.18 34.24 61.07
N ALA FA 1 49.34 37.85 47.41
CA ALA FA 1 50.45 37.81 46.42
C ALA FA 1 50.84 36.39 46.15
N ALA FA 2 51.83 36.19 45.27
CA ALA FA 2 52.24 34.86 44.94
C ALA FA 2 52.88 34.28 46.15
N ASP FA 3 53.69 35.09 46.86
CA ASP FA 3 54.46 34.57 47.97
C ASP FA 3 53.64 34.69 49.21
N LYS FA 4 52.64 35.57 49.20
CA LYS FA 4 51.78 35.76 50.32
C LYS FA 4 50.96 34.53 50.48
N LYS FA 5 50.50 33.96 49.34
CA LYS FA 5 49.62 32.83 49.37
C LYS FA 5 50.40 31.71 50.01
N ARG FA 6 51.57 31.45 49.43
CA ARG FA 6 52.36 30.27 49.68
C ARG FA 6 52.46 30.05 51.16
N ILE FA 7 53.22 30.92 51.84
CA ILE FA 7 53.39 30.97 53.26
C ILE FA 7 52.11 30.57 53.94
N THR FA 8 50.99 31.16 53.51
CA THR FA 8 49.73 30.92 54.16
C THR FA 8 49.34 29.50 54.00
N GLN FA 9 49.42 28.97 52.76
CA GLN FA 9 48.93 27.67 52.44
C GLN FA 9 49.62 26.66 53.31
N LYS FA 10 50.93 26.84 53.55
CA LYS FA 10 51.61 25.93 54.43
C LYS FA 10 50.95 26.02 55.77
N LEU FA 11 50.60 27.25 56.19
CA LEU FA 11 50.00 27.48 57.47
C LEU FA 11 48.78 26.62 57.54
N LYS FA 12 48.18 26.32 56.38
CA LYS FA 12 46.85 25.76 56.31
C LYS FA 12 46.94 24.27 56.35
N GLN FA 13 48.09 23.72 55.92
CA GLN FA 13 48.27 22.31 55.98
C GLN FA 13 48.17 21.91 57.42
N THR FA 14 48.76 22.71 58.32
CA THR FA 14 48.84 22.21 59.65
C THR FA 14 47.73 22.79 60.47
N ALA FA 15 46.65 22.02 60.68
CA ALA FA 15 45.60 22.57 61.47
C ALA FA 15 44.86 21.43 62.05
N PHE FA 16 45.43 20.22 61.90
CA PHE FA 16 44.90 19.07 62.56
C PHE FA 16 45.23 19.22 64.01
N ALA FA 17 44.55 20.17 64.67
CA ALA FA 17 44.94 20.61 65.97
C ALA FA 17 43.70 20.84 66.79
N GLY FA 18 43.75 21.88 67.65
CA GLY FA 18 42.75 22.00 68.65
C GLY FA 18 43.07 20.94 69.66
N ALA FA 19 42.18 20.76 70.64
CA ALA FA 19 42.40 19.71 71.59
C ALA FA 19 41.82 18.46 71.04
N LYS FA 20 42.69 17.49 70.72
CA LYS FA 20 42.18 16.30 70.12
C LYS FA 20 41.46 15.52 71.15
N ASN FA 21 40.75 14.50 70.63
CA ASN FA 21 40.19 13.40 71.34
C ASN FA 21 41.24 12.36 71.14
N TYR FA 22 41.77 11.72 72.19
CA TYR FA 22 42.86 10.87 71.83
C TYR FA 22 42.33 9.50 71.58
N GLN FA 23 41.30 9.08 72.36
CA GLN FA 23 40.87 7.72 72.28
C GLN FA 23 39.92 7.57 71.13
N TYR FA 24 40.32 6.77 70.13
CA TYR FA 24 39.36 6.12 69.30
C TYR FA 24 39.39 4.69 69.75
N VAL FA 25 38.21 4.06 69.89
CA VAL FA 25 38.20 2.64 70.07
C VAL FA 25 37.80 2.07 68.75
N MET FA 26 38.18 0.83 68.46
CA MET FA 26 37.76 0.25 67.22
C MET FA 26 37.00 -0.99 67.55
N SER FA 27 36.70 -1.81 66.53
CA SER FA 27 36.15 -3.10 66.77
C SER FA 27 37.33 -3.97 67.03
N GLU FA 28 37.25 -5.25 66.60
CA GLU FA 28 38.41 -6.08 66.58
C GLU FA 28 37.96 -7.38 66.04
N GLN FA 29 38.38 -7.69 64.80
CA GLN FA 29 38.15 -9.01 64.30
C GLN FA 29 39.47 -9.49 63.80
N PRO FA 30 39.65 -10.77 63.77
CA PRO FA 30 40.92 -11.32 63.48
C PRO FA 30 41.26 -10.99 62.06
N GLU FA 31 40.25 -10.60 61.26
CA GLU FA 31 40.49 -10.26 59.89
C GLU FA 31 40.75 -8.79 59.87
N MET FA 32 39.91 -8.03 60.60
CA MET FA 32 40.07 -6.61 60.68
C MET FA 32 41.48 -6.34 61.11
N ARG FA 33 41.78 -6.62 62.40
CA ARG FA 33 42.99 -6.35 63.15
C ARG FA 33 44.16 -6.15 62.23
N SER FA 34 44.36 -7.13 61.34
CA SER FA 34 45.44 -7.15 60.41
C SER FA 34 45.57 -5.81 59.76
N ILE FA 35 44.64 -5.47 58.87
CA ILE FA 35 44.84 -4.32 58.04
C ILE FA 35 44.35 -3.11 58.75
N GLN FA 36 44.66 -2.99 60.06
CA GLN FA 36 44.20 -1.85 60.78
C GLN FA 36 45.11 -0.70 60.51
N PRO FA 37 44.66 0.43 60.99
CA PRO FA 37 45.36 1.68 60.88
C PRO FA 37 46.65 1.72 61.61
N VAL FA 38 47.34 2.88 61.55
CA VAL FA 38 48.38 3.20 62.50
C VAL FA 38 47.71 4.02 63.54
N HIS FA 39 47.56 5.34 63.27
CA HIS FA 39 46.92 6.21 64.23
C HIS FA 39 45.67 6.74 63.62
N VAL FA 40 44.61 6.87 64.45
CA VAL FA 40 43.37 7.43 64.01
C VAL FA 40 42.98 8.42 65.04
N TRP FA 41 42.80 9.70 64.65
CA TRP FA 41 42.43 10.60 65.70
C TRP FA 41 41.53 11.67 65.18
N ASP FA 42 41.04 12.54 66.08
CA ASP FA 42 40.16 13.58 65.64
C ASP FA 42 40.33 14.74 66.57
N ASN FA 43 39.90 15.93 66.11
CA ASN FA 43 39.70 17.08 66.95
C ASN FA 43 38.30 17.50 66.68
N TYR FA 44 37.84 17.14 65.47
CA TYR FA 44 36.61 17.59 64.93
C TYR FA 44 35.96 16.37 64.34
N ARG FA 45 35.31 16.56 63.17
CA ARG FA 45 34.87 15.48 62.34
C ARG FA 45 35.97 15.33 61.35
N PHE FA 46 36.76 16.42 61.20
CA PHE FA 46 37.96 16.38 60.45
C PHE FA 46 38.83 15.38 61.10
N THR FA 47 38.77 14.13 60.61
CA THR FA 47 39.33 13.02 61.32
C THR FA 47 40.41 12.43 60.47
N ARG FA 48 41.54 12.02 61.09
CA ARG FA 48 42.55 11.41 60.29
C ARG FA 48 42.70 9.98 60.69
N PHE FA 49 42.89 9.12 59.67
CA PHE FA 49 43.12 7.71 59.83
C PHE FA 49 44.38 7.42 59.08
N GLU FA 50 45.55 7.34 59.76
CA GLU FA 50 46.76 7.10 59.04
C GLU FA 50 46.82 5.65 58.72
N PHE FA 51 47.61 5.33 57.67
CA PHE FA 51 47.76 3.96 57.28
C PHE FA 51 49.22 3.69 57.11
N PRO FA 52 49.53 2.45 57.33
CA PRO FA 52 50.85 1.93 57.04
C PRO FA 52 50.91 1.65 55.58
N ALA FA 53 52.13 1.45 55.05
CA ALA FA 53 52.33 1.05 53.70
C ALA FA 53 51.46 -0.14 53.46
N ASN FA 54 51.70 -1.19 54.26
CA ASN FA 54 51.17 -2.49 54.08
C ASN FA 54 49.92 -2.58 54.89
N ALA FA 55 48.96 -1.66 54.67
CA ALA FA 55 47.66 -1.85 55.23
C ALA FA 55 46.68 -1.42 54.17
N GLU FA 56 45.65 -2.24 53.91
CA GLU FA 56 44.90 -2.06 52.70
C GLU FA 56 44.21 -0.75 52.72
N LEU FA 57 43.45 -0.47 51.65
CA LEU FA 57 42.64 0.71 51.68
C LEU FA 57 41.22 0.29 51.78
N PRO FA 58 40.80 0.37 52.99
CA PRO FA 58 39.42 0.24 53.37
C PRO FA 58 38.59 1.22 52.59
N GLN FA 59 37.26 1.15 52.76
CA GLN FA 59 36.45 2.29 52.43
C GLN FA 59 35.63 2.52 53.66
N VAL FA 60 35.64 3.77 54.17
CA VAL FA 60 35.02 4.02 55.44
C VAL FA 60 33.86 4.92 55.21
N TYR FA 61 32.89 4.92 56.13
CA TYR FA 61 31.74 5.77 56.01
C TYR FA 61 31.46 6.31 57.37
N MET FA 62 30.47 7.21 57.47
CA MET FA 62 30.17 7.84 58.73
C MET FA 62 28.82 7.35 59.14
N ILE FA 63 28.56 7.34 60.45
CA ILE FA 63 27.23 7.07 60.93
C ILE FA 63 26.66 8.37 61.40
N SER FA 64 25.75 8.94 60.60
CA SER FA 64 25.19 10.18 61.03
C SER FA 64 24.34 9.86 62.21
N ALA FA 65 23.80 10.91 62.83
CA ALA FA 65 23.03 10.77 64.03
C ALA FA 65 21.80 10.00 63.68
N SER FA 66 21.44 9.94 62.39
CA SER FA 66 20.25 9.23 62.06
C SER FA 66 20.46 7.81 62.45
N GLY FA 67 21.74 7.38 62.52
CA GLY FA 67 22.03 6.05 62.97
C GLY FA 67 22.18 5.19 61.75
N LYS FA 68 21.39 5.49 60.71
CA LYS FA 68 21.53 4.86 59.44
C LYS FA 68 22.85 5.31 58.91
N GLU FA 69 23.34 4.68 57.83
CA GLU FA 69 24.67 5.00 57.44
C GLU FA 69 24.63 6.10 56.43
N THR FA 70 25.83 6.59 56.07
CA THR FA 70 25.92 7.61 55.07
C THR FA 70 27.30 7.47 54.52
N LEU FA 71 27.61 8.14 53.41
CA LEU FA 71 28.98 8.11 53.02
C LEU FA 71 29.52 9.50 53.16
N PRO FA 72 30.69 9.54 53.71
CA PRO FA 72 31.35 10.76 54.05
C PRO FA 72 31.94 11.29 52.79
N ASN FA 73 32.21 12.60 52.73
CA ASN FA 73 33.04 13.10 51.68
C ASN FA 73 34.41 13.11 52.23
N SER FA 74 35.26 12.21 51.73
CA SER FA 74 36.53 12.10 52.36
C SER FA 74 37.58 12.43 51.38
N HIS FA 75 38.83 12.40 51.86
CA HIS FA 75 39.95 12.52 51.00
C HIS FA 75 41.05 11.90 51.79
N VAL FA 76 42.18 11.57 51.14
CA VAL FA 76 43.26 11.17 51.97
C VAL FA 76 44.27 12.25 51.83
N VAL FA 77 45.18 12.39 52.81
CA VAL FA 77 46.13 13.44 52.66
C VAL FA 77 47.39 12.99 53.31
N GLY FA 78 48.48 13.73 53.07
CA GLY FA 78 49.68 13.41 53.78
C GLY FA 78 50.77 13.29 52.77
N GLU FA 79 52.00 13.61 53.22
CA GLU FA 79 53.16 13.20 52.51
C GLU FA 79 53.08 11.71 52.51
N ASN FA 80 52.90 11.16 53.72
CA ASN FA 80 52.53 9.80 53.91
C ASN FA 80 51.39 9.56 52.97
N ARG FA 81 50.39 10.46 52.99
CA ARG FA 81 49.35 10.43 51.99
C ARG FA 81 48.42 9.30 52.29
N ASN FA 82 48.81 8.46 53.26
CA ASN FA 82 48.08 7.29 53.60
C ASN FA 82 46.84 7.68 54.34
N ILE FA 83 46.95 8.70 55.20
CA ILE FA 83 45.86 9.01 56.07
C ILE FA 83 44.69 9.45 55.26
N ILE FA 84 43.47 9.23 55.79
CA ILE FA 84 42.27 9.64 55.14
C ILE FA 84 41.66 10.70 56.01
N GLU FA 85 41.58 11.95 55.52
CA GLU FA 85 40.93 13.00 56.26
C GLU FA 85 39.52 13.04 55.77
N VAL FA 86 38.56 12.95 56.70
CA VAL FA 86 37.17 12.91 56.33
C VAL FA 86 36.56 14.18 56.83
N GLU FA 87 35.61 14.77 56.08
CA GLU FA 87 35.11 16.04 56.53
C GLU FA 87 33.60 15.96 56.61
N THR FA 88 33.08 15.05 57.47
CA THR FA 88 31.67 14.92 57.74
C THR FA 88 31.51 14.48 59.18
N VAL FA 89 30.42 14.94 59.82
CA VAL FA 89 30.05 14.61 61.19
C VAL FA 89 29.86 13.12 61.31
N ALA FA 90 30.15 12.57 62.51
CA ALA FA 90 29.72 11.26 62.90
C ALA FA 90 30.59 10.81 64.04
N LYS FA 91 30.00 10.08 65.00
CA LYS FA 91 30.81 9.57 66.07
C LYS FA 91 31.50 8.36 65.53
N GLU FA 92 30.70 7.32 65.21
CA GLU FA 92 31.27 6.10 64.74
C GLU FA 92 31.76 6.30 63.35
N TRP FA 93 32.27 5.21 62.78
CA TRP FA 93 32.69 5.19 61.42
C TRP FA 93 32.75 3.76 61.04
N ARG FA 94 32.22 3.41 59.86
CA ARG FA 94 32.44 2.06 59.45
C ARG FA 94 33.66 2.08 58.62
N ILE FA 95 34.15 0.88 58.23
CA ILE FA 95 35.37 0.84 57.50
C ILE FA 95 35.35 -0.42 56.70
N ARG FA 96 34.30 -0.55 55.85
CA ARG FA 96 34.00 -1.71 55.07
C ARG FA 96 35.12 -1.90 54.08
N LEU FA 97 35.04 -3.01 53.32
CA LEU FA 97 35.99 -3.29 52.28
C LEU FA 97 35.72 -4.68 51.82
N GLY FA 98 34.61 -4.88 51.07
CA GLY FA 98 34.24 -6.21 50.69
C GLY FA 98 33.61 -6.83 51.89
N ASP FA 99 33.90 -8.13 52.11
CA ASP FA 99 33.38 -8.87 53.23
C ASP FA 99 33.60 -8.08 54.47
N LYS FA 100 34.90 -7.89 54.78
CA LYS FA 100 35.38 -7.31 55.98
C LYS FA 100 34.63 -6.04 56.30
N VAL FA 101 34.52 -5.68 57.60
CA VAL FA 101 33.86 -4.44 57.95
C VAL FA 101 34.19 -4.02 59.38
N VAL FA 102 35.19 -3.11 59.53
CA VAL FA 102 35.59 -2.59 60.82
C VAL FA 102 34.61 -1.54 61.21
N GLY FA 103 34.94 -0.69 62.20
CA GLY FA 103 34.01 0.35 62.52
C GLY FA 103 34.51 1.11 63.70
N VAL FA 104 35.62 1.86 63.51
CA VAL FA 104 36.19 2.62 64.58
C VAL FA 104 35.13 3.49 65.15
N ARG FA 105 35.17 3.62 66.47
CA ARG FA 105 34.25 4.48 67.14
C ARG FA 105 35.04 5.68 67.51
N ASN FA 106 34.47 6.87 67.33
CA ASN FA 106 35.14 8.01 67.87
C ASN FA 106 34.59 8.12 69.25
N ASN FA 107 35.29 8.80 70.18
CA ASN FA 107 34.71 8.81 71.49
C ASN FA 107 34.91 10.14 72.10
N ASN FA 108 34.05 11.10 71.76
CA ASN FA 108 34.02 12.30 72.55
C ASN FA 108 32.65 12.87 72.42
N PHE FA 109 32.23 13.62 73.45
CA PHE FA 109 31.04 14.40 73.38
C PHE FA 109 31.26 15.53 74.31
N ALA FA 110 31.61 16.71 73.77
CA ALA FA 110 31.41 17.90 74.52
C ALA FA 110 30.13 18.46 73.99
N PRO FA 111 29.01 18.14 74.56
CA PRO FA 111 27.81 18.31 73.80
C PRO FA 111 27.42 19.74 73.93
N GLY FA 112 26.59 20.25 73.00
CA GLY FA 112 25.97 21.53 73.20
C GLY FA 112 26.99 22.61 73.04
N ARG FA 113 28.27 22.26 72.86
CA ARG FA 113 29.24 23.29 72.63
C ARG FA 113 30.17 22.80 71.57
N GLY FA 114 30.87 23.74 70.91
CA GLY FA 114 31.89 23.37 69.97
C GLY FA 114 31.86 24.36 68.85
N ALA FA 115 30.63 24.76 68.45
CA ALA FA 115 30.44 25.54 67.26
C ALA FA 115 31.16 26.82 67.43
N VAL FA 116 31.79 27.29 66.34
CA VAL FA 116 32.26 28.63 66.26
C VAL FA 116 32.13 28.99 64.81
N ALA FA 117 33.01 29.87 64.30
CA ALA FA 117 33.01 30.09 62.90
C ALA FA 117 34.43 29.99 62.45
N THR FA 118 34.78 28.84 61.85
CA THR FA 118 36.10 28.63 61.34
C THR FA 118 36.39 29.75 60.41
N GLY FA 119 35.68 29.80 59.28
CA GLY FA 119 35.84 30.95 58.44
C GLY FA 119 36.61 30.51 57.24
N THR FA 120 37.05 29.25 57.28
CA THR FA 120 37.35 28.53 56.09
C THR FA 120 36.95 27.14 56.41
N ALA FA 121 37.59 26.17 55.75
CA ALA FA 121 37.61 24.83 56.25
C ALA FA 121 38.39 24.89 57.52
N SER FA 122 39.73 24.90 57.38
CA SER FA 122 40.61 24.92 58.51
C SER FA 122 40.79 26.35 58.89
N PRO FA 123 40.96 26.60 60.17
CA PRO FA 123 40.83 27.93 60.71
C PRO FA 123 42.04 28.74 60.46
N ASP FA 124 43.09 28.12 59.88
CA ASP FA 124 44.36 28.74 59.68
C ASP FA 124 44.11 29.83 58.75
N VAL FA 125 43.44 29.47 57.64
CA VAL FA 125 43.38 30.40 56.59
C VAL FA 125 41.99 30.90 56.60
N ARG FA 126 41.57 31.67 55.58
CA ARG FA 126 40.41 32.45 55.82
C ARG FA 126 39.83 32.81 54.51
N ARG FA 127 38.64 33.44 54.55
CA ARG FA 127 37.95 33.73 53.35
C ARG FA 127 37.71 35.18 53.33
N VAL FA 128 38.25 35.85 52.28
CA VAL FA 128 38.23 37.27 52.27
C VAL FA 128 37.68 37.75 50.95
N GLN FA 129 36.45 37.29 50.62
CA GLN FA 129 35.71 37.33 49.36
C GLN FA 129 36.26 38.20 48.24
N ILE FA 130 36.15 37.72 46.96
CA ILE FA 130 36.74 38.39 45.82
C ILE FA 130 35.70 38.91 44.83
N CYS GA 15 5.23 -9.83 50.32
CA CYS GA 15 5.41 -8.72 49.39
C CYS GA 15 6.84 -8.62 48.97
N SER GA 16 7.40 -7.39 49.02
CA SER GA 16 8.75 -7.25 48.58
C SER GA 16 9.64 -7.52 49.75
N SER GA 17 10.95 -7.34 49.52
CA SER GA 17 11.91 -7.47 50.57
C SER GA 17 12.42 -6.10 50.80
N GLY GA 18 13.30 -5.92 51.81
CA GLY GA 18 13.81 -4.60 52.04
C GLY GA 18 15.27 -4.70 51.80
N HIS GA 19 16.06 -3.84 52.46
CA HIS GA 19 17.50 -3.91 52.39
C HIS GA 19 17.88 -4.76 53.56
N LYS GA 20 19.09 -5.36 53.54
CA LYS GA 20 19.47 -6.12 54.69
C LYS GA 20 20.26 -5.22 55.57
N PRO GA 21 19.95 -5.20 56.83
CA PRO GA 21 20.63 -4.31 57.73
C PRO GA 21 22.08 -4.68 57.69
N PRO GA 22 22.89 -3.74 58.09
CA PRO GA 22 24.24 -3.72 57.65
C PRO GA 22 25.02 -4.75 58.39
N PRO GA 23 26.11 -5.22 57.83
CA PRO GA 23 27.02 -6.07 58.52
C PRO GA 23 27.50 -5.32 59.70
N GLU GA 24 27.39 -5.92 60.90
CA GLU GA 24 27.61 -5.14 62.07
C GLU GA 24 28.86 -5.59 62.72
N PRO GA 25 29.71 -4.65 63.00
CA PRO GA 25 31.03 -4.92 63.48
C PRO GA 25 31.00 -5.44 64.88
N ASP GA 26 32.14 -5.99 65.34
CA ASP GA 26 32.28 -6.49 66.68
C ASP GA 26 31.95 -5.36 67.60
N TRP GA 27 30.97 -5.58 68.50
CA TRP GA 27 30.61 -4.62 69.51
C TRP GA 27 31.12 -5.18 70.78
N SER GA 28 31.16 -6.52 70.83
CA SER GA 28 31.59 -7.20 72.00
C SER GA 28 33.04 -6.87 72.19
N ASN GA 29 33.94 -7.50 71.41
CA ASN GA 29 35.33 -7.24 71.63
C ASN GA 29 35.58 -5.80 71.33
N THR GA 30 36.32 -5.10 72.22
CA THR GA 30 36.64 -3.75 71.85
C THR GA 30 37.96 -3.36 72.40
N VAL GA 31 38.95 -3.24 71.49
CA VAL GA 31 40.31 -2.88 71.76
C VAL GA 31 40.49 -1.51 71.17
N PRO GA 32 41.34 -0.73 71.79
CA PRO GA 32 41.63 0.60 71.34
C PRO GA 32 42.24 0.60 69.98
N VAL GA 33 42.08 1.72 69.23
CA VAL GA 33 42.61 1.85 67.91
C VAL GA 33 44.08 2.08 68.05
N ASN GA 34 44.41 3.34 68.40
CA ASN GA 34 45.72 3.91 68.26
C ASN GA 34 46.74 3.00 68.83
N LYS GA 35 47.98 3.14 68.31
CA LYS GA 35 49.12 2.36 68.70
C LYS GA 35 50.00 3.25 69.50
N THR GA 36 51.05 3.81 68.86
CA THR GA 36 51.74 4.90 69.48
C THR GA 36 50.83 6.07 69.44
N ILE GA 37 51.37 7.26 69.75
CA ILE GA 37 50.54 8.41 69.78
C ILE GA 37 50.81 9.21 68.56
N PRO GA 38 49.74 9.77 68.08
CA PRO GA 38 49.69 10.31 66.75
C PRO GA 38 50.51 11.55 66.66
N VAL GA 39 51.15 11.78 65.50
CA VAL GA 39 51.72 13.06 65.27
C VAL GA 39 51.06 13.58 64.04
N ASP GA 40 51.40 14.81 63.63
CA ASP GA 40 50.85 15.24 62.38
C ASP GA 40 51.79 14.76 61.32
N THR GA 41 51.23 14.26 60.22
CA THR GA 41 52.10 13.93 59.14
C THR GA 41 52.21 15.21 58.38
N GLN GA 42 51.29 15.36 57.41
CA GLN GA 42 51.04 16.60 56.75
C GLN GA 42 51.01 17.68 57.84
N GLY GA 43 51.99 18.48 57.94
N GLU HA 1 33.58 -4.74 -9.68
CA GLU HA 1 32.26 -5.34 -9.89
C GLU HA 1 32.45 -6.79 -10.17
N THR HA 2 33.57 -7.31 -9.64
CA THR HA 2 33.85 -8.72 -9.63
C THR HA 2 32.91 -9.32 -8.65
N SER HA 3 33.15 -10.56 -8.21
CA SER HA 3 32.25 -11.04 -7.20
C SER HA 3 32.64 -10.37 -5.93
N GLU HA 4 31.74 -10.38 -4.93
CA GLU HA 4 31.95 -9.73 -3.66
C GLU HA 4 32.49 -10.77 -2.75
N GLY HA 5 31.74 -11.88 -2.63
CA GLY HA 5 32.11 -12.96 -1.78
C GLY HA 5 33.19 -13.69 -2.49
N SER HA 6 33.52 -13.25 -3.72
CA SER HA 6 34.75 -13.68 -4.29
C SER HA 6 35.81 -13.01 -3.47
N SER HA 7 35.64 -11.69 -3.32
CA SER HA 7 36.58 -10.90 -2.60
C SER HA 7 36.79 -11.47 -1.24
N ALA HA 8 35.69 -11.64 -0.47
CA ALA HA 8 35.78 -11.92 0.94
C ALA HA 8 36.64 -13.13 1.16
N LEU HA 9 36.29 -14.27 0.51
CA LEU HA 9 37.04 -15.48 0.62
C LEU HA 9 38.47 -15.16 0.39
N ALA HA 10 38.75 -14.51 -0.75
CA ALA HA 10 40.05 -14.10 -1.18
C ALA HA 10 40.75 -13.40 -0.04
N LYS HA 11 39.97 -12.75 0.82
CA LYS HA 11 40.52 -11.89 1.84
C LYS HA 11 41.10 -12.78 2.88
N ASN HA 12 40.39 -13.88 3.13
CA ASN HA 12 40.63 -14.69 4.28
C ASN HA 12 41.44 -15.91 3.88
N LEU HA 13 41.94 -16.00 2.62
CA LEU HA 13 42.73 -17.16 2.28
C LEU HA 13 44.13 -16.96 2.77
N THR HA 14 44.82 -15.91 2.32
CA THR HA 14 46.14 -15.67 2.80
C THR HA 14 45.97 -14.84 4.06
N PRO HA 15 46.14 -15.37 5.28
CA PRO HA 15 45.43 -14.82 6.40
C PRO HA 15 46.45 -14.23 7.32
N ALA HA 16 46.46 -12.90 7.49
CA ALA HA 16 45.51 -12.07 6.83
C ALA HA 16 46.34 -11.27 5.90
N ARG HA 17 45.78 -10.50 4.97
CA ARG HA 17 46.69 -9.49 4.51
C ARG HA 17 46.16 -8.20 5.04
N LEU HA 18 45.60 -8.27 6.25
CA LEU HA 18 45.77 -7.31 7.31
C LEU HA 18 47.00 -6.48 7.03
N LYS HA 19 46.93 -5.14 7.32
CA LYS HA 19 47.98 -4.19 7.04
C LYS HA 19 49.04 -4.24 8.12
N ALA HA 20 50.32 -4.19 7.74
CA ALA HA 20 51.42 -4.28 8.67
C ALA HA 20 51.23 -3.29 9.79
N SER HA 21 51.68 -3.69 10.98
CA SER HA 21 51.51 -2.92 12.19
C SER HA 21 52.83 -2.28 12.49
N ARG HA 22 52.83 -0.95 12.78
CA ARG HA 22 54.07 -0.27 13.00
C ARG HA 22 54.51 -0.62 14.38
N ALA HA 23 55.52 -1.48 14.49
CA ALA HA 23 55.93 -1.87 15.81
C ALA HA 23 56.86 -0.82 16.30
N GLY HA 24 56.30 0.31 16.77
CA GLY HA 24 57.10 1.47 17.06
C GLY HA 24 57.10 1.69 18.52
N VAL HA 25 58.19 2.30 19.03
CA VAL HA 25 58.35 2.30 20.45
C VAL HA 25 57.69 3.51 21.02
N MET HA 26 56.87 3.23 22.06
CA MET HA 26 56.57 4.25 23.00
C MET HA 26 57.90 4.68 23.52
N ALA HA 27 58.17 5.99 23.39
CA ALA HA 27 59.42 6.52 23.81
C ALA HA 27 59.61 6.16 25.25
N ASN HA 28 58.93 6.88 26.17
CA ASN HA 28 59.17 6.60 27.55
C ASN HA 28 57.92 6.10 28.21
N PRO HA 29 58.21 5.43 29.29
CA PRO HA 29 57.28 4.97 30.28
C PRO HA 29 56.86 6.18 31.04
N SER HA 30 57.73 7.19 31.10
CA SER HA 30 57.32 8.35 31.81
C SER HA 30 56.83 9.28 30.78
N LEU HA 31 56.73 8.78 29.52
CA LEU HA 31 56.03 9.44 28.45
C LEU HA 31 54.72 8.78 28.37
N THR HA 32 54.64 7.50 28.77
CA THR HA 32 53.35 6.90 28.60
C THR HA 32 53.14 5.87 29.64
N VAL HA 33 51.96 5.94 30.29
CA VAL HA 33 51.52 4.89 31.16
C VAL HA 33 50.59 4.08 30.32
N PRO HA 34 50.93 2.86 30.02
CA PRO HA 34 50.16 2.04 29.13
C PRO HA 34 48.99 1.53 29.90
N LYS HA 35 47.88 1.22 29.21
CA LYS HA 35 46.85 0.46 29.82
C LYS HA 35 47.33 -0.95 29.84
N GLY HA 36 46.37 -1.89 29.86
CA GLY HA 36 46.70 -3.24 30.20
C GLY HA 36 46.92 -3.18 31.66
N LYS HA 37 46.43 -2.08 32.24
CA LYS HA 37 46.67 -1.72 33.59
C LYS HA 37 45.38 -1.89 34.28
N MET HA 38 45.42 -1.90 35.62
CA MET HA 38 44.20 -1.87 36.36
C MET HA 38 44.30 -0.62 37.15
N ILE HA 39 43.18 0.11 37.30
CA ILE HA 39 43.21 1.20 38.22
C ILE HA 39 42.47 0.70 39.42
N PRO HA 40 43.22 0.21 40.38
CA PRO HA 40 42.68 -0.61 41.43
C PRO HA 40 42.03 0.28 42.43
N CYS HA 41 40.79 0.75 42.18
CA CYS HA 41 40.32 1.79 43.04
C CYS HA 41 39.58 1.17 44.19
N GLY HA 42 38.68 1.98 44.81
CA GLY HA 42 37.96 1.52 45.95
C GLY HA 42 36.67 2.30 45.98
N THR HA 43 35.55 1.57 45.85
CA THR HA 43 34.31 2.28 45.67
C THR HA 43 33.82 2.71 47.01
N GLY HA 44 33.19 3.90 47.03
CA GLY HA 44 32.85 4.50 48.28
C GLY HA 44 31.42 4.94 48.22
N THR HA 45 30.59 4.28 47.39
CA THR HA 45 29.20 4.53 47.55
C THR HA 45 28.49 3.23 47.37
N GLU HA 46 27.21 3.22 47.75
CA GLU HA 46 26.38 2.10 47.41
C GLU HA 46 26.19 2.21 45.94
N LEU HA 47 25.84 1.09 45.28
CA LEU HA 47 25.71 1.08 43.86
C LEU HA 47 24.48 0.30 43.54
N ASP HA 48 23.73 0.78 42.54
CA ASP HA 48 22.46 0.18 42.27
C ASP HA 48 22.09 0.60 40.90
N THR HA 49 22.34 -0.28 39.92
CA THR HA 49 22.05 0.12 38.58
C THR HA 49 20.58 -0.03 38.39
N THR HA 50 19.89 -0.41 39.50
CA THR HA 50 18.56 0.02 39.80
C THR HA 50 18.41 1.41 39.24
N VAL HA 51 19.14 2.38 39.81
CA VAL HA 51 18.91 3.71 39.33
C VAL HA 51 20.13 4.19 38.62
N PRO HA 52 19.95 4.62 37.40
CA PRO HA 52 20.99 5.18 36.59
C PRO HA 52 21.63 6.29 37.36
N GLY HA 53 22.83 6.73 36.95
CA GLY HA 53 23.43 7.71 37.80
C GLY HA 53 24.65 7.09 38.38
N GLN HA 54 25.33 7.86 39.25
CA GLN HA 54 26.74 7.80 39.36
C GLN HA 54 27.14 6.96 40.50
N VAL HA 55 28.32 6.33 40.37
CA VAL HA 55 29.02 5.74 41.48
C VAL HA 55 30.26 6.56 41.65
N SER HA 56 31.00 6.35 42.76
CA SER HA 56 32.25 7.05 42.89
C SER HA 56 33.22 6.11 43.55
N CYS HA 57 34.46 6.09 43.02
CA CYS HA 57 35.54 5.39 43.65
C CYS HA 57 36.66 6.38 43.78
N ARG HA 58 37.71 5.97 44.52
CA ARG HA 58 38.93 6.71 44.57
C ARG HA 58 40.02 5.69 44.47
N VAL HA 59 41.23 6.09 44.04
CA VAL HA 59 42.21 5.08 43.77
C VAL HA 59 42.50 4.36 45.03
N SER HA 60 43.04 3.14 44.92
CA SER HA 60 43.56 2.52 46.09
C SER HA 60 45.04 2.74 46.05
N GLN HA 61 45.82 1.68 45.72
CA GLN HA 61 47.24 1.81 45.64
C GLN HA 61 47.57 2.59 44.41
N ASP HA 62 48.84 2.51 43.96
CA ASP HA 62 49.35 3.44 42.98
C ASP HA 62 49.20 2.87 41.61
N VAL HA 63 49.22 3.78 40.60
CA VAL HA 63 49.27 3.40 39.22
C VAL HA 63 50.68 3.70 38.77
N TYR HA 64 51.18 3.01 37.73
CA TYR HA 64 52.56 3.10 37.37
C TYR HA 64 52.69 3.42 35.91
N SER HA 65 53.84 3.06 35.31
CA SER HA 65 54.16 3.49 33.97
C SER HA 65 54.32 2.27 33.09
N ALA HA 66 55.07 2.43 31.99
CA ALA HA 66 55.16 1.38 31.01
C ALA HA 66 56.10 0.36 31.54
N ASP HA 67 57.40 0.72 31.62
CA ASP HA 67 58.37 -0.15 32.21
C ASP HA 67 57.85 -0.50 33.58
N GLY HA 68 57.30 0.51 34.29
CA GLY HA 68 56.68 0.27 35.56
C GLY HA 68 57.68 0.70 36.58
N LEU HA 69 58.62 1.57 36.17
CA LEU HA 69 59.69 1.95 37.04
C LEU HA 69 59.33 3.25 37.72
N VAL HA 70 58.43 4.06 37.14
CA VAL HA 70 58.12 5.26 37.86
C VAL HA 70 56.73 5.16 38.39
N ARG HA 71 56.45 5.86 39.51
CA ARG HA 71 55.16 5.89 40.11
C ARG HA 71 54.63 7.25 39.85
N LEU HA 72 53.77 7.40 38.83
CA LEU HA 72 53.31 8.71 38.53
C LEU HA 72 51.94 8.86 39.11
N ILE HA 73 50.99 8.05 38.62
CA ILE HA 73 49.68 8.19 39.18
C ILE HA 73 49.73 7.63 40.57
N ASP HA 74 49.36 8.45 41.58
CA ASP HA 74 49.43 7.99 42.95
C ASP HA 74 48.04 7.86 43.46
N LYS HA 75 47.91 7.56 44.76
CA LYS HA 75 46.63 7.23 45.34
C LYS HA 75 45.86 8.49 45.50
N GLY HA 76 44.72 8.36 46.18
CA GLY HA 76 43.88 9.48 46.50
C GLY HA 76 43.53 10.16 45.21
N SER HA 77 43.36 9.38 44.13
CA SER HA 77 42.84 10.00 42.95
C SER HA 77 41.42 9.56 42.83
N TRP HA 78 40.51 10.47 43.22
CA TRP HA 78 39.11 10.17 43.24
C TRP HA 78 38.64 10.06 41.81
N VAL HA 79 37.83 9.02 41.51
CA VAL HA 79 37.23 8.87 40.20
C VAL HA 79 35.74 8.97 40.39
N ASP HA 80 35.01 9.36 39.31
CA ASP HA 80 33.58 9.38 39.37
C ASP HA 80 33.10 8.85 38.06
N GLY HA 81 31.85 8.35 38.01
CA GLY HA 81 31.42 7.67 36.81
C GLY HA 81 29.93 7.67 36.73
N GLN HA 82 29.35 6.58 36.18
CA GLN HA 82 27.95 6.57 35.91
C GLN HA 82 27.56 5.21 35.38
N ILE HA 83 26.35 4.73 35.78
CA ILE HA 83 25.73 3.52 35.28
C ILE HA 83 24.52 3.98 34.52
N THR HA 84 24.57 3.96 33.17
CA THR HA 84 23.55 4.60 32.37
C THR HA 84 22.21 4.05 32.73
N GLY HA 85 22.14 2.77 33.13
CA GLY HA 85 20.84 2.28 33.50
C GLY HA 85 20.85 0.80 33.54
N GLY HA 86 19.74 0.25 34.09
CA GLY HA 86 19.70 -1.07 34.67
C GLY HA 86 20.24 -2.12 33.73
N ILE HA 87 20.83 -3.15 34.35
CA ILE HA 87 21.36 -4.30 33.68
C ILE HA 87 20.26 -4.95 32.93
N LYS HA 88 20.56 -6.10 32.31
CA LYS HA 88 19.51 -6.87 31.72
C LYS HA 88 19.13 -7.94 32.67
N ASP HA 89 18.63 -9.07 32.12
CA ASP HA 89 17.93 -10.06 32.87
C ASP HA 89 18.93 -11.00 33.46
N GLY HA 90 19.07 -10.95 34.80
CA GLY HA 90 19.90 -11.87 35.50
C GLY HA 90 21.31 -11.62 35.06
N GLN HA 91 21.59 -10.40 34.56
CA GLN HA 91 22.93 -10.17 34.11
C GLN HA 91 23.81 -10.20 35.31
N ALA HA 92 24.99 -10.83 35.14
CA ALA HA 92 25.87 -11.16 36.22
C ALA HA 92 26.10 -9.96 37.05
N ARG HA 93 26.13 -8.78 36.40
CA ARG HA 93 26.73 -7.67 37.05
C ARG HA 93 26.43 -6.47 36.23
N VAL HA 94 26.41 -5.30 36.87
CA VAL HA 94 26.27 -4.09 36.11
C VAL HA 94 27.58 -3.84 35.43
N PHE HA 95 27.53 -2.86 34.52
CA PHE HA 95 28.60 -2.31 33.76
C PHE HA 95 28.80 -0.95 34.38
N VAL HA 96 30.02 -0.39 34.27
CA VAL HA 96 30.31 0.82 34.98
C VAL HA 96 31.15 1.68 34.12
N LEU HA 97 30.91 2.99 34.17
CA LEU HA 97 31.69 3.81 33.31
C LEU HA 97 32.37 4.80 34.19
N TRP HA 98 33.67 4.53 34.50
CA TRP HA 98 34.39 5.51 35.24
C TRP HA 98 34.80 6.55 34.27
N GLU HA 99 34.37 7.80 34.53
CA GLU HA 99 34.74 8.84 33.65
C GLU HA 99 35.95 9.48 34.24
N ARG HA 100 35.75 10.57 35.00
CA ARG HA 100 36.96 11.29 35.21
C ARG HA 100 37.63 10.80 36.44
N ILE HA 101 38.95 10.53 36.31
CA ILE HA 101 39.79 10.23 37.43
C ILE HA 101 40.49 11.49 37.80
N ARG HA 102 40.17 12.06 38.97
CA ARG HA 102 40.81 13.26 39.41
C ARG HA 102 41.71 12.90 40.55
N ASN HA 103 42.76 13.72 40.76
CA ASN HA 103 43.74 13.52 41.79
C ASN HA 103 43.41 14.49 42.89
N ASP HA 104 44.06 14.35 44.07
CA ASP HA 104 43.55 14.96 45.26
C ASP HA 104 44.29 16.23 45.52
N GLN HA 105 45.53 16.11 46.04
CA GLN HA 105 46.30 17.23 46.46
C GLN HA 105 46.66 18.00 45.25
N ASP HA 106 47.43 17.34 44.36
CA ASP HA 106 47.93 17.86 43.13
C ASP HA 106 46.82 18.51 42.37
N GLY HA 107 46.14 17.69 41.56
CA GLY HA 107 45.15 18.11 40.63
C GLY HA 107 44.82 16.88 39.85
N THR HA 108 45.50 16.70 38.71
CA THR HA 108 45.54 15.47 37.98
C THR HA 108 44.17 14.93 37.81
N ILE HA 109 43.34 15.66 37.05
CA ILE HA 109 42.11 15.15 36.55
C ILE HA 109 42.45 14.45 35.29
N VAL HA 110 41.46 13.74 34.73
CA VAL HA 110 41.70 13.20 33.43
C VAL HA 110 40.45 12.46 33.05
N ASN HA 111 39.81 12.88 31.95
CA ASN HA 111 38.62 12.19 31.58
C ASN HA 111 39.07 10.88 31.02
N ILE HA 112 38.86 9.77 31.76
CA ILE HA 112 39.51 8.54 31.33
C ILE HA 112 38.57 7.74 30.47
N ASP HA 113 37.25 7.76 30.79
CA ASP HA 113 36.28 7.21 29.88
C ASP HA 113 36.53 5.75 29.72
N SER HA 114 36.78 5.04 30.83
CA SER HA 114 37.03 3.62 30.75
C SER HA 114 35.95 2.92 31.49
N ALA HA 115 35.83 1.60 31.28
CA ALA HA 115 34.87 0.93 32.11
C ALA HA 115 35.60 0.49 33.33
N GLY HA 116 34.85 0.12 34.37
CA GLY HA 116 35.45 -0.43 35.55
C GLY HA 116 35.46 -1.90 35.34
N THR HA 117 36.05 -2.68 36.26
CA THR HA 117 36.09 -4.10 36.03
C THR HA 117 35.88 -4.73 37.35
N ASN HA 118 36.52 -5.88 37.61
CA ASN HA 118 36.29 -6.55 38.86
C ASN HA 118 37.62 -6.75 39.50
N SER HA 119 37.60 -7.31 40.73
CA SER HA 119 38.83 -7.69 41.35
C SER HA 119 39.48 -8.60 40.37
N LEU HA 120 38.69 -9.59 39.88
CA LEU HA 120 39.11 -10.58 38.94
C LEU HA 120 39.59 -9.88 37.71
N GLY HA 121 38.99 -8.71 37.40
CA GLY HA 121 39.48 -7.95 36.28
C GLY HA 121 38.42 -7.90 35.25
N SER HA 122 37.40 -8.77 35.37
CA SER HA 122 36.43 -8.84 34.31
C SER HA 122 35.59 -7.60 34.34
N ALA HA 123 35.09 -7.18 33.15
CA ALA HA 123 34.65 -5.84 32.97
C ALA HA 123 33.32 -5.66 33.62
N GLY HA 124 33.20 -4.60 34.44
CA GLY HA 124 31.95 -4.26 35.02
C GLY HA 124 31.97 -4.73 36.42
N ILE HA 125 31.58 -3.86 37.38
CA ILE HA 125 31.63 -4.33 38.72
C ILE HA 125 30.33 -4.95 39.06
N PRO HA 126 30.48 -6.08 39.65
CA PRO HA 126 29.44 -7.07 39.72
C PRO HA 126 28.44 -6.63 40.75
N GLY HA 127 27.38 -7.44 40.97
CA GLY HA 127 26.46 -7.11 42.01
C GLY HA 127 25.45 -8.20 42.17
N GLN HA 128 24.21 -7.82 42.56
CA GLN HA 128 23.17 -8.76 42.85
C GLN HA 128 21.97 -8.38 42.04
N VAL HA 129 21.03 -9.33 41.90
CA VAL HA 129 19.98 -9.12 40.96
C VAL HA 129 18.69 -8.89 41.70
N ASP HA 130 18.08 -7.72 41.45
CA ASP HA 130 16.69 -7.59 41.75
C ASP HA 130 16.05 -7.91 40.46
N ALA HA 131 15.28 -9.01 40.43
CA ALA HA 131 14.68 -9.48 39.22
C ALA HA 131 13.52 -8.58 38.99
N HIS HA 132 12.74 -8.33 40.06
CA HIS HA 132 11.55 -7.55 39.96
C HIS HA 132 10.56 -8.37 39.20
N MET HA 133 10.69 -9.70 39.27
CA MET HA 133 9.82 -10.51 38.51
C MET HA 133 8.42 -10.22 38.98
N TRP HA 134 8.31 -9.70 40.21
CA TRP HA 134 7.04 -9.41 40.79
C TRP HA 134 6.31 -8.43 39.93
N GLU HA 135 6.82 -7.19 39.84
CA GLU HA 135 6.05 -6.14 39.22
C GLU HA 135 5.73 -6.53 37.81
N ARG HA 136 6.62 -7.30 37.16
CA ARG HA 136 6.40 -7.68 35.80
C ARG HA 136 5.35 -8.72 35.75
N LEU HA 137 5.13 -9.44 36.86
CA LEU HA 137 4.23 -10.55 36.82
C LEU HA 137 2.90 -10.15 37.37
N ARG HA 138 2.85 -9.22 38.34
CA ARG HA 138 1.62 -8.96 39.05
C ARG HA 138 0.53 -8.59 38.09
N GLY HA 139 0.90 -8.17 36.86
CA GLY HA 139 -0.07 -7.69 35.92
C GLY HA 139 -1.03 -8.80 35.63
N ALA HA 140 -0.63 -9.73 34.74
CA ALA HA 140 -1.54 -10.71 34.25
C ALA HA 140 -1.99 -11.55 35.39
N ILE HA 141 -1.31 -11.45 36.54
CA ILE HA 141 -1.63 -12.37 37.58
C ILE HA 141 -2.82 -11.89 38.34
N MET HA 142 -3.08 -10.58 38.37
CA MET HA 142 -4.33 -10.25 38.99
C MET HA 142 -5.41 -10.59 38.01
N ILE HA 143 -5.34 -9.97 36.83
CA ILE HA 143 -6.30 -10.13 35.77
C ILE HA 143 -6.64 -11.58 35.59
N SER HA 144 -5.62 -12.46 35.57
CA SER HA 144 -5.88 -13.79 35.11
C SER HA 144 -6.59 -14.56 36.18
N LEU HA 145 -6.43 -14.14 37.45
CA LEU HA 145 -7.13 -14.79 38.51
C LEU HA 145 -8.58 -14.49 38.32
N PHE HA 146 -8.88 -13.44 37.53
CA PHE HA 146 -10.26 -13.11 37.36
C PHE HA 146 -10.81 -14.00 36.27
N SER HA 147 -10.08 -14.12 35.16
CA SER HA 147 -10.53 -15.00 34.11
C SER HA 147 -10.63 -16.37 34.69
N ASP HA 148 -9.80 -16.66 35.71
CA ASP HA 148 -9.85 -17.92 36.41
C ASP HA 148 -11.13 -17.98 37.18
N THR HA 149 -11.55 -16.85 37.77
CA THR HA 149 -12.70 -16.89 38.62
C THR HA 149 -13.95 -16.84 37.80
N LEU HA 150 -13.83 -16.85 36.46
CA LEU HA 150 -15.04 -16.97 35.70
C LEU HA 150 -15.59 -18.32 36.05
N THR HA 151 -14.72 -19.25 36.49
CA THR HA 151 -15.16 -20.58 36.74
C THR HA 151 -15.52 -20.73 38.20
N ALA HA 152 -14.54 -20.57 39.12
CA ALA HA 152 -14.82 -20.67 40.53
C ALA HA 152 -15.63 -19.45 40.93
N LEU HA 153 -15.96 -19.35 42.15
N GLN HA 173 -4.76 -12.59 23.48
CA GLN HA 173 -3.31 -12.57 23.80
C GLN HA 173 -3.10 -11.90 25.11
N LEU HA 174 -2.89 -12.68 26.18
CA LEU HA 174 -2.67 -12.12 27.48
C LEU HA 174 -1.41 -12.75 27.98
N ALA HA 175 -1.18 -14.02 27.60
CA ALA HA 175 0.06 -14.65 27.93
C ALA HA 175 1.09 -14.05 27.03
N SER HA 176 0.81 -14.04 25.71
CA SER HA 176 1.72 -13.45 24.78
C SER HA 176 1.85 -12.01 25.14
N GLU HA 177 0.73 -11.31 25.37
CA GLU HA 177 0.81 -9.90 25.68
C GLU HA 177 1.52 -9.71 26.98
N ALA HA 178 1.43 -10.71 27.89
CA ALA HA 178 2.02 -10.55 29.19
C ALA HA 178 3.50 -10.62 29.08
N LEU HA 179 3.99 -11.25 28.00
CA LEU HA 179 5.40 -11.39 27.82
C LEU HA 179 5.92 -10.10 27.27
N ARG HA 180 5.13 -9.45 26.39
CA ARG HA 180 5.49 -8.16 25.88
C ARG HA 180 5.48 -7.19 27.03
N SER HA 181 4.59 -7.39 28.00
CA SER HA 181 4.70 -6.57 29.17
C SER HA 181 6.04 -6.83 29.77
N TYR HA 182 6.27 -8.08 30.23
CA TYR HA 182 7.37 -8.49 31.05
C TYR HA 182 8.65 -7.88 30.59
N MET HA 183 9.06 -8.09 29.32
CA MET HA 183 10.40 -7.71 28.99
C MET HA 183 10.58 -6.23 29.12
N SER HA 184 9.46 -5.46 29.06
CA SER HA 184 9.49 -4.03 29.09
C SER HA 184 10.35 -3.57 30.21
N ILE HA 185 10.00 -3.94 31.46
CA ILE HA 185 10.73 -3.36 32.56
C ILE HA 185 11.99 -4.14 32.77
N PRO HA 186 13.07 -3.43 32.84
CA PRO HA 186 14.33 -3.98 33.24
C PRO HA 186 14.24 -4.47 34.65
N PRO HA 187 15.18 -5.29 35.01
CA PRO HA 187 15.47 -5.72 36.34
C PRO HA 187 16.08 -4.59 37.11
N THR HA 188 17.06 -4.89 38.01
CA THR HA 188 18.00 -3.92 38.49
C THR HA 188 19.19 -4.69 39.01
N LEU HA 189 20.22 -3.95 39.51
CA LEU HA 189 21.30 -4.62 40.16
C LEU HA 189 21.47 -4.02 41.53
N TYR HA 190 22.74 -3.77 41.92
CA TYR HA 190 23.17 -3.58 43.28
C TYR HA 190 24.61 -4.00 43.26
N ASP HA 191 25.53 -3.30 43.97
CA ASP HA 191 26.84 -3.79 44.35
C ASP HA 191 27.16 -3.02 45.59
N GLN HA 192 27.87 -3.65 46.56
CA GLN HA 192 27.83 -3.03 47.86
C GLN HA 192 28.81 -1.90 47.85
N GLN HA 193 28.94 -1.22 49.01
CA GLN HA 193 29.81 -0.09 49.08
C GLN HA 193 31.11 -0.56 49.59
N GLY HA 194 32.17 0.21 49.30
CA GLY HA 194 33.48 -0.26 49.58
C GLY HA 194 33.64 -1.60 48.94
N ASP HA 195 33.66 -1.64 47.60
CA ASP HA 195 34.04 -2.86 46.97
C ASP HA 195 35.40 -2.65 46.42
N ALA HA 196 36.27 -3.66 46.52
CA ALA HA 196 37.55 -3.51 45.92
C ALA HA 196 37.30 -3.55 44.47
N VAL HA 197 37.83 -2.59 43.70
CA VAL HA 197 37.61 -2.74 42.30
C VAL HA 197 38.76 -2.15 41.57
N SER HA 198 38.64 -2.15 40.23
CA SER HA 198 39.74 -1.72 39.43
C SER HA 198 39.16 -1.09 38.21
N ILE HA 199 40.01 -0.42 37.39
CA ILE HA 199 39.54 0.08 36.13
C ILE HA 199 40.41 -0.50 35.08
N PHE HA 200 39.80 -1.03 34.00
CA PHE HA 200 40.57 -1.24 32.83
C PHE HA 200 40.66 0.10 32.15
N VAL HA 201 41.52 1.01 32.66
CA VAL HA 201 41.70 2.25 31.97
C VAL HA 201 42.17 1.87 30.61
N ALA HA 202 41.30 2.05 29.60
CA ALA HA 202 41.58 1.53 28.30
C ALA HA 202 42.34 2.56 27.54
N ARG HA 203 43.47 3.05 28.10
CA ARG HA 203 44.26 3.95 27.31
C ARG HA 203 45.55 4.28 27.99
N ASP HA 204 46.09 5.47 27.64
CA ASP HA 204 47.43 5.87 27.99
C ASP HA 204 47.38 7.21 28.59
N LEU HA 205 48.13 7.34 29.69
CA LEU HA 205 48.19 8.56 30.39
C LEU HA 205 49.56 9.10 30.18
N ASP HA 206 49.67 10.41 29.93
CA ASP HA 206 50.97 11.00 29.96
C ASP HA 206 51.08 11.68 31.27
N PHE HA 207 52.07 11.30 32.07
CA PHE HA 207 52.51 12.26 33.03
C PHE HA 207 53.92 12.57 32.67
N SER HA 208 54.24 12.76 31.37
CA SER HA 208 55.57 13.21 31.08
C SER HA 208 55.52 14.69 30.95
N GLY HA 209 54.57 15.34 31.63
CA GLY HA 209 54.55 16.75 31.64
C GLY HA 209 54.32 17.16 33.07
N VAL HA 210 54.34 16.18 34.01
CA VAL HA 210 54.59 16.38 35.42
C VAL HA 210 55.88 15.59 35.58
N TYR HA 211 56.14 14.93 36.75
CA TYR HA 211 57.11 13.89 37.01
C TYR HA 211 58.27 13.81 36.06
N THR HA 212 59.52 13.94 36.56
CA THR HA 212 60.69 13.60 35.78
C THR HA 212 61.76 13.20 36.78
N LEU HA 213 63.10 13.36 36.53
CA LEU HA 213 63.92 12.71 37.54
C LEU HA 213 64.28 13.67 38.65
N ALA HA 214 64.80 13.14 39.80
CA ALA HA 214 66.01 12.38 39.78
C ALA HA 214 66.51 12.03 41.20
N ASP HA 215 67.83 12.23 41.50
CA ASP HA 215 68.40 11.67 42.70
C ASP HA 215 68.52 12.75 43.77
N ASN HA 216 69.20 12.47 44.92
CA ASN HA 216 68.86 11.29 45.67
C ASN HA 216 67.57 11.57 46.42
N ALA IA 1 68.86 17.49 32.64
CA ALA IA 1 69.58 17.51 31.35
C ALA IA 1 69.53 16.15 30.72
N ALA IA 2 70.12 16.02 29.52
CA ALA IA 2 70.10 14.76 28.84
C ALA IA 2 70.94 13.81 29.63
N ASP IA 3 72.09 14.29 30.13
CA ASP IA 3 73.02 13.42 30.79
C ASP IA 3 72.69 13.37 32.24
N LYS IA 4 71.96 14.37 32.75
CA LYS IA 4 71.55 14.42 34.11
C LYS IA 4 70.57 13.32 34.33
N LYS IA 5 69.67 13.12 33.35
CA LYS IA 5 68.62 12.16 33.50
C LYS IA 5 69.27 10.82 33.62
N ARG IA 6 70.12 10.52 32.63
CA ARG IA 6 70.66 9.22 32.39
C ARG IA 6 71.16 8.63 33.67
N ILE IA 7 72.27 9.19 34.18
CA ILE IA 7 72.89 8.87 35.43
C ILE IA 7 71.83 8.53 36.44
N THR IA 8 70.79 9.37 36.53
CA THR IA 8 69.78 9.18 37.54
C THR IA 8 69.04 7.91 37.28
N GLN IA 9 68.62 7.69 36.03
CA GLN IA 9 67.77 6.59 35.68
C GLN IA 9 68.45 5.31 36.07
N LYS IA 10 69.78 5.22 35.86
CA LYS IA 10 70.48 4.03 36.28
C LYS IA 10 70.31 3.91 37.75
N LEU IA 11 70.39 5.04 38.46
CA LEU IA 11 70.29 5.04 39.89
C LEU IA 11 68.99 4.40 40.25
N LYS IA 12 68.00 4.47 39.34
CA LYS IA 12 66.63 4.16 39.65
C LYS IA 12 66.39 2.71 39.41
N GLN IA 13 67.19 2.10 38.51
CA GLN IA 13 67.07 0.70 38.26
C GLN IA 13 67.33 0.00 39.55
N THR IA 14 68.34 0.47 40.31
CA THR IA 14 68.71 -0.34 41.41
C THR IA 14 68.07 0.19 42.66
N ALA IA 15 66.97 -0.43 43.10
CA ALA IA 15 66.38 0.07 44.30
C ALA IA 15 65.61 -1.06 44.89
N PHE IA 16 65.82 -2.26 44.35
CA PHE IA 16 65.28 -3.44 44.95
C PHE IA 16 66.07 -3.69 46.19
N ALA IA 17 65.86 -2.83 47.20
CA ALA IA 17 66.73 -2.78 48.33
C ALA IA 17 65.89 -2.56 49.56
N GLY IA 18 66.44 -1.77 50.51
CA GLY IA 18 65.86 -1.75 51.81
C GLY IA 18 66.23 -3.05 52.44
N ALA IA 19 65.67 -3.32 53.64
CA ALA IA 19 65.94 -4.58 54.26
C ALA IA 19 64.95 -5.56 53.73
N LYS IA 20 65.44 -6.55 52.96
CA LYS IA 20 64.51 -7.47 52.39
C LYS IA 20 63.99 -8.36 53.46
N ASN IA 21 62.95 -9.11 53.06
CA ASN IA 21 62.40 -10.24 53.71
C ASN IA 21 63.07 -11.35 52.98
N TYR IA 22 63.74 -12.29 53.65
CA TYR IA 22 64.45 -13.19 52.79
C TYR IA 22 63.56 -14.37 52.52
N GLN IA 23 62.77 -14.80 53.52
CA GLN IA 23 62.04 -16.01 53.36
C GLN IA 23 60.77 -15.73 52.63
N TYR IA 24 60.65 -16.33 51.42
CA TYR IA 24 59.36 -16.61 50.89
C TYR IA 24 59.20 -18.09 51.05
N VAL IA 25 58.01 -18.55 51.49
CA VAL IA 25 57.75 -19.96 51.41
C VAL IA 25 56.84 -20.12 50.25
N MET IA 26 56.82 -21.31 49.63
CA MET IA 26 55.91 -21.50 48.54
C MET IA 26 55.04 -22.65 48.91
N SER IA 27 54.26 -23.15 47.93
CA SER IA 27 53.53 -24.36 48.13
C SER IA 27 54.50 -25.44 47.80
N GLU IA 28 54.00 -26.55 47.22
CA GLU IA 28 54.89 -27.52 46.64
C GLU IA 28 54.01 -28.57 46.07
N GLN IA 29 53.94 -28.64 44.74
CA GLN IA 29 53.28 -29.75 44.14
C GLN IA 29 54.23 -30.29 43.13
N PRO IA 30 54.09 -31.55 42.81
CA PRO IA 30 55.05 -32.21 42.00
C PRO IA 30 55.00 -31.59 40.64
N GLU IA 31 53.91 -30.88 40.32
CA GLU IA 31 53.78 -30.27 39.04
C GLU IA 31 54.34 -28.89 39.18
N MET IA 32 53.96 -28.21 40.27
CA MET IA 32 54.46 -26.89 40.53
C MET IA 32 55.95 -26.95 40.48
N ARG IA 33 56.57 -27.57 41.52
CA ARG IA 33 57.98 -27.67 41.82
C ARG IA 33 58.81 -27.43 40.60
N SER IA 34 58.51 -28.21 39.53
CA SER IA 34 59.21 -28.17 38.29
C SER IA 34 59.43 -26.75 37.88
N ILE IA 35 58.35 -26.06 37.45
CA ILE IA 35 58.55 -24.80 36.81
C ILE IA 35 58.59 -23.72 37.85
N GLN IA 36 59.31 -23.97 38.95
CA GLN IA 36 59.36 -22.97 39.99
C GLN IA 36 60.39 -21.95 39.61
N PRO IA 37 60.38 -20.92 40.40
CA PRO IA 37 61.26 -19.79 40.26
C PRO IA 37 62.70 -20.13 40.49
N VAL IA 38 63.58 -19.10 40.39
CA VAL IA 38 64.89 -19.18 40.95
C VAL IA 38 64.79 -18.54 42.29
N HIS IA 39 64.87 -17.19 42.32
CA HIS IA 39 64.77 -16.48 43.56
C HIS IA 39 63.54 -15.64 43.54
N VAL IA 40 62.86 -15.55 44.70
CA VAL IA 40 61.71 -14.72 44.83
C VAL IA 40 61.89 -13.95 46.08
N TRP IA 41 61.88 -12.60 46.01
CA TRP IA 41 62.07 -11.93 47.26
C TRP IA 41 61.33 -10.64 47.28
N ASP IA 42 61.35 -9.95 48.43
CA ASP IA 42 60.64 -8.71 48.52
C ASP IA 42 61.34 -7.85 49.50
N ASN IA 43 61.07 -6.53 49.44
CA ASN IA 43 61.41 -5.60 50.48
C ASN IA 43 60.13 -4.91 50.79
N TYR IA 44 59.24 -4.91 49.78
CA TYR IA 44 58.03 -4.15 49.80
C TYR IA 44 56.99 -5.08 49.28
N ARG IA 45 56.07 -4.53 48.47
CA ARG IA 45 55.15 -5.29 47.67
C ARG IA 45 55.81 -5.37 46.35
N PHE IA 46 56.75 -4.41 46.12
CA PHE IA 46 57.61 -4.45 44.99
C PHE IA 46 58.40 -5.71 45.11
N THR IA 47 57.90 -6.78 44.47
CA THR IA 47 58.39 -8.10 44.74
C THR IA 47 59.00 -8.63 43.48
N ARG IA 48 60.13 -9.34 43.58
CA ARG IA 48 60.68 -9.89 42.38
C ARG IA 48 60.62 -11.38 42.45
N PHE IA 49 60.29 -11.99 41.29
CA PHE IA 49 60.22 -13.42 41.11
C PHE IA 49 61.09 -13.71 39.94
N GLU IA 50 62.36 -14.12 40.14
CA GLU IA 50 63.20 -14.37 39.00
C GLU IA 50 62.83 -15.69 38.44
N PHE IA 51 63.17 -15.88 37.14
CA PHE IA 51 62.87 -17.12 36.49
C PHE IA 51 64.10 -17.57 35.78
N PRO IA 52 64.17 -18.86 35.65
CA PRO IA 52 65.18 -19.48 34.83
C PRO IA 52 64.72 -19.42 33.42
N ALA IA 53 65.64 -19.67 32.47
CA ALA IA 53 65.31 -19.76 31.10
C ALA IA 53 64.16 -20.71 30.97
N ASN IA 54 64.40 -21.95 31.45
CA ASN IA 54 63.57 -23.07 31.25
C ASN IA 54 62.64 -23.16 32.42
N ALA IA 55 61.90 -22.08 32.71
CA ALA IA 55 60.82 -22.19 33.65
C ALA IA 55 59.69 -21.38 33.10
N GLU IA 56 58.47 -21.94 33.09
CA GLU IA 56 57.44 -21.37 32.27
C GLU IA 56 57.11 -20.01 32.75
N LEU IA 57 56.13 -19.37 32.08
CA LEU IA 57 55.67 -18.13 32.60
C LEU IA 57 54.29 -18.33 33.12
N PRO IA 58 54.29 -18.47 34.40
CA PRO IA 58 53.11 -18.48 35.20
C PRO IA 58 52.33 -17.23 34.95
N GLN IA 59 51.13 -17.13 35.56
CA GLN IA 59 50.54 -15.84 35.75
C GLN IA 59 50.22 -15.78 37.21
N VAL IA 60 50.67 -14.70 37.89
CA VAL IA 60 50.54 -14.68 39.31
C VAL IA 60 49.61 -13.58 39.67
N TYR IA 61 49.00 -13.65 40.85
CA TYR IA 61 48.10 -12.62 41.29
C TYR IA 61 48.38 -12.39 42.73
N MET IA 62 47.70 -11.39 43.34
CA MET IA 62 47.96 -11.04 44.71
C MET IA 62 46.74 -11.41 45.47
N ILE IA 63 46.90 -11.68 46.77
CA ILE IA 63 45.77 -11.85 47.63
C ILE IA 63 45.67 -10.63 48.49
N SER IA 64 44.71 -9.75 48.18
CA SER IA 64 44.60 -8.58 48.97
C SER IA 64 44.13 -9.04 50.31
N ALA IA 65 44.06 -8.09 51.26
CA ALA IA 65 43.69 -8.39 52.60
C ALA IA 65 42.27 -8.86 52.59
N SER IA 66 41.52 -8.56 51.51
CA SER IA 66 40.16 -8.97 51.51
C SER IA 66 40.17 -10.47 51.55
N GLY IA 67 41.27 -11.09 51.09
CA GLY IA 67 41.37 -12.52 51.17
C GLY IA 67 40.94 -13.08 49.85
N LYS IA 68 39.95 -12.42 49.23
CA LYS IA 68 39.54 -12.74 47.90
C LYS IA 68 40.70 -12.39 47.03
N GLU IA 69 40.67 -12.81 45.75
CA GLU IA 69 41.85 -12.62 44.97
C GLU IA 69 41.74 -11.32 44.25
N THR IA 70 42.84 -10.94 43.58
CA THR IA 70 42.84 -9.74 42.80
C THR IA 70 43.92 -9.96 41.79
N LEU IA 71 44.00 -9.09 40.77
CA LEU IA 71 45.14 -9.25 39.92
C LEU IA 71 46.00 -8.03 40.09
N PRO IA 72 47.26 -8.30 40.20
CA PRO IA 72 48.25 -7.31 40.49
C PRO IA 72 48.52 -6.60 39.21
N ASN IA 73 49.04 -5.37 39.28
CA ASN IA 73 49.59 -4.76 38.11
C ASN IA 73 51.03 -5.10 38.13
N SER IA 74 51.45 -5.98 37.21
CA SER IA 74 52.80 -6.42 37.34
C SER IA 74 53.54 -6.04 36.11
N HIS IA 75 54.83 -6.37 36.11
CA HIS IA 75 55.63 -6.23 34.94
C HIS IA 75 56.75 -7.18 35.17
N VAL IA 76 57.50 -7.51 34.12
CA VAL IA 76 58.68 -8.26 34.43
C VAL IA 76 59.81 -7.34 34.14
N VAL IA 77 60.99 -7.58 34.73
CA VAL IA 77 62.05 -6.68 34.44
C VAL IA 77 63.31 -7.46 34.52
N GLY IA 78 64.41 -6.86 34.04
CA GLY IA 78 65.67 -7.52 34.21
C GLY IA 78 66.34 -7.56 32.88
N GLU IA 79 67.68 -7.55 32.91
CA GLU IA 79 68.45 -7.96 31.78
C GLU IA 79 68.03 -9.37 31.55
N ASN IA 80 68.11 -10.16 32.64
CA ASN IA 80 67.53 -11.46 32.71
C ASN IA 80 66.13 -11.29 32.21
N ARG IA 81 65.41 -10.28 32.73
CA ARG IA 81 64.13 -9.90 32.18
C ARG IA 81 63.12 -10.92 32.59
N ASN IA 82 63.60 -12.01 33.20
CA ASN IA 82 62.76 -13.10 33.57
C ASN IA 82 61.95 -12.72 34.75
N ILE IA 83 62.53 -11.96 35.67
CA ILE IA 83 61.87 -11.69 36.92
C ILE IA 83 60.64 -10.90 36.66
N ILE IA 84 59.63 -11.06 37.54
CA ILE IA 84 58.40 -10.32 37.44
C ILE IA 84 58.36 -9.42 38.63
N GLU IA 85 58.41 -8.09 38.42
CA GLU IA 85 58.28 -7.17 39.51
C GLU IA 85 56.84 -6.79 39.57
N VAL IA 86 56.22 -6.95 40.75
CA VAL IA 86 54.82 -6.69 40.89
C VAL IA 86 54.70 -5.49 41.78
N GLU IA 87 53.72 -4.60 41.54
CA GLU IA 87 53.67 -3.41 42.34
C GLU IA 87 52.30 -3.28 42.93
N THR IA 88 51.88 -4.27 43.75
CA THR IA 88 50.63 -4.24 44.48
C THR IA 88 50.83 -4.99 45.77
N VAL IA 89 50.14 -4.53 46.84
CA VAL IA 89 50.14 -5.11 48.16
C VAL IA 89 49.67 -6.54 48.09
N ALA IA 90 50.19 -7.40 49.00
CA ALA IA 90 49.62 -8.68 49.28
C ALA IA 90 50.68 -9.52 49.94
N LYS IA 91 50.27 -10.36 50.92
CA LYS IA 91 51.24 -11.23 51.53
C LYS IA 91 51.43 -12.37 50.59
N GLU IA 92 50.35 -13.16 50.39
CA GLU IA 92 50.46 -14.31 49.54
C GLU IA 92 50.52 -13.86 48.13
N TRP IA 93 50.58 -14.85 47.24
CA TRP IA 93 50.54 -14.61 45.84
C TRP IA 93 50.15 -15.90 45.21
N ARG IA 94 49.21 -15.88 44.26
CA ARG IA 94 48.98 -17.10 43.58
C ARG IA 94 49.85 -17.08 42.39
N ILE IA 95 49.91 -18.21 41.66
CA ILE IA 95 50.81 -18.27 40.54
C ILE IA 95 50.25 -19.29 39.60
N ARG IA 96 48.99 -19.05 39.17
CA ARG IA 96 48.20 -19.93 38.36
C ARG IA 96 48.88 -20.05 37.02
N LEU IA 97 48.32 -20.91 36.15
CA LEU IA 97 48.81 -21.08 34.82
C LEU IA 97 48.11 -22.27 34.25
N GLY IA 98 46.80 -22.11 33.92
CA GLY IA 98 46.04 -23.24 33.47
C GLY IA 98 45.71 -24.02 34.70
N ASP IA 99 45.74 -25.36 34.58
CA ASP IA 99 45.44 -26.26 35.65
C ASP IA 99 46.21 -25.83 36.86
N LYS IA 100 47.54 -25.92 36.71
CA LYS IA 100 48.51 -25.72 37.75
C LYS IA 100 48.20 -24.47 38.51
N VAL IA 101 48.58 -24.41 39.81
CA VAL IA 101 48.36 -23.20 40.59
C VAL IA 101 49.21 -23.20 41.85
N VAL IA 102 50.38 -22.51 41.80
CA VAL IA 102 51.27 -22.37 42.93
C VAL IA 102 50.71 -21.31 43.81
N GLY IA 103 51.52 -20.78 44.77
CA GLY IA 103 51.00 -19.71 45.56
C GLY IA 103 52.01 -19.34 46.60
N VAL IA 104 53.13 -18.75 46.15
CA VAL IA 104 54.17 -18.36 47.08
C VAL IA 104 53.56 -17.50 48.12
N ARG IA 105 54.04 -17.70 49.35
CA ARG IA 105 53.59 -16.89 50.42
C ARG IA 105 54.71 -15.95 50.69
N ASN IA 106 54.40 -14.67 50.93
CA ASN IA 106 55.44 -13.81 51.38
C ASN IA 106 55.40 -13.95 52.88
N ASN IA 107 56.48 -13.62 53.59
CA ASN IA 107 56.34 -13.83 55.00
C ASN IA 107 57.04 -12.74 55.73
N ASN IA 108 56.35 -11.60 55.89
CA ASN IA 108 56.83 -10.64 56.81
C ASN IA 108 55.66 -9.84 57.29
N PHE IA 109 55.76 -9.31 58.50
CA PHE IA 109 54.82 -8.36 58.99
C PHE IA 109 55.57 -7.53 59.97
N ALA IA 110 55.99 -6.32 59.55
CA ALA IA 110 56.30 -5.33 60.51
C ALA IA 110 55.08 -4.47 60.57
N PRO IA 111 54.16 -4.74 61.44
CA PRO IA 111 52.85 -4.21 61.19
C PRO IA 111 52.85 -2.81 61.69
N GLY IA 112 51.91 -1.97 61.22
CA GLY IA 112 51.68 -0.70 61.84
C GLY IA 112 52.82 0.22 61.51
N ARG IA 113 53.87 -0.28 60.84
CA ARG IA 113 54.92 0.62 60.45
C ARG IA 113 55.34 0.26 59.07
N GLY IA 114 55.99 1.21 58.37
CA GLY IA 114 56.56 0.92 57.09
C GLY IA 114 56.41 2.14 56.25
N ALA IA 115 55.23 2.81 56.38
CA ALA IA 115 54.86 3.87 55.48
C ALA IA 115 55.87 4.95 55.60
N VAL IA 116 56.22 5.55 54.45
CA VAL IA 116 56.92 6.80 54.44
C VAL IA 116 56.43 7.50 53.22
N ALA IA 117 57.28 8.32 52.59
CA ALA IA 117 56.89 8.88 51.34
C ALA IA 117 58.04 8.66 50.41
N THR IA 118 57.92 7.65 49.53
CA THR IA 118 58.93 7.37 48.56
C THR IA 118 59.17 8.62 47.81
N GLY IA 119 58.16 9.05 47.03
CA GLY IA 119 58.30 10.32 46.38
C GLY IA 119 58.54 10.07 44.93
N THR IA 120 58.66 8.78 44.59
CA THR IA 120 58.41 8.33 43.27
C THR IA 120 57.83 6.99 43.47
N ALA IA 121 58.01 6.10 42.48
CA ALA IA 121 57.88 4.69 42.71
C ALA IA 121 59.01 4.33 43.61
N SER IA 122 60.20 4.17 43.00
CA SER IA 122 61.37 3.79 43.74
C SER IA 122 61.98 5.05 44.27
N PRO IA 123 62.60 4.95 45.43
CA PRO IA 123 62.95 6.12 46.20
C PRO IA 123 64.16 6.77 45.67
N ASP IA 124 64.81 6.15 44.66
CA ASP IA 124 66.06 6.60 44.15
C ASP IA 124 65.78 7.91 43.55
N VAL IA 125 64.74 7.92 42.71
CA VAL IA 125 64.56 9.07 41.93
C VAL IA 125 63.39 9.77 42.51
N ARG IA 126 62.87 10.81 41.85
CA ARG IA 126 62.04 11.68 42.62
C ARG IA 126 61.18 12.43 41.68
N ARG IA 127 60.24 13.21 42.24
CA ARG IA 127 59.29 13.87 41.44
C ARG IA 127 59.38 15.31 41.74
N VAL IA 128 59.71 16.11 40.71
CA VAL IA 128 60.00 17.48 40.95
C VAL IA 128 59.19 18.34 40.01
N GLN IA 129 57.85 18.17 40.06
CA GLN IA 129 56.78 18.61 39.17
C GLN IA 129 57.13 19.63 38.09
N ILE IA 130 56.52 19.50 36.87
CA ILE IA 130 56.87 20.32 35.73
C ILE IA 130 55.71 21.21 35.28
N CYS JA 15 18.34 -22.18 42.76
CA CYS JA 15 18.46 -20.90 42.03
C CYS JA 15 19.67 -20.93 41.16
N SER JA 16 20.48 -19.86 41.21
CA SER JA 16 21.62 -19.81 40.36
C SER JA 16 22.75 -20.49 41.07
N SER JA 17 23.93 -20.47 40.43
CA SER JA 17 25.12 -20.99 41.03
C SER JA 17 25.98 -19.81 41.31
N GLY JA 18 27.13 -20.01 41.94
CA GLY JA 18 27.98 -18.88 42.21
C GLY JA 18 29.22 -19.14 41.44
N HIS JA 19 30.36 -18.59 41.93
CA HIS JA 19 31.63 -18.86 41.35
C HIS JA 19 32.17 -20.02 42.14
N LYS JA 20 33.14 -20.77 41.59
CA LYS JA 20 33.68 -21.83 42.39
C LYS JA 20 34.88 -21.29 43.07
N PRO JA 21 35.00 -21.53 44.34
CA PRO JA 21 36.12 -21.00 45.08
C PRO JA 21 37.35 -21.56 44.47
N PRO JA 22 38.44 -20.89 44.71
CA PRO JA 22 39.55 -20.96 43.82
C PRO JA 22 40.27 -22.24 44.06
N PRO JA 23 40.99 -22.74 43.08
CA PRO JA 23 41.86 -23.86 43.24
C PRO JA 23 42.84 -23.49 44.29
N GLU JA 24 42.98 -24.33 45.33
CA GLU JA 24 43.72 -23.89 46.47
C GLU JA 24 44.98 -24.67 46.54
N PRO JA 25 46.06 -23.96 46.67
CA PRO JA 25 47.36 -24.54 46.59
C PRO JA 25 47.66 -25.37 47.80
N ASP JA 26 48.73 -26.18 47.73
CA ASP JA 26 49.17 -27.00 48.82
C ASP JA 26 49.41 -26.09 49.98
N TRP JA 27 48.73 -26.35 51.11
CA TRP JA 27 48.94 -25.62 52.33
C TRP JA 27 49.67 -26.53 53.23
N SER JA 28 49.42 -27.84 53.03
CA SER JA 28 50.03 -28.83 53.84
C SER JA 28 51.50 -28.79 53.56
N ASN JA 29 51.95 -29.34 52.42
CA ASN JA 29 53.36 -29.36 52.17
C ASN JA 29 53.82 -27.95 52.06
N THR JA 30 54.94 -27.60 52.73
CA THR JA 30 55.42 -26.26 52.50
C THR JA 30 56.91 -26.22 52.62
N VAL JA 31 57.56 -26.05 51.45
CA VAL JA 31 58.97 -25.97 51.28
C VAL JA 31 59.28 -24.55 50.91
N PRO JA 32 60.42 -24.08 51.30
CA PRO JA 32 60.85 -22.74 51.02
C PRO JA 32 60.99 -22.51 49.55
N VAL JA 33 60.86 -21.24 49.11
CA VAL JA 33 60.97 -20.89 47.72
C VAL JA 33 62.42 -20.91 47.38
N ASN JA 34 63.12 -19.84 47.80
CA ASN JA 34 64.41 -19.46 47.32
C ASN JA 34 65.32 -20.63 47.32
N LYS JA 35 66.34 -20.56 46.42
CA LYS JA 35 67.33 -21.57 46.25
C LYS JA 35 68.60 -21.04 46.82
N THR JA 36 69.49 -20.52 45.96
CA THR JA 36 70.57 -19.73 46.48
C THR JA 36 69.97 -18.46 46.97
N ILE JA 37 70.84 -17.46 47.26
CA ILE JA 37 70.33 -16.25 47.78
C ILE JA 37 70.39 -15.23 46.70
N PRO JA 38 69.39 -14.41 46.72
CA PRO JA 38 69.04 -13.57 45.61
C PRO JA 38 70.05 -12.49 45.45
N VAL JA 39 70.33 -12.10 44.20
CA VAL JA 39 71.07 -10.89 44.00
C VAL JA 39 70.19 -10.01 43.19
N ASP JA 40 70.65 -8.78 42.91
CA ASP JA 40 69.86 -7.99 42.02
C ASP JA 40 70.29 -8.34 40.64
N THR JA 41 69.31 -8.48 39.73
CA THR JA 41 69.69 -8.66 38.38
C THR JA 41 69.84 -7.28 37.85
N GLN JA 42 68.73 -6.76 37.32
CA GLN JA 42 68.58 -5.37 37.01
C GLN JA 42 69.13 -4.59 38.21
N GLY JA 43 70.24 -4.00 38.09
N GLU KA 1 26.91 -7.41 -21.58
CA GLU KA 1 25.47 -7.73 -21.41
C GLU KA 1 25.24 -9.08 -21.97
N THR KA 2 26.32 -9.89 -21.97
CA THR KA 2 26.27 -11.28 -22.30
C THR KA 2 25.56 -11.94 -21.17
N SER KA 3 25.65 -13.27 -21.06
CA SER KA 3 25.02 -13.83 -19.89
C SER KA 3 25.94 -13.56 -18.76
N GLU KA 4 25.42 -13.66 -17.52
CA GLU KA 4 26.15 -13.37 -16.32
C GLU KA 4 26.70 -14.66 -15.85
N GLY KA 5 25.79 -15.65 -15.66
CA GLY KA 5 26.16 -16.94 -15.20
C GLY KA 5 26.77 -17.64 -16.35
N SER KA 6 26.79 -16.98 -17.53
CA SER KA 6 27.65 -17.44 -18.56
C SER KA 6 29.03 -17.16 -18.07
N SER KA 7 29.22 -15.90 -17.64
CA SER KA 7 30.49 -15.45 -17.17
C SER KA 7 30.98 -16.36 -16.09
N ALA KA 8 30.18 -16.54 -15.02
CA ALA KA 8 30.63 -17.15 -13.80
C ALA KA 8 31.22 -18.50 -14.11
N LEU KA 9 30.44 -19.38 -14.78
CA LEU KA 9 30.89 -20.69 -15.16
C LEU KA 9 32.22 -20.54 -15.81
N ALA KA 10 32.25 -19.69 -16.86
CA ALA KA 10 33.43 -19.41 -17.64
C ALA KA 10 34.58 -19.11 -16.73
N LYS KA 11 34.28 -18.56 -15.53
CA LYS KA 11 35.30 -18.07 -14.65
C LYS KA 11 35.96 -19.25 -14.04
N ASN KA 12 35.13 -20.26 -13.76
CA ASN KA 12 35.53 -21.35 -12.93
C ASN KA 12 35.88 -22.55 -13.78
N LEU KA 13 35.92 -22.41 -15.13
CA LEU KA 13 36.28 -23.56 -15.92
C LEU KA 13 37.78 -23.71 -15.93
N THR KA 14 38.51 -22.70 -16.42
CA THR KA 14 39.93 -22.78 -16.40
C THR KA 14 40.36 -22.26 -15.03
N PRO KA 15 40.77 -23.09 -14.06
CA PRO KA 15 40.59 -22.71 -12.70
C PRO KA 15 41.94 -22.52 -12.10
N ALA KA 16 42.32 -21.29 -11.72
CA ALA KA 16 41.42 -20.19 -11.85
C ALA KA 16 42.07 -19.33 -12.87
N ARG KA 17 41.44 -18.28 -13.40
CA ARG KA 17 42.36 -17.34 -13.97
C ARG KA 17 42.33 -16.15 -13.07
N LEU KA 18 42.18 -16.43 -11.77
CA LEU KA 18 42.88 -15.77 -10.69
C LEU KA 18 44.11 -15.09 -11.24
N LYS KA 19 44.44 -13.88 -10.72
CA LYS KA 19 45.54 -13.06 -11.18
C LYS KA 19 46.83 -13.53 -10.57
N ALA KA 20 47.92 -13.59 -11.37
CA ALA KA 20 49.21 -14.06 -10.92
C ALA KA 20 49.60 -13.34 -9.65
N SER KA 21 50.30 -14.08 -8.77
CA SER KA 21 50.69 -13.60 -7.48
C SER KA 21 52.15 -13.26 -7.55
N ARG KA 22 52.53 -12.06 -7.07
CA ARG KA 22 53.91 -11.65 -7.19
C ARG KA 22 54.66 -12.38 -6.13
N ALA KA 23 55.43 -13.38 -6.53
CA ALA KA 23 56.13 -14.13 -5.53
C ALA KA 23 57.38 -13.39 -5.23
N GLY KA 24 57.27 -12.33 -4.41
CA GLY KA 24 58.35 -11.40 -4.23
C GLY KA 24 58.87 -11.54 -2.84
N VAL KA 25 60.17 -11.24 -2.65
CA VAL KA 25 60.75 -11.61 -1.40
C VAL KA 25 60.61 -10.49 -0.44
N MET KA 26 60.11 -10.87 0.76
CA MET KA 26 60.36 -10.07 1.91
C MET KA 26 61.83 -9.97 1.98
N ALA KA 27 62.34 -8.73 1.99
CA ALA KA 27 63.75 -8.51 2.04
C ALA KA 27 64.29 -9.23 3.23
N ASN KA 28 64.11 -8.66 4.44
CA ASN KA 28 64.71 -9.29 5.58
C ASN KA 28 63.64 -9.74 6.53
N PRO KA 29 64.10 -10.68 7.31
CA PRO KA 29 63.44 -11.21 8.47
C PRO KA 29 63.56 -10.16 9.53
N SER KA 30 64.62 -9.34 9.45
CA SER KA 30 64.73 -8.33 10.44
C SER KA 30 64.15 -7.12 9.83
N LEU KA 31 63.56 -7.29 8.62
CA LEU KA 31 62.72 -6.29 8.00
C LEU KA 31 61.34 -6.71 8.27
N THR KA 32 61.10 -8.01 8.45
CA THR KA 32 59.73 -8.36 8.64
C THR KA 32 59.62 -9.56 9.50
N VAL KA 33 58.76 -9.47 10.53
CA VAL KA 33 58.38 -10.61 11.30
C VAL KA 33 57.08 -11.05 10.72
N PRO KA 34 57.03 -12.20 10.11
CA PRO KA 34 55.86 -12.66 9.44
C PRO KA 34 54.91 -13.14 10.47
N LYS KA 35 53.60 -13.11 10.17
CA LYS KA 35 52.66 -13.83 10.97
C LYS KA 35 52.79 -15.26 10.57
N GLY KA 36 51.70 -16.02 10.76
CA GLY KA 36 51.81 -17.45 10.73
C GLY KA 36 52.49 -17.77 12.01
N LYS KA 37 52.46 -16.78 12.90
CA LYS KA 37 53.18 -16.77 14.13
C LYS KA 37 52.16 -16.91 15.19
N MET KA 38 52.62 -17.25 16.40
CA MET KA 38 51.74 -17.21 17.51
C MET KA 38 52.36 -16.21 18.43
N ILE KA 39 51.54 -15.38 19.07
CA ILE KA 39 52.09 -14.55 20.10
C ILE KA 39 51.68 -15.21 21.37
N PRO KA 40 52.55 -16.01 21.91
CA PRO KA 40 52.20 -16.97 22.92
C PRO KA 40 52.11 -16.25 24.24
N CYS KA 41 51.00 -15.55 24.52
CA CYS KA 41 51.06 -14.69 25.66
C CYS KA 41 50.59 -15.44 26.87
N GLY KA 42 50.15 -14.67 27.89
CA GLY KA 42 49.73 -15.27 29.12
C GLY KA 42 48.73 -14.33 29.73
N THR KA 43 47.49 -14.82 29.89
CA THR KA 43 46.46 -13.92 30.28
C THR KA 43 46.51 -13.75 31.77
N GLY KA 44 46.20 -12.51 32.20
CA GLY KA 44 46.42 -12.18 33.58
C GLY KA 44 45.18 -11.53 34.10
N THR KA 45 44.01 -11.84 33.52
CA THR KA 45 42.83 -11.42 34.20
C THR KA 45 41.83 -12.52 34.06
N GLU KA 46 40.76 -12.42 34.86
CA GLU KA 46 39.64 -13.29 34.65
C GLU KA 46 39.03 -12.80 33.38
N LEU KA 47 38.24 -13.67 32.71
CA LEU KA 47 37.67 -13.32 31.45
C LEU KA 47 36.27 -13.80 31.45
N ASP KA 48 35.37 -12.98 30.88
CA ASP KA 48 33.98 -13.30 30.98
C ASP KA 48 33.31 -12.52 29.93
N THR KA 49 33.03 -13.17 28.78
CA THR KA 49 32.44 -12.43 27.72
C THR KA 49 30.98 -12.30 28.04
N THR KA 50 30.61 -12.82 29.23
CA THR KA 50 29.57 -12.27 30.06
C THR KA 50 29.58 -10.79 29.83
N VAL KA 51 30.65 -10.10 30.27
CA VAL KA 51 30.58 -8.68 30.13
C VAL KA 51 31.58 -8.23 29.13
N PRO KA 52 31.13 -7.50 28.14
CA PRO KA 52 31.98 -6.94 27.13
C PRO KA 52 33.06 -6.15 27.79
N GLY KA 53 34.13 -5.81 27.08
CA GLY KA 53 35.17 -5.17 27.81
C GLY KA 53 36.34 -6.09 27.80
N GLN KA 54 37.41 -5.65 28.50
CA GLN KA 54 38.73 -5.96 28.09
C GLN KA 54 39.27 -7.10 28.86
N VAL KA 55 40.18 -7.86 28.21
CA VAL KA 55 41.03 -8.79 28.89
C VAL KA 55 42.42 -8.24 28.75
N SER KA 56 43.41 -8.82 29.48
CA SER KA 56 44.76 -8.37 29.27
C SER KA 56 45.64 -9.57 29.36
N CYS KA 57 46.62 -9.66 28.43
CA CYS KA 57 47.65 -10.64 28.52
C CYS KA 57 48.95 -9.90 28.41
N ARG KA 58 50.05 -10.62 28.65
CA ARG KA 58 51.37 -10.11 28.40
C ARG KA 58 52.11 -11.24 27.74
N VAL KA 59 53.19 -10.93 26.99
CA VAL KA 59 53.77 -11.99 26.22
C VAL KA 59 54.28 -13.02 27.16
N SER KA 60 54.47 -14.26 26.65
CA SER KA 60 55.17 -15.21 27.44
C SER KA 60 56.58 -15.22 26.92
N GLN KA 61 56.95 -16.27 26.16
CA GLN KA 61 58.27 -16.35 25.61
C GLN KA 61 58.36 -15.35 24.48
N ASP KA 62 59.38 -15.52 23.62
CA ASP KA 62 59.75 -14.47 22.69
C ASP KA 62 59.05 -14.66 21.39
N VAL KA 63 58.96 -13.57 20.61
CA VAL KA 63 58.50 -13.61 19.26
C VAL KA 63 59.72 -13.43 18.40
N TYR KA 64 59.69 -13.93 17.14
CA TYR KA 64 60.89 -13.97 16.34
C TYR KA 64 60.61 -13.33 15.00
N SER KA 65 61.41 -13.70 13.99
CA SER KA 65 61.39 -13.03 12.71
C SER KA 65 60.98 -14.01 11.64
N ALA KA 66 61.37 -13.72 10.38
CA ALA KA 66 60.91 -14.50 9.28
C ALA KA 66 61.71 -15.75 9.26
N ASP KA 67 63.02 -15.63 8.93
CA ASP KA 67 63.90 -16.75 8.99
C ASP KA 67 63.77 -17.33 10.37
N GLY KA 68 63.71 -16.44 11.39
CA GLY KA 68 63.49 -16.88 12.73
C GLY KA 68 64.82 -16.86 13.41
N LEU KA 69 65.76 -16.07 12.85
CA LEU KA 69 67.10 -16.07 13.33
C LEU KA 69 67.28 -14.94 14.29
N VAL KA 70 66.44 -13.89 14.22
CA VAL KA 70 66.65 -12.86 15.20
C VAL KA 70 65.51 -12.86 16.16
N ARG KA 71 65.77 -12.42 17.41
CA ARG KA 71 64.75 -12.32 18.42
C ARG KA 71 64.50 -10.88 18.61
N LEU KA 72 63.42 -10.38 17.98
CA LEU KA 72 63.19 -8.97 18.10
C LEU KA 72 62.16 -8.76 19.15
N ILE KA 73 60.94 -9.27 18.89
CA ILE KA 73 59.94 -9.06 19.89
C ILE KA 73 60.29 -9.94 21.06
N ASP KA 74 60.45 -9.34 22.25
CA ASP KA 74 60.84 -10.11 23.42
C ASP KA 74 59.68 -10.14 24.35
N LYS KA 75 59.90 -10.73 25.54
CA LYS KA 75 58.84 -10.98 26.47
C LYS KA 75 58.45 -9.69 27.11
N GLY KA 76 57.58 -9.80 28.12
CA GLY KA 76 57.16 -8.68 28.89
C GLY KA 76 56.59 -7.66 27.95
N SER KA 77 55.92 -8.12 26.88
CA SER KA 77 55.21 -7.18 26.07
C SER KA 77 53.77 -7.35 26.40
N TRP KA 78 53.25 -6.43 27.23
CA TRP KA 78 51.89 -6.51 27.69
C TRP KA 78 50.99 -6.20 26.53
N VAL KA 79 49.91 -7.00 26.37
CA VAL KA 79 48.92 -6.75 25.35
C VAL KA 79 47.62 -6.46 26.05
N ASP KA 80 46.71 -5.72 25.39
CA ASP KA 80 45.40 -5.50 25.95
C ASP KA 80 44.43 -5.62 24.83
N GLY KA 81 43.15 -5.89 25.14
CA GLY KA 81 42.22 -6.20 24.07
C GLY KA 81 40.83 -5.95 24.53
N GLN KA 82 39.88 -6.77 24.04
CA GLN KA 82 38.49 -6.50 24.28
C GLN KA 82 37.67 -7.63 23.70
N ILE KA 83 36.56 -7.99 24.41
CA ILE KA 83 35.57 -8.94 23.96
C ILE KA 83 34.32 -8.14 23.77
N THR KA 84 33.93 -7.84 22.51
CA THR KA 84 32.88 -6.88 22.24
C THR KA 84 31.64 -7.30 22.95
N GLY KA 85 31.41 -8.61 23.13
CA GLY KA 85 30.22 -8.95 23.84
C GLY KA 85 29.90 -10.39 23.63
N GLY KA 86 28.93 -10.88 24.43
CA GLY KA 86 28.77 -12.27 24.75
C GLY KA 86 28.75 -13.14 23.52
N ILE KA 87 29.25 -14.38 23.69
CA ILE KA 87 29.27 -15.40 22.70
C ILE KA 87 27.87 -15.67 22.29
N LYS KA 88 27.70 -16.68 21.41
CA LYS KA 88 26.37 -17.10 21.11
C LYS KA 88 26.08 -18.30 21.94
N ASP KA 89 25.20 -19.18 21.42
CA ASP KA 89 24.55 -20.20 22.19
C ASP KA 89 25.46 -21.39 22.22
N GLY KA 90 26.00 -21.68 23.41
CA GLY KA 90 26.79 -22.86 23.61
C GLY KA 90 28.01 -22.74 22.74
N GLN KA 91 28.39 -21.49 22.39
CA GLN KA 91 29.53 -21.37 21.54
C GLN KA 91 30.72 -21.82 22.32
N ALA KA 92 31.61 -22.56 21.65
CA ALA KA 92 32.68 -23.27 22.27
C ALA KA 92 33.42 -22.34 23.16
N ARG KA 93 33.52 -21.07 22.75
CA ARG KA 93 34.52 -20.26 23.33
C ARG KA 93 34.25 -18.86 22.87
N VAL KA 94 34.70 -17.88 23.68
CA VAL KA 94 34.62 -16.53 23.24
C VAL KA 94 35.66 -16.33 22.20
N PHE KA 95 35.56 -15.16 21.55
CA PHE KA 95 36.43 -14.62 20.56
C PHE KA 95 37.11 -13.49 21.28
N VAL KA 96 38.33 -13.11 20.85
CA VAL KA 96 39.09 -12.17 21.61
C VAL KA 96 39.79 -11.27 20.66
N LEU KA 97 39.88 -9.99 21.02
CA LEU KA 97 40.51 -9.11 20.10
C LEU KA 97 41.64 -8.48 20.84
N TRP KA 98 42.87 -9.01 20.61
CA TRP KA 98 44.00 -8.35 21.21
C TRP KA 98 44.30 -7.18 20.36
N GLU KA 99 44.27 -5.99 20.96
CA GLU KA 99 44.58 -4.84 20.19
C GLU KA 99 46.00 -4.55 20.41
N ARG KA 100 46.31 -3.66 21.37
CA ARG KA 100 47.66 -3.20 21.27
C ARG KA 100 48.56 -4.07 22.08
N ILE KA 101 49.67 -4.50 21.44
CA ILE KA 101 50.72 -5.18 22.13
C ILE KA 101 51.76 -4.16 22.43
N ARG KA 102 51.96 -3.85 23.71
CA ARG KA 102 52.96 -2.89 24.10
C ARG KA 102 54.06 -3.65 24.76
N ASN KA 103 55.29 -3.08 24.74
CA ASN KA 103 56.48 -3.67 25.30
C ASN KA 103 56.73 -2.94 26.59
N ASP KA 104 57.66 -3.46 27.42
CA ASP KA 104 57.70 -3.08 28.81
C ASP KA 104 58.76 -2.03 29.01
N GLN KA 105 60.03 -2.47 29.02
CA GLN KA 105 61.13 -1.61 29.33
C GLN KA 105 61.25 -0.63 28.21
N ASP KA 106 61.54 -1.17 27.03
CA ASP KA 106 61.73 -0.45 25.80
C ASP KA 106 60.62 0.51 25.60
N GLY KA 107 59.55 0.03 24.95
CA GLY KA 107 58.44 0.80 24.52
C GLY KA 107 57.62 -0.14 23.72
N THR KA 108 57.84 -0.15 22.39
CA THR KA 108 57.39 -1.16 21.49
C THR KA 108 55.94 -1.43 21.73
N ILE KA 109 55.10 -0.42 21.45
CA ILE KA 109 53.70 -0.60 21.34
C ILE KA 109 53.46 -1.03 19.94
N VAL KA 110 52.21 -1.43 19.65
CA VAL KA 110 51.90 -1.67 18.28
C VAL KA 110 50.46 -2.10 18.25
N ASN KA 111 49.62 -1.34 17.53
CA ASN KA 111 48.26 -1.73 17.49
C ASN KA 111 48.20 -2.92 16.59
N ILE KA 112 47.98 -4.13 17.16
CA ILE KA 112 48.18 -5.31 16.33
C ILE KA 112 46.86 -5.72 15.74
N ASP KA 113 45.75 -5.58 16.49
CA ASP KA 113 44.44 -5.74 15.91
C ASP KA 113 44.29 -7.14 15.42
N SER KA 114 44.72 -8.13 16.24
CA SER KA 114 44.60 -9.50 15.82
C SER KA 114 43.68 -10.19 16.77
N ALA KA 115 43.20 -11.38 16.40
CA ALA KA 115 42.43 -12.08 17.38
C ALA KA 115 43.38 -12.90 18.17
N GLY KA 116 42.93 -13.39 19.33
CA GLY KA 116 43.73 -14.29 20.10
C GLY KA 116 43.34 -15.65 19.65
N THR KA 117 44.00 -16.71 20.15
CA THR KA 117 43.64 -18.02 19.69
C THR KA 117 43.72 -18.90 20.88
N ASN KA 118 44.13 -20.17 20.68
CA ASN KA 118 44.16 -21.07 21.81
C ASN KA 118 45.55 -21.62 21.90
N SER KA 119 45.78 -22.44 22.94
CA SER KA 119 47.02 -23.14 23.01
C SER KA 119 47.11 -23.89 21.72
N LEU KA 120 46.01 -24.60 21.38
CA LEU KA 120 45.88 -25.39 20.19
C LEU KA 120 46.10 -24.50 19.02
N GLY KA 121 45.72 -23.21 19.14
CA GLY KA 121 45.99 -22.29 18.07
C GLY KA 121 44.70 -21.84 17.50
N SER KA 122 43.59 -22.54 17.83
CA SER KA 122 42.36 -22.22 17.19
C SER KA 122 41.87 -20.90 17.73
N ALA KA 123 41.13 -20.14 16.87
CA ALA KA 123 40.97 -18.74 17.09
C ALA KA 123 39.99 -18.53 18.19
N GLY KA 124 40.37 -17.68 19.16
CA GLY KA 124 39.46 -17.29 20.20
C GLY KA 124 39.82 -18.08 21.40
N ILE KA 125 39.95 -17.42 22.57
CA ILE KA 125 40.32 -18.20 23.70
C ILE KA 125 39.08 -18.67 24.37
N PRO KA 126 39.15 -19.92 24.67
CA PRO KA 126 37.99 -20.72 24.94
C PRO KA 126 37.49 -20.40 26.30
N GLY KA 127 36.39 -21.06 26.74
CA GLY KA 127 35.95 -20.85 28.08
C GLY KA 127 34.83 -21.78 28.40
N GLN KA 128 33.88 -21.31 29.26
CA GLN KA 128 32.79 -22.12 29.74
C GLN KA 128 31.52 -21.38 29.48
N VAL KA 129 30.39 -22.11 29.52
CA VAL KA 129 29.19 -21.53 29.06
C VAL KA 129 28.29 -21.29 30.24
N ASP KA 130 27.90 -20.01 30.41
CA ASP KA 130 26.75 -19.75 31.21
C ASP KA 130 25.67 -19.65 30.19
N ALA KA 131 24.71 -20.59 30.25
CA ALA KA 131 23.67 -20.65 29.28
C ALA KA 131 22.73 -19.56 29.62
N HIS KA 132 22.41 -19.45 30.93
CA HIS KA 132 21.45 -18.49 31.38
C HIS KA 132 20.12 -18.95 30.89
N MET KA 133 19.96 -20.26 30.68
CA MET KA 133 18.73 -20.73 30.16
C MET KA 133 17.65 -20.35 31.14
N TRP KA 134 18.05 -20.12 32.39
CA TRP KA 134 17.12 -19.78 33.44
C TRP KA 134 16.41 -18.53 33.06
N GLU KA 135 17.12 -17.40 33.00
CA GLU KA 135 16.46 -16.13 32.89
C GLU KA 135 15.64 -16.11 31.64
N ARG KA 136 16.09 -16.84 30.59
CA ARG KA 136 15.37 -16.84 29.36
C ARG KA 136 14.15 -17.67 29.50
N LEU KA 137 14.13 -18.58 30.48
CA LEU KA 137 13.04 -19.51 30.57
C LEU KA 137 12.07 -19.05 31.62
N ARG KA 138 12.53 -18.37 32.68
CA ARG KA 138 11.68 -18.11 33.82
C ARG KA 138 10.47 -17.36 33.38
N GLY KA 139 10.51 -16.72 32.20
CA GLY KA 139 9.43 -15.89 31.76
C GLY KA 139 8.20 -16.73 31.63
N ALA KA 140 8.09 -17.47 30.51
CA ALA KA 140 6.88 -18.16 30.21
C ALA KA 140 6.63 -19.17 31.29
N ILE KA 141 7.64 -19.45 32.11
CA ILE KA 141 7.46 -20.53 33.03
C ILE KA 141 6.70 -20.07 34.23
N MET KA 142 6.76 -18.78 34.58
CA MET KA 142 5.88 -18.41 35.65
C MET KA 142 4.51 -18.34 35.07
N ILE KA 143 4.33 -17.48 34.05
CA ILE KA 143 3.08 -17.23 33.39
C ILE KA 143 2.39 -18.52 33.10
N SER KA 144 3.13 -19.53 32.58
CA SER KA 144 2.45 -20.65 32.02
C SER KA 144 1.96 -21.54 33.12
N LEU KA 145 2.58 -21.46 34.30
CA LEU KA 145 2.13 -22.23 35.41
C LEU KA 145 0.80 -21.67 35.80
N PHE KA 146 0.50 -20.43 35.35
CA PHE KA 146 -0.74 -19.86 35.74
C PHE KA 146 -1.79 -20.37 34.80
N SER KA 147 -1.49 -20.34 33.48
CA SER KA 147 -2.44 -20.85 32.54
C SER KA 147 -2.65 -22.29 32.87
N ASP KA 148 -1.64 -22.94 33.46
CA ASP KA 148 -1.74 -24.31 33.90
C ASP KA 148 -2.70 -24.36 35.05
N THR KA 149 -2.65 -23.35 35.94
CA THR KA 149 -3.45 -23.41 37.13
C THR KA 149 -4.85 -22.97 36.82
N LEU KA 150 -5.15 -22.69 35.54
CA LEU KA 150 -6.54 -22.44 35.25
C LEU KA 150 -7.25 -23.74 35.53
N THR KA 151 -6.51 -24.85 35.48
CA THR KA 151 -7.14 -26.13 35.64
C THR KA 151 -7.05 -26.56 37.08
N ALA KA 152 -5.82 -26.77 37.60
CA ALA KA 152 -5.67 -27.16 38.97
C ALA KA 152 -6.01 -25.96 39.84
N LEU KA 153 -5.91 -26.11 41.10
N GLN KA 173 0.11 -16.91 21.13
CA GLN KA 173 1.55 -17.19 20.91
C GLN KA 173 2.31 -16.89 22.16
N LEU KA 174 2.66 -17.93 22.94
CA LEU KA 174 3.39 -17.73 24.15
C LEU KA 174 4.58 -18.65 24.06
N ALA KA 175 4.39 -19.81 23.41
CA ALA KA 175 5.48 -20.68 23.16
C ALA KA 175 6.29 -20.06 22.07
N SER KA 176 5.62 -19.69 20.96
CA SER KA 176 6.31 -19.04 19.89
C SER KA 176 6.86 -17.77 20.41
N GLU KA 177 6.07 -16.98 21.15
CA GLU KA 177 6.54 -15.71 21.64
C GLU KA 177 7.65 -15.95 22.63
N ALA KA 178 7.63 -17.11 23.32
CA ALA KA 178 8.61 -17.35 24.34
C ALA KA 178 9.92 -17.62 23.70
N LEU KA 179 9.90 -18.04 22.43
CA LEU KA 179 11.12 -18.36 21.73
C LEU KA 179 11.72 -17.06 21.27
N ARG KA 180 10.85 -16.11 20.85
CA ARG KA 180 11.33 -14.81 20.48
C ARG KA 180 11.89 -14.15 21.69
N SER KA 181 11.32 -14.44 22.87
CA SER KA 181 11.97 -13.95 24.05
C SER KA 181 13.35 -14.54 24.09
N TYR KA 182 13.41 -15.88 24.21
CA TYR KA 182 14.59 -16.65 24.51
C TYR KA 182 15.77 -16.14 23.73
N MET KA 183 15.70 -16.11 22.39
CA MET KA 183 16.93 -15.87 21.67
C MET KA 183 17.47 -14.51 21.99
N SER KA 184 16.58 -13.59 22.45
CA SER KA 184 16.94 -12.22 22.72
C SER KA 184 18.19 -12.18 23.52
N ILE KA 185 18.17 -12.78 24.73
CA ILE KA 185 19.32 -12.60 25.58
C ILE KA 185 20.37 -13.59 25.20
N PRO KA 186 21.56 -13.08 25.01
CA PRO KA 186 22.72 -13.90 24.83
C PRO KA 186 22.95 -14.69 26.08
N PRO KA 187 23.76 -15.71 25.93
CA PRO KA 187 24.35 -16.48 26.99
C PRO KA 187 25.41 -15.68 27.68
N THR KA 188 26.52 -16.32 28.10
CA THR KA 188 27.77 -15.65 28.37
C THR KA 188 28.85 -16.69 28.30
N LEU KA 189 30.11 -16.27 28.52
CA LEU KA 189 31.17 -17.23 28.63
C LEU KA 189 31.88 -17.01 29.92
N TYR KA 190 33.24 -17.06 29.88
CA TYR KA 190 34.11 -17.26 31.01
C TYR KA 190 35.34 -17.88 30.42
N ASP KA 191 36.56 -17.52 30.87
CA ASP KA 191 37.78 -18.28 30.67
C ASP KA 191 38.64 -17.89 31.83
N GLN KA 192 39.45 -18.83 32.36
CA GLN KA 192 39.95 -18.53 33.67
C GLN KA 192 41.11 -17.60 33.52
N GLN KA 193 41.75 -17.24 34.66
CA GLN KA 193 42.82 -16.30 34.60
C GLN KA 193 44.09 -17.09 34.53
N GLY KA 194 45.14 -16.43 34.03
CA GLY KA 194 46.35 -17.15 33.74
C GLY KA 194 45.98 -18.31 32.87
N ASP KA 195 45.57 -18.03 31.62
CA ASP KA 195 45.45 -19.11 30.69
C ASP KA 195 46.58 -18.99 29.74
N ALA KA 196 47.19 -20.12 29.36
CA ALA KA 196 48.22 -20.02 28.38
C ALA KA 196 47.52 -19.68 27.12
N VAL KA 197 47.99 -18.66 26.40
CA VAL KA 197 47.32 -18.44 25.16
C VAL KA 197 48.28 -17.88 24.18
N SER KA 198 47.75 -17.54 22.99
CA SER KA 198 48.61 -17.10 21.94
C SER KA 198 47.83 -16.13 21.12
N ILE KA 199 48.51 -15.41 20.20
CA ILE KA 199 47.79 -14.57 19.28
C ILE KA 199 48.14 -15.01 17.91
N PHE KA 200 47.12 -15.16 17.05
CA PHE KA 200 47.43 -15.21 15.65
C PHE KA 200 47.59 -13.77 15.23
N VAL KA 201 48.75 -13.16 15.55
CA VAL KA 201 48.98 -11.83 15.06
C VAL KA 201 48.91 -11.95 13.58
N ALA KA 202 47.83 -11.39 13.00
CA ALA KA 202 47.56 -11.63 11.61
C ALA KA 202 48.26 -10.58 10.81
N ARG KA 203 49.58 -10.42 11.01
CA ARG KA 203 50.27 -9.48 10.17
C ARG KA 203 51.74 -9.53 10.39
N ASP KA 204 52.40 -8.38 10.09
CA ASP KA 204 53.83 -8.29 9.99
C ASP KA 204 54.28 -7.14 10.80
N LEU KA 205 55.35 -7.39 11.57
CA LEU KA 205 55.90 -6.40 12.40
C LEU KA 205 57.22 -6.05 11.81
N ASP KA 206 57.54 -4.75 11.75
CA ASP KA 206 58.87 -4.37 11.44
C ASP KA 206 59.54 -4.05 12.72
N PHE KA 207 60.62 -4.76 13.04
CA PHE KA 207 61.54 -4.14 13.93
C PHE KA 207 62.81 -3.98 13.15
N SER KA 208 62.73 -3.53 11.88
CA SER KA 208 63.97 -3.23 11.22
C SER KA 208 64.21 -1.78 11.37
N GLY KA 209 63.70 -1.17 12.44
CA GLY KA 209 64.00 0.19 12.71
C GLY KA 209 64.32 0.28 14.17
N VAL KA 210 64.42 -0.89 14.86
CA VAL KA 210 65.14 -1.08 16.11
C VAL KA 210 66.20 -2.07 15.67
N TYR KA 211 66.66 -3.02 16.53
CA TYR KA 211 67.40 -4.22 16.25
C TYR KA 211 68.15 -4.26 14.95
N THR KA 212 69.50 -4.44 14.99
CA THR KA 212 70.25 -4.76 13.80
C THR KA 212 71.47 -5.54 14.27
N LEU KA 213 72.66 -5.54 13.61
CA LEU KA 213 73.58 -6.52 14.14
C LEU KA 213 74.47 -5.93 15.18
N ALA KA 214 75.20 -6.79 15.96
CA ALA KA 214 76.14 -7.70 15.39
C ALA KA 214 76.97 -8.45 16.47
N ASP KA 215 78.32 -8.53 16.30
CA ASP KA 215 79.10 -9.44 17.12
C ASP KA 215 79.79 -8.67 18.24
N ASN KA 216 80.71 -9.32 19.01
CA ASN KA 216 80.37 -10.58 19.62
C ASN KA 216 79.47 -10.29 20.81
N ALA LA 1 77.69 -1.54 8.70
CA ALA LA 1 77.95 -1.32 7.25
C ALA LA 1 77.40 -2.46 6.46
N ALA LA 2 77.55 -2.40 5.12
CA ALA LA 2 77.02 -3.45 4.30
C ALA LA 2 77.84 -4.68 4.56
N ASP LA 3 79.17 -4.51 4.71
CA ASP LA 3 80.04 -5.65 4.83
C ASP LA 3 80.17 -5.99 6.27
N LYS LA 4 79.88 -5.03 7.16
CA LYS LA 4 79.95 -5.25 8.57
C LYS LA 4 78.86 -6.20 8.93
N LYS LA 5 77.67 -6.02 8.32
CA LYS LA 5 76.53 -6.82 8.66
C LYS LA 5 76.87 -8.23 8.31
N ARG LA 6 77.28 -8.42 7.05
CA ARG LA 6 77.41 -9.69 6.41
C ARG LA 6 78.14 -10.63 7.31
N ILE LA 7 79.45 -10.39 7.49
CA ILE LA 7 80.34 -11.08 8.36
C ILE LA 7 79.60 -11.49 9.60
N THR LA 8 78.85 -10.54 10.20
CA THR LA 8 78.20 -10.82 11.45
C THR LA 8 77.15 -11.86 11.26
N GLN LA 9 76.32 -11.71 10.22
CA GLN LA 9 75.18 -12.55 10.01
C GLN LA 9 75.64 -13.97 9.91
N LYS LA 10 76.78 -14.21 9.23
CA LYS LA 10 77.29 -15.56 9.17
C LYS LA 10 77.56 -16.00 10.57
N LEU LA 11 78.11 -15.09 11.39
CA LEU LA 11 78.47 -15.42 12.74
C LEU LA 11 77.24 -15.92 13.41
N LYS LA 12 76.06 -15.48 12.93
CA LYS LA 12 74.82 -15.65 13.65
C LYS LA 12 74.20 -16.94 13.26
N GLN LA 13 74.52 -17.44 12.05
CA GLN LA 13 74.01 -18.70 11.63
C GLN LA 13 74.50 -19.72 12.60
N THR LA 14 75.77 -19.61 13.02
CA THR LA 14 76.28 -20.71 13.77
C THR LA 14 76.20 -20.39 15.23
N ALA LA 15 75.17 -20.92 15.92
CA ALA LA 15 75.12 -20.64 17.31
C ALA LA 15 74.35 -21.73 17.95
N PHE LA 16 74.09 -22.80 17.16
CA PHE LA 16 73.52 -23.99 17.70
C PHE LA 16 74.58 -24.64 18.52
N ALA LA 17 74.90 -24.02 19.67
CA ALA LA 17 76.06 -24.38 20.42
C ALA LA 17 75.72 -24.33 21.88
N GLY LA 18 76.70 -23.89 22.69
CA GLY LA 18 76.58 -24.08 24.09
C GLY LA 18 76.83 -25.53 24.33
N ALA LA 19 76.63 -25.99 25.57
CA ALA LA 19 76.78 -27.39 25.83
C ALA LA 19 75.48 -28.05 25.54
N LYS LA 20 75.47 -28.90 24.49
CA LYS LA 20 74.23 -29.50 24.13
C LYS LA 20 73.88 -30.52 25.15
N ASN LA 21 72.63 -30.99 25.02
CA ASN LA 21 72.07 -32.14 25.61
C ASN LA 21 72.21 -33.14 24.52
N TYR LA 22 72.83 -34.30 24.75
CA TYR LA 22 73.02 -35.07 23.55
C TYR LA 22 71.84 -36.00 23.40
N GLN LA 23 71.33 -36.53 24.53
CA GLN LA 23 70.33 -37.55 24.44
C GLN LA 23 68.99 -36.91 24.26
N TYR LA 24 68.38 -37.18 23.10
CA TYR LA 24 66.94 -37.12 23.01
C TYR LA 24 66.52 -38.56 22.96
N VAL LA 25 65.45 -38.92 23.70
CA VAL LA 25 64.88 -40.21 23.48
C VAL LA 25 63.64 -39.95 22.71
N MET LA 26 63.15 -40.94 21.94
CA MET LA 26 61.93 -40.73 21.23
C MET LA 26 60.97 -41.78 21.67
N SER LA 27 59.84 -41.90 20.97
CA SER LA 27 58.96 -43.00 21.20
C SER LA 27 59.52 -44.12 20.37
N GLU LA 28 58.62 -44.96 19.82
CA GLU LA 28 59.04 -45.89 18.81
C GLU LA 28 57.81 -46.63 18.42
N GLN LA 29 57.31 -46.36 17.21
CA GLN LA 29 56.27 -47.19 16.69
C GLN LA 29 56.71 -47.61 15.34
N PRO LA 30 56.21 -48.72 14.89
CA PRO LA 30 56.69 -49.31 13.69
C PRO LA 30 56.35 -48.39 12.56
N GLU LA 31 55.40 -47.47 12.76
CA GLU LA 31 55.02 -46.55 11.74
C GLU LA 31 55.89 -45.35 11.90
N MET LA 32 56.04 -44.89 13.16
CA MET LA 32 56.88 -43.77 13.45
C MET LA 32 58.22 -44.04 12.86
N ARG LA 33 58.98 -44.98 13.50
CA ARG LA 33 60.35 -45.37 13.26
C ARG LA 33 60.79 -44.98 11.88
N SER LA 34 60.01 -45.42 10.89
CA SER LA 34 60.27 -45.19 9.50
C SER LA 34 60.66 -43.77 9.29
N ILE LA 35 59.69 -42.84 9.39
CA ILE LA 35 59.96 -41.51 8.94
C ILE LA 35 60.56 -40.73 10.07
N GLN LA 36 61.52 -41.34 10.79
CA GLN LA 36 62.12 -40.64 11.89
C GLN LA 36 63.16 -39.72 11.35
N PRO LA 37 63.64 -38.92 12.26
CA PRO LA 37 64.66 -37.94 12.02
C PRO LA 37 65.99 -38.54 11.66
N VAL LA 38 66.99 -37.67 11.44
CA VAL LA 38 68.38 -38.08 11.46
C VAL LA 38 68.84 -37.76 12.85
N HIS LA 39 69.23 -36.49 13.08
CA HIS LA 39 69.68 -36.09 14.37
C HIS LA 39 68.73 -35.09 14.93
N VAL LA 40 68.48 -35.17 16.26
CA VAL LA 40 67.64 -34.22 16.93
C VAL LA 40 68.39 -33.82 18.15
N TRP LA 41 68.65 -32.50 18.32
CA TRP LA 41 69.36 -32.18 19.51
C TRP LA 41 68.98 -30.84 20.01
N ASP LA 42 69.52 -30.46 21.18
CA ASP LA 42 69.16 -29.18 21.72
C ASP LA 42 70.32 -28.69 22.53
N ASN LA 43 70.33 -27.37 22.79
CA ASN LA 43 71.19 -26.78 23.79
C ASN LA 43 70.26 -25.99 24.64
N TYR LA 44 69.12 -25.61 24.03
CA TYR LA 44 68.19 -24.71 24.61
C TYR LA 44 66.85 -25.32 24.34
N ARG LA 45 65.87 -24.44 24.01
CA ARG LA 45 64.60 -24.85 23.47
C ARG LA 45 64.79 -24.72 22.00
N PHE LA 46 65.78 -23.88 21.63
CA PHE LA 46 66.23 -23.79 20.28
C PHE LA 46 66.70 -25.15 19.89
N THR LA 47 65.81 -25.94 19.30
CA THR LA 47 66.05 -27.35 19.14
C THR LA 47 66.09 -27.65 17.68
N ARG LA 48 67.01 -28.53 17.25
CA ARG LA 48 67.03 -28.86 15.87
C ARG LA 48 66.65 -30.29 15.69
N PHE LA 49 65.84 -30.55 14.64
CA PHE LA 49 65.41 -31.87 14.26
C PHE LA 49 65.77 -32.00 12.82
N GLU LA 50 66.91 -32.65 12.48
CA GLU LA 50 67.27 -32.74 11.10
C GLU LA 50 66.48 -33.82 10.49
N PHE LA 51 66.33 -33.74 9.14
CA PHE LA 51 65.58 -34.74 8.44
C PHE LA 51 66.39 -35.18 7.27
N PRO LA 52 66.13 -36.41 6.90
CA PRO LA 52 66.66 -36.96 5.69
C PRO LA 52 65.80 -36.49 4.56
N ALA LA 53 66.31 -36.66 3.33
CA ALA LA 53 65.54 -36.36 2.16
C ALA LA 53 64.23 -37.07 2.29
N ASN LA 54 64.33 -38.40 2.44
CA ASN LA 54 63.23 -39.30 2.35
C ASN LA 54 62.72 -39.52 3.74
N ALA LA 55 62.38 -38.44 4.46
CA ALA LA 55 61.66 -38.61 5.68
C ALA LA 55 60.63 -37.53 5.72
N GLU LA 56 59.36 -37.87 6.03
CA GLU LA 56 58.28 -36.97 5.74
C GLU LA 56 58.44 -35.73 6.54
N LEU LA 57 57.48 -34.82 6.37
CA LEU LA 57 57.49 -33.67 7.23
C LEU LA 57 56.32 -33.78 8.15
N PRO LA 58 56.70 -34.22 9.31
CA PRO LA 58 55.85 -34.23 10.47
C PRO LA 58 55.34 -32.85 10.73
N GLN LA 59 54.44 -32.72 11.72
CA GLN LA 59 54.24 -31.43 12.32
C GLN LA 59 54.43 -31.68 13.79
N VAL LA 60 55.29 -30.87 14.44
CA VAL LA 60 55.63 -31.16 15.81
C VAL LA 60 55.12 -30.06 16.63
N TYR LA 61 54.92 -30.31 17.94
CA TYR LA 61 54.46 -29.29 18.84
C TYR LA 61 55.22 -29.44 20.11
N MET LA 62 55.00 -28.53 21.07
CA MET LA 62 55.75 -28.56 22.30
C MET LA 62 54.78 -28.90 23.38
N ILE LA 63 55.28 -29.50 24.47
CA ILE LA 63 54.46 -29.70 25.63
C ILE LA 63 54.92 -28.71 26.66
N SER LA 64 54.12 -27.65 26.85
CA SER LA 64 54.54 -26.69 27.83
C SER LA 64 54.41 -27.38 29.15
N ALA LA 65 54.86 -26.69 30.21
CA ALA LA 65 54.87 -27.23 31.52
C ALA LA 65 53.45 -27.46 31.93
N SER LA 66 52.50 -26.80 31.26
CA SER LA 66 51.14 -26.99 31.66
C SER LA 66 50.82 -28.43 31.44
N GLY LA 67 51.55 -29.09 30.52
CA GLY LA 67 51.35 -30.49 30.32
C GLY LA 67 50.42 -30.66 29.17
N LYS LA 68 49.45 -29.72 29.05
CA LYS LA 68 48.60 -29.66 27.92
C LYS LA 68 49.47 -29.29 26.77
N GLU LA 69 48.95 -29.38 25.53
CA GLU LA 69 49.84 -29.20 24.43
C GLU LA 69 49.80 -27.77 24.02
N THR LA 70 50.70 -27.41 23.09
CA THR LA 70 50.72 -26.08 22.57
C THR LA 70 51.34 -26.21 21.22
N LEU LA 71 51.30 -25.15 20.40
CA LEU LA 71 52.06 -25.27 19.20
C LEU LA 71 53.17 -24.28 19.26
N PRO LA 72 54.32 -24.76 18.87
CA PRO LA 72 55.54 -24.02 18.95
C PRO LA 72 55.55 -23.08 17.80
N ASN LA 73 56.33 -22.00 17.90
CA ASN LA 73 56.60 -21.22 16.72
C ASN LA 73 57.86 -21.77 16.18
N SER LA 74 57.77 -22.46 15.04
CA SER LA 74 58.95 -23.12 14.59
C SER LA 74 59.33 -22.58 13.28
N HIS LA 75 60.45 -23.09 12.76
CA HIS LA 75 60.86 -22.81 11.43
C HIS LA 75 61.75 -23.94 11.08
N VAL LA 76 62.05 -24.12 9.80
CA VAL LA 76 63.05 -25.10 9.54
C VAL LA 76 64.21 -24.33 9.02
N VAL LA 77 65.43 -24.88 9.12
CA VAL LA 77 66.53 -24.11 8.62
C VAL LA 77 67.54 -25.07 8.12
N GLY LA 78 68.54 -24.55 7.39
CA GLY LA 78 69.61 -25.41 6.99
C GLY LA 78 69.80 -25.24 5.52
N GLU LA 79 71.05 -25.44 5.08
CA GLU LA 79 71.31 -25.68 3.70
C GLU LA 79 70.54 -26.92 3.40
N ASN LA 80 70.78 -27.94 4.23
CA ASN LA 80 69.96 -29.12 4.28
C ASN LA 80 68.55 -28.62 4.33
N ARG LA 81 68.28 -27.66 5.25
CA ARG LA 81 67.01 -26.98 5.25
C ARG LA 81 65.98 -27.90 5.81
N ASN LA 82 66.36 -29.16 6.03
CA ASN LA 82 65.47 -30.17 6.47
C ASN LA 82 65.17 -29.96 7.92
N ILE LA 83 66.17 -29.54 8.69
CA ILE LA 83 66.01 -29.48 10.11
C ILE LA 83 64.96 -28.46 10.44
N ILE LA 84 64.28 -28.67 11.58
CA ILE LA 84 63.28 -27.74 12.05
C ILE LA 84 63.80 -27.16 13.31
N GLU LA 85 64.09 -25.84 13.33
CA GLU LA 85 64.52 -25.20 14.54
C GLU LA 85 63.29 -24.63 15.16
N VAL LA 86 63.05 -24.96 16.44
CA VAL LA 86 61.86 -24.53 17.11
C VAL LA 86 62.30 -23.58 18.18
N GLU LA 87 61.52 -22.51 18.45
CA GLU LA 87 61.99 -21.56 19.41
C GLU LA 87 60.94 -21.36 20.45
N THR LA 88 60.58 -22.44 21.19
CA THR LA 88 59.67 -22.40 22.30
C THR LA 88 60.10 -23.45 23.30
N VAL LA 89 59.89 -23.15 24.60
CA VAL LA 89 60.18 -24.03 25.71
C VAL LA 89 59.40 -25.31 25.58
N ALA LA 90 59.97 -26.42 26.09
CA ALA LA 90 59.24 -27.64 26.33
C ALA LA 90 60.23 -28.76 26.42
N LYS LA 91 59.98 -29.74 27.31
CA LYS LA 91 60.86 -30.86 27.38
C LYS LA 91 60.49 -31.76 26.26
N GLU LA 92 59.26 -32.31 26.31
CA GLU LA 92 58.84 -33.23 25.31
C GLU LA 92 58.55 -32.47 24.06
N TRP LA 93 58.10 -33.22 23.05
CA TRP LA 93 57.67 -32.65 21.82
C TRP LA 93 56.83 -33.68 21.16
N ARG LA 94 55.67 -33.28 20.63
CA ARG LA 94 54.97 -34.26 19.87
C ARG LA 94 55.41 -34.09 18.46
N ILE LA 95 54.98 -35.01 17.58
CA ILE LA 95 55.44 -34.94 16.23
C ILE LA 95 54.40 -35.61 15.38
N ARG LA 96 53.16 -35.08 15.47
CA ARG LA 96 51.99 -35.61 14.85
C ARG LA 96 52.17 -35.52 13.36
N LEU LA 97 51.18 -36.05 12.62
CA LEU LA 97 51.18 -35.98 11.19
C LEU LA 97 50.09 -36.87 10.71
N GLY LA 98 48.82 -36.44 10.89
CA GLY LA 98 47.71 -37.30 10.55
C GLY LA 98 47.62 -38.29 11.66
N ASP LA 99 47.31 -39.55 11.32
CA ASP LA 99 47.17 -40.63 12.26
C ASP LA 99 48.36 -40.62 13.17
N LYS LA 100 49.52 -40.87 12.54
CA LYS LA 100 50.77 -41.08 13.19
C LYS LA 100 51.01 -40.01 14.22
N VAL LA 101 51.79 -40.32 15.30
CA VAL LA 101 52.10 -39.31 16.29
C VAL LA 101 53.27 -39.73 17.15
N VAL LA 102 54.49 -39.24 16.81
CA VAL LA 102 55.71 -39.52 17.55
C VAL LA 102 55.70 -38.62 18.74
N GLY LA 103 56.86 -38.46 19.42
CA GLY LA 103 56.87 -37.54 20.52
C GLY LA 103 58.20 -37.59 21.18
N VAL LA 104 59.24 -37.09 20.48
CA VAL LA 104 60.57 -37.10 21.03
C VAL LA 104 60.53 -36.43 22.35
N ARG LA 105 61.31 -36.98 23.28
CA ARG LA 105 61.42 -36.39 24.56
C ARG LA 105 62.75 -35.73 24.58
N ASN LA 106 62.82 -34.51 25.12
CA ASN LA 106 64.12 -33.95 25.33
C ASN LA 106 64.50 -34.43 26.68
N ASN LA 107 65.81 -34.45 27.02
CA ASN LA 107 66.08 -34.97 28.33
C ASN LA 107 67.19 -34.20 28.93
N ASN LA 108 66.86 -33.04 29.52
CA ASN LA 108 67.81 -32.40 30.38
C ASN LA 108 67.05 -31.58 31.35
N PHE LA 109 67.65 -31.37 32.53
CA PHE LA 109 67.14 -30.43 33.47
C PHE LA 109 68.33 -29.98 34.25
N ALA LA 110 68.85 -28.79 33.92
CA ALA LA 110 69.67 -28.11 34.87
C ALA LA 110 68.75 -27.11 35.49
N PRO LA 111 68.11 -27.44 36.57
CA PRO LA 111 66.95 -26.67 36.90
C PRO LA 111 67.42 -25.44 37.61
N GLY LA 112 66.60 -24.39 37.64
CA GLY LA 112 66.87 -23.28 38.51
C GLY LA 112 68.02 -22.49 37.97
N ARG LA 113 68.66 -22.97 36.89
CA ARG LA 113 69.72 -22.18 36.32
C ARG LA 113 69.59 -22.26 34.84
N GLY LA 114 70.18 -21.28 34.13
CA GLY LA 114 70.24 -21.34 32.69
C GLY LA 114 70.11 -19.95 32.18
N ALA LA 115 69.22 -19.17 32.83
CA ALA LA 115 68.84 -17.87 32.32
C ALA LA 115 70.05 -17.02 32.26
N VAL LA 116 70.15 -16.22 31.18
CA VAL LA 116 71.07 -15.13 31.14
C VAL LA 116 70.40 -14.10 30.30
N ALA LA 117 71.17 -13.28 29.57
CA ALA LA 117 70.55 -12.40 28.64
C ALA LA 117 71.27 -12.56 27.35
N THR LA 118 70.65 -13.30 26.41
CA THR LA 118 71.23 -13.50 25.12
C THR LA 118 71.48 -12.15 24.55
N GLY LA 119 70.40 -11.40 24.26
CA GLY LA 119 70.62 -10.05 23.84
C GLY LA 119 70.34 -9.99 22.37
N THR LA 120 70.06 -11.17 21.79
CA THR LA 120 69.31 -11.25 20.59
C THR LA 120 68.53 -12.49 20.76
N ALA LA 121 68.19 -13.13 19.63
CA ALA LA 121 67.81 -14.51 19.65
C ALA LA 121 69.06 -15.25 20.01
N SER LA 122 69.94 -15.45 19.00
CA SER LA 122 71.16 -16.16 19.21
C SER LA 122 72.17 -15.17 19.69
N PRO LA 123 73.08 -15.63 20.53
CA PRO LA 123 73.91 -14.76 21.31
C PRO LA 123 75.01 -14.20 20.50
N ASP LA 124 75.15 -14.64 19.25
CA ASP LA 124 76.24 -14.28 18.41
C ASP LA 124 76.10 -12.84 18.19
N VAL LA 125 74.88 -12.47 17.78
CA VAL LA 125 74.73 -11.15 17.33
C VAL LA 125 73.98 -10.44 18.39
N ARG LA 126 73.53 -9.21 18.14
CA ARG LA 126 73.20 -8.43 19.29
C ARG LA 126 72.28 -7.36 18.86
N ARG LA 127 71.76 -6.60 19.84
CA ARG LA 127 70.79 -5.62 19.54
C ARG LA 127 71.29 -4.33 20.04
N VAL LA 128 71.45 -3.37 19.11
CA VAL LA 128 72.11 -2.16 19.47
C VAL LA 128 71.25 -0.99 19.03
N GLN LA 129 70.00 -0.95 19.52
CA GLN LA 129 68.83 -0.16 19.16
C GLN LA 129 69.06 1.02 18.22
N ILE LA 130 68.08 1.27 17.28
CA ILE LA 130 68.22 2.28 16.26
C ILE LA 130 67.22 3.42 16.39
N CYS MA 15 25.30 -34.23 29.06
CA CYS MA 15 25.48 -32.86 28.57
C CYS MA 15 26.31 -32.86 27.33
N SER MA 16 27.32 -31.97 27.28
CA SER MA 16 28.11 -31.90 26.10
C SER MA 16 29.21 -32.89 26.24
N SER MA 17 30.11 -32.90 25.24
CA SER MA 17 31.28 -33.72 25.28
C SER MA 17 32.42 -32.78 25.44
N GLY MA 18 33.64 -33.31 25.58
CA GLY MA 18 34.77 -32.42 25.72
C GLY MA 18 35.62 -32.68 24.53
N HIS MA 19 36.94 -32.44 24.67
CA HIS MA 19 37.87 -32.76 23.63
C HIS MA 19 38.35 -34.13 23.98
N LYS MA 20 38.91 -34.88 22.99
CA LYS MA 20 39.42 -36.17 23.35
C LYS MA 20 40.86 -36.00 23.66
N PRO MA 21 41.32 -36.55 24.74
CA PRO MA 21 42.69 -36.38 25.12
C PRO MA 21 43.52 -36.97 24.03
N PRO MA 22 44.75 -36.54 23.98
CA PRO MA 22 45.48 -36.58 22.76
C PRO MA 22 45.92 -37.97 22.50
N PRO MA 23 46.17 -38.32 21.27
CA PRO MA 23 46.77 -39.57 20.91
C PRO MA 23 48.09 -39.62 21.60
N GLU MA 24 48.36 -40.69 22.36
CA GLU MA 24 49.50 -40.65 23.22
C GLU MA 24 50.51 -41.62 22.71
N PRO MA 25 51.70 -41.12 22.56
CA PRO MA 25 52.75 -41.87 21.94
C PRO MA 25 53.22 -43.00 22.80
N ASP MA 26 54.00 -43.92 22.21
CA ASP MA 26 54.56 -45.03 22.93
C ASP MA 26 55.34 -44.46 24.06
N TRP MA 27 55.02 -44.89 25.30
CA TRP MA 27 55.75 -44.50 26.48
C TRP MA 27 56.51 -45.71 26.89
N SER MA 28 55.93 -46.88 26.57
CA SER MA 28 56.52 -48.12 26.93
C SER MA 28 57.79 -48.23 26.16
N ASN MA 29 57.72 -48.56 24.85
CA ASN MA 29 58.94 -48.73 24.12
C ASN MA 29 59.66 -47.42 24.10
N THR MA 30 60.97 -47.42 24.38
CA THR MA 30 61.64 -46.16 24.23
C THR MA 30 63.07 -46.37 23.82
N VAL MA 31 63.33 -46.03 22.54
CA VAL MA 31 64.60 -46.13 21.90
C VAL MA 31 65.08 -44.73 21.70
N PRO MA 32 66.38 -44.55 21.74
CA PRO MA 32 66.98 -43.26 21.56
C PRO MA 32 66.70 -42.71 20.19
N VAL MA 33 66.73 -41.36 20.06
CA VAL MA 33 66.48 -40.71 18.80
C VAL MA 33 67.70 -40.88 17.96
N ASN MA 34 68.72 -40.06 18.29
CA ASN MA 34 69.84 -39.78 17.45
C ASN MA 34 70.43 -41.05 16.93
N LYS MA 35 71.10 -40.92 15.76
CA LYS MA 35 71.74 -42.00 15.07
C LYS MA 35 73.20 -41.82 15.25
N THR MA 36 73.87 -41.25 14.23
CA THR MA 36 75.21 -40.78 14.45
C THR MA 36 75.10 -39.58 15.34
N ILE MA 37 76.22 -38.84 15.47
CA ILE MA 37 76.18 -37.72 16.33
C ILE MA 37 76.13 -36.49 15.48
N PRO MA 38 75.39 -35.56 16.01
CA PRO MA 38 74.91 -34.43 15.25
C PRO MA 38 76.04 -33.52 14.93
N VAL MA 39 76.00 -32.89 13.75
CA VAL MA 39 76.89 -31.80 13.52
C VAL MA 39 76.02 -30.62 13.23
N ASP MA 40 76.63 -29.45 13.02
CA ASP MA 40 75.80 -28.36 12.62
C ASP MA 40 75.69 -28.43 11.14
N THR MA 41 74.47 -28.20 10.62
CA THR MA 41 74.36 -28.11 9.20
C THR MA 41 74.65 -26.68 8.91
N GLN MA 42 73.58 -25.89 8.90
CA GLN MA 42 73.65 -24.46 8.91
C GLN MA 42 74.71 -24.08 9.95
N GLY MA 43 75.83 -23.65 9.54
N GLU NA 1 16.42 -6.13 -30.62
CA GLU NA 1 15.08 -6.25 -30.01
C GLU NA 1 14.38 -7.38 -30.68
N THR NA 2 15.20 -8.31 -31.19
CA THR NA 2 14.74 -9.57 -31.72
C THR NA 2 14.29 -10.36 -30.54
N SER NA 3 14.10 -11.67 -30.70
CA SER NA 3 13.76 -12.39 -29.50
C SER NA 3 15.03 -12.54 -28.73
N GLU NA 4 14.91 -12.84 -27.42
CA GLU NA 4 16.02 -12.97 -26.53
C GLU NA 4 16.38 -14.41 -26.52
N GLY NA 5 15.39 -15.26 -26.19
CA GLY NA 5 15.58 -16.66 -26.12
C GLY NA 5 15.62 -17.15 -27.51
N SER NA 6 15.43 -16.24 -28.48
CA SER NA 6 15.80 -16.57 -29.81
C SER NA 6 17.28 -16.63 -29.81
N SER NA 7 17.88 -15.56 -29.26
CA SER NA 7 19.29 -15.42 -29.20
C SER NA 7 19.88 -16.63 -28.53
N ALA NA 8 19.43 -16.93 -27.31
CA ALA NA 8 20.09 -17.88 -26.45
C ALA NA 8 20.24 -19.19 -27.16
N LEU NA 9 19.11 -19.76 -27.66
CA LEU NA 9 19.12 -20.99 -28.38
C LEU NA 9 20.16 -20.91 -29.44
N ALA NA 10 20.07 -19.84 -30.26
CA ALA NA 10 20.97 -19.56 -31.35
C ALA NA 10 22.39 -19.67 -30.86
N LYS NA 11 22.61 -19.39 -29.57
CA LYS NA 11 23.93 -19.28 -29.03
C LYS NA 11 24.46 -20.65 -28.91
N ASN NA 12 23.56 -21.57 -28.53
CA ASN NA 12 23.94 -22.87 -28.09
C ASN NA 12 23.73 -23.87 -29.20
N LEU NA 13 23.38 -23.43 -30.43
CA LEU NA 13 23.21 -24.39 -31.49
C LEU NA 13 24.55 -24.76 -32.05
N THR NA 14 25.29 -23.79 -32.58
CA THR NA 14 26.60 -24.09 -33.07
C THR NA 14 27.53 -23.98 -31.88
N PRO NA 15 28.03 -25.07 -31.28
CA PRO NA 15 28.38 -25.00 -29.89
C PRO NA 15 29.86 -25.18 -29.80
N ALA NA 16 30.59 -24.14 -29.36
CA ALA NA 16 29.97 -22.91 -28.98
C ALA NA 16 30.46 -21.95 -29.99
N ARG NA 17 29.94 -20.72 -30.08
CA ARG NA 17 30.83 -19.83 -30.77
C ARG NA 17 31.35 -18.89 -29.73
N LEU NA 18 31.56 -19.44 -28.52
CA LEU NA 18 32.68 -19.18 -27.67
C LEU NA 18 33.80 -18.59 -28.50
N LYS NA 19 34.54 -17.59 -27.93
CA LYS NA 19 35.59 -16.86 -28.61
C LYS NA 19 36.88 -17.66 -28.57
N ALA NA 20 37.61 -17.70 -29.70
CA ALA NA 20 38.83 -18.45 -29.82
C ALA NA 20 39.75 -18.13 -28.67
N SER NA 21 40.51 -19.15 -28.24
CA SER NA 21 41.38 -19.06 -27.11
C SER NA 21 42.78 -18.93 -27.64
N ARG NA 22 43.56 -17.96 -27.12
CA ARG NA 22 44.88 -17.75 -27.64
C ARG NA 22 45.74 -18.81 -27.05
N ALA NA 23 46.11 -19.81 -27.87
CA ALA NA 23 46.89 -20.86 -27.32
C ALA NA 23 48.32 -20.41 -27.36
N GLY NA 24 48.70 -19.57 -26.38
CA GLY NA 24 49.97 -18.90 -26.45
C GLY NA 24 50.84 -19.44 -25.38
N VAL NA 25 52.17 -19.39 -25.61
CA VAL NA 25 53.02 -20.13 -24.73
C VAL NA 25 53.43 -19.26 -23.60
N MET NA 26 53.26 -19.84 -22.39
CA MET NA 26 54.03 -19.38 -21.28
C MET NA 26 55.44 -19.54 -21.72
N ALA NA 27 56.20 -18.43 -21.68
CA ALA NA 27 57.55 -18.44 -22.10
C ALA NA 27 58.26 -19.49 -21.31
N ASN NA 28 58.60 -19.20 -20.04
CA ASN NA 28 59.37 -20.17 -19.31
C ASN NA 28 58.58 -20.66 -18.13
N PRO NA 29 59.04 -21.83 -17.74
CA PRO NA 29 58.67 -22.51 -16.53
C PRO NA 29 59.35 -21.77 -15.43
N SER NA 30 60.49 -21.13 -15.73
CA SER NA 30 61.11 -20.41 -14.68
C SER NA 30 60.68 -19.02 -14.83
N LEU NA 31 59.71 -18.79 -15.76
CA LEU NA 31 58.97 -17.57 -15.87
C LEU NA 31 57.68 -17.82 -15.20
N THR NA 32 57.22 -19.07 -15.18
CA THR NA 32 55.94 -19.24 -14.57
C THR NA 32 55.84 -20.58 -13.95
N VAL NA 33 55.39 -20.60 -12.69
CA VAL NA 33 55.02 -21.83 -12.04
C VAL NA 33 53.54 -21.91 -12.19
N PRO NA 34 53.05 -22.86 -12.93
CA PRO NA 34 51.65 -22.96 -13.22
C PRO NA 34 50.98 -23.52 -12.00
N LYS NA 35 49.68 -23.22 -11.82
CA LYS NA 35 48.91 -23.95 -10.88
C LYS NA 35 48.59 -25.25 -11.53
N GLY NA 36 47.47 -25.86 -11.10
CA GLY NA 36 47.25 -27.24 -11.41
C GLY NA 36 48.20 -27.96 -10.53
N LYS NA 37 48.67 -27.21 -9.52
CA LYS NA 37 49.72 -27.61 -8.66
C LYS NA 37 49.08 -27.84 -7.34
N MET NA 38 49.81 -28.52 -6.45
CA MET NA 38 49.34 -28.60 -5.11
C MET NA 38 50.43 -27.96 -4.31
N ILE NA 39 50.06 -27.19 -3.28
CA ILE NA 39 51.08 -26.72 -2.40
C ILE NA 39 50.95 -27.60 -1.19
N PRO NA 40 51.74 -28.63 -1.14
CA PRO NA 40 51.52 -29.73 -0.24
C PRO NA 40 52.01 -29.34 1.11
N CYS NA 41 51.23 -28.56 1.88
CA CYS NA 41 51.84 -28.02 3.06
C CYS NA 41 51.62 -28.95 4.21
N GLY NA 42 51.69 -28.39 5.43
CA GLY NA 42 51.56 -29.19 6.61
C GLY NA 42 51.05 -28.29 7.69
N THR NA 43 49.83 -28.60 8.19
CA THR NA 43 49.20 -27.66 9.07
C THR NA 43 49.76 -27.87 10.44
N GLY NA 44 49.89 -26.74 11.17
CA GLY NA 44 50.59 -26.78 12.41
C GLY NA 44 49.76 -26.08 13.43
N THR NA 45 48.42 -26.06 13.27
CA THR NA 45 47.64 -25.64 14.38
C THR NA 45 46.44 -26.51 14.42
N GLU NA 46 45.72 -26.44 15.55
CA GLU NA 46 44.43 -27.06 15.60
C GLU NA 46 43.57 -26.19 14.73
N LEU NA 47 42.44 -26.74 14.25
CA LEU NA 47 41.60 -26.02 13.34
C LEU NA 47 40.19 -26.26 13.77
N ASP NA 48 39.37 -25.21 13.69
CA ASP NA 48 38.05 -25.33 14.22
C ASP NA 48 37.28 -24.23 13.62
N THR NA 49 36.51 -24.53 12.56
CA THR NA 49 35.81 -23.48 11.92
C THR NA 49 34.58 -23.21 12.75
N THR NA 50 34.50 -23.93 13.89
CA THR NA 50 33.93 -23.44 15.11
C THR NA 50 34.18 -21.96 15.15
N VAL NA 51 35.47 -21.57 15.30
CA VAL NA 51 35.68 -20.16 15.43
C VAL NA 51 36.40 -19.66 14.23
N PRO NA 52 35.84 -18.65 13.61
CA PRO NA 52 36.43 -18.00 12.48
C PRO NA 52 37.80 -17.57 12.84
N GLY NA 53 38.65 -17.23 11.86
CA GLY NA 53 39.98 -16.95 12.27
C GLY NA 53 40.86 -18.02 11.70
N GLN NA 54 42.15 -17.93 12.03
CA GLN NA 54 43.18 -18.32 11.14
C GLN NA 54 43.67 -19.69 11.46
N VAL NA 55 44.13 -20.40 10.41
CA VAL NA 55 44.92 -21.59 10.58
C VAL NA 55 46.28 -21.24 10.05
N SER NA 56 47.28 -22.11 10.27
CA SER NA 56 48.57 -21.84 9.68
C SER NA 56 49.14 -23.16 9.25
N CYS NA 57 49.74 -23.17 8.04
CA CYS NA 57 50.50 -24.28 7.59
C CYS NA 57 51.83 -23.75 7.16
N ARG NA 58 52.76 -24.67 6.87
CA ARG NA 58 54.00 -24.32 6.25
C ARG NA 58 54.23 -25.36 5.20
N VAL NA 59 55.07 -25.06 4.17
CA VAL NA 59 55.11 -25.97 3.08
C VAL NA 59 55.65 -27.27 3.58
N SER NA 60 55.38 -28.36 2.84
CA SER NA 60 56.07 -29.57 3.15
C SER NA 60 57.20 -29.67 2.18
N GLN NA 61 57.07 -30.55 1.17
CA GLN NA 61 58.10 -30.70 0.19
C GLN NA 61 58.06 -29.50 -0.72
N ASP NA 62 58.69 -29.60 -1.90
CA ASP NA 62 58.98 -28.44 -2.70
C ASP NA 62 57.88 -28.21 -3.69
N VAL NA 63 57.81 -26.96 -4.18
CA VAL NA 63 56.95 -26.61 -5.28
C VAL NA 63 57.84 -26.41 -6.46
N TYR NA 64 57.31 -26.59 -7.69
CA TYR NA 64 58.16 -26.63 -8.85
C TYR NA 64 57.63 -25.66 -9.88
N SER NA 65 57.97 -25.89 -11.17
CA SER NA 65 57.69 -24.94 -12.21
C SER NA 65 56.77 -25.57 -13.22
N ALA NA 66 56.80 -25.04 -14.46
CA ALA NA 66 55.84 -25.47 -15.46
C ALA NA 66 56.30 -26.78 -15.97
N ASP NA 67 57.44 -26.79 -16.70
CA ASP NA 67 58.01 -28.01 -17.15
C ASP NA 67 58.19 -28.88 -15.94
N GLY NA 68 58.65 -28.25 -14.83
CA GLY NA 68 58.77 -28.97 -13.59
C GLY NA 68 60.21 -29.31 -13.45
N LEU NA 69 61.09 -28.57 -14.16
CA LEU NA 69 62.48 -28.89 -14.19
C LEU NA 69 63.19 -28.06 -13.17
N VAL NA 70 62.64 -26.90 -12.75
CA VAL NA 70 63.36 -26.17 -11.76
C VAL NA 70 62.61 -26.23 -10.47
N ARG NA 71 63.34 -26.14 -9.33
CA ARG NA 71 62.75 -26.14 -8.03
C ARG NA 71 62.89 -24.75 -7.52
N LEU NA 72 61.82 -23.96 -7.62
CA LEU NA 72 61.96 -22.60 -7.20
C LEU NA 72 61.38 -22.49 -5.84
N ILE NA 73 60.06 -22.73 -5.73
CA ILE NA 73 59.50 -22.62 -4.42
C ILE NA 73 59.99 -23.79 -3.62
N ASP NA 74 60.65 -23.52 -2.48
CA ASP NA 74 61.19 -24.59 -1.67
C ASP NA 74 60.41 -24.68 -0.41
N LYS NA 75 60.85 -25.55 0.50
CA LYS NA 75 60.10 -25.84 1.69
C LYS NA 75 60.24 -24.70 2.64
N GLY NA 76 59.72 -24.92 3.86
CA GLY NA 76 59.83 -23.96 4.90
C GLY NA 76 59.23 -22.67 4.41
N SER NA 77 58.18 -22.76 3.58
CA SER NA 77 57.49 -21.55 3.26
C SER NA 77 56.22 -21.57 4.05
N TRP NA 78 56.22 -20.81 5.15
CA TRP NA 78 55.08 -20.78 6.03
C TRP NA 78 53.96 -20.07 5.34
N VAL NA 79 52.73 -20.63 5.43
CA VAL NA 79 51.55 -20.00 4.89
C VAL NA 79 50.64 -19.69 6.05
N ASP NA 80 49.75 -18.68 5.89
CA ASP NA 80 48.77 -18.40 6.90
C ASP NA 80 47.50 -18.11 6.19
N GLY NA 81 46.35 -18.24 6.88
CA GLY NA 81 45.09 -18.14 6.17
C GLY NA 81 44.00 -17.80 7.13
N GLN NA 82 42.79 -18.32 6.87
CA GLN NA 82 41.65 -17.91 7.63
C GLN NA 82 40.45 -18.72 7.19
N ILE NA 83 39.57 -19.07 8.17
CA ILE NA 83 38.30 -19.72 7.96
C ILE NA 83 37.26 -18.72 8.35
N THR NA 84 36.58 -18.07 7.38
CA THR NA 84 35.76 -16.93 7.67
C THR NA 84 34.73 -17.30 8.69
N GLY NA 85 34.28 -18.56 8.71
CA GLY NA 85 33.33 -18.88 9.73
C GLY NA 85 32.64 -20.17 9.40
N GLY NA 86 31.89 -20.68 10.39
CA GLY NA 86 31.53 -22.06 10.50
C GLY NA 86 30.93 -22.59 9.24
N ILE NA 87 31.17 -23.90 9.01
CA ILE NA 87 30.65 -24.65 7.91
C ILE NA 87 29.16 -24.60 7.98
N LYS NA 88 28.50 -25.33 7.06
CA LYS NA 88 27.09 -25.47 7.18
C LYS NA 88 26.80 -26.76 7.84
N ASP NA 89 25.62 -27.34 7.52
CA ASP NA 89 25.05 -28.41 8.28
C ASP NA 89 25.62 -29.69 7.79
N GLY NA 90 26.44 -30.35 8.64
CA GLY NA 90 26.96 -31.65 8.34
C GLY NA 90 27.83 -31.50 7.14
N GLN NA 91 28.36 -30.28 6.89
CA GLN NA 91 29.17 -30.14 5.73
C GLN NA 91 30.41 -30.94 5.95
N ALA NA 92 30.85 -31.63 4.89
CA ALA NA 92 31.88 -32.63 4.96
C ALA NA 92 33.05 -32.06 5.68
N ARG NA 93 33.30 -30.76 5.48
CA ARG NA 93 34.59 -30.26 5.80
C ARG NA 93 34.52 -28.78 5.72
N VAL NA 94 35.40 -28.10 6.47
CA VAL NA 94 35.49 -26.68 6.32
C VAL NA 94 36.17 -26.40 5.03
N PHE NA 95 36.13 -25.11 4.67
CA PHE NA 95 36.75 -24.49 3.55
C PHE NA 95 37.87 -23.69 4.16
N VAL NA 96 38.93 -23.40 3.40
CA VAL NA 96 40.09 -22.80 3.99
C VAL NA 96 40.64 -21.82 3.03
N LEU NA 97 41.12 -20.69 3.54
CA LEU NA 97 41.62 -19.73 2.62
C LEU NA 97 43.03 -19.47 3.00
N TRP NA 98 43.98 -20.11 2.28
CA TRP NA 98 45.35 -19.80 2.55
C TRP NA 98 45.62 -18.52 1.85
N GLU NA 99 46.06 -17.51 2.62
CA GLU NA 99 46.36 -16.28 2.00
C GLU NA 99 47.81 -16.27 1.75
N ARG NA 100 48.59 -15.69 2.68
CA ARG NA 100 49.91 -15.43 2.19
C ARG NA 100 50.79 -16.59 2.47
N ILE NA 101 51.52 -17.03 1.41
CA ILE NA 101 52.56 -18.01 1.54
C ILE NA 101 53.85 -17.26 1.64
N ARG NA 102 54.50 -17.29 2.81
CA ARG NA 102 55.76 -16.63 2.97
C ARG NA 102 56.82 -17.68 3.06
N ASN NA 103 58.06 -17.31 2.70
CA ASN NA 103 59.20 -18.19 2.70
C ASN NA 103 60.00 -17.85 3.92
N ASP NA 104 61.00 -18.68 4.27
CA ASP NA 104 61.56 -18.65 5.59
C ASP NA 104 62.83 -17.84 5.59
N GLN NA 105 63.91 -18.46 5.07
CA GLN NA 105 65.22 -17.89 5.11
C GLN NA 105 65.20 -16.70 4.21
N ASP NA 106 64.97 -16.98 2.92
CA ASP NA 106 64.93 -16.03 1.85
C ASP NA 106 64.06 -14.89 2.23
N GLY NA 107 62.76 -15.04 1.92
CA GLY NA 107 61.78 -14.02 2.05
C GLY NA 107 60.56 -14.61 1.44
N THR NA 108 60.34 -14.33 0.14
CA THR NA 108 59.42 -15.03 -0.70
C THR NA 108 58.10 -15.11 -0.01
N ILE NA 109 57.46 -13.96 0.20
CA ILE NA 109 56.09 -13.88 0.57
C ILE NA 109 55.33 -13.93 -0.72
N VAL NA 110 54.00 -14.04 -0.61
CA VAL NA 110 53.23 -13.91 -1.80
C VAL NA 110 51.80 -14.09 -1.40
N ASN NA 111 50.97 -13.06 -1.63
CA ASN NA 111 49.61 -13.21 -1.24
C ASN NA 111 49.01 -14.13 -2.26
N ILE NA 112 48.71 -15.40 -1.87
CA ILE NA 112 48.37 -16.36 -2.90
C ILE NA 112 46.87 -16.42 -3.05
N ASP NA 113 46.11 -16.29 -1.94
CA ASP NA 113 44.69 -16.10 -2.05
C ASP NA 113 44.09 -17.31 -2.68
N SER NA 114 44.51 -18.52 -2.26
CA SER NA 114 43.97 -19.72 -2.82
C SER NA 114 43.26 -20.46 -1.74
N ALA NA 115 42.43 -21.44 -2.12
CA ALA NA 115 41.87 -22.23 -1.06
C ALA NA 115 42.81 -23.35 -0.82
N GLY NA 116 42.64 -24.03 0.33
CA GLY NA 116 43.42 -25.19 0.61
C GLY NA 116 42.62 -26.33 0.09
N THR NA 117 43.14 -27.56 0.15
CA THR NA 117 42.37 -28.65 -0.37
C THR NA 117 42.62 -29.80 0.54
N ASN NA 118 42.66 -31.03 -0.01
CA ASN NA 118 42.83 -32.16 0.86
C ASN NA 118 44.01 -32.93 0.36
N SER NA 119 44.37 -34.00 1.09
CA SER NA 119 45.38 -34.88 0.60
C SER NA 119 44.90 -35.31 -0.74
N LEU NA 120 43.61 -35.73 -0.78
CA LEU NA 120 42.94 -36.19 -1.97
C LEU NA 120 42.97 -35.09 -2.97
N GLY NA 121 42.95 -33.83 -2.51
CA GLY NA 121 43.07 -32.74 -3.43
C GLY NA 121 41.81 -31.97 -3.42
N SER NA 122 40.74 -32.55 -2.84
CA SER NA 122 39.46 -31.89 -2.95
C SER NA 122 39.48 -30.68 -2.06
N ALA NA 123 38.71 -29.64 -2.45
CA ALA NA 123 38.93 -28.32 -1.94
C ALA NA 123 38.42 -28.22 -0.56
N GLY NA 124 39.27 -27.71 0.35
CA GLY NA 124 38.84 -27.44 1.68
C GLY NA 124 39.38 -28.54 2.53
N ILE NA 125 40.00 -28.20 3.67
CA ILE NA 125 40.52 -29.27 4.45
C ILE NA 125 39.47 -29.69 5.42
N PRO NA 126 39.36 -30.97 5.46
CA PRO NA 126 38.19 -31.62 5.98
C PRO NA 126 38.23 -31.56 7.46
N GLY NA 127 37.21 -32.14 8.14
CA GLY NA 127 37.26 -32.18 9.57
C GLY NA 127 36.11 -32.98 10.10
N GLN NA 128 35.62 -32.59 11.31
CA GLN NA 128 34.58 -33.31 11.99
C GLN NA 128 33.50 -32.35 12.33
N VAL NA 129 32.30 -32.89 12.64
CA VAL NA 129 31.17 -32.03 12.74
C VAL NA 129 30.76 -31.94 14.18
N ASP NA 130 30.75 -30.70 14.70
CA ASP NA 130 29.99 -30.46 15.88
C ASP NA 130 28.71 -29.95 15.34
N ALA NA 131 27.63 -30.72 15.58
CA ALA NA 131 26.35 -30.38 15.04
C ALA NA 131 25.83 -29.28 15.89
N HIS NA 132 25.97 -29.44 17.21
CA HIS NA 132 25.44 -28.48 18.13
C HIS NA 132 23.96 -28.59 18.08
N MET NA 133 23.46 -29.78 17.72
CA MET NA 133 22.04 -29.91 17.59
C MET NA 133 21.44 -29.62 18.92
N TRP NA 134 22.26 -29.76 19.98
CA TRP NA 134 21.80 -29.54 21.32
C TRP NA 134 21.30 -28.13 21.45
N GLU NA 135 22.21 -27.15 21.34
CA GLU NA 135 21.84 -25.80 21.68
C GLU NA 135 20.70 -25.37 20.82
N ARG NA 136 20.62 -25.88 19.58
CA ARG NA 136 19.57 -25.48 18.69
C ARG NA 136 18.30 -26.11 19.12
N LEU NA 137 18.39 -27.23 19.87
CA LEU NA 137 17.20 -27.97 20.18
C LEU NA 137 16.73 -27.62 21.56
N ARG NA 138 17.65 -27.30 22.50
CA ARG NA 138 17.28 -27.18 23.89
C ARG NA 138 16.18 -26.17 24.04
N GLY NA 139 16.00 -25.29 23.05
CA GLY NA 139 15.04 -24.22 23.17
C GLY NA 139 13.69 -24.82 23.33
N ALA NA 140 13.07 -25.24 22.23
CA ALA NA 140 11.70 -25.64 22.26
C ALA NA 140 11.58 -26.83 23.16
N ILE NA 141 12.71 -27.45 23.51
CA ILE NA 141 12.59 -28.68 24.23
C ILE NA 141 12.36 -28.40 25.69
N MET NA 142 12.82 -27.25 26.21
CA MET NA 142 12.43 -27.03 27.56
C MET NA 142 10.99 -26.60 27.53
N ILE NA 143 10.71 -25.51 26.80
CA ILE NA 143 9.40 -24.93 26.68
C ILE NA 143 8.38 -25.99 26.43
N SER NA 144 8.67 -26.94 25.52
CA SER NA 144 7.62 -27.78 25.05
C SER NA 144 7.31 -28.81 26.09
N LEU NA 145 8.28 -29.12 26.97
CA LEU NA 145 8.03 -30.04 28.03
C LEU NA 145 7.05 -29.40 28.95
N PHE NA 146 6.92 -28.06 28.85
CA PHE NA 146 6.02 -27.41 29.75
C PHE NA 146 4.64 -27.52 29.15
N SER NA 147 4.51 -27.22 27.85
CA SER NA 147 3.22 -27.35 27.22
C SER NA 147 2.81 -28.78 27.36
N ASP NA 148 3.78 -29.69 27.44
CA ASP NA 148 3.51 -31.09 27.64
C ASP NA 148 2.98 -31.27 29.03
N THR NA 149 3.53 -30.52 30.00
CA THR NA 149 3.15 -30.74 31.37
C THR NA 149 1.86 -30.03 31.66
N LEU NA 150 1.24 -29.41 30.63
CA LEU NA 150 -0.07 -28.88 30.90
C LEU NA 150 -0.92 -30.09 31.18
N THR NA 151 -0.51 -31.26 30.69
CA THR NA 151 -1.33 -32.42 30.84
C THR NA 151 -0.89 -33.19 32.06
N ALA NA 152 0.36 -33.71 32.07
CA ALA NA 152 0.84 -34.44 33.21
C ALA NA 152 1.06 -33.43 34.34
N LEU NA 153 1.51 -33.89 35.43
N GLN NA 173 2.90 -21.26 16.50
CA GLN NA 173 4.11 -21.69 15.75
C GLN NA 173 5.26 -21.82 16.68
N LEU NA 174 5.59 -23.05 17.09
CA LEU NA 174 6.69 -23.26 17.98
C LEU NA 174 7.54 -24.29 17.33
N ALA NA 175 6.91 -25.23 16.60
CA ALA NA 175 7.64 -26.17 15.83
C ALA NA 175 8.19 -25.44 14.65
N SER NA 176 7.31 -24.73 13.93
CA SER NA 176 7.75 -23.95 12.81
C SER NA 176 8.72 -22.94 13.32
N GLU NA 177 8.38 -22.23 14.41
CA GLU NA 177 9.26 -21.21 14.91
C GLU NA 177 10.54 -21.84 15.38
N ALA NA 178 10.47 -23.11 15.82
CA ALA NA 178 11.65 -23.74 16.38
C ALA NA 178 12.60 -24.05 15.28
N LEU NA 179 12.08 -24.15 14.04
CA LEU NA 179 12.92 -24.47 12.94
C LEU NA 179 13.62 -23.21 12.51
N ARG NA 180 12.91 -22.07 12.59
CA ARG NA 180 13.52 -20.80 12.31
C ARG NA 180 14.56 -20.54 13.34
N SER NA 181 14.34 -21.01 14.57
CA SER NA 181 15.43 -20.92 15.51
C SER NA 181 16.58 -21.71 14.96
N TYR NA 182 16.37 -23.04 14.82
CA TYR NA 182 17.38 -24.02 14.55
C TYR NA 182 18.33 -23.53 13.50
N MET NA 183 17.86 -23.17 12.29
CA MET NA 183 18.82 -22.97 11.24
C MET NA 183 19.72 -21.81 11.58
N SER NA 184 19.26 -20.91 12.47
CA SER NA 184 19.99 -19.72 12.82
C SER NA 184 21.40 -20.06 13.13
N ILE NA 185 21.63 -20.92 14.14
CA ILE NA 185 22.99 -21.11 14.56
C ILE NA 185 23.62 -22.14 13.67
N PRO NA 186 24.76 -21.79 13.15
CA PRO NA 186 25.61 -22.71 12.45
C PRO NA 186 26.03 -23.80 13.37
N PRO NA 187 26.50 -24.87 12.78
CA PRO NA 187 27.20 -25.95 13.41
C PRO NA 187 28.57 -25.50 13.81
N THR NA 188 29.59 -26.40 13.70
CA THR NA 188 30.97 -26.01 13.62
C THR NA 188 31.71 -27.15 13.00
N LEU NA 189 33.05 -26.99 12.82
CA LEU NA 189 33.83 -28.10 12.38
C LEU NA 189 34.95 -28.31 13.36
N TYR NA 190 36.17 -28.55 12.83
CA TYR NA 190 37.28 -29.15 13.53
C TYR NA 190 38.09 -29.79 12.44
N ASP NA 191 39.45 -29.74 12.49
CA ASP NA 191 40.34 -30.61 11.74
C ASP NA 191 41.57 -30.64 12.57
N GLN NA 192 42.28 -31.79 12.63
CA GLN NA 192 43.23 -31.90 13.70
C GLN NA 192 44.46 -31.14 13.31
N GLN NA 193 45.48 -31.17 14.19
CA GLN NA 193 46.67 -30.42 13.92
C GLN NA 193 47.63 -31.35 13.28
N GLY NA 194 48.59 -30.76 12.54
CA GLY NA 194 49.45 -31.57 11.73
C GLY NA 194 48.59 -32.42 10.87
N ASP NA 195 47.88 -31.80 9.91
CA ASP NA 195 47.23 -32.59 8.92
C ASP NA 195 48.02 -32.43 7.67
N ALA NA 196 48.20 -33.51 6.90
CA ALA NA 196 48.87 -33.34 5.66
C ALA NA 196 47.90 -32.61 4.80
N VAL NA 197 48.34 -31.53 4.15
CA VAL NA 197 47.38 -30.92 3.27
C VAL NA 197 48.09 -30.30 2.13
N SER NA 198 47.31 -29.61 1.29
CA SER NA 198 47.87 -29.08 0.09
C SER NA 198 47.12 -27.83 -0.23
N ILE NA 199 47.62 -27.03 -1.19
CA ILE NA 199 46.85 -25.88 -1.63
C ILE NA 199 46.65 -26.03 -3.08
N PHE NA 200 45.41 -25.83 -3.55
CA PHE NA 200 45.24 -25.58 -4.95
C PHE NA 200 45.58 -24.13 -5.15
N VAL NA 201 46.89 -23.80 -5.16
CA VAL NA 201 47.25 -22.44 -5.48
C VAL NA 201 46.68 -22.19 -6.83
N ALA NA 202 45.64 -21.36 -6.88
CA ALA NA 202 44.90 -21.21 -8.10
C ALA NA 202 45.53 -20.12 -8.91
N ARG NA 203 46.86 -20.22 -9.16
CA ARG NA 203 47.43 -19.23 -10.02
C ARG NA 203 48.86 -19.56 -10.35
N ASP NA 204 49.63 -18.48 -10.66
CA ASP NA 204 50.94 -18.59 -11.24
C ASP NA 204 51.87 -17.75 -10.46
N LEU NA 205 53.03 -18.33 -10.17
CA LEU NA 205 54.02 -17.66 -9.43
C LEU NA 205 55.14 -17.39 -10.38
N ASP NA 206 55.71 -16.18 -10.32
CA ASP NA 206 56.92 -15.95 -11.03
C ASP NA 206 58.02 -16.05 -10.02
N PHE NA 207 58.95 -16.97 -10.23
CA PHE NA 207 60.22 -16.72 -9.63
C PHE NA 207 61.18 -16.57 -10.76
N SER NA 208 60.81 -15.83 -11.83
CA SER NA 208 61.81 -15.58 -12.82
C SER NA 208 62.41 -14.26 -12.52
N GLY NA 209 62.41 -13.86 -11.25
CA GLY NA 209 63.08 -12.66 -10.89
C GLY NA 209 63.85 -12.98 -9.64
N VAL NA 210 63.90 -14.28 -9.24
CA VAL NA 210 64.90 -14.85 -8.37
C VAL NA 210 65.52 -15.87 -9.33
N TYR NA 211 66.00 -17.05 -8.85
CA TYR NA 211 66.33 -18.26 -9.58
C TYR NA 211 66.61 -18.10 -11.05
N THR NA 212 67.82 -18.48 -11.52
CA THR NA 212 68.07 -18.63 -12.93
C THR NA 212 69.17 -19.68 -13.06
N LEU NA 213 70.05 -19.70 -14.09
CA LEU NA 213 70.85 -20.91 -14.10
C LEU NA 213 72.14 -20.72 -13.34
N ALA NA 214 72.86 -21.85 -13.03
CA ALA NA 214 73.35 -22.74 -14.05
C ALA NA 214 74.27 -23.83 -13.48
N ASP NA 215 75.45 -24.07 -14.12
CA ASP NA 215 76.22 -25.26 -13.80
C ASP NA 215 77.38 -24.90 -12.88
N ASN NA 216 78.33 -25.85 -12.61
CA ASN NA 216 77.91 -27.14 -12.15
C ASN NA 216 77.53 -27.01 -10.68
N ALA OA 1 74.07 -15.47 -19.70
CA ALA OA 1 73.90 -14.96 -21.09
C ALA OA 1 72.90 -15.78 -21.81
N ALA OA 2 72.63 -15.43 -23.08
CA ALA OA 2 71.65 -16.16 -23.84
C ALA OA 2 72.20 -17.52 -24.10
N ASP OA 3 73.51 -17.60 -24.41
CA ASP OA 3 74.10 -18.85 -24.79
C ASP OA 3 74.60 -19.55 -23.57
N LYS OA 4 74.82 -18.79 -22.49
CA LYS OA 4 75.28 -19.35 -21.25
C LYS OA 4 74.17 -20.18 -20.69
N LYS OA 5 72.92 -19.67 -20.81
CA LYS OA 5 71.80 -20.34 -20.22
C LYS OA 5 71.69 -21.67 -20.91
N ARG OA 6 71.63 -21.61 -22.24
CA ARG OA 6 71.26 -22.70 -23.09
C ARG OA 6 72.00 -23.93 -22.69
N ILE OA 7 73.32 -23.93 -22.94
CA ILE OA 7 74.27 -24.96 -22.57
C ILE OA 7 73.88 -25.53 -21.24
N THR OA 8 73.59 -24.64 -20.26
CA THR OA 8 73.32 -25.10 -18.93
C THR OA 8 72.04 -25.89 -18.92
N GLN OA 9 70.99 -25.37 -19.55
CA GLN OA 9 69.68 -25.96 -19.49
C GLN OA 9 69.76 -27.37 -19.98
N LYS OA 10 70.54 -27.61 -21.06
CA LYS OA 10 70.69 -28.97 -21.52
C LYS OA 10 71.28 -29.76 -20.40
N LEU OA 11 72.26 -29.18 -19.69
CA LEU OA 11 72.93 -29.86 -18.63
C LEU OA 11 71.89 -30.32 -17.66
N LYS OA 12 70.75 -29.60 -17.61
CA LYS OA 12 69.79 -29.74 -16.55
C LYS OA 12 68.81 -30.79 -16.90
N GLN OA 13 68.62 -31.03 -18.21
CA GLN OA 13 67.73 -32.06 -18.64
C GLN OA 13 68.25 -33.34 -18.09
N THR OA 14 69.58 -33.53 -18.14
CA THR OA 14 70.03 -34.84 -17.81
C THR OA 14 70.50 -34.88 -16.39
N ALA OA 15 69.65 -35.39 -15.48
CA ALA OA 15 70.10 -35.44 -14.13
C ALA OA 15 69.32 -36.52 -13.47
N PHE OA 16 68.62 -37.32 -14.28
CA PHE OA 16 67.98 -38.50 -13.79
C PHE OA 16 69.07 -39.48 -13.51
N ALA OA 17 69.86 -39.21 -12.46
CA ALA OA 17 71.09 -39.91 -12.25
C ALA OA 17 71.24 -40.16 -10.78
N GLY OA 18 72.50 -40.07 -10.30
CA GLY OA 18 72.78 -40.57 -8.99
C GLY OA 18 72.76 -42.06 -9.12
N ALA OA 19 72.86 -42.76 -7.98
CA ALA OA 19 72.77 -44.19 -8.04
C ALA OA 19 71.33 -44.55 -7.97
N LYS OA 20 70.80 -45.12 -9.07
CA LYS OA 20 69.41 -45.42 -9.06
C LYS OA 20 69.17 -46.59 -8.19
N ASN OA 21 67.87 -46.81 -7.93
CA ASN OA 21 67.28 -47.98 -7.38
C ASN OA 21 66.85 -48.69 -8.61
N TYR OA 22 67.23 -49.96 -8.82
CA TYR OA 22 66.85 -50.44 -10.12
C TYR OA 22 65.52 -51.12 -10.00
N GLN OA 23 65.27 -51.81 -8.87
CA GLN OA 23 64.10 -52.62 -8.78
C GLN OA 23 62.95 -51.75 -8.36
N TYR OA 24 61.95 -51.64 -9.26
CA TYR OA 24 60.63 -51.35 -8.82
C TYR OA 24 59.89 -52.65 -8.97
N VAL OA 25 59.06 -53.00 -7.97
CA VAL OA 25 58.17 -54.10 -8.18
C VAL OA 25 56.83 -53.48 -8.41
N MET OA 26 55.92 -54.17 -9.11
CA MET OA 26 54.62 -53.61 -9.31
C MET OA 26 53.65 -54.58 -8.74
N SER OA 27 52.35 -54.36 -9.02
CA SER OA 27 51.36 -55.34 -8.67
C SER OA 27 51.36 -56.28 -9.82
N GLU OA 28 50.18 -56.84 -10.16
CA GLU OA 28 50.04 -57.55 -11.39
C GLU OA 28 48.62 -57.98 -11.45
N GLN OA 29 47.84 -57.35 -12.33
CA GLN OA 29 46.52 -57.86 -12.59
C GLN OA 29 46.41 -58.02 -14.05
N PRO OA 30 45.56 -58.90 -14.49
CA PRO OA 30 45.49 -59.25 -15.85
C PRO OA 30 45.04 -58.05 -16.62
N GLU OA 31 44.43 -57.07 -15.93
CA GLU OA 31 43.97 -55.89 -16.59
C GLU OA 31 45.09 -54.91 -16.54
N MET OA 32 45.73 -54.79 -15.35
CA MET OA 32 46.84 -53.91 -15.20
C MET OA 32 47.84 -54.24 -16.26
N ARG OA 33 48.53 -55.41 -16.10
CA ARG OA 33 49.63 -55.93 -16.87
C ARG OA 33 49.70 -55.30 -18.22
N SER OA 34 48.56 -55.36 -18.94
CA SER OA 34 48.42 -54.86 -20.27
C SER OA 34 49.04 -53.51 -20.37
N ILE OA 35 48.38 -52.49 -19.77
CA ILE OA 35 48.78 -51.15 -20.04
C ILE OA 35 49.86 -50.76 -19.09
N GLN OA 36 50.85 -51.66 -18.86
CA GLN OA 36 51.89 -51.34 -17.95
C GLN OA 36 52.91 -50.50 -18.66
N PRO OA 37 53.81 -50.02 -17.84
CA PRO OA 37 54.89 -49.17 -18.27
C PRO OA 37 55.87 -49.87 -19.17
N VAL OA 38 56.92 -49.13 -19.58
CA VAL OA 38 58.11 -49.74 -20.11
C VAL OA 38 59.05 -49.85 -18.95
N HIS OA 39 59.77 -48.73 -18.65
CA HIS OA 39 60.68 -48.73 -17.56
C HIS OA 39 60.20 -47.75 -16.53
N VAL OA 40 60.37 -48.12 -15.24
CA VAL OA 40 60.02 -47.23 -14.17
C VAL OA 40 61.17 -47.24 -13.23
N TRP OA 41 61.76 -46.06 -12.96
CA TRP OA 41 62.87 -46.16 -12.06
C TRP OA 41 62.97 -44.93 -11.23
N ASP OA 42 63.92 -44.91 -10.27
CA ASP OA 42 64.05 -43.76 -9.43
C ASP OA 42 65.48 -43.66 -9.01
N ASN OA 43 65.88 -42.46 -8.55
CA ASN OA 43 67.10 -42.26 -7.84
C ASN OA 43 66.69 -41.57 -6.59
N TYR OA 44 65.54 -40.88 -6.69
CA TYR OA 44 65.05 -40.00 -5.67
C TYR OA 44 63.60 -40.32 -5.55
N ARG OA 45 62.79 -39.25 -5.36
CA ARG OA 45 61.36 -39.32 -5.47
C ARG OA 45 61.10 -38.87 -6.87
N PHE OA 46 62.10 -38.14 -7.42
CA PHE OA 46 62.10 -37.80 -8.81
C PHE OA 46 62.12 -39.08 -9.56
N THR OA 47 60.93 -39.57 -9.93
CA THR OA 47 60.78 -40.92 -10.39
C THR OA 47 60.30 -40.86 -11.80
N ARG OA 48 60.82 -41.75 -12.67
CA ARG OA 48 60.32 -41.74 -14.01
C ARG OA 48 59.59 -43.01 -14.28
N PHE OA 49 58.47 -42.89 -15.01
CA PHE OA 49 57.65 -44.00 -15.43
C PHE OA 49 57.50 -43.84 -16.91
N GLU OA 50 58.31 -44.55 -17.73
CA GLU OA 50 58.19 -44.37 -19.14
C GLU OA 50 57.01 -45.14 -19.62
N PHE OA 51 56.48 -44.72 -20.78
CA PHE OA 51 55.34 -45.39 -21.33
C PHE OA 51 55.62 -45.67 -22.77
N PRO OA 52 54.99 -46.71 -23.23
CA PRO OA 52 54.98 -47.04 -24.62
C PRO OA 52 53.95 -46.19 -25.28
N ALA OA 53 53.99 -46.13 -26.62
CA ALA OA 53 52.98 -45.46 -27.38
C ALA OA 53 51.65 -45.96 -26.91
N ASN OA 54 51.49 -47.30 -27.04
CA ASN OA 54 50.24 -47.97 -26.88
C ASN OA 54 50.16 -48.43 -25.47
N ALA OA 55 50.31 -47.52 -24.50
CA ALA OA 55 50.00 -47.85 -23.14
C ALA OA 55 49.29 -46.66 -22.56
N GLU OA 56 48.15 -46.88 -21.89
CA GLU OA 56 47.27 -45.79 -21.63
C GLU OA 56 47.94 -44.81 -20.74
N LEU OA 57 47.20 -43.73 -20.38
CA LEU OA 57 47.73 -42.84 -19.41
C LEU OA 57 46.93 -42.98 -18.17
N PRO OA 58 47.53 -43.74 -17.31
CA PRO OA 58 47.12 -43.90 -15.94
C PRO OA 58 47.03 -42.56 -15.29
N GLN OA 59 46.54 -42.53 -14.04
CA GLN OA 59 46.83 -41.40 -13.20
C GLN OA 59 47.41 -42.01 -11.95
N VAL OA 60 48.60 -41.53 -11.52
CA VAL OA 60 49.27 -42.19 -10.43
C VAL OA 60 49.31 -41.24 -9.30
N TYR OA 61 49.47 -41.76 -8.07
CA TYR OA 61 49.55 -40.93 -6.91
C TYR OA 61 50.63 -41.50 -6.04
N MET OA 62 50.93 -40.81 -4.92
CA MET OA 62 51.98 -41.24 -4.06
C MET OA 62 51.35 -41.68 -2.78
N ILE OA 63 52.02 -42.59 -2.06
CA ILE OA 63 51.59 -42.93 -0.73
C ILE OA 63 52.54 -42.30 0.21
N SER OA 64 52.12 -41.20 0.86
CA SER OA 64 53.03 -40.58 1.78
C SER OA 64 53.17 -41.53 2.91
N ALA OA 65 54.07 -41.19 3.85
CA ALA OA 65 54.36 -42.03 4.96
C ALA OA 65 53.13 -42.12 5.80
N SER OA 66 52.18 -41.18 5.63
CA SER OA 66 51.01 -41.25 6.45
C SER OA 66 50.32 -42.53 6.11
N GLY OA 67 50.57 -43.06 4.90
CA GLY OA 67 50.01 -44.33 4.54
C GLY OA 67 48.75 -44.07 3.78
N LYS OA 68 48.04 -43.00 4.17
CA LYS OA 68 46.90 -42.54 3.44
C LYS OA 68 47.43 -42.04 2.15
N GLU OA 69 46.54 -41.76 1.18
CA GLU OA 69 47.06 -41.46 -0.11
C GLU OA 69 47.22 -39.98 -0.24
N THR OA 70 47.83 -39.56 -1.35
CA THR OA 70 47.99 -38.16 -1.61
C THR OA 70 48.12 -38.06 -3.09
N LEU OA 71 48.06 -36.85 -3.65
CA LEU OA 71 48.36 -36.79 -5.04
C LEU OA 71 49.62 -36.02 -5.21
N PRO OA 72 50.44 -36.56 -6.06
CA PRO OA 72 51.77 -36.07 -6.29
C PRO OA 72 51.63 -34.89 -7.18
N ASN OA 73 52.63 -33.99 -7.19
CA ASN OA 73 52.68 -33.02 -8.24
C ASN OA 73 53.56 -33.61 -9.27
N SER OA 74 52.96 -33.98 -10.41
CA SER OA 74 53.76 -34.69 -11.34
C SER OA 74 53.83 -33.91 -12.59
N HIS OA 75 54.58 -34.46 -13.56
CA HIS OA 75 54.60 -33.93 -14.88
C HIS OA 75 55.06 -35.07 -15.71
N VAL OA 76 54.89 -35.00 -17.03
CA VAL OA 76 55.52 -36.02 -17.78
C VAL OA 76 56.60 -35.33 -18.53
N VAL OA 77 57.64 -36.08 -18.97
CA VAL OA 77 58.67 -35.39 -19.69
C VAL OA 77 59.22 -36.34 -20.67
N GLY OA 78 60.04 -35.82 -21.61
CA GLY OA 78 60.70 -36.72 -22.50
C GLY OA 78 60.46 -36.24 -23.88
N GLU OA 79 61.43 -36.52 -24.77
CA GLU OA 79 61.19 -36.46 -26.17
C GLU OA 79 60.11 -37.46 -26.39
N ASN OA 80 60.35 -38.68 -25.88
CA ASN OA 80 59.35 -39.69 -25.76
C ASN OA 80 58.18 -39.01 -25.11
N ARG OA 81 58.43 -38.27 -24.01
CA ARG OA 81 57.42 -37.41 -23.44
C ARG OA 81 56.43 -38.27 -22.72
N ASN OA 82 56.57 -39.59 -22.87
CA ASN OA 82 55.65 -40.53 -22.33
C ASN OA 82 55.87 -40.62 -20.85
N ILE OA 83 57.14 -40.55 -20.42
CA ILE OA 83 57.45 -40.81 -19.05
C ILE OA 83 56.81 -39.76 -18.20
N ILE OA 84 56.48 -40.12 -16.95
CA ILE OA 84 55.92 -39.19 -16.01
C ILE OA 84 56.93 -39.01 -14.93
N GLU OA 85 57.50 -37.79 -14.79
CA GLU OA 85 58.42 -37.53 -13.72
C GLU OA 85 57.61 -36.94 -12.61
N VAL OA 86 57.71 -37.53 -11.42
CA VAL OA 86 56.91 -37.09 -10.30
C VAL OA 86 57.87 -36.50 -9.31
N GLU OA 87 57.47 -35.42 -8.60
CA GLU OA 87 58.43 -34.80 -7.73
C GLU OA 87 57.83 -34.70 -6.36
N THR OA 88 57.49 -35.86 -5.74
CA THR OA 88 57.00 -35.94 -4.39
C THR OA 88 57.47 -37.24 -3.79
N VAL OA 89 57.75 -37.24 -2.48
CA VAL OA 89 58.17 -38.39 -1.71
C VAL OA 89 57.12 -39.47 -1.77
N ALA OA 90 57.55 -40.74 -1.70
CA ALA OA 90 56.68 -41.86 -1.43
C ALA OA 90 57.38 -43.11 -1.89
N LYS OA 91 57.20 -44.22 -1.15
CA LYS OA 91 57.78 -45.45 -1.58
C LYS OA 91 56.88 -45.98 -2.64
N GLU OA 92 55.64 -46.34 -2.25
CA GLU OA 92 54.73 -46.91 -3.18
C GLU OA 92 54.25 -45.84 -4.09
N TRP OA 93 53.34 -46.26 -5.00
CA TRP OA 93 52.70 -45.35 -5.88
C TRP OA 93 51.49 -46.05 -6.36
N ARG OA 94 50.33 -45.37 -6.37
CA ARG OA 94 49.24 -46.03 -7.00
C ARG OA 94 49.23 -45.59 -8.41
N ILE OA 95 48.36 -46.19 -9.23
CA ILE OA 95 48.37 -45.88 -10.63
C ILE OA 95 47.00 -46.16 -11.15
N ARG OA 96 46.01 -45.49 -10.54
CA ARG OA 96 44.61 -45.67 -10.79
C ARG OA 96 44.33 -45.25 -12.21
N LEU OA 97 43.07 -45.44 -12.63
CA LEU OA 97 42.64 -45.02 -13.93
C LEU OA 97 41.28 -45.60 -14.14
N GLY OA 98 40.26 -45.04 -13.45
CA GLY OA 98 38.95 -45.61 -13.52
C GLY OA 98 38.97 -46.81 -12.63
N ASP OA 99 38.29 -47.89 -13.06
CA ASP OA 99 38.22 -49.12 -12.33
C ASP OA 99 39.60 -49.51 -11.91
N LYS OA 100 40.43 -49.79 -12.94
CA LYS OA 100 41.74 -50.33 -12.82
C LYS OA 100 42.52 -49.59 -11.77
N VAL OA 101 43.50 -50.25 -11.10
CA VAL OA 101 44.32 -49.57 -10.14
C VAL OA 101 45.58 -50.37 -9.83
N VAL OA 102 46.71 -50.00 -10.50
CA VAL OA 102 48.00 -50.63 -10.28
C VAL OA 102 48.58 -50.05 -9.03
N GLY OA 103 49.89 -50.23 -8.79
CA GLY OA 103 50.45 -49.61 -7.62
C GLY OA 103 51.88 -50.02 -7.49
N VAL OA 104 52.72 -49.54 -8.42
CA VAL OA 104 54.13 -49.88 -8.39
C VAL OA 104 54.65 -49.54 -7.04
N ARG OA 105 55.54 -50.41 -6.56
CA ARG OA 105 56.17 -50.17 -5.32
C ARG OA 105 57.56 -49.74 -5.66
N ASN OA 106 58.05 -48.70 -4.97
CA ASN OA 106 59.44 -48.42 -5.15
C ASN OA 106 60.12 -49.26 -4.12
N ASN OA 107 61.42 -49.56 -4.28
CA ASN OA 107 61.96 -50.41 -3.26
C ASN OA 107 63.35 -49.98 -2.96
N ASN OA 108 63.49 -48.96 -2.10
CA ASN OA 108 64.78 -48.70 -1.54
C ASN OA 108 64.57 -48.03 -0.24
N PHE OA 109 65.54 -48.19 0.67
CA PHE OA 109 65.58 -47.44 1.88
C PHE OA 109 67.01 -47.37 2.25
N ALA OA 110 67.66 -46.23 1.96
CA ALA OA 110 68.87 -45.93 2.67
C ALA OA 110 68.44 -44.98 3.73
N PRO OA 111 68.12 -45.45 4.90
CA PRO OA 111 67.32 -44.62 5.74
C PRO OA 111 68.25 -43.69 6.42
N GLY OA 112 67.74 -42.55 6.94
CA GLY OA 112 68.51 -41.73 7.83
C GLY OA 112 69.58 -41.03 7.06
N ARG OA 113 69.73 -41.32 5.76
CA ARG OA 113 70.71 -40.60 5.00
C ARG OA 113 70.10 -40.30 3.66
N GLY OA 114 70.65 -39.29 2.97
CA GLY OA 114 70.24 -39.01 1.62
C GLY OA 114 70.27 -37.53 1.44
N ALA OA 115 69.83 -36.80 2.48
CA ALA OA 115 69.61 -35.39 2.36
C ALA OA 115 70.89 -34.74 2.03
N VAL OA 116 70.84 -33.73 1.14
CA VAL OA 116 71.92 -32.82 0.96
C VAL OA 116 71.26 -31.52 0.60
N ALA OA 117 71.93 -30.68 -0.21
CA ALA OA 117 71.27 -29.52 -0.69
C ALA OA 117 71.49 -29.48 -2.16
N THR OA 118 70.47 -29.87 -2.93
CA THR OA 118 70.55 -29.85 -4.35
C THR OA 118 70.90 -28.46 -4.74
N GLY OA 119 69.99 -27.50 -4.50
CA GLY OA 119 70.37 -26.15 -4.73
C GLY OA 119 69.66 -25.70 -5.97
N THR OA 120 68.95 -26.64 -6.60
CA THR OA 120 67.87 -26.32 -7.46
C THR OA 120 66.92 -27.43 -7.25
N ALA OA 121 66.11 -27.72 -8.27
CA ALA OA 121 65.46 -28.99 -8.36
C ALA OA 121 66.56 -29.98 -8.59
N SER OA 122 67.01 -30.06 -9.86
CA SER OA 122 68.04 -30.99 -10.23
C SER OA 122 69.35 -30.31 -9.97
N PRO OA 123 70.34 -31.09 -9.60
CA PRO OA 123 71.55 -30.56 -9.02
C PRO OA 123 72.44 -30.00 -10.06
N ASP OA 124 72.08 -30.16 -11.34
CA ASP OA 124 72.90 -29.78 -12.44
C ASP OA 124 73.02 -28.32 -12.34
N VAL OA 125 71.86 -27.68 -12.22
CA VAL OA 125 71.87 -26.28 -12.36
C VAL OA 125 71.68 -25.74 -11.00
N ARG OA 126 71.46 -24.43 -10.85
CA ARG OA 126 71.69 -23.91 -9.55
C ARG OA 126 70.94 -22.63 -9.44
N ARG OA 127 70.95 -22.06 -8.22
CA ARG OA 127 70.18 -20.90 -7.98
C ARG OA 127 71.08 -19.86 -7.49
N VAL OA 128 71.16 -18.74 -8.23
CA VAL OA 128 72.14 -17.76 -7.93
C VAL OA 128 71.49 -16.40 -7.83
N GLN OA 129 70.48 -16.29 -6.92
CA GLN OA 129 69.47 -15.26 -6.71
C GLN OA 129 69.65 -13.95 -7.45
N ILE OA 130 68.52 -13.33 -7.92
CA ILE OA 130 68.56 -12.15 -8.75
C ILE OA 130 67.92 -10.93 -8.07
N CYS PA 15 24.73 -43.61 11.95
CA CYS PA 15 25.05 -42.21 11.67
C CYS PA 15 25.42 -42.04 10.23
N SER PA 16 26.54 -41.33 9.98
CA SER PA 16 26.92 -41.11 8.62
C SER PA 16 27.76 -42.26 8.20
N SER PA 17 28.27 -42.17 6.96
CA SER PA 17 29.17 -43.15 6.44
C SER PA 17 30.49 -42.46 6.34
N GLY PA 18 31.55 -43.18 5.96
CA GLY PA 18 32.83 -42.54 5.84
C GLY PA 18 33.18 -42.63 4.40
N HIS PA 19 34.49 -42.64 4.10
CA HIS PA 19 34.97 -42.85 2.76
C HIS PA 19 35.21 -44.32 2.68
N LYS PA 20 35.25 -44.88 1.46
CA LYS PA 20 35.53 -46.29 1.38
C LYS PA 20 37.00 -46.42 1.18
N PRO PA 21 37.64 -47.27 1.93
CA PRO PA 21 39.06 -47.41 1.81
C PRO PA 21 39.35 -47.84 0.42
N PRO PA 22 40.57 -47.61 0.01
CA PRO PA 22 40.86 -47.47 -1.38
C PRO PA 22 40.87 -48.82 -2.01
N PRO PA 23 40.64 -48.90 -3.30
CA PRO PA 23 40.80 -50.10 -4.04
C PRO PA 23 42.22 -50.51 -3.89
N GLU PA 24 42.46 -51.77 -3.47
CA GLU PA 24 43.79 -52.11 -3.07
C GLU PA 24 44.34 -53.06 -4.06
N PRO PA 25 45.51 -52.74 -4.54
CA PRO PA 25 46.12 -53.47 -5.61
C PRO PA 25 46.56 -54.82 -5.17
N ASP PA 26 46.90 -55.69 -6.14
CA ASP PA 26 47.38 -57.01 -5.87
C ASP PA 26 48.59 -56.86 -5.02
N TRP PA 27 48.58 -57.51 -3.83
CA TRP PA 27 49.71 -57.53 -2.95
C TRP PA 27 50.27 -58.90 -3.03
N SER PA 28 49.37 -59.85 -3.32
CA SER PA 28 49.74 -61.22 -3.41
C SER PA 28 50.66 -61.34 -4.59
N ASN PA 29 50.11 -61.34 -5.83
CA ASN PA 29 50.97 -61.52 -6.96
C ASN PA 29 51.92 -60.37 -7.00
N THR PA 30 53.22 -60.64 -7.21
CA THR PA 30 54.08 -59.49 -7.38
C THR PA 30 55.21 -59.82 -8.29
N VAL PA 31 55.13 -59.22 -9.50
CA VAL PA 31 56.08 -59.36 -10.56
C VAL PA 31 56.78 -58.04 -10.67
N PRO PA 32 58.03 -58.08 -11.07
CA PRO PA 32 58.82 -56.89 -11.22
C PRO PA 32 58.26 -56.01 -12.28
N VAL PA 33 58.55 -54.69 -12.20
CA VAL PA 33 58.07 -53.73 -13.15
C VAL PA 33 58.90 -53.87 -14.37
N ASN PA 34 60.12 -53.32 -14.30
CA ASN PA 34 60.97 -53.02 -15.41
C ASN PA 34 61.06 -54.21 -16.32
N LYS PA 35 61.33 -53.91 -17.61
CA LYS PA 35 61.46 -54.88 -18.65
C LYS PA 35 62.91 -54.98 -18.98
N THR PA 36 63.34 -54.29 -20.05
CA THR PA 36 64.75 -54.10 -20.24
C THR PA 36 65.20 -53.15 -19.19
N ILE PA 37 66.44 -52.63 -19.33
CA ILE PA 37 66.92 -51.76 -18.34
C ILE PA 37 66.88 -50.37 -18.88
N PRO PA 38 66.57 -49.49 -17.98
CA PRO PA 38 66.15 -48.15 -18.32
C PRO PA 38 67.30 -47.37 -18.85
N VAL PA 39 67.03 -46.48 -19.81
CA VAL PA 39 68.02 -45.52 -20.16
C VAL PA 39 67.40 -44.19 -19.91
N ASP PA 40 68.16 -43.10 -20.12
CA ASP PA 40 67.52 -41.84 -20.01
C ASP PA 40 66.94 -41.53 -21.34
N THR PA 41 65.71 -41.00 -21.35
CA THR PA 41 65.18 -40.57 -22.60
C THR PA 41 65.67 -39.17 -22.73
N GLN PA 42 64.85 -38.24 -22.22
CA GLN PA 42 65.25 -36.89 -22.00
C GLN PA 42 66.64 -36.94 -21.35
N GLY PA 43 67.64 -36.60 -22.04
#